data_9LB1
#
_entry.id   9LB1
#
_cell.length_a   1.00
_cell.length_b   1.00
_cell.length_c   1.00
_cell.angle_alpha   90.00
_cell.angle_beta   90.00
_cell.angle_gamma   90.00
#
_symmetry.space_group_name_H-M   'P 1'
#
loop_
_entity.id
_entity.type
_entity.pdbx_description
1 polymer 'Succinate dehydrogenase or fumarate reductase, flavoprotein subunit'
2 polymer '4Fe-4S ferredoxin iron-sulfur binding domain protein'
3 polymer 'Succinate dehydrogenase (Or fumarate reductase) cytochrome b subunit, b558 family'
4 non-polymer 'FLAVIN-ADENINE DINUCLEOTIDE'
5 non-polymer 'IRON/SULFUR CLUSTER'
6 non-polymer 'FE2/S2 (INORGANIC) CLUSTER'
7 non-polymer 'FE3-S4 CLUSTER'
8 non-polymer 'PROTOPORPHYRIN IX CONTAINING FE'
9 non-polymer DODECYL-BETA-D-MALTOSIDE
10 non-polymer Menaquinone-4
#
loop_
_entity_poly.entity_id
_entity_poly.type
_entity_poly.pdbx_seq_one_letter_code
_entity_poly.pdbx_strand_id
1 'polypeptide(L)'
;MSETKNETTVRTGTRQVEYVSVLDSKVPTGPIEQRWDKHRFEMKLVNPANRRKYTIIVVGSGLAGASAAATLGEAGYNVL
CFCYQDSPRRAHSIAAQGGINAAKNYRNDGDSIYRLFYDTVKGGDFRARESNVYRLAQVSVNIIDQCVAQGVPFAREYGG
LLDNRSFGGAQVARTFYARGQTGQQLLLGAYQALSRQIAAGTVKMFPRTEMLDLVVVDGRARGIITRDMVTGKITRYAAD
AVVLATGGYGNVFYLSTNAKGCNATAIWRAHRRGAFFGNPCFTQIHPTCIPVSGEYQSKLTLMSESLRNDGRIWVPKKKG
DTRRPQDIPESERDYYLEERYPSFGNLVPRDIASRAAKQVCDEGRGVGPGGLGVYLDFADAIKRLGRQKIAERYGNLFDM
YKQITGEDPYETPMRIYPAVHYTMGGLWVDYNLQSTIPGLFVIGEANFSDHGANRLGASALMQGLADGYFILPYTIANFL
AQVKPGGVSIDRPEFAEAEAEINQRIQRLLSIRGKRTVDSFHRELGKLMWDKCGMARNAAGLREALQRIPEIRAEFWENV
NVPGEANDLNQALEKAGRVADFLELAELMCLDALHREESCGGHFREEYQTPDGEALRNDEQFSYVAAWEFTGDLAKPRLH
KEPLVFEYVKPTQRSYK
;
A,D,G
2 'polypeptide(L)'
;MKITLKIWRQKNRNTPGEFKTYVMDNVNPDMSFLEMLDVLNEDLMSRGEEPVAFDHDCREGICGMCSLMINGVAHGPKNA
ITTCQLHMRSFKDGDTITVEPWRASAFPILKDLVVDRSAFDRIIQAGGYISVSTGSAPDANTIPVSKVAADRAMDAAACI
GCGACVAACPNGSAMLFTAAKVTHLALLPQGQPERYQRVVNMVAQADFEGFGNCTNIGECAAVCPKEISLETIAQLNRDL
VMAALRGIEPNTPIVPATTR
;
B,E,H
3 'polypeptide(L)'
;MTGVLTLTRTSVGKKVIMALTGFVLVGFVVFHMYGNLKMYQGPEVYNAYAAGLRELGYPIFGHEHLLWIARFILLASVFL
HIWAATSLTLQSRRSLQASSISTVRRYGQHKRQSGYADYTMRFGGVLIFFFIIYHILHLTFGVVGYEPGQFIHPHGDVYE
TYNNVVYGFQNPLIVGFYLLTMVFLALHLYHGVWSMFQTLGWNNRTYDRLLRGLAIVVAAAVFIGNISFPLAVYFGFVA
;
C,F,I
#
loop_
_chem_comp.id
_chem_comp.type
_chem_comp.name
_chem_comp.formula
1L3 non-polymer Menaquinone-4 'C31 H40 O2'
F3S non-polymer 'FE3-S4 CLUSTER' 'Fe3 S4'
FAD non-polymer 'FLAVIN-ADENINE DINUCLEOTIDE' 'C27 H33 N9 O15 P2'
FES non-polymer 'FE2/S2 (INORGANIC) CLUSTER' 'Fe2 S2'
HEM non-polymer 'PROTOPORPHYRIN IX CONTAINING FE' 'C34 H32 Fe N4 O4'
LMT D-saccharide DODECYL-BETA-D-MALTOSIDE 'C24 H46 O11'
SF4 non-polymer 'IRON/SULFUR CLUSTER' 'Fe4 S4'
#
# COMPACT_ATOMS: atom_id res chain seq x y z
N VAL A 22 35.76 15.96 37.32
CA VAL A 22 35.76 16.84 36.16
C VAL A 22 34.71 16.38 35.16
N LEU A 23 33.86 17.31 34.72
CA LEU A 23 32.82 16.97 33.76
C LEU A 23 33.41 16.71 32.38
N ASP A 24 32.95 15.63 31.75
CA ASP A 24 33.38 15.27 30.40
C ASP A 24 32.14 15.20 29.51
N SER A 25 32.13 15.99 28.45
CA SER A 25 30.97 16.03 27.56
C SER A 25 30.89 14.78 26.70
N LYS A 26 32.03 14.17 26.37
CA LYS A 26 32.08 12.95 25.56
C LYS A 26 31.49 13.16 24.17
N VAL A 27 31.49 14.40 23.69
CA VAL A 27 30.95 14.71 22.37
C VAL A 27 31.92 14.20 21.31
N PRO A 28 31.43 13.79 20.14
CA PRO A 28 32.33 13.37 19.06
C PRO A 28 32.98 14.56 18.39
N THR A 29 33.93 14.25 17.52
CA THR A 29 34.67 15.26 16.77
C THR A 29 34.29 15.18 15.29
N GLY A 30 34.93 16.04 14.49
CA GLY A 30 34.66 16.09 13.08
C GLY A 30 33.43 16.93 12.75
N PRO A 31 32.95 16.81 11.52
CA PRO A 31 31.76 17.58 11.12
C PRO A 31 30.54 17.19 11.94
N ILE A 32 29.68 18.19 12.19
CA ILE A 32 28.51 17.97 13.02
C ILE A 32 27.49 17.04 12.35
N GLU A 33 27.54 16.89 11.03
CA GLU A 33 26.56 16.06 10.35
C GLU A 33 26.79 14.58 10.62
N GLN A 34 28.05 14.16 10.77
CA GLN A 34 28.40 12.76 10.91
C GLN A 34 28.84 12.40 12.32
N ARG A 35 28.69 13.31 13.29
CA ARG A 35 29.15 13.02 14.64
C ARG A 35 28.37 11.87 15.27
N TRP A 36 27.05 11.86 15.10
CA TRP A 36 26.24 10.82 15.71
C TRP A 36 26.53 9.45 15.10
N ASP A 37 26.68 9.38 13.78
CA ASP A 37 27.01 8.11 13.14
C ASP A 37 28.39 7.63 13.55
N LYS A 38 29.36 8.55 13.64
CA LYS A 38 30.69 8.18 14.08
C LYS A 38 30.68 7.64 15.51
N HIS A 39 29.92 8.28 16.40
CA HIS A 39 29.80 7.79 17.76
C HIS A 39 29.12 6.43 17.80
N ARG A 40 28.08 6.23 16.98
CA ARG A 40 27.40 4.95 16.95
C ARG A 40 28.34 3.84 16.49
N PHE A 41 29.16 4.12 15.47
CA PHE A 41 30.13 3.13 15.03
C PHE A 41 31.19 2.87 16.10
N GLU A 42 31.62 3.91 16.81
CA GLU A 42 32.67 3.76 17.81
C GLU A 42 32.17 3.08 19.07
N MET A 43 30.88 3.19 19.38
CA MET A 43 30.34 2.62 20.60
C MET A 43 30.35 1.09 20.52
N LYS A 44 30.54 0.45 21.68
CA LYS A 44 30.53 -0.99 21.76
C LYS A 44 29.11 -1.53 21.76
N LEU A 45 28.98 -2.85 21.59
CA LEU A 45 27.69 -3.50 21.47
C LEU A 45 27.63 -4.72 22.37
N VAL A 46 26.41 -5.13 22.68
CA VAL A 46 26.13 -6.33 23.47
C VAL A 46 25.53 -7.37 22.55
N ASN A 47 26.04 -8.60 22.63
CA ASN A 47 25.51 -9.68 21.82
C ASN A 47 24.05 -9.96 22.20
N PRO A 48 23.21 -10.31 21.21
CA PRO A 48 21.81 -10.59 21.52
C PRO A 48 21.61 -11.72 22.52
N ALA A 49 22.49 -12.72 22.52
CA ALA A 49 22.38 -13.79 23.48
C ALA A 49 22.75 -13.33 24.89
N ASN A 50 23.63 -12.34 25.00
CA ASN A 50 24.05 -11.82 26.29
C ASN A 50 23.11 -10.75 26.85
N ARG A 51 22.14 -10.28 26.05
CA ARG A 51 21.26 -9.22 26.52
C ARG A 51 20.34 -9.70 27.63
N ARG A 52 19.94 -10.97 27.61
CA ARG A 52 19.01 -11.48 28.62
C ARG A 52 19.64 -11.60 29.99
N LYS A 53 20.95 -11.46 30.11
CA LYS A 53 21.63 -11.57 31.39
C LYS A 53 21.74 -10.24 32.13
N TYR A 54 21.20 -9.16 31.59
CA TYR A 54 21.28 -7.84 32.20
C TYR A 54 19.90 -7.39 32.66
N THR A 55 19.88 -6.66 33.77
CA THR A 55 18.66 -6.11 34.35
C THR A 55 18.77 -4.59 34.39
N ILE A 56 17.75 -3.91 33.86
CA ILE A 56 17.72 -2.46 33.80
C ILE A 56 16.46 -1.98 34.50
N ILE A 57 16.60 -1.00 35.38
CA ILE A 57 15.49 -0.38 36.08
C ILE A 57 15.20 0.94 35.38
N VAL A 58 13.92 1.18 35.07
CA VAL A 58 13.50 2.40 34.40
C VAL A 58 12.43 3.05 35.27
N VAL A 59 12.82 4.08 36.01
CA VAL A 59 11.88 4.80 36.88
C VAL A 59 11.18 5.86 36.05
N GLY A 60 9.86 5.76 35.96
CA GLY A 60 9.09 6.69 35.17
C GLY A 60 8.39 6.04 34.00
N SER A 61 7.19 6.48 33.68
CA SER A 61 6.40 5.92 32.60
C SER A 61 5.80 7.01 31.73
N GLY A 62 6.51 8.12 31.58
CA GLY A 62 6.12 9.17 30.66
C GLY A 62 6.37 8.76 29.23
N LEU A 63 6.50 9.76 28.35
CA LEU A 63 6.84 9.46 26.97
C LEU A 63 8.22 8.83 26.89
N ALA A 64 9.23 9.49 27.48
CA ALA A 64 10.59 8.97 27.43
C ALA A 64 10.69 7.64 28.17
N GLY A 65 10.10 7.56 29.36
CA GLY A 65 10.21 6.34 30.13
C GLY A 65 9.55 5.15 29.45
N ALA A 66 8.33 5.34 28.96
CA ALA A 66 7.63 4.24 28.28
C ALA A 66 8.34 3.84 26.99
N SER A 67 8.78 4.83 26.21
CA SER A 67 9.48 4.50 24.97
C SER A 67 10.77 3.74 25.25
N ALA A 68 11.54 4.19 26.25
CA ALA A 68 12.78 3.50 26.58
C ALA A 68 12.52 2.09 27.08
N ALA A 69 11.51 1.92 27.94
CA ALA A 69 11.19 0.59 28.45
C ALA A 69 10.76 -0.34 27.33
N ALA A 70 9.92 0.14 26.41
CA ALA A 70 9.48 -0.69 25.30
C ALA A 70 10.65 -1.06 24.39
N THR A 71 11.53 -0.09 24.09
CA THR A 71 12.66 -0.38 23.22
C THR A 71 13.62 -1.37 23.85
N LEU A 72 13.90 -1.21 25.14
CA LEU A 72 14.80 -2.12 25.82
C LEU A 72 14.19 -3.51 25.98
N GLY A 73 12.88 -3.59 26.17
CA GLY A 73 12.24 -4.91 26.18
C GLY A 73 12.28 -5.56 24.81
N GLU A 74 12.12 -4.77 23.75
CA GLU A 74 12.26 -5.32 22.41
C GLU A 74 13.68 -5.82 22.16
N ALA A 75 14.68 -5.10 22.68
CA ALA A 75 16.06 -5.53 22.50
C ALA A 75 16.32 -6.87 23.18
N GLY A 76 15.80 -7.05 24.39
CA GLY A 76 15.95 -8.32 25.09
C GLY A 76 16.33 -8.20 26.54
N TYR A 77 16.63 -6.99 26.99
CA TYR A 77 17.02 -6.78 28.38
C TYR A 77 15.83 -7.00 29.31
N ASN A 78 16.14 -7.44 30.53
CA ASN A 78 15.12 -7.58 31.56
C ASN A 78 14.85 -6.20 32.17
N VAL A 79 13.70 -5.62 31.83
CA VAL A 79 13.39 -4.24 32.15
C VAL A 79 12.39 -4.22 33.30
N LEU A 80 12.64 -3.36 34.27
CA LEU A 80 11.72 -3.10 35.37
C LEU A 80 11.28 -1.64 35.30
N CYS A 81 9.96 -1.42 35.21
CA CYS A 81 9.40 -0.08 35.09
C CYS A 81 8.55 0.21 36.32
N PHE A 82 8.59 1.45 36.78
CA PHE A 82 7.88 1.86 37.97
C PHE A 82 7.09 3.14 37.70
N CYS A 83 5.94 3.25 38.35
CA CYS A 83 5.15 4.47 38.26
C CYS A 83 4.23 4.55 39.47
N TYR A 84 4.01 5.77 39.94
CA TYR A 84 3.14 5.97 41.10
C TYR A 84 1.68 6.18 40.73
N GLN A 85 1.36 6.30 39.44
CA GLN A 85 -0.03 6.41 39.04
C GLN A 85 -0.67 5.02 39.00
N ASP A 86 -1.98 5.01 38.77
CA ASP A 86 -2.71 3.73 38.70
C ASP A 86 -2.25 2.90 37.52
N SER A 87 -2.03 3.53 36.38
CA SER A 87 -1.63 2.84 35.16
C SER A 87 -0.49 3.60 34.51
N PRO A 88 0.30 2.94 33.66
CA PRO A 88 1.38 3.64 32.96
C PRO A 88 0.87 4.74 32.03
N ARG A 89 -0.39 4.71 31.62
CA ARG A 89 -0.94 5.69 30.71
C ARG A 89 -1.42 6.95 31.40
N ARG A 90 -1.30 7.04 32.72
CA ARG A 90 -1.74 8.20 33.48
C ARG A 90 -0.60 9.17 33.75
N ALA A 91 0.44 9.16 32.91
CA ALA A 91 1.60 10.02 33.12
C ALA A 91 1.27 11.46 32.75
N HIS A 92 2.22 12.35 33.04
CA HIS A 92 2.04 13.77 32.77
C HIS A 92 1.96 14.06 31.27
N SER A 93 2.74 13.35 30.45
CA SER A 93 2.82 13.65 29.03
C SER A 93 1.48 13.48 28.33
N ILE A 94 0.51 12.81 28.95
CA ILE A 94 -0.81 12.68 28.36
C ILE A 94 -1.51 14.02 28.25
N ALA A 95 -1.02 15.05 28.94
CA ALA A 95 -1.67 16.35 29.00
C ALA A 95 -1.17 17.34 27.96
N ALA A 96 -0.27 16.91 27.07
CA ALA A 96 0.27 17.80 26.06
C ALA A 96 -0.77 18.07 24.98
N GLN A 97 -0.97 19.34 24.64
CA GLN A 97 -1.94 19.72 23.63
C GLN A 97 -1.30 19.99 22.27
N GLY A 98 -0.19 20.71 22.24
CA GLY A 98 0.46 21.02 20.98
C GLY A 98 1.08 19.80 20.33
N GLY A 99 1.42 19.95 19.05
CA GLY A 99 1.94 18.87 18.26
C GLY A 99 3.38 18.53 18.55
N ILE A 100 4.05 17.95 17.57
CA ILE A 100 5.44 17.54 17.68
C ILE A 100 6.20 18.02 16.44
N ASN A 101 7.41 18.52 16.65
CA ASN A 101 8.20 19.08 15.57
C ASN A 101 9.08 18.02 14.92
N ALA A 102 9.31 18.18 13.62
CA ALA A 102 10.21 17.30 12.88
C ALA A 102 10.67 18.02 11.63
N ALA A 103 11.84 17.61 11.13
CA ALA A 103 12.41 18.21 9.93
C ALA A 103 12.08 17.37 8.69
N LYS A 104 10.77 17.21 8.46
CA LYS A 104 10.31 16.43 7.32
C LYS A 104 10.26 17.27 6.04
N ASN A 105 10.05 18.58 6.17
CA ASN A 105 9.90 19.48 5.03
C ASN A 105 8.80 19.02 4.09
N TYR A 106 7.68 18.56 4.68
CA TYR A 106 6.55 18.10 3.88
C TYR A 106 5.76 19.24 3.26
N ARG A 107 5.90 20.47 3.77
CA ARG A 107 5.17 21.61 3.24
C ARG A 107 5.96 22.41 2.24
N ASN A 108 7.19 22.01 1.93
CA ASN A 108 8.03 22.68 0.93
C ASN A 108 8.21 24.15 1.25
N ASP A 109 8.40 24.47 2.54
CA ASP A 109 8.57 25.84 2.99
C ASP A 109 10.01 26.16 3.37
N GLY A 110 10.95 25.27 3.09
CA GLY A 110 12.34 25.51 3.40
C GLY A 110 12.86 24.88 4.67
N ASP A 111 12.07 24.04 5.33
CA ASP A 111 12.53 23.40 6.56
C ASP A 111 13.57 22.33 6.24
N SER A 112 14.47 22.12 7.20
CA SER A 112 15.52 21.11 7.05
C SER A 112 16.05 20.77 8.44
N ILE A 113 16.89 19.74 8.49
CA ILE A 113 17.51 19.35 9.75
C ILE A 113 18.42 20.45 10.28
N TYR A 114 19.23 21.04 9.40
CA TYR A 114 20.10 22.13 9.81
C TYR A 114 19.30 23.34 10.24
N ARG A 115 18.21 23.64 9.55
CA ARG A 115 17.36 24.76 9.93
C ARG A 115 16.75 24.54 11.31
N LEU A 116 16.28 23.32 11.57
CA LEU A 116 15.72 23.02 12.89
C LEU A 116 16.79 23.11 13.97
N PHE A 117 17.99 22.62 13.69
CA PHE A 117 19.08 22.72 14.66
C PHE A 117 19.42 24.18 14.96
N TYR A 118 19.51 25.00 13.92
CA TYR A 118 19.80 26.42 14.11
C TYR A 118 18.70 27.10 14.91
N ASP A 119 17.44 26.80 14.60
CA ASP A 119 16.33 27.41 15.32
C ASP A 119 16.33 27.00 16.78
N THR A 120 16.61 25.72 17.06
CA THR A 120 16.63 25.26 18.45
C THR A 120 17.79 25.87 19.22
N VAL A 121 18.97 25.97 18.60
CA VAL A 121 20.11 26.52 19.31
C VAL A 121 19.97 28.03 19.51
N LYS A 122 19.29 28.72 18.58
CA LYS A 122 19.09 30.16 18.75
C LYS A 122 17.99 30.45 19.76
N GLY A 123 16.94 29.61 19.79
CA GLY A 123 15.87 29.78 20.75
C GLY A 123 16.28 29.48 22.18
N GLY A 124 17.33 28.68 22.37
CA GLY A 124 17.88 28.44 23.68
C GLY A 124 18.80 29.51 24.19
N ASP A 125 18.99 30.58 23.41
CA ASP A 125 19.84 31.71 23.79
C ASP A 125 21.29 31.28 23.99
N PHE A 126 21.73 30.28 23.23
CA PHE A 126 23.12 29.82 23.22
C PHE A 126 23.57 29.39 24.63
N ARG A 127 22.86 28.39 25.17
CA ARG A 127 23.19 27.86 26.49
C ARG A 127 23.11 26.34 26.50
N ALA A 128 23.42 25.70 25.38
CA ALA A 128 23.37 24.24 25.29
C ALA A 128 24.39 23.76 24.26
N ARG A 129 24.74 22.49 24.38
CA ARG A 129 25.69 21.89 23.45
C ARG A 129 25.06 21.72 22.07
N GLU A 130 25.87 21.93 21.04
CA GLU A 130 25.36 21.85 19.67
C GLU A 130 25.14 20.41 19.22
N SER A 131 26.00 19.49 19.68
CA SER A 131 25.91 18.11 19.22
C SER A 131 24.59 17.47 19.60
N ASN A 132 24.14 17.69 20.84
CA ASN A 132 22.88 17.12 21.28
C ASN A 132 21.71 17.66 20.47
N VAL A 133 21.72 18.97 20.21
CA VAL A 133 20.65 19.59 19.43
C VAL A 133 20.62 19.02 18.02
N TYR A 134 21.79 18.88 17.39
CA TYR A 134 21.82 18.34 16.04
C TYR A 134 21.37 16.89 16.01
N ARG A 135 21.77 16.11 17.02
CA ARG A 135 21.33 14.71 17.08
C ARG A 135 19.81 14.62 17.23
N LEU A 136 19.23 15.48 18.07
CA LEU A 136 17.78 15.48 18.24
C LEU A 136 17.08 15.85 16.95
N ALA A 137 17.57 16.90 16.28
CA ALA A 137 16.97 17.33 15.01
C ALA A 137 17.10 16.25 13.95
N GLN A 138 18.20 15.48 14.00
CA GLN A 138 18.40 14.43 13.01
C GLN A 138 17.49 13.24 13.26
N VAL A 139 17.24 12.91 14.53
CA VAL A 139 16.39 11.74 14.84
C VAL A 139 14.91 12.08 14.90
N SER A 140 14.54 13.36 14.79
CA SER A 140 13.13 13.73 14.79
C SER A 140 12.36 13.03 13.67
N VAL A 141 13.00 12.87 12.49
CA VAL A 141 12.31 12.24 11.37
C VAL A 141 11.96 10.79 11.68
N ASN A 142 12.91 10.05 12.26
CA ASN A 142 12.62 8.69 12.68
C ASN A 142 11.58 8.65 13.78
N ILE A 143 11.58 9.65 14.67
CA ILE A 143 10.53 9.74 15.68
C ILE A 143 9.17 9.79 15.02
N ILE A 144 9.02 10.67 14.03
CA ILE A 144 7.73 10.83 13.36
C ILE A 144 7.35 9.56 12.63
N ASP A 145 8.30 8.92 11.95
CA ASP A 145 7.99 7.69 11.22
C ASP A 145 7.53 6.60 12.17
N GLN A 146 8.23 6.42 13.30
CA GLN A 146 7.84 5.40 14.26
C GLN A 146 6.48 5.71 14.87
N CYS A 147 6.21 6.98 15.17
CA CYS A 147 4.91 7.35 15.71
C CYS A 147 3.78 7.06 14.72
N VAL A 148 4.02 7.37 13.44
CA VAL A 148 3.00 7.09 12.42
C VAL A 148 2.76 5.59 12.28
N ALA A 149 3.83 4.80 12.27
CA ALA A 149 3.70 3.37 12.06
C ALA A 149 2.98 2.67 13.21
N GLN A 150 2.95 3.27 14.40
CA GLN A 150 2.31 2.64 15.55
C GLN A 150 0.80 2.83 15.58
N GLY A 151 0.24 3.62 14.67
CA GLY A 151 -1.18 3.86 14.64
C GLY A 151 -1.64 5.14 15.30
N VAL A 152 -0.76 6.13 15.43
CA VAL A 152 -1.14 7.41 16.03
C VAL A 152 -1.98 8.18 15.02
N PRO A 153 -3.22 8.56 15.36
CA PRO A 153 -4.10 9.26 14.41
C PRO A 153 -3.73 10.72 14.19
N PHE A 154 -2.66 10.94 13.43
CA PHE A 154 -2.26 12.29 13.08
C PHE A 154 -3.25 12.89 12.09
N ALA A 155 -3.32 14.22 12.07
CA ALA A 155 -4.21 14.92 11.16
C ALA A 155 -3.78 14.66 9.72
N ARG A 156 -4.74 14.32 8.86
CA ARG A 156 -4.49 13.96 7.48
C ARG A 156 -5.22 14.92 6.55
N GLU A 157 -4.63 15.15 5.39
CA GLU A 157 -5.29 15.94 4.35
C GLU A 157 -6.33 15.09 3.63
N TYR A 158 -7.06 15.72 2.70
CA TYR A 158 -8.11 15.00 1.99
C TYR A 158 -7.53 13.91 1.10
N GLY A 159 -6.33 14.11 0.56
CA GLY A 159 -5.73 13.12 -0.32
C GLY A 159 -5.16 11.91 0.39
N GLY A 160 -5.06 11.95 1.72
CA GLY A 160 -4.56 10.83 2.48
C GLY A 160 -3.20 11.03 3.11
N LEU A 161 -2.51 12.12 2.80
CA LEU A 161 -1.19 12.40 3.34
C LEU A 161 -1.30 13.24 4.61
N LEU A 162 -0.19 13.34 5.32
CA LEU A 162 -0.18 14.03 6.60
C LEU A 162 -0.33 15.54 6.40
N ASP A 163 -0.78 16.21 7.46
CA ASP A 163 -0.99 17.65 7.47
C ASP A 163 -0.06 18.30 8.50
N ASN A 164 0.31 19.55 8.22
CA ASN A 164 1.21 20.29 9.08
C ASN A 164 0.65 21.69 9.33
N ARG A 165 1.03 22.26 10.47
CA ARG A 165 0.60 23.60 10.84
C ARG A 165 1.73 24.32 11.56
N SER A 166 1.69 25.64 11.50
CA SER A 166 2.68 26.46 12.17
C SER A 166 2.36 26.60 13.66
N PHE A 167 3.41 26.64 14.46
CA PHE A 167 3.25 26.69 15.92
C PHE A 167 3.30 28.14 16.43
N GLY A 168 2.41 28.95 15.88
CA GLY A 168 2.16 30.29 16.40
C GLY A 168 3.37 31.21 16.46
N GLY A 169 4.14 31.27 15.38
CA GLY A 169 5.30 32.14 15.36
C GLY A 169 6.50 31.55 14.64
N ALA A 170 6.57 30.23 14.56
CA ALA A 170 7.64 29.59 13.82
C ALA A 170 7.52 29.92 12.33
N GLN A 171 8.68 30.08 11.69
CA GLN A 171 8.71 30.49 10.29
C GLN A 171 8.40 29.36 9.32
N VAL A 172 8.27 28.12 9.81
CA VAL A 172 7.95 26.98 8.97
C VAL A 172 6.84 26.17 9.64
N ALA A 173 6.13 25.40 8.82
CA ALA A 173 5.07 24.51 9.28
C ALA A 173 5.66 23.12 9.41
N ARG A 174 6.25 22.84 10.57
CA ARG A 174 6.97 21.59 10.81
C ARG A 174 6.35 20.79 11.95
N THR A 175 5.07 21.01 12.25
CA THR A 175 4.43 20.41 13.41
C THR A 175 3.38 19.40 12.97
N PHE A 176 3.49 18.18 13.49
CA PHE A 176 2.49 17.14 13.28
C PHE A 176 1.62 17.03 14.54
N TYR A 177 0.31 16.97 14.34
CA TYR A 177 -0.61 17.15 15.45
C TYR A 177 -1.83 16.24 15.29
N ALA A 178 -2.37 15.82 16.43
CA ALA A 178 -3.74 15.34 16.50
C ALA A 178 -4.67 16.54 16.66
N ARG A 179 -5.97 16.29 16.79
CA ARG A 179 -6.93 17.39 16.81
C ARG A 179 -6.64 18.37 17.95
N GLY A 180 -6.56 17.85 19.17
CA GLY A 180 -6.14 18.67 20.29
C GLY A 180 -5.38 17.89 21.35
N GLN A 181 -5.07 16.63 21.07
CA GLN A 181 -4.53 15.70 22.05
C GLN A 181 -3.35 14.94 21.47
N THR A 182 -2.40 15.66 20.87
CA THR A 182 -1.23 15.00 20.29
C THR A 182 -0.44 14.26 21.35
N GLY A 183 -0.23 14.87 22.51
CA GLY A 183 0.50 14.21 23.58
C GLY A 183 -0.19 12.95 24.05
N GLN A 184 -1.52 12.99 24.13
CA GLN A 184 -2.26 11.79 24.54
C GLN A 184 -2.07 10.66 23.55
N GLN A 185 -2.11 10.97 22.25
CA GLN A 185 -1.93 9.93 21.24
C GLN A 185 -0.51 9.36 21.27
N LEU A 186 0.50 10.22 21.42
CA LEU A 186 1.87 9.74 21.48
C LEU A 186 2.08 8.85 22.71
N LEU A 187 1.58 9.29 23.87
CA LEU A 187 1.69 8.46 25.07
C LEU A 187 0.92 7.16 24.94
N LEU A 188 -0.24 7.19 24.26
CA LEU A 188 -0.99 5.96 24.06
C LEU A 188 -0.23 4.99 23.17
N GLY A 189 0.43 5.49 22.13
CA GLY A 189 1.24 4.61 21.30
C GLY A 189 2.40 4.00 22.08
N ALA A 190 3.10 4.83 22.86
CA ALA A 190 4.20 4.31 23.66
C ALA A 190 3.71 3.31 24.69
N TYR A 191 2.56 3.57 25.30
CA TYR A 191 2.01 2.67 26.30
C TYR A 191 1.52 1.37 25.67
N GLN A 192 1.01 1.43 24.43
CA GLN A 192 0.65 0.21 23.73
C GLN A 192 1.88 -0.64 23.43
N ALA A 193 2.98 0.00 23.02
CA ALA A 193 4.22 -0.74 22.81
C ALA A 193 4.71 -1.36 24.12
N LEU A 194 4.63 -0.60 25.22
CA LEU A 194 5.05 -1.12 26.51
C LEU A 194 4.17 -2.29 26.96
N SER A 195 2.86 -2.19 26.71
CA SER A 195 1.96 -3.29 27.05
C SER A 195 2.26 -4.52 26.21
N ARG A 196 2.58 -4.34 24.93
CA ARG A 196 2.98 -5.48 24.12
C ARG A 196 4.24 -6.14 24.67
N GLN A 197 5.21 -5.33 25.10
CA GLN A 197 6.41 -5.89 25.69
C GLN A 197 6.09 -6.61 27.00
N ILE A 198 5.18 -6.06 27.80
CA ILE A 198 4.81 -6.68 29.06
C ILE A 198 4.16 -8.04 28.81
N ALA A 199 3.28 -8.11 27.81
CA ALA A 199 2.64 -9.37 27.47
C ALA A 199 3.66 -10.44 27.08
N ALA A 200 4.73 -10.03 26.40
CA ALA A 200 5.80 -10.96 26.05
C ALA A 200 6.61 -11.42 27.26
N GLY A 201 6.43 -10.77 28.41
CA GLY A 201 7.14 -11.14 29.62
C GLY A 201 8.50 -10.52 29.79
N THR A 202 8.95 -9.70 28.83
CA THR A 202 10.28 -9.11 28.93
C THR A 202 10.33 -7.96 29.93
N VAL A 203 9.25 -7.20 30.07
CA VAL A 203 9.21 -6.01 30.91
C VAL A 203 8.24 -6.26 32.06
N LYS A 204 8.68 -5.96 33.28
CA LYS A 204 7.85 -6.07 34.46
C LYS A 204 7.47 -4.67 34.95
N MET A 205 6.17 -4.43 35.09
CA MET A 205 5.63 -3.12 35.43
C MET A 205 5.15 -3.09 36.87
N PHE A 206 5.43 -1.98 37.56
CA PHE A 206 5.03 -1.78 38.95
C PHE A 206 4.30 -0.45 39.06
N PRO A 207 2.98 -0.46 38.93
CA PRO A 207 2.20 0.77 39.13
C PRO A 207 1.95 1.03 40.61
N ARG A 208 1.57 2.27 40.90
CA ARG A 208 1.22 2.72 42.24
C ARG A 208 2.36 2.52 43.23
N THR A 209 3.60 2.60 42.76
CA THR A 209 4.78 2.58 43.61
C THR A 209 5.71 3.70 43.19
N GLU A 210 6.45 4.23 44.16
CA GLU A 210 7.32 5.37 43.92
C GLU A 210 8.72 5.09 44.45
N MET A 211 9.73 5.50 43.68
CA MET A 211 11.11 5.37 44.11
C MET A 211 11.39 6.38 45.23
N LEU A 212 11.94 5.89 46.33
CA LEU A 212 12.27 6.73 47.47
C LEU A 212 13.76 6.93 47.68
N ASP A 213 14.61 6.02 47.20
CA ASP A 213 16.04 6.22 47.36
C ASP A 213 16.78 5.46 46.27
N LEU A 214 18.04 5.86 46.05
CA LEU A 214 18.92 5.23 45.08
C LEU A 214 20.08 4.57 45.80
N VAL A 215 20.39 3.33 45.43
CA VAL A 215 21.45 2.56 46.05
C VAL A 215 22.62 2.47 45.07
N VAL A 216 23.76 3.00 45.49
CA VAL A 216 24.98 3.03 44.69
C VAL A 216 25.97 2.06 45.33
N VAL A 217 26.50 1.15 44.52
CA VAL A 217 27.45 0.15 44.98
C VAL A 217 28.73 0.31 44.17
N ASP A 218 29.85 0.51 44.86
CA ASP A 218 31.17 0.65 44.24
C ASP A 218 31.17 1.74 43.17
N GLY A 219 30.47 2.84 43.46
CA GLY A 219 30.43 3.97 42.56
C GLY A 219 29.51 3.81 41.37
N ARG A 220 28.69 2.76 41.33
CA ARG A 220 27.76 2.53 40.25
C ARG A 220 26.35 2.43 40.80
N ALA A 221 25.40 3.09 40.14
CA ALA A 221 24.01 3.03 40.56
C ALA A 221 23.48 1.62 40.35
N ARG A 222 23.36 0.85 41.43
CA ARG A 222 23.05 -0.56 41.34
C ARG A 222 21.68 -0.95 41.88
N GLY A 223 20.87 0.00 42.33
CA GLY A 223 19.52 -0.36 42.73
C GLY A 223 18.72 0.83 43.19
N ILE A 224 17.48 0.54 43.59
CA ILE A 224 16.57 1.55 44.12
C ILE A 224 15.82 0.96 45.31
N ILE A 225 15.32 1.85 46.15
CA ILE A 225 14.46 1.53 47.27
C ILE A 225 13.13 2.24 47.04
N THR A 226 12.05 1.46 46.94
CA THR A 226 10.74 2.00 46.61
C THR A 226 9.73 1.64 47.69
N ARG A 227 8.59 2.33 47.67
CA ARG A 227 7.51 2.11 48.61
C ARG A 227 6.23 1.88 47.83
N ASP A 228 5.57 0.74 48.08
CA ASP A 228 4.27 0.48 47.47
C ASP A 228 3.21 1.29 48.19
N MET A 229 2.65 2.28 47.50
CA MET A 229 1.74 3.23 48.13
C MET A 229 0.42 2.61 48.54
N VAL A 230 0.10 1.40 48.07
CA VAL A 230 -1.16 0.77 48.44
C VAL A 230 -1.07 0.13 49.81
N THR A 231 -0.04 -0.69 50.02
CA THR A 231 0.13 -1.42 51.28
C THR A 231 1.21 -0.83 52.17
N GLY A 232 1.98 0.15 51.70
CA GLY A 232 3.04 0.72 52.49
C GLY A 232 4.31 -0.11 52.56
N LYS A 233 4.38 -1.20 51.81
CA LYS A 233 5.55 -2.07 51.86
C LYS A 233 6.76 -1.37 51.24
N ILE A 234 7.93 -1.62 51.82
CA ILE A 234 9.20 -1.09 51.33
C ILE A 234 9.93 -2.22 50.62
N THR A 235 10.31 -1.99 49.37
CA THR A 235 10.93 -3.01 48.54
C THR A 235 12.28 -2.51 48.04
N ARG A 236 13.22 -3.45 47.88
CA ARG A 236 14.56 -3.17 47.39
C ARG A 236 14.74 -3.87 46.05
N TYR A 237 15.13 -3.12 45.04
CA TYR A 237 15.35 -3.68 43.71
C TYR A 237 16.79 -3.42 43.27
N ALA A 238 17.41 -4.43 42.67
CA ALA A 238 18.79 -4.35 42.21
C ALA A 238 18.86 -4.60 40.71
N ALA A 239 19.68 -3.82 40.01
CA ALA A 239 19.81 -3.93 38.57
C ALA A 239 21.18 -3.41 38.15
N ASP A 240 21.56 -3.75 36.92
CA ASP A 240 22.85 -3.32 36.39
C ASP A 240 22.87 -1.83 36.07
N ALA A 241 21.76 -1.30 35.57
CA ALA A 241 21.66 0.11 35.20
C ALA A 241 20.34 0.67 35.68
N VAL A 242 20.35 1.97 35.98
CA VAL A 242 19.17 2.69 36.44
C VAL A 242 18.96 3.90 35.54
N VAL A 243 17.74 4.06 35.04
CA VAL A 243 17.36 5.15 34.14
C VAL A 243 16.28 5.95 34.83
N LEU A 244 16.41 7.28 34.82
CA LEU A 244 15.47 8.18 35.46
C LEU A 244 14.71 8.95 34.39
N ALA A 245 13.38 8.82 34.40
CA ALA A 245 12.51 9.55 33.48
C ALA A 245 11.32 10.11 34.25
N THR A 246 11.60 10.77 35.37
CA THR A 246 10.58 11.21 36.30
C THR A 246 10.01 12.58 35.97
N GLY A 247 10.42 13.19 34.86
CA GLY A 247 9.85 14.45 34.46
C GLY A 247 10.48 15.65 35.16
N GLY A 248 9.87 16.82 34.90
CA GLY A 248 10.38 18.05 35.43
C GLY A 248 10.01 18.28 36.88
N TYR A 249 10.48 19.42 37.40
CA TYR A 249 10.27 19.80 38.79
C TYR A 249 9.52 21.11 38.91
N GLY A 250 8.66 21.41 37.93
CA GLY A 250 7.92 22.66 37.94
C GLY A 250 6.90 22.79 39.06
N ASN A 251 6.64 21.70 39.79
CA ASN A 251 5.69 21.74 40.89
C ASN A 251 6.30 22.26 42.19
N VAL A 252 7.56 22.70 42.17
CA VAL A 252 8.15 23.31 43.35
C VAL A 252 7.37 24.56 43.73
N PHE A 253 6.91 25.32 42.74
CA PHE A 253 5.97 26.40 42.99
C PHE A 253 4.59 25.80 43.23
N TYR A 254 3.83 26.42 44.12
CA TYR A 254 2.52 25.87 44.47
C TYR A 254 1.57 25.89 43.28
N LEU A 255 1.59 26.96 42.51
CA LEU A 255 0.72 27.11 41.35
C LEU A 255 1.53 26.87 40.08
N SER A 256 1.10 25.88 39.29
CA SER A 256 1.79 25.55 38.06
C SER A 256 0.83 24.77 37.17
N THR A 257 1.21 24.64 35.90
CA THR A 257 0.43 23.88 34.93
C THR A 257 0.72 22.39 34.99
N ASN A 258 1.65 21.97 35.84
CA ASN A 258 1.97 20.56 35.96
C ASN A 258 0.86 19.80 36.69
N ALA A 259 0.93 18.49 36.63
CA ALA A 259 -0.05 17.64 37.29
C ALA A 259 0.12 17.73 38.82
N LYS A 260 -0.92 17.28 39.53
CA LYS A 260 -0.90 17.35 40.98
C LYS A 260 0.20 16.48 41.57
N GLY A 261 0.42 15.30 41.00
CA GLY A 261 1.41 14.38 41.52
C GLY A 261 2.83 14.60 41.06
N CYS A 262 3.08 15.56 40.19
CA CYS A 262 4.44 15.81 39.73
C CYS A 262 5.31 16.30 40.87
N ASN A 263 6.54 15.81 40.92
CA ASN A 263 7.44 16.13 42.02
C ASN A 263 8.88 16.02 41.53
N ALA A 264 9.82 16.15 42.47
CA ALA A 264 11.24 16.08 42.17
C ALA A 264 11.98 15.21 43.18
N THR A 265 11.31 14.21 43.75
CA THR A 265 11.93 13.37 44.76
C THR A 265 13.09 12.57 44.19
N ALA A 266 12.86 11.92 43.04
CA ALA A 266 13.87 11.02 42.50
C ALA A 266 15.12 11.78 42.08
N ILE A 267 14.95 12.91 41.38
CA ILE A 267 16.12 13.65 40.93
C ILE A 267 16.87 14.26 42.11
N TRP A 268 16.15 14.72 43.13
CA TRP A 268 16.83 15.26 44.31
C TRP A 268 17.60 14.18 45.05
N ARG A 269 17.01 12.98 45.19
CA ARG A 269 17.74 11.89 45.83
C ARG A 269 18.97 11.51 45.01
N ALA A 270 18.85 11.48 43.69
CA ALA A 270 20.00 11.17 42.84
C ALA A 270 21.09 12.22 43.01
N HIS A 271 20.72 13.50 43.05
CA HIS A 271 21.69 14.57 43.25
C HIS A 271 22.36 14.45 44.61
N ARG A 272 21.59 14.11 45.64
CA ARG A 272 22.16 13.89 46.97
C ARG A 272 23.15 12.74 46.96
N ARG A 273 22.84 11.67 46.20
CA ARG A 273 23.73 10.52 46.14
C ARG A 273 25.02 10.81 45.40
N GLY A 274 25.08 11.90 44.63
CA GLY A 274 26.32 12.24 43.94
C GLY A 274 26.12 12.82 42.55
N ALA A 275 24.89 12.79 42.04
CA ALA A 275 24.63 13.36 40.73
C ALA A 275 24.72 14.87 40.77
N PHE A 276 25.05 15.47 39.62
CA PHE A 276 25.22 16.90 39.51
C PHE A 276 23.98 17.53 38.91
N PHE A 277 23.54 18.64 39.48
CA PHE A 277 22.35 19.35 39.02
C PHE A 277 22.78 20.44 38.04
N GLY A 278 22.23 20.40 36.83
CA GLY A 278 22.63 21.34 35.80
C GLY A 278 21.64 22.46 35.56
N ASN A 279 22.03 23.68 35.90
CA ASN A 279 21.21 24.88 35.71
C ASN A 279 19.80 24.75 36.30
N PRO A 280 19.69 24.56 37.62
CA PRO A 280 18.35 24.39 38.20
C PRO A 280 17.47 25.63 38.12
N CYS A 281 18.05 26.81 37.86
CA CYS A 281 17.27 28.04 37.85
C CYS A 281 16.60 28.32 36.52
N PHE A 282 16.78 27.47 35.53
CA PHE A 282 16.22 27.68 34.19
C PHE A 282 14.80 27.12 34.15
N THR A 283 13.80 27.99 34.21
CA THR A 283 12.41 27.61 34.20
C THR A 283 11.66 28.40 33.13
N GLN A 284 10.70 27.75 32.50
CA GLN A 284 9.89 28.35 31.44
C GLN A 284 8.47 28.55 31.92
N ILE A 285 7.92 29.71 31.61
CA ILE A 285 6.56 30.08 32.00
C ILE A 285 5.65 29.96 30.78
N HIS A 286 4.35 30.11 31.04
CA HIS A 286 3.38 30.17 29.96
C HIS A 286 2.52 31.42 30.13
N PRO A 287 2.27 32.15 29.05
CA PRO A 287 1.54 33.41 29.17
C PRO A 287 0.08 33.26 29.58
N THR A 288 -0.65 32.38 28.91
CA THR A 288 -2.09 32.27 29.08
C THR A 288 -2.43 31.05 29.93
N CYS A 289 -2.92 31.30 31.15
CA CYS A 289 -3.40 30.25 32.03
C CYS A 289 -4.58 30.77 32.83
N ILE A 290 -5.45 29.87 33.24
CA ILE A 290 -6.64 30.26 34.01
C ILE A 290 -6.20 30.63 35.43
N PRO A 291 -6.56 31.81 35.93
CA PRO A 291 -6.16 32.19 37.29
C PRO A 291 -6.93 31.40 38.33
N VAL A 292 -6.41 31.42 39.56
CA VAL A 292 -7.04 30.68 40.64
C VAL A 292 -8.33 31.36 41.06
N SER A 293 -9.19 30.60 41.74
CA SER A 293 -10.47 31.10 42.23
C SER A 293 -10.53 31.17 43.75
N GLY A 294 -9.38 31.14 44.41
CA GLY A 294 -9.34 31.20 45.85
C GLY A 294 -8.10 30.50 46.39
N GLU A 295 -8.03 30.42 47.72
CA GLU A 295 -6.92 29.77 48.40
C GLU A 295 -7.18 28.29 48.66
N TYR A 296 -7.50 27.56 47.59
CA TYR A 296 -7.70 26.11 47.67
C TYR A 296 -7.20 25.35 46.44
N GLN A 297 -7.04 26.00 45.29
CA GLN A 297 -6.69 25.33 44.05
C GLN A 297 -5.21 25.52 43.75
N SER A 298 -4.56 24.43 43.33
CA SER A 298 -3.14 24.47 42.99
C SER A 298 -2.88 24.00 41.57
N LYS A 299 -3.89 24.01 40.71
CA LYS A 299 -3.75 23.62 39.32
C LYS A 299 -4.25 24.74 38.43
N LEU A 300 -3.45 25.10 37.42
CA LEU A 300 -3.81 26.13 36.46
C LEU A 300 -3.88 25.50 35.08
N THR A 301 -5.05 25.57 34.46
CA THR A 301 -5.23 24.96 33.15
C THR A 301 -4.45 25.72 32.09
N LEU A 302 -3.78 24.97 31.21
CA LEU A 302 -2.92 25.56 30.20
C LEU A 302 -3.75 25.95 28.98
N MET A 303 -3.95 27.24 28.76
CA MET A 303 -4.52 27.72 27.52
C MET A 303 -3.49 27.63 26.40
N SER A 304 -3.99 27.55 25.17
CA SER A 304 -3.12 27.63 24.02
C SER A 304 -2.59 29.06 23.85
N GLU A 305 -1.47 29.18 23.14
CA GLU A 305 -0.90 30.49 22.85
C GLU A 305 -1.55 31.15 21.64
N SER A 306 -2.52 30.48 21.00
CA SER A 306 -3.23 31.07 19.88
C SER A 306 -4.04 32.29 20.29
N LEU A 307 -4.31 32.46 21.59
CA LEU A 307 -4.96 33.66 22.08
C LEU A 307 -3.94 34.81 22.14
N ARG A 308 -4.42 35.96 22.61
CA ARG A 308 -3.64 37.20 22.69
C ARG A 308 -3.21 37.73 21.32
N ASN A 309 -3.65 37.08 20.24
CA ASN A 309 -3.32 37.58 18.90
C ASN A 309 -3.95 38.95 18.66
N ASP A 310 -5.11 39.20 19.26
CA ASP A 310 -5.76 40.50 19.18
C ASP A 310 -5.24 41.49 20.22
N GLY A 311 -4.34 41.08 21.09
CA GLY A 311 -3.87 41.93 22.16
C GLY A 311 -4.96 42.18 23.17
N ARG A 312 -5.37 43.44 23.32
CA ARG A 312 -6.55 43.82 24.12
C ARG A 312 -6.41 43.43 25.58
N ILE A 313 -5.20 43.32 26.10
CA ILE A 313 -5.00 43.07 27.52
C ILE A 313 -5.19 44.39 28.26
N TRP A 314 -6.08 44.41 29.25
CA TRP A 314 -6.42 45.64 29.93
C TRP A 314 -6.78 45.35 31.38
N VAL A 315 -6.75 46.41 32.19
CA VAL A 315 -7.12 46.38 33.60
C VAL A 315 -7.88 47.66 33.90
N PRO A 316 -8.97 47.61 34.67
CA PRO A 316 -9.72 48.84 34.96
C PRO A 316 -8.86 49.86 35.69
N LYS A 317 -9.06 51.13 35.35
CA LYS A 317 -8.25 52.19 35.94
C LYS A 317 -8.45 52.28 37.45
N LYS A 318 -9.69 52.21 37.91
CA LYS A 318 -9.96 52.21 39.34
C LYS A 318 -9.49 50.90 39.96
N LYS A 319 -8.89 50.99 41.15
CA LYS A 319 -8.39 49.80 41.82
C LYS A 319 -9.52 48.83 42.14
N GLY A 320 -10.65 49.34 42.64
CA GLY A 320 -11.79 48.50 42.92
C GLY A 320 -13.03 48.95 42.17
N ASP A 321 -13.48 48.12 41.22
CA ASP A 321 -14.65 48.41 40.41
C ASP A 321 -15.67 47.29 40.56
N THR A 322 -16.89 47.65 40.96
CA THR A 322 -17.97 46.68 41.05
C THR A 322 -18.79 46.59 39.76
N ARG A 323 -18.52 47.46 38.78
CA ARG A 323 -19.24 47.43 37.52
C ARG A 323 -18.79 46.24 36.67
N ARG A 324 -19.66 45.84 35.76
CA ARG A 324 -19.33 44.75 34.85
C ARG A 324 -18.21 45.17 33.91
N PRO A 325 -17.32 44.24 33.54
CA PRO A 325 -16.20 44.61 32.67
C PRO A 325 -16.63 45.19 31.33
N GLN A 326 -17.73 44.69 30.76
CA GLN A 326 -18.22 45.26 29.51
C GLN A 326 -18.88 46.61 29.71
N ASP A 327 -19.33 46.92 30.93
CA ASP A 327 -19.92 48.22 31.21
C ASP A 327 -18.88 49.32 31.36
N ILE A 328 -17.61 48.95 31.55
CA ILE A 328 -16.55 49.96 31.68
C ILE A 328 -16.31 50.60 30.31
N PRO A 329 -16.33 51.93 30.22
CA PRO A 329 -16.06 52.58 28.93
C PRO A 329 -14.63 52.32 28.48
N GLU A 330 -14.44 52.35 27.16
CA GLU A 330 -13.11 52.10 26.61
C GLU A 330 -12.10 53.15 27.06
N SER A 331 -12.56 54.36 27.33
CA SER A 331 -11.68 55.41 27.82
C SER A 331 -11.36 55.26 29.31
N GLU A 332 -12.13 54.46 30.04
CA GLU A 332 -11.93 54.25 31.46
C GLU A 332 -11.14 52.99 31.77
N ARG A 333 -10.53 52.37 30.77
CA ARG A 333 -9.78 51.14 30.93
C ARG A 333 -8.30 51.43 30.78
N ASP A 334 -7.51 51.05 31.80
CA ASP A 334 -6.06 51.21 31.76
C ASP A 334 -5.48 50.10 30.91
N TYR A 335 -5.50 50.32 29.60
CA TYR A 335 -5.02 49.32 28.65
C TYR A 335 -3.49 49.24 28.65
N TYR A 336 -2.92 48.70 29.72
CA TYR A 336 -1.48 48.51 29.77
C TYR A 336 -1.06 47.46 28.74
N LEU A 337 0.24 47.46 28.42
CA LEU A 337 0.87 46.76 27.31
C LEU A 337 0.57 47.40 25.96
N GLU A 338 -0.29 48.41 25.92
CA GLU A 338 -0.56 49.17 24.70
C GLU A 338 0.14 50.53 24.70
N GLU A 339 0.01 51.30 25.78
CA GLU A 339 0.80 52.51 25.94
C GLU A 339 2.23 52.21 26.34
N ARG A 340 2.51 50.99 26.81
CA ARG A 340 3.84 50.54 27.15
C ARG A 340 4.28 49.46 26.16
N TYR A 341 5.54 49.52 25.74
CA TYR A 341 6.08 48.71 24.66
C TYR A 341 5.23 48.87 23.39
N PRO A 342 5.19 50.06 22.79
CA PRO A 342 4.36 50.24 21.59
C PRO A 342 5.03 49.80 20.31
N SER A 343 6.36 49.70 20.27
CA SER A 343 7.06 49.33 19.05
C SER A 343 6.76 47.89 18.64
N PHE A 344 6.58 47.00 19.61
CA PHE A 344 6.30 45.60 19.30
C PHE A 344 4.97 45.44 18.56
N GLY A 345 3.98 46.25 18.91
CA GLY A 345 2.68 46.16 18.27
C GLY A 345 1.71 45.31 19.08
N ASN A 346 1.76 45.45 20.40
CA ASN A 346 0.93 44.69 21.33
C ASN A 346 1.16 43.18 21.22
N LEU A 347 2.28 42.78 20.63
CA LEU A 347 2.66 41.38 20.48
C LEU A 347 4.01 41.13 21.15
N VAL A 348 4.18 41.65 22.36
CA VAL A 348 5.44 41.58 23.09
C VAL A 348 5.75 40.12 23.45
N PRO A 349 7.00 39.77 23.69
CA PRO A 349 7.30 38.39 24.10
C PRO A 349 6.61 38.02 25.40
N ARG A 350 6.35 36.72 25.56
CA ARG A 350 5.60 36.24 26.72
C ARG A 350 6.27 36.62 28.03
N ASP A 351 7.60 36.73 28.05
CA ASP A 351 8.31 37.10 29.27
C ASP A 351 7.90 38.49 29.74
N ILE A 352 7.98 39.48 28.84
CA ILE A 352 7.66 40.85 29.22
C ILE A 352 6.19 40.99 29.60
N ALA A 353 5.30 40.39 28.81
CA ALA A 353 3.88 40.47 29.10
C ALA A 353 3.56 39.82 30.45
N SER A 354 4.15 38.66 30.71
CA SER A 354 3.90 37.96 31.98
C SER A 354 4.43 38.75 33.16
N ARG A 355 5.63 39.34 33.02
CA ARG A 355 6.17 40.15 34.11
C ARG A 355 5.31 41.37 34.37
N ALA A 356 4.83 42.02 33.31
CA ALA A 356 3.96 43.18 33.48
C ALA A 356 2.64 42.78 34.12
N ALA A 357 2.10 41.62 33.74
CA ALA A 357 0.85 41.15 34.36
C ALA A 357 1.05 40.87 35.84
N LYS A 358 2.17 40.24 36.20
CA LYS A 358 2.45 39.98 37.61
C LYS A 358 2.61 41.28 38.38
N GLN A 359 3.29 42.27 37.78
CA GLN A 359 3.44 43.56 38.45
C GLN A 359 2.09 44.24 38.65
N VAL A 360 1.22 44.18 37.64
CA VAL A 360 -0.10 44.79 37.76
C VAL A 360 -0.92 44.10 38.85
N CYS A 361 -0.88 42.76 38.87
CA CYS A 361 -1.65 42.03 39.87
C CYS A 361 -1.10 42.25 41.28
N ASP A 362 0.22 42.40 41.42
CA ASP A 362 0.80 42.62 42.74
C ASP A 362 0.54 44.02 43.25
N GLU A 363 0.36 44.99 42.35
CA GLU A 363 0.07 46.36 42.74
C GLU A 363 -1.32 46.52 43.35
N GLY A 364 -2.17 45.51 43.24
CA GLY A 364 -3.52 45.57 43.76
C GLY A 364 -4.60 45.84 42.72
N ARG A 365 -4.23 45.88 41.44
CA ARG A 365 -5.18 46.11 40.37
C ARG A 365 -5.65 44.82 39.71
N GLY A 366 -5.72 43.73 40.47
CA GLY A 366 -6.22 42.49 39.94
C GLY A 366 -7.72 42.51 39.71
N VAL A 367 -8.18 41.55 38.92
CA VAL A 367 -9.59 41.48 38.55
C VAL A 367 -10.26 40.17 38.95
N GLY A 368 -9.51 39.18 39.43
CA GLY A 368 -10.08 37.91 39.80
C GLY A 368 -10.70 37.95 41.17
N PRO A 369 -11.34 36.83 41.54
CA PRO A 369 -11.94 36.75 42.89
C PRO A 369 -10.93 36.93 44.01
N GLY A 370 -9.71 36.42 43.83
CA GLY A 370 -8.65 36.59 44.80
C GLY A 370 -7.72 37.74 44.53
N GLY A 371 -8.06 38.62 43.59
CA GLY A 371 -7.19 39.73 43.23
C GLY A 371 -6.07 39.36 42.27
N LEU A 372 -6.09 38.16 41.70
CA LEU A 372 -5.06 37.70 40.78
C LEU A 372 -5.69 37.48 39.41
N GLY A 373 -5.04 38.03 38.37
CA GLY A 373 -5.52 37.87 37.02
C GLY A 373 -5.68 39.18 36.28
N VAL A 374 -5.69 39.12 34.95
CA VAL A 374 -5.83 40.29 34.10
C VAL A 374 -6.88 39.99 33.03
N TYR A 375 -7.50 41.06 32.53
CA TYR A 375 -8.59 40.96 31.57
C TYR A 375 -8.04 40.88 30.16
N LEU A 376 -8.55 39.91 29.40
CA LEU A 376 -8.24 39.74 27.98
C LEU A 376 -9.58 39.82 27.25
N ASP A 377 -9.91 40.98 26.71
CA ASP A 377 -11.20 41.22 26.10
C ASP A 377 -11.17 40.82 24.62
N PHE A 378 -12.27 40.21 24.17
CA PHE A 378 -12.41 39.80 22.78
C PHE A 378 -13.52 40.55 22.05
N ALA A 379 -14.13 41.56 22.69
CA ALA A 379 -15.22 42.28 22.06
C ALA A 379 -14.76 43.02 20.81
N ASP A 380 -13.59 43.67 20.87
CA ASP A 380 -13.07 44.36 19.70
C ASP A 380 -12.73 43.38 18.59
N ALA A 381 -12.15 42.22 18.94
CA ALA A 381 -11.85 41.21 17.93
C ALA A 381 -13.13 40.65 17.31
N ILE A 382 -14.18 40.46 18.13
CA ILE A 382 -15.45 39.97 17.60
C ILE A 382 -16.07 40.98 16.66
N LYS A 383 -16.05 42.26 17.03
CA LYS A 383 -16.60 43.29 16.16
C LYS A 383 -15.82 43.43 14.86
N ARG A 384 -14.49 43.38 14.94
CA ARG A 384 -13.66 43.57 13.75
C ARG A 384 -13.80 42.40 12.78
N LEU A 385 -13.68 41.18 13.28
CA LEU A 385 -13.76 39.99 12.44
C LEU A 385 -15.18 39.47 12.39
N GLY A 386 -15.36 38.28 11.80
CA GLY A 386 -16.64 37.60 11.82
C GLY A 386 -16.68 36.58 12.94
N ARG A 387 -17.86 36.45 13.55
CA ARG A 387 -18.00 35.53 14.68
C ARG A 387 -17.78 34.09 14.26
N GLN A 388 -18.17 33.74 13.04
CA GLN A 388 -18.08 32.35 12.59
C GLN A 388 -16.63 31.88 12.54
N LYS A 389 -15.73 32.70 11.99
CA LYS A 389 -14.33 32.31 11.90
C LYS A 389 -13.67 32.27 13.28
N ILE A 390 -13.99 33.25 14.13
CA ILE A 390 -13.44 33.24 15.49
C ILE A 390 -13.91 32.00 16.24
N ALA A 391 -15.16 31.60 16.02
CA ALA A 391 -15.66 30.36 16.62
C ALA A 391 -14.91 29.15 16.06
N GLU A 392 -14.77 29.07 14.74
CA GLU A 392 -14.07 27.95 14.13
C GLU A 392 -12.62 27.85 14.58
N ARG A 393 -12.04 28.96 15.04
CA ARG A 393 -10.65 28.93 15.49
C ARG A 393 -10.47 28.80 17.00
N TYR A 394 -11.49 29.17 17.81
CA TYR A 394 -11.36 29.14 19.27
C TYR A 394 -12.48 28.37 19.96
N GLY A 395 -13.17 27.49 19.25
CA GLY A 395 -14.33 26.83 19.85
C GLY A 395 -13.97 25.96 21.04
N ASN A 396 -12.94 25.13 20.90
CA ASN A 396 -12.56 24.24 22.00
C ASN A 396 -12.10 25.04 23.22
N LEU A 397 -11.31 26.08 22.99
CA LEU A 397 -10.85 26.91 24.10
C LEU A 397 -12.01 27.63 24.78
N PHE A 398 -12.95 28.17 24.01
CA PHE A 398 -14.09 28.86 24.60
C PHE A 398 -14.97 27.90 25.38
N ASP A 399 -15.22 26.70 24.84
CA ASP A 399 -16.03 25.72 25.55
C ASP A 399 -15.36 25.28 26.84
N MET A 400 -14.05 25.01 26.81
CA MET A 400 -13.36 24.61 28.02
C MET A 400 -13.35 25.74 29.05
N TYR A 401 -13.16 26.98 28.60
CA TYR A 401 -13.20 28.11 29.52
C TYR A 401 -14.57 28.26 30.16
N LYS A 402 -15.64 28.11 29.36
CA LYS A 402 -16.98 28.20 29.92
C LYS A 402 -17.27 27.04 30.88
N GLN A 403 -16.71 25.86 30.61
CA GLN A 403 -16.86 24.75 31.52
C GLN A 403 -16.14 25.01 32.84
N ILE A 404 -14.95 25.62 32.78
CA ILE A 404 -14.16 25.86 33.98
C ILE A 404 -14.59 27.15 34.65
N THR A 405 -14.53 28.27 33.92
CA THR A 405 -14.82 29.56 34.53
C THR A 405 -16.31 29.74 34.79
N GLY A 406 -17.15 29.29 33.86
CA GLY A 406 -18.57 29.50 33.96
C GLY A 406 -19.08 30.74 33.26
N GLU A 407 -18.23 31.45 32.53
CA GLU A 407 -18.60 32.65 31.80
C GLU A 407 -18.28 32.48 30.33
N ASP A 408 -19.19 32.92 29.47
CA ASP A 408 -18.97 32.81 28.04
C ASP A 408 -17.92 33.81 27.59
N PRO A 409 -16.83 33.38 26.97
CA PRO A 409 -15.80 34.35 26.53
C PRO A 409 -16.28 35.31 25.45
N TYR A 410 -17.36 34.97 24.73
CA TYR A 410 -17.85 35.86 23.67
C TYR A 410 -18.32 37.19 24.24
N GLU A 411 -19.04 37.17 25.37
CA GLU A 411 -19.57 38.40 25.96
C GLU A 411 -18.62 38.95 27.03
N THR A 412 -18.38 38.17 28.07
CA THR A 412 -17.51 38.61 29.15
C THR A 412 -16.05 38.44 28.75
N PRO A 413 -15.18 39.37 29.15
CA PRO A 413 -13.75 39.23 28.86
C PRO A 413 -13.15 38.04 29.60
N MET A 414 -12.15 37.43 28.96
CA MET A 414 -11.40 36.36 29.59
C MET A 414 -10.56 36.91 30.74
N ARG A 415 -10.26 36.03 31.70
CA ARG A 415 -9.31 36.33 32.75
C ARG A 415 -8.14 35.37 32.64
N ILE A 416 -6.92 35.91 32.58
CA ILE A 416 -5.73 35.09 32.41
C ILE A 416 -4.68 35.50 33.43
N TYR A 417 -3.82 34.55 33.76
CA TYR A 417 -2.70 34.79 34.67
C TYR A 417 -1.57 33.82 34.35
N PRO A 418 -0.38 34.32 34.01
CA PRO A 418 0.71 33.44 33.62
C PRO A 418 1.16 32.55 34.78
N ALA A 419 1.65 31.36 34.42
CA ALA A 419 2.10 30.39 35.41
C ALA A 419 3.29 29.62 34.85
N VAL A 420 4.04 29.02 35.76
CA VAL A 420 5.23 28.26 35.39
C VAL A 420 4.81 26.95 34.73
N HIS A 421 5.42 26.64 33.59
CA HIS A 421 5.01 25.52 32.76
C HIS A 421 6.06 24.42 32.63
N TYR A 422 7.33 24.77 32.50
CA TYR A 422 8.37 23.80 32.18
C TYR A 422 9.62 24.10 33.00
N THR A 423 10.48 23.09 33.15
CA THR A 423 11.76 23.24 33.84
C THR A 423 12.86 22.76 32.91
N MET A 424 13.63 23.70 32.34
CA MET A 424 14.76 23.33 31.51
C MET A 424 15.91 22.73 32.31
N GLY A 425 15.94 22.98 33.62
CA GLY A 425 17.00 22.44 34.44
C GLY A 425 16.81 20.97 34.75
N GLY A 426 17.83 20.37 35.33
CA GLY A 426 17.80 18.96 35.66
C GLY A 426 19.21 18.45 35.89
N LEU A 427 19.29 17.13 36.06
CA LEU A 427 20.58 16.48 36.28
C LEU A 427 21.45 16.60 35.04
N TRP A 428 22.72 16.94 35.25
CA TRP A 428 23.65 17.08 34.14
C TRP A 428 23.95 15.72 33.52
N VAL A 429 23.95 15.66 32.19
CA VAL A 429 24.26 14.45 31.46
C VAL A 429 25.25 14.78 30.35
N ASP A 430 26.01 13.77 29.94
CA ASP A 430 26.98 13.92 28.87
C ASP A 430 26.35 13.55 27.54
N TYR A 431 27.17 13.37 26.51
CA TYR A 431 26.67 12.96 25.20
C TYR A 431 26.00 11.60 25.23
N ASN A 432 26.32 10.76 26.21
CA ASN A 432 25.74 9.44 26.33
C ASN A 432 24.51 9.41 27.23
N LEU A 433 23.96 10.58 27.59
CA LEU A 433 22.81 10.68 28.48
C LEU A 433 23.08 10.03 29.83
N GLN A 434 24.32 10.10 30.30
CA GLN A 434 24.74 9.52 31.57
C GLN A 434 25.12 10.64 32.52
N SER A 435 24.65 10.55 33.76
CA SER A 435 24.91 11.58 34.75
C SER A 435 26.32 11.41 35.31
N THR A 436 26.65 12.17 36.35
CA THR A 436 27.96 12.06 36.97
C THR A 436 28.15 10.68 37.59
N ILE A 437 27.12 10.14 38.22
CA ILE A 437 27.19 8.80 38.79
C ILE A 437 27.20 7.77 37.66
N PRO A 438 28.24 6.94 37.58
CA PRO A 438 28.25 5.89 36.54
C PRO A 438 27.08 4.95 36.70
N GLY A 439 26.53 4.51 35.57
CA GLY A 439 25.40 3.60 35.57
C GLY A 439 24.05 4.25 35.73
N LEU A 440 23.99 5.56 35.92
CA LEU A 440 22.73 6.29 36.10
C LEU A 440 22.50 7.15 34.86
N PHE A 441 21.44 6.85 34.11
CA PHE A 441 21.09 7.59 32.92
C PHE A 441 19.84 8.41 33.17
N VAL A 442 19.86 9.67 32.76
CA VAL A 442 18.73 10.58 32.94
C VAL A 442 18.23 10.99 31.57
N ILE A 443 16.95 10.72 31.30
CA ILE A 443 16.33 11.03 30.02
C ILE A 443 15.04 11.80 30.27
N GLY A 444 14.50 12.38 29.20
CA GLY A 444 13.24 13.10 29.29
C GLY A 444 13.38 14.50 29.83
N GLU A 445 12.47 14.89 30.72
CA GLU A 445 12.48 16.22 31.30
C GLU A 445 13.37 16.32 32.53
N ALA A 446 13.86 15.20 33.05
CA ALA A 446 14.61 15.20 34.30
C ALA A 446 16.06 15.64 34.15
N ASN A 447 16.55 15.79 32.92
CA ASN A 447 17.93 16.21 32.69
C ASN A 447 17.96 17.60 32.05
N PHE A 448 19.14 18.22 32.10
CA PHE A 448 19.34 19.49 31.42
C PHE A 448 19.19 19.34 29.91
N SER A 449 19.75 18.27 29.36
CA SER A 449 19.56 17.89 27.96
C SER A 449 20.07 19.03 27.07
N ASP A 450 19.27 19.51 26.12
CA ASP A 450 19.76 20.44 25.10
C ASP A 450 18.77 21.56 24.83
N HIS A 451 17.95 21.92 25.82
CA HIS A 451 16.98 22.99 25.64
C HIS A 451 17.53 24.37 26.01
N GLY A 452 18.77 24.45 26.49
CA GLY A 452 19.34 25.75 26.80
C GLY A 452 18.57 26.47 27.88
N ALA A 453 18.37 27.77 27.68
CA ALA A 453 17.67 28.62 28.63
C ALA A 453 16.21 28.85 28.25
N ASN A 454 15.73 28.24 27.16
CA ASN A 454 14.35 28.41 26.73
C ASN A 454 13.97 27.24 25.84
N ARG A 455 12.85 26.60 26.16
CA ARG A 455 12.39 25.42 25.42
C ARG A 455 11.45 25.87 24.30
N LEU A 456 11.77 25.50 23.07
CA LEU A 456 10.93 25.83 21.93
C LEU A 456 9.64 25.02 21.98
N GLY A 457 8.60 25.56 21.36
CA GLY A 457 7.33 24.87 21.34
C GLY A 457 7.39 23.56 20.58
N ALA A 458 6.64 22.57 21.07
CA ALA A 458 6.58 21.23 20.47
C ALA A 458 7.97 20.61 20.34
N SER A 459 8.76 20.71 21.40
CA SER A 459 10.12 20.18 21.38
C SER A 459 10.36 19.20 22.52
N ALA A 460 9.66 19.39 23.64
CA ALA A 460 9.83 18.49 24.78
C ALA A 460 9.39 17.07 24.46
N LEU A 461 8.24 16.92 23.78
CA LEU A 461 7.81 15.59 23.37
C LEU A 461 8.80 14.97 22.39
N MET A 462 9.29 15.75 21.45
CA MET A 462 10.28 15.25 20.49
C MET A 462 11.54 14.81 21.20
N GLN A 463 12.02 15.60 22.16
CA GLN A 463 13.21 15.22 22.91
C GLN A 463 13.00 13.95 23.72
N GLY A 464 11.84 13.84 24.38
CA GLY A 464 11.56 12.64 25.14
C GLY A 464 11.49 11.40 24.29
N LEU A 465 10.83 11.49 23.13
CA LEU A 465 10.75 10.34 22.23
C LEU A 465 12.11 10.01 21.65
N ALA A 466 12.93 11.01 21.34
CA ALA A 466 14.28 10.76 20.86
C ALA A 466 15.11 10.02 21.90
N ASP A 467 15.06 10.48 23.14
CA ASP A 467 15.81 9.82 24.21
C ASP A 467 15.31 8.40 24.42
N GLY A 468 13.99 8.19 24.40
CA GLY A 468 13.46 6.85 24.64
C GLY A 468 13.77 5.87 23.52
N TYR A 469 13.68 6.33 22.27
CA TYR A 469 13.71 5.41 21.13
C TYR A 469 15.11 5.24 20.55
N PHE A 470 15.71 6.32 20.07
CA PHE A 470 16.86 6.24 19.17
C PHE A 470 18.18 6.68 19.81
N ILE A 471 18.20 6.95 21.11
CA ILE A 471 19.43 7.44 21.73
C ILE A 471 19.85 6.55 22.89
N LEU A 472 18.95 6.37 23.86
CA LEU A 472 19.29 5.59 25.05
C LEU A 472 19.75 4.16 24.76
N PRO A 473 19.12 3.40 23.85
CA PRO A 473 19.58 2.01 23.65
C PRO A 473 21.05 1.91 23.30
N TYR A 474 21.57 2.80 22.44
CA TYR A 474 22.97 2.69 22.02
C TYR A 474 23.91 2.95 23.19
N THR A 475 23.69 4.04 23.92
CA THR A 475 24.58 4.37 25.04
C THR A 475 24.49 3.33 26.15
N ILE A 476 23.28 2.87 26.45
CA ILE A 476 23.13 1.87 27.51
C ILE A 476 23.77 0.55 27.08
N ALA A 477 23.68 0.19 25.80
CA ALA A 477 24.35 -1.01 25.32
C ALA A 477 25.86 -0.87 25.43
N ASN A 478 26.39 0.31 25.09
CA ASN A 478 27.82 0.53 25.23
C ASN A 478 28.27 0.38 26.67
N PHE A 479 27.54 1.02 27.60
CA PHE A 479 27.90 0.95 29.00
C PHE A 479 27.82 -0.47 29.53
N LEU A 480 26.76 -1.20 29.16
CA LEU A 480 26.61 -2.58 29.63
C LEU A 480 27.67 -3.49 29.04
N ALA A 481 28.07 -3.25 27.78
CA ALA A 481 29.15 -4.04 27.18
C ALA A 481 30.48 -3.76 27.84
N GLN A 482 30.69 -2.53 28.32
CA GLN A 482 31.94 -2.23 29.02
C GLN A 482 32.02 -2.88 30.40
N VAL A 483 30.93 -3.45 30.91
CA VAL A 483 30.93 -4.09 32.22
C VAL A 483 30.41 -5.52 32.09
N LYS A 484 30.32 -6.23 33.23
CA LYS A 484 29.82 -7.60 33.24
C LYS A 484 28.51 -7.69 34.01
N PRO A 485 27.62 -8.61 33.63
CA PRO A 485 26.31 -8.69 34.28
C PRO A 485 26.39 -9.31 35.66
N GLY A 486 25.41 -8.93 36.49
CA GLY A 486 25.24 -9.54 37.80
C GLY A 486 26.32 -9.12 38.80
N GLY A 487 26.33 -9.85 39.91
CA GLY A 487 27.31 -9.64 40.97
C GLY A 487 26.80 -8.88 42.18
N VAL A 488 25.64 -8.26 42.09
CA VAL A 488 25.08 -7.46 43.18
C VAL A 488 23.66 -7.94 43.46
N SER A 489 23.40 -8.26 44.73
CA SER A 489 22.08 -8.67 45.19
C SER A 489 21.52 -7.61 46.15
N ILE A 490 20.33 -7.89 46.68
CA ILE A 490 19.64 -6.92 47.52
C ILE A 490 20.02 -7.11 48.98
N ASP A 491 20.95 -8.01 49.26
CA ASP A 491 21.43 -8.24 50.62
C ASP A 491 22.65 -7.42 50.97
N ARG A 492 23.10 -6.54 50.07
CA ARG A 492 24.28 -5.74 50.34
C ARG A 492 24.01 -4.73 51.46
N PRO A 493 25.03 -4.34 52.21
CA PRO A 493 24.82 -3.38 53.30
C PRO A 493 24.27 -2.04 52.83
N GLU A 494 24.59 -1.61 51.61
CA GLU A 494 24.10 -0.33 51.12
C GLU A 494 22.57 -0.32 51.02
N PHE A 495 22.00 -1.43 50.55
CA PHE A 495 20.55 -1.52 50.46
C PHE A 495 19.91 -1.43 51.84
N ALA A 496 20.49 -2.13 52.82
CA ALA A 496 19.96 -2.07 54.17
C ALA A 496 20.06 -0.67 54.75
N GLU A 497 21.18 0.02 54.51
CA GLU A 497 21.33 1.38 54.99
C GLU A 497 20.30 2.31 54.38
N ALA A 498 20.09 2.20 53.06
CA ALA A 498 19.10 3.04 52.40
C ALA A 498 17.70 2.75 52.91
N GLU A 499 17.37 1.47 53.10
CA GLU A 499 16.05 1.11 53.61
C GLU A 499 15.84 1.64 55.02
N ALA A 500 16.88 1.55 55.87
CA ALA A 500 16.78 2.07 57.22
C ALA A 500 16.60 3.58 57.22
N GLU A 501 17.33 4.29 56.35
CA GLU A 501 17.18 5.74 56.26
C GLU A 501 15.77 6.12 55.83
N ILE A 502 15.24 5.41 54.82
CA ILE A 502 13.89 5.69 54.35
C ILE A 502 12.87 5.44 55.46
N ASN A 503 13.00 4.31 56.17
CA ASN A 503 12.07 4.00 57.23
C ASN A 503 12.13 5.02 58.35
N GLN A 504 13.35 5.44 58.73
CA GLN A 504 13.48 6.45 59.79
C GLN A 504 12.88 7.78 59.36
N ARG A 505 13.10 8.18 58.10
CA ARG A 505 12.50 9.41 57.61
C ARG A 505 10.98 9.35 57.64
N ILE A 506 10.41 8.24 57.18
CA ILE A 506 8.96 8.08 57.17
C ILE A 506 8.41 8.11 58.59
N GLN A 507 9.08 7.41 59.51
CA GLN A 507 8.62 7.38 60.90
C GLN A 507 8.68 8.77 61.53
N ARG A 508 9.76 9.53 61.28
CA ARG A 508 9.86 10.87 61.82
C ARG A 508 8.76 11.77 61.25
N LEU A 509 8.53 11.70 59.95
CA LEU A 509 7.47 12.51 59.33
C LEU A 509 6.11 12.17 59.93
N LEU A 510 5.83 10.88 60.11
CA LEU A 510 4.55 10.48 60.66
C LEU A 510 4.42 10.82 62.14
N SER A 511 5.55 10.94 62.86
CA SER A 511 5.52 11.19 64.29
C SER A 511 5.63 12.65 64.67
N ILE A 512 5.89 13.55 63.70
CA ILE A 512 5.94 14.97 64.03
C ILE A 512 4.60 15.45 64.55
N ARG A 513 3.52 15.16 63.82
CA ARG A 513 2.14 15.49 64.18
C ARG A 513 2.02 16.88 64.81
N GLY A 514 2.41 17.89 64.04
CA GLY A 514 2.31 19.26 64.49
C GLY A 514 0.92 19.83 64.34
N LYS A 515 0.84 21.07 63.87
CA LYS A 515 -0.44 21.75 63.70
C LYS A 515 -0.74 22.10 62.26
N ARG A 516 0.21 22.72 61.55
CA ARG A 516 -0.03 23.13 60.18
C ARG A 516 -0.01 21.93 59.24
N THR A 517 -0.80 22.02 58.18
CA THR A 517 -0.91 20.96 57.20
C THR A 517 0.21 21.07 56.16
N VAL A 518 0.35 20.01 55.37
CA VAL A 518 1.36 19.98 54.31
C VAL A 518 1.06 21.02 53.24
N ASP A 519 -0.23 21.17 52.89
CA ASP A 519 -0.61 22.10 51.84
C ASP A 519 -0.27 23.54 52.20
N SER A 520 -0.39 23.90 53.48
CA SER A 520 -0.04 25.26 53.89
C SER A 520 1.44 25.54 53.66
N PHE A 521 2.31 24.59 54.05
CA PHE A 521 3.73 24.77 53.82
C PHE A 521 4.07 24.82 52.34
N HIS A 522 3.43 23.96 51.54
CA HIS A 522 3.68 23.99 50.11
C HIS A 522 3.25 25.31 49.50
N ARG A 523 2.09 25.84 49.92
CA ARG A 523 1.62 27.11 49.41
C ARG A 523 2.54 28.25 49.81
N GLU A 524 3.02 28.25 51.06
CA GLU A 524 3.95 29.28 51.49
C GLU A 524 5.23 29.25 50.67
N LEU A 525 5.79 28.05 50.47
CA LEU A 525 7.02 27.92 49.70
C LEU A 525 6.79 28.36 48.26
N GLY A 526 5.67 27.96 47.66
CA GLY A 526 5.39 28.34 46.29
C GLY A 526 5.22 29.84 46.12
N LYS A 527 4.50 30.47 47.06
CA LYS A 527 4.32 31.92 46.98
C LYS A 527 5.65 32.64 47.13
N LEU A 528 6.49 32.20 48.07
CA LEU A 528 7.80 32.84 48.23
C LEU A 528 8.64 32.68 46.97
N MET A 529 8.67 31.47 46.41
CA MET A 529 9.46 31.22 45.22
C MET A 529 8.96 32.03 44.02
N TRP A 530 7.64 32.12 43.85
CA TRP A 530 7.08 32.87 42.74
C TRP A 530 7.31 34.36 42.90
N ASP A 531 7.29 34.86 44.14
CA ASP A 531 7.50 36.29 44.37
C ASP A 531 8.96 36.67 44.19
N LYS A 532 9.89 35.85 44.67
CA LYS A 532 11.31 36.20 44.64
C LYS A 532 12.04 35.55 43.48
N CYS A 533 11.98 34.22 43.37
CA CYS A 533 12.68 33.48 42.32
C CYS A 533 11.81 33.25 41.10
N GLY A 534 10.81 34.10 40.86
CA GLY A 534 9.91 33.90 39.74
C GLY A 534 10.44 34.43 38.43
N MET A 535 9.58 35.16 37.70
CA MET A 535 9.97 35.66 36.39
C MET A 535 10.94 36.84 36.49
N ALA A 536 10.73 37.73 37.47
CA ALA A 536 11.61 38.85 37.70
C ALA A 536 12.46 38.56 38.93
N ARG A 537 13.78 38.54 38.75
CA ARG A 537 14.71 38.18 39.81
C ARG A 537 15.73 39.28 40.01
N ASN A 538 15.93 39.67 41.27
CA ASN A 538 16.96 40.65 41.63
C ASN A 538 17.76 40.10 42.81
N ALA A 539 18.93 40.70 43.03
CA ALA A 539 19.84 40.20 44.05
C ALA A 539 19.21 40.28 45.44
N ALA A 540 18.56 41.40 45.75
CA ALA A 540 17.96 41.56 47.07
C ALA A 540 16.85 40.53 47.31
N GLY A 541 15.98 40.33 46.33
CA GLY A 541 14.91 39.36 46.49
C GLY A 541 15.42 37.94 46.62
N LEU A 542 16.43 37.58 45.81
CA LEU A 542 17.01 36.24 45.91
C LEU A 542 17.68 36.03 47.26
N ARG A 543 18.38 37.05 47.76
CA ARG A 543 19.00 36.94 49.08
C ARG A 543 17.95 36.79 50.18
N GLU A 544 16.86 37.55 50.08
CA GLU A 544 15.78 37.43 51.06
C GLU A 544 15.16 36.05 51.03
N ALA A 545 14.94 35.51 49.84
CA ALA A 545 14.37 34.16 49.72
C ALA A 545 15.33 33.11 50.28
N LEU A 546 16.63 33.27 50.02
CA LEU A 546 17.61 32.33 50.55
C LEU A 546 17.67 32.38 52.06
N GLN A 547 17.53 33.58 52.64
CA GLN A 547 17.47 33.69 54.09
C GLN A 547 16.20 33.06 54.64
N ARG A 548 15.08 33.22 53.93
CA ARG A 548 13.78 32.76 54.44
C ARG A 548 13.63 31.25 54.35
N ILE A 549 14.27 30.62 53.35
CA ILE A 549 14.02 29.20 53.09
C ILE A 549 14.33 28.30 54.29
N PRO A 550 15.49 28.42 54.96
CA PRO A 550 15.75 27.51 56.09
C PRO A 550 14.75 27.62 57.21
N GLU A 551 14.24 28.82 57.49
CA GLU A 551 13.21 28.96 58.53
C GLU A 551 11.95 28.20 58.15
N ILE A 552 11.54 28.29 56.89
CA ILE A 552 10.36 27.54 56.43
C ILE A 552 10.60 26.05 56.52
N ARG A 553 11.81 25.60 56.15
CA ARG A 553 12.11 24.17 56.24
C ARG A 553 12.07 23.68 57.68
N ALA A 554 12.63 24.47 58.61
CA ALA A 554 12.61 24.09 60.02
C ALA A 554 11.18 24.06 60.56
N GLU A 555 10.37 25.06 60.18
CA GLU A 555 8.98 25.08 60.63
C GLU A 555 8.21 23.88 60.10
N PHE A 556 8.46 23.50 58.84
CA PHE A 556 7.83 22.31 58.29
C PHE A 556 8.27 21.06 59.03
N TRP A 557 9.56 20.95 59.32
CA TRP A 557 10.05 19.76 60.02
C TRP A 557 9.67 19.74 61.49
N GLU A 558 9.17 20.85 62.03
CA GLU A 558 8.81 20.90 63.44
C GLU A 558 7.30 20.96 63.68
N ASN A 559 6.53 21.51 62.75
CA ASN A 559 5.11 21.78 62.97
C ASN A 559 4.27 21.33 61.78
N VAL A 560 4.50 20.10 61.32
CA VAL A 560 3.69 19.52 60.25
C VAL A 560 2.83 18.41 60.86
N ASN A 561 1.66 18.20 60.24
CA ASN A 561 0.68 17.23 60.73
C ASN A 561 0.24 16.34 59.58
N VAL A 562 0.66 15.09 59.59
CA VAL A 562 0.22 14.09 58.63
C VAL A 562 -0.47 12.97 59.40
N PRO A 563 -1.72 12.63 59.05
CA PRO A 563 -2.40 11.53 59.76
C PRO A 563 -2.16 10.18 59.11
N GLY A 564 -2.78 9.14 59.65
CA GLY A 564 -2.72 7.82 59.05
C GLY A 564 -1.58 6.97 59.58
N GLU A 565 -1.32 5.89 58.85
CA GLU A 565 -0.28 4.94 59.20
C GLU A 565 0.61 4.69 58.00
N ALA A 566 1.81 4.18 58.27
CA ALA A 566 2.77 3.92 57.19
C ALA A 566 2.26 2.86 56.23
N ASN A 567 1.66 1.78 56.76
CA ASN A 567 1.21 0.66 55.93
C ASN A 567 -0.24 0.83 55.50
N ASP A 568 -0.56 1.98 54.91
CA ASP A 568 -1.90 2.24 54.40
C ASP A 568 -1.78 3.13 53.16
N LEU A 569 -2.93 3.39 52.53
CA LEU A 569 -3.00 4.29 51.38
C LEU A 569 -3.09 5.71 51.90
N ASN A 570 -1.94 6.23 52.32
CA ASN A 570 -1.84 7.56 52.91
C ASN A 570 -1.18 8.50 51.90
N GLN A 571 -1.99 9.33 51.25
CA GLN A 571 -1.47 10.31 50.31
C GLN A 571 -0.78 11.48 51.01
N ALA A 572 -1.15 11.76 52.27
CA ALA A 572 -0.54 12.86 53.01
C ALA A 572 0.95 12.61 53.22
N LEU A 573 1.35 11.36 53.46
CA LEU A 573 2.76 11.05 53.64
C LEU A 573 3.54 11.33 52.36
N GLU A 574 3.00 10.93 51.21
CA GLU A 574 3.66 11.22 49.94
C GLU A 574 3.76 12.70 49.70
N LYS A 575 2.69 13.45 50.00
CA LYS A 575 2.73 14.90 49.83
C LYS A 575 3.77 15.54 50.73
N ALA A 576 3.87 15.05 51.98
CA ALA A 576 4.87 15.59 52.91
C ALA A 576 6.28 15.31 52.42
N GLY A 577 6.53 14.09 51.91
CA GLY A 577 7.86 13.81 51.37
C GLY A 577 8.20 14.68 50.18
N ARG A 578 7.24 14.85 49.26
CA ARG A 578 7.47 15.71 48.12
C ARG A 578 7.70 17.16 48.55
N VAL A 579 6.99 17.61 49.58
CA VAL A 579 7.16 18.97 50.08
C VAL A 579 8.55 19.14 50.69
N ALA A 580 9.02 18.14 51.44
CA ALA A 580 10.37 18.22 52.00
C ALA A 580 11.42 18.29 50.89
N ASP A 581 11.25 17.47 49.85
CA ASP A 581 12.20 17.50 48.74
C ASP A 581 12.15 18.85 48.02
N PHE A 582 10.95 19.42 47.85
CA PHE A 582 10.83 20.73 47.23
C PHE A 582 11.51 21.80 48.07
N LEU A 583 11.35 21.73 49.39
CA LEU A 583 11.99 22.69 50.27
C LEU A 583 13.51 22.60 50.18
N GLU A 584 14.04 21.38 50.08
CA GLU A 584 15.47 21.23 49.92
C GLU A 584 15.94 21.77 48.56
N LEU A 585 15.16 21.54 47.51
CA LEU A 585 15.58 21.93 46.16
C LEU A 585 15.46 23.44 45.92
N ALA A 586 14.52 24.10 46.60
CA ALA A 586 14.30 25.52 46.36
C ALA A 586 15.52 26.35 46.73
N GLU A 587 16.21 25.98 47.82
CA GLU A 587 17.41 26.69 48.21
C GLU A 587 18.49 26.60 47.13
N LEU A 588 18.69 25.41 46.58
CA LEU A 588 19.69 25.23 45.53
C LEU A 588 19.32 26.02 44.27
N MET A 589 18.04 25.99 43.89
CA MET A 589 17.65 26.72 42.68
C MET A 589 17.77 28.22 42.88
N CYS A 590 17.46 28.73 44.08
CA CYS A 590 17.66 30.14 44.37
C CYS A 590 19.14 30.51 44.36
N LEU A 591 19.99 29.63 44.89
CA LEU A 591 21.43 29.88 44.85
C LEU A 591 21.92 29.96 43.41
N ASP A 592 21.45 29.04 42.55
CA ASP A 592 21.85 29.09 41.15
C ASP A 592 21.34 30.36 40.47
N ALA A 593 20.11 30.78 40.77
CA ALA A 593 19.59 32.00 40.19
C ALA A 593 20.40 33.21 40.61
N LEU A 594 20.79 33.26 41.89
CA LEU A 594 21.63 34.37 42.36
C LEU A 594 23.01 34.33 41.72
N HIS A 595 23.57 33.14 41.53
CA HIS A 595 24.93 33.02 40.99
C HIS A 595 25.01 33.55 39.56
N ARG A 596 24.03 33.21 38.73
CA ARG A 596 24.04 33.62 37.33
C ARG A 596 23.74 35.11 37.24
N GLU A 597 24.77 35.92 37.02
CA GLU A 597 24.64 37.37 36.96
C GLU A 597 24.41 37.86 35.54
N GLU A 598 23.41 37.30 34.87
CA GLU A 598 23.05 37.70 33.52
C GLU A 598 21.62 37.27 33.26
N SER A 599 21.06 37.80 32.17
CA SER A 599 19.71 37.47 31.75
C SER A 599 19.76 36.71 30.43
N CYS A 600 19.16 35.53 30.40
CA CYS A 600 19.15 34.71 29.19
C CYS A 600 17.97 33.75 29.25
N GLY A 601 17.18 33.73 28.18
CA GLY A 601 16.05 32.82 28.12
C GLY A 601 15.05 33.10 29.23
N GLY A 602 14.59 32.03 29.88
CA GLY A 602 13.63 32.19 30.96
C GLY A 602 14.20 32.90 32.17
N HIS A 603 15.49 32.67 32.45
CA HIS A 603 16.14 33.32 33.58
C HIS A 603 16.38 34.79 33.25
N PHE A 604 15.65 35.67 33.92
CA PHE A 604 15.71 37.10 33.67
C PHE A 604 16.14 37.84 34.92
N ARG A 605 17.18 38.67 34.79
CA ARG A 605 17.68 39.48 35.88
C ARG A 605 17.44 40.95 35.55
N GLU A 606 16.88 41.69 36.51
CA GLU A 606 16.55 43.09 36.27
C GLU A 606 17.78 43.97 36.12
N GLU A 607 18.93 43.54 36.65
CA GLU A 607 20.13 44.35 36.58
C GLU A 607 20.88 44.19 35.26
N TYR A 608 20.47 43.27 34.39
CA TYR A 608 21.17 42.97 33.15
C TYR A 608 20.19 42.90 31.99
N GLN A 609 19.33 43.91 31.87
CA GLN A 609 18.33 43.98 30.82
C GLN A 609 18.60 45.15 29.90
N THR A 610 18.21 44.99 28.64
CA THR A 610 18.31 46.07 27.67
C THR A 610 17.26 47.15 28.00
N PRO A 611 17.49 48.39 27.57
CA PRO A 611 16.50 49.44 27.84
C PRO A 611 15.12 49.15 27.27
N ASP A 612 15.04 48.38 26.18
CA ASP A 612 13.74 48.02 25.63
C ASP A 612 12.95 47.16 26.61
N GLY A 613 13.62 46.24 27.30
CA GLY A 613 12.95 45.38 28.25
C GLY A 613 13.30 43.92 28.05
N GLU A 614 14.09 43.63 27.03
CA GLU A 614 14.50 42.26 26.71
C GLU A 614 15.66 41.85 27.61
N ALA A 615 16.21 40.68 27.36
CA ALA A 615 17.30 40.13 28.15
C ALA A 615 18.64 40.39 27.46
N LEU A 616 19.64 40.75 28.26
CA LEU A 616 20.98 41.01 27.77
C LEU A 616 21.93 39.91 28.26
N ARG A 617 22.62 39.29 27.32
CA ARG A 617 23.52 38.19 27.63
C ARG A 617 24.94 38.69 27.90
N ASN A 618 25.72 37.87 28.60
CA ASN A 618 27.14 38.12 28.85
C ASN A 618 27.88 36.85 28.45
N ASP A 619 28.20 36.74 27.15
CA ASP A 619 28.86 35.55 26.64
C ASP A 619 30.35 35.51 26.95
N GLU A 620 30.92 36.61 27.46
CA GLU A 620 32.33 36.62 27.81
C GLU A 620 32.62 35.97 29.15
N GLN A 621 31.63 35.88 30.03
CA GLN A 621 31.83 35.34 31.37
C GLN A 621 30.91 34.18 31.72
N PHE A 622 29.69 34.15 31.19
CA PHE A 622 28.69 33.16 31.57
C PHE A 622 28.29 32.27 30.40
N SER A 623 29.24 31.96 29.52
CA SER A 623 28.98 31.07 28.39
C SER A 623 29.39 29.63 28.74
N TYR A 624 28.68 29.07 29.71
CA TYR A 624 28.97 27.73 30.18
C TYR A 624 27.73 27.15 30.84
N VAL A 625 27.83 25.90 31.29
CA VAL A 625 26.77 25.21 32.01
C VAL A 625 27.24 25.02 33.45
N ALA A 626 26.39 25.40 34.40
CA ALA A 626 26.72 25.34 35.82
C ALA A 626 26.14 24.06 36.41
N ALA A 627 27.02 23.15 36.82
CA ALA A 627 26.62 21.92 37.48
C ALA A 627 26.92 22.04 38.97
N TRP A 628 25.93 21.75 39.80
CA TRP A 628 26.07 21.90 41.24
C TRP A 628 26.24 20.55 41.90
N GLU A 629 27.27 20.46 42.75
CA GLU A 629 27.63 19.23 43.44
C GLU A 629 27.20 19.34 44.90
N PHE A 630 26.51 18.31 45.38
CA PHE A 630 26.03 18.27 46.75
C PHE A 630 27.19 17.93 47.68
N THR A 631 27.63 18.91 48.46
CA THR A 631 28.75 18.74 49.38
C THR A 631 28.31 18.32 50.78
N GLY A 632 27.03 18.02 50.97
CA GLY A 632 26.50 17.69 52.27
C GLY A 632 25.86 18.85 53.00
N ASP A 633 26.08 20.08 52.55
CA ASP A 633 25.47 21.27 53.12
C ASP A 633 24.51 21.88 52.10
N LEU A 634 23.27 22.10 52.52
CA LEU A 634 22.26 22.63 51.62
C LEU A 634 22.51 24.09 51.23
N ALA A 635 23.43 24.78 51.92
CA ALA A 635 23.72 26.17 51.63
C ALA A 635 25.07 26.37 50.95
N LYS A 636 25.90 25.33 50.87
CA LYS A 636 27.24 25.43 50.27
C LYS A 636 27.42 24.30 49.26
N PRO A 637 26.77 24.37 48.10
CA PRO A 637 27.01 23.38 47.05
C PRO A 637 28.12 23.82 46.11
N ARG A 638 28.99 22.87 45.78
CA ARG A 638 30.13 23.18 44.93
C ARG A 638 29.68 23.46 43.50
N LEU A 639 30.41 24.31 42.80
CA LEU A 639 30.07 24.72 41.45
C LEU A 639 31.12 24.20 40.46
N HIS A 640 30.64 23.61 39.37
CA HIS A 640 31.49 23.16 38.27
C HIS A 640 31.02 23.81 36.98
N LYS A 641 31.97 24.23 36.16
CA LYS A 641 31.67 24.93 34.92
C LYS A 641 32.04 24.04 33.73
N GLU A 642 31.06 23.82 32.85
CA GLU A 642 31.31 23.12 31.59
C GLU A 642 31.27 24.14 30.47
N PRO A 643 32.41 24.49 29.87
CA PRO A 643 32.42 25.53 28.84
C PRO A 643 31.64 25.11 27.60
N LEU A 644 31.03 26.10 26.96
CA LEU A 644 30.30 25.90 25.71
C LEU A 644 31.03 26.62 24.58
N VAL A 645 31.33 25.89 23.51
CA VAL A 645 32.00 26.43 22.35
C VAL A 645 31.09 26.26 21.15
N PHE A 646 30.91 27.34 20.38
CA PHE A 646 30.04 27.34 19.21
C PHE A 646 30.89 27.49 17.96
N GLU A 647 30.73 26.54 17.02
CA GLU A 647 31.49 26.54 15.79
C GLU A 647 30.65 26.75 14.54
N TYR A 648 29.37 26.38 14.58
CA TYR A 648 28.49 26.50 13.42
C TYR A 648 27.49 27.64 13.54
N VAL A 649 26.96 27.90 14.74
CA VAL A 649 26.03 28.98 14.98
C VAL A 649 26.70 29.96 15.93
N LYS A 650 27.03 31.14 15.43
CA LYS A 650 27.70 32.09 16.30
C LYS A 650 26.69 32.90 17.11
N PRO A 651 27.02 33.24 18.36
CA PRO A 651 26.10 34.05 19.16
C PRO A 651 25.91 35.42 18.55
N THR A 652 24.70 35.94 18.69
CA THR A 652 24.35 37.25 18.14
C THR A 652 23.17 37.87 18.88
N MET B 1 -23.84 28.80 50.12
CA MET B 1 -24.21 27.50 49.59
C MET B 1 -23.83 26.39 50.58
N LYS B 2 -24.80 25.92 51.34
CA LYS B 2 -24.59 24.87 52.34
C LYS B 2 -24.90 23.52 51.71
N ILE B 3 -23.95 22.58 51.83
CA ILE B 3 -24.04 21.30 51.14
C ILE B 3 -23.86 20.17 52.14
N THR B 4 -24.74 19.17 52.05
CA THR B 4 -24.62 17.93 52.81
C THR B 4 -24.16 16.82 51.86
N LEU B 5 -23.18 16.05 52.31
CA LEU B 5 -22.56 15.01 51.49
C LEU B 5 -22.64 13.67 52.23
N LYS B 6 -22.88 12.61 51.46
CA LYS B 6 -22.88 11.24 51.96
C LYS B 6 -21.78 10.50 51.21
N ILE B 7 -20.62 10.34 51.86
CA ILE B 7 -19.44 9.77 51.23
C ILE B 7 -19.31 8.32 51.68
N TRP B 8 -19.09 7.43 50.71
CA TRP B 8 -18.77 6.05 51.04
C TRP B 8 -17.37 5.97 51.62
N ARG B 9 -17.24 5.30 52.76
CA ARG B 9 -15.95 5.18 53.46
C ARG B 9 -15.67 3.71 53.70
N GLN B 10 -14.50 3.26 53.26
CA GLN B 10 -14.08 1.88 53.43
C GLN B 10 -12.60 1.87 53.83
N LYS B 11 -12.27 1.10 54.86
CA LYS B 11 -10.91 1.13 55.40
C LYS B 11 -9.93 0.45 54.46
N ASN B 12 -10.29 -0.71 53.92
CA ASN B 12 -9.40 -1.45 53.04
C ASN B 12 -10.26 -2.37 52.16
N ARG B 13 -9.60 -3.30 51.46
CA ARG B 13 -10.30 -4.13 50.49
C ARG B 13 -11.32 -5.05 51.16
N ASN B 14 -10.95 -5.70 52.26
CA ASN B 14 -11.83 -6.68 52.89
C ASN B 14 -12.68 -6.11 54.01
N THR B 15 -12.33 -4.94 54.54
CA THR B 15 -13.12 -4.34 55.60
C THR B 15 -14.40 -3.75 55.01
N PRO B 16 -15.57 -4.07 55.56
CA PRO B 16 -16.81 -3.47 55.06
C PRO B 16 -16.83 -1.97 55.28
N GLY B 17 -17.48 -1.27 54.35
CA GLY B 17 -17.61 0.17 54.41
C GLY B 17 -19.03 0.63 54.68
N GLU B 18 -19.19 1.94 54.81
CA GLU B 18 -20.49 2.52 55.12
C GLU B 18 -20.50 3.98 54.71
N PHE B 19 -21.70 4.55 54.66
CA PHE B 19 -21.86 5.95 54.31
C PHE B 19 -21.66 6.84 55.52
N LYS B 20 -21.01 7.98 55.30
CA LYS B 20 -20.79 8.97 56.35
C LYS B 20 -21.28 10.32 55.86
N THR B 21 -21.95 11.05 56.75
CA THR B 21 -22.57 12.33 56.41
C THR B 21 -21.71 13.47 56.91
N TYR B 22 -21.36 14.38 56.00
CA TYR B 22 -20.57 15.56 56.31
C TYR B 22 -21.27 16.79 55.77
N VAL B 23 -21.44 17.80 56.62
CA VAL B 23 -22.14 19.03 56.25
C VAL B 23 -21.13 20.16 56.25
N MET B 24 -21.08 20.91 55.16
CA MET B 24 -20.20 22.07 55.06
C MET B 24 -21.02 23.29 54.65
N ASP B 25 -20.73 24.42 55.29
CA ASP B 25 -21.60 25.58 55.19
C ASP B 25 -21.24 26.47 54.01
N ASN B 26 -19.99 26.87 53.89
CA ASN B 26 -19.55 27.78 52.85
C ASN B 26 -18.93 27.00 51.70
N VAL B 27 -19.62 26.99 50.56
CA VAL B 27 -19.15 26.33 49.35
C VAL B 27 -19.20 27.33 48.21
N ASN B 28 -18.06 27.57 47.58
CA ASN B 28 -18.01 28.52 46.47
C ASN B 28 -18.66 27.89 45.24
N PRO B 29 -19.63 28.56 44.62
CA PRO B 29 -20.29 27.98 43.45
C PRO B 29 -19.34 27.71 42.29
N ASP B 30 -18.31 28.53 42.11
CA ASP B 30 -17.43 28.41 40.96
C ASP B 30 -16.28 27.42 41.17
N MET B 31 -16.08 26.92 42.39
CA MET B 31 -15.02 25.96 42.64
C MET B 31 -15.48 24.55 42.28
N SER B 32 -14.52 23.73 41.88
CA SER B 32 -14.83 22.40 41.38
C SER B 32 -15.15 21.43 42.52
N PHE B 33 -15.71 20.29 42.15
CA PHE B 33 -16.06 19.27 43.13
C PHE B 33 -14.83 18.73 43.84
N LEU B 34 -13.74 18.52 43.11
CA LEU B 34 -12.54 17.98 43.72
C LEU B 34 -11.90 18.98 44.69
N GLU B 35 -11.96 20.28 44.37
CA GLU B 35 -11.49 21.28 45.33
C GLU B 35 -12.36 21.29 46.58
N MET B 36 -13.67 21.08 46.41
CA MET B 36 -14.56 20.95 47.56
C MET B 36 -14.18 19.77 48.43
N LEU B 37 -13.88 18.63 47.79
CA LEU B 37 -13.44 17.46 48.55
C LEU B 37 -12.09 17.71 49.24
N ASP B 38 -11.20 18.45 48.59
CA ASP B 38 -9.93 18.81 49.23
C ASP B 38 -10.17 19.67 50.46
N VAL B 39 -11.09 20.63 50.36
CA VAL B 39 -11.43 21.46 51.51
C VAL B 39 -12.00 20.62 52.64
N LEU B 40 -12.88 19.68 52.29
CA LEU B 40 -13.43 18.78 53.31
C LEU B 40 -12.35 17.94 53.96
N ASN B 41 -11.39 17.45 53.16
CA ASN B 41 -10.30 16.66 53.71
C ASN B 41 -9.42 17.49 54.64
N GLU B 42 -9.17 18.76 54.27
CA GLU B 42 -8.41 19.64 55.12
C GLU B 42 -9.13 19.90 56.45
N ASP B 43 -10.46 20.09 56.37
CA ASP B 43 -11.24 20.27 57.59
C ASP B 43 -11.18 19.02 58.47
N LEU B 44 -11.28 17.84 57.86
CA LEU B 44 -11.18 16.61 58.63
C LEU B 44 -9.81 16.45 59.28
N MET B 45 -8.75 16.79 58.55
CA MET B 45 -7.41 16.73 59.12
C MET B 45 -7.25 17.70 60.28
N SER B 46 -7.82 18.91 60.15
CA SER B 46 -7.79 19.85 61.27
C SER B 46 -8.56 19.31 62.46
N ARG B 47 -9.71 18.69 62.22
CA ARG B 47 -10.48 18.10 63.32
C ARG B 47 -9.79 16.89 63.91
N GLY B 48 -9.05 16.13 63.09
CA GLY B 48 -8.35 14.95 63.55
C GLY B 48 -8.84 13.64 63.00
N GLU B 49 -9.73 13.65 62.00
CA GLU B 49 -10.26 12.43 61.43
C GLU B 49 -9.45 12.01 60.20
N GLU B 50 -9.69 10.79 59.75
CA GLU B 50 -8.98 10.28 58.58
C GLU B 50 -9.52 10.93 57.31
N PRO B 51 -8.65 11.48 56.47
CA PRO B 51 -9.13 12.14 55.24
C PRO B 51 -9.65 11.14 54.22
N VAL B 52 -10.52 11.64 53.35
CA VAL B 52 -11.08 10.83 52.28
C VAL B 52 -10.07 10.73 51.14
N ALA B 53 -9.85 9.52 50.64
CA ALA B 53 -8.88 9.26 49.60
C ALA B 53 -9.60 9.07 48.26
N PHE B 54 -9.07 9.72 47.22
CA PHE B 54 -9.65 9.64 45.89
C PHE B 54 -8.55 9.83 44.86
N ASP B 55 -8.85 9.44 43.63
CA ASP B 55 -7.88 9.50 42.54
C ASP B 55 -8.02 10.79 41.76
N HIS B 56 -6.90 11.48 41.55
CA HIS B 56 -6.90 12.74 40.81
C HIS B 56 -5.47 13.06 40.40
N ASP B 57 -5.22 13.19 39.10
CA ASP B 57 -3.90 13.54 38.61
C ASP B 57 -3.88 14.84 37.80
N CYS B 58 -4.73 14.95 36.77
CA CYS B 58 -4.61 16.02 35.80
C CYS B 58 -5.52 17.21 36.07
N ARG B 59 -6.71 16.97 36.63
CA ARG B 59 -7.71 18.02 36.85
C ARG B 59 -8.07 18.72 35.55
N GLU B 60 -8.04 18.00 34.43
CA GLU B 60 -8.37 18.55 33.13
C GLU B 60 -9.22 17.61 32.28
N GLY B 61 -9.60 16.45 32.79
CA GLY B 61 -10.39 15.51 32.03
C GLY B 61 -9.68 14.90 30.84
N ILE B 62 -8.38 14.63 30.97
CA ILE B 62 -7.60 14.00 29.92
C ILE B 62 -6.94 12.71 30.39
N CYS B 63 -6.42 12.68 31.61
CA CYS B 63 -5.71 11.51 32.10
C CYS B 63 -6.64 10.35 32.44
N GLY B 64 -7.85 10.65 32.92
CA GLY B 64 -8.78 9.60 33.29
C GLY B 64 -8.62 9.04 34.68
N MET B 65 -7.80 9.68 35.52
CA MET B 65 -7.63 9.19 36.88
C MET B 65 -8.90 9.35 37.71
N CYS B 66 -9.66 10.41 37.47
CA CYS B 66 -10.87 10.66 38.25
C CYS B 66 -11.87 9.53 38.09
N SER B 67 -12.49 9.13 39.20
CA SER B 67 -13.47 8.05 39.19
C SER B 67 -14.39 8.25 40.39
N LEU B 68 -15.57 8.82 40.13
CA LEU B 68 -16.53 9.10 41.20
C LEU B 68 -17.94 8.97 40.67
N MET B 69 -18.81 8.37 41.48
CA MET B 69 -20.24 8.25 41.18
C MET B 69 -20.97 9.26 42.06
N ILE B 70 -21.49 10.32 41.43
CA ILE B 70 -22.12 11.42 42.13
C ILE B 70 -23.61 11.39 41.85
N ASN B 71 -24.42 11.30 42.91
CA ASN B 71 -25.87 11.28 42.81
C ASN B 71 -26.38 10.15 41.92
N GLY B 72 -25.63 9.05 41.86
CA GLY B 72 -26.03 7.89 41.10
C GLY B 72 -25.65 7.91 39.64
N VAL B 73 -25.13 9.02 39.14
CA VAL B 73 -24.70 9.14 37.75
C VAL B 73 -23.20 9.40 37.74
N ALA B 74 -22.47 8.62 36.94
CA ALA B 74 -21.01 8.73 36.92
C ALA B 74 -20.58 10.10 36.42
N HIS B 75 -19.51 10.61 37.01
CA HIS B 75 -18.92 11.90 36.63
C HIS B 75 -19.90 13.05 36.82
N GLY B 76 -20.79 12.94 37.80
CA GLY B 76 -21.70 14.01 38.14
C GLY B 76 -22.92 14.04 37.26
N PRO B 77 -23.89 14.89 37.61
CA PRO B 77 -25.13 14.96 36.81
C PRO B 77 -24.91 15.40 35.38
N LYS B 78 -23.93 16.28 35.14
CA LYS B 78 -23.67 16.76 33.79
C LYS B 78 -22.97 15.69 32.98
N ASN B 79 -23.28 15.64 31.68
CA ASN B 79 -22.72 14.66 30.78
C ASN B 79 -21.56 15.25 29.98
N ALA B 80 -20.83 14.36 29.32
CA ALA B 80 -19.69 14.71 28.46
C ALA B 80 -18.56 15.40 29.21
N ILE B 81 -18.51 15.23 30.54
CA ILE B 81 -17.45 15.79 31.36
C ILE B 81 -16.98 14.72 32.34
N THR B 82 -15.80 14.95 32.90
CA THR B 82 -15.23 14.08 33.92
C THR B 82 -15.51 14.65 35.31
N THR B 83 -15.13 13.89 36.33
CA THR B 83 -15.35 14.34 37.70
C THR B 83 -14.53 15.59 38.02
N CYS B 84 -13.29 15.66 37.53
CA CYS B 84 -12.45 16.82 37.80
C CYS B 84 -13.00 18.07 37.14
N GLN B 85 -13.78 17.92 36.06
CA GLN B 85 -14.35 19.05 35.35
C GLN B 85 -15.67 19.53 35.95
N LEU B 86 -16.25 18.78 36.87
CA LEU B 86 -17.53 19.15 37.47
C LEU B 86 -17.32 20.26 38.49
N HIS B 87 -18.15 21.29 38.42
CA HIS B 87 -18.07 22.43 39.33
C HIS B 87 -19.34 22.52 40.16
N MET B 88 -19.26 23.28 41.25
CA MET B 88 -20.37 23.39 42.18
C MET B 88 -21.48 24.31 41.71
N ARG B 89 -21.28 25.04 40.61
CA ARG B 89 -22.34 25.87 40.08
C ARG B 89 -23.48 25.06 39.47
N SER B 90 -23.28 23.77 39.24
CA SER B 90 -24.29 22.90 38.67
C SER B 90 -25.23 22.31 39.72
N PHE B 91 -25.01 22.58 40.99
CA PHE B 91 -25.84 22.05 42.06
C PHE B 91 -26.69 23.16 42.67
N LYS B 92 -27.56 22.76 43.59
CA LYS B 92 -28.50 23.67 44.24
C LYS B 92 -28.18 23.77 45.73
N ASP B 93 -28.46 24.94 46.29
CA ASP B 93 -28.23 25.15 47.71
C ASP B 93 -29.11 24.23 48.54
N GLY B 94 -28.51 23.63 49.57
CA GLY B 94 -29.21 22.71 50.45
C GLY B 94 -29.36 21.30 49.91
N ASP B 95 -28.79 21.01 48.74
CA ASP B 95 -28.92 19.69 48.16
C ASP B 95 -28.06 18.67 48.91
N THR B 96 -28.48 17.42 48.85
CA THR B 96 -27.72 16.30 49.41
C THR B 96 -27.06 15.56 48.27
N ILE B 97 -25.74 15.39 48.36
CA ILE B 97 -24.94 14.80 47.29
C ILE B 97 -24.31 13.52 47.79
N THR B 98 -24.50 12.43 47.05
CA THR B 98 -23.97 11.13 47.40
C THR B 98 -22.73 10.83 46.56
N VAL B 99 -21.64 10.47 47.23
CA VAL B 99 -20.37 10.18 46.58
C VAL B 99 -19.96 8.75 46.92
N GLU B 100 -19.60 7.99 45.90
CA GLU B 100 -19.21 6.60 46.07
C GLU B 100 -18.44 6.16 44.82
N PRO B 101 -17.55 5.18 44.95
CA PRO B 101 -16.71 4.79 43.81
C PRO B 101 -17.40 3.82 42.87
N TRP B 102 -16.67 3.34 41.85
CA TRP B 102 -17.22 2.34 40.96
C TRP B 102 -17.48 1.04 41.72
N ARG B 103 -18.48 0.29 41.28
CA ARG B 103 -18.84 -1.00 41.86
C ARG B 103 -18.81 -2.05 40.77
N ALA B 104 -17.80 -2.92 40.81
CA ALA B 104 -17.68 -4.01 39.85
C ALA B 104 -16.79 -5.08 40.45
N SER B 105 -16.96 -6.30 39.96
CA SER B 105 -16.10 -7.40 40.42
C SER B 105 -14.67 -7.23 39.94
N ALA B 106 -14.49 -6.65 38.76
CA ALA B 106 -13.16 -6.45 38.19
C ALA B 106 -12.49 -5.18 38.69
N PHE B 107 -13.17 -4.39 39.52
CA PHE B 107 -12.64 -3.13 40.05
C PHE B 107 -12.68 -3.21 41.57
N PRO B 108 -11.72 -3.89 42.19
CA PRO B 108 -11.71 -3.99 43.65
C PRO B 108 -11.54 -2.62 44.31
N ILE B 109 -12.19 -2.47 45.47
CA ILE B 109 -12.16 -1.23 46.22
C ILE B 109 -10.96 -1.27 47.17
N LEU B 110 -10.13 -0.23 47.12
CA LEU B 110 -8.93 -0.16 47.95
C LEU B 110 -9.06 0.83 49.10
N LYS B 111 -9.87 1.87 48.96
CA LYS B 111 -10.01 2.89 49.98
C LYS B 111 -11.43 3.43 49.92
N ASP B 112 -11.66 4.61 50.49
CA ASP B 112 -12.99 5.19 50.52
C ASP B 112 -13.55 5.35 49.11
N LEU B 113 -12.75 5.92 48.20
CA LEU B 113 -13.22 6.15 46.84
C LEU B 113 -12.18 5.75 45.79
N VAL B 114 -11.22 4.91 46.15
CA VAL B 114 -10.14 4.49 45.25
C VAL B 114 -10.38 3.04 44.86
N VAL B 115 -10.31 2.77 43.55
CA VAL B 115 -10.53 1.43 43.02
C VAL B 115 -9.34 1.06 42.13
N ASP B 116 -9.19 -0.25 41.91
CA ASP B 116 -8.13 -0.79 41.08
C ASP B 116 -8.68 -1.02 39.67
N ARG B 117 -8.00 -0.46 38.66
CA ARG B 117 -8.44 -0.56 37.27
C ARG B 117 -7.36 -1.21 36.41
N SER B 118 -6.60 -2.16 36.97
CA SER B 118 -5.60 -2.86 36.19
C SER B 118 -6.22 -3.82 35.17
N ALA B 119 -7.52 -4.12 35.30
CA ALA B 119 -8.16 -5.00 34.32
C ALA B 119 -8.16 -4.37 32.94
N PHE B 120 -8.29 -3.04 32.85
CA PHE B 120 -8.20 -2.38 31.55
C PHE B 120 -6.80 -2.53 30.96
N ASP B 121 -5.77 -2.42 31.80
CA ASP B 121 -4.41 -2.63 31.33
C ASP B 121 -4.22 -4.06 30.82
N ARG B 122 -4.76 -5.04 31.53
CA ARG B 122 -4.66 -6.43 31.07
C ARG B 122 -5.42 -6.65 29.77
N ILE B 123 -6.57 -5.99 29.61
CA ILE B 123 -7.31 -6.07 28.35
C ILE B 123 -6.48 -5.49 27.21
N ILE B 124 -5.86 -4.34 27.45
CA ILE B 124 -5.02 -3.73 26.42
C ILE B 124 -3.84 -4.63 26.08
N GLN B 125 -3.26 -5.29 27.08
CA GLN B 125 -2.12 -6.16 26.84
C GLN B 125 -2.46 -7.37 25.98
N ALA B 126 -3.75 -7.71 25.87
CA ALA B 126 -4.16 -8.91 25.12
C ALA B 126 -4.43 -8.54 23.66
N GLY B 127 -3.36 -8.14 22.98
CA GLY B 127 -3.43 -7.86 21.56
C GLY B 127 -3.92 -6.50 21.15
N GLY B 128 -4.30 -5.65 22.11
CA GLY B 128 -4.82 -4.34 21.78
C GLY B 128 -3.75 -3.33 21.39
N TYR B 129 -2.98 -3.66 20.36
CA TYR B 129 -1.88 -2.80 19.93
C TYR B 129 -1.53 -3.18 18.48
N ILE B 130 -0.45 -2.59 17.98
CA ILE B 130 0.12 -2.96 16.69
C ILE B 130 1.55 -3.43 16.94
N SER B 131 1.84 -4.66 16.52
CA SER B 131 3.11 -5.31 16.86
C SER B 131 4.20 -4.86 15.88
N VAL B 132 4.63 -3.61 16.07
CA VAL B 132 5.71 -3.02 15.29
C VAL B 132 6.88 -2.75 16.21
N SER B 133 8.07 -2.77 15.64
CA SER B 133 9.31 -2.58 16.39
C SER B 133 9.89 -1.20 16.12
N THR B 134 10.90 -0.84 16.91
CA THR B 134 11.55 0.46 16.79
C THR B 134 12.62 0.42 15.72
N GLY B 135 12.58 1.38 14.80
CA GLY B 135 13.57 1.51 13.76
C GLY B 135 13.19 0.88 12.43
N SER B 136 12.17 0.03 12.41
CA SER B 136 11.72 -0.63 11.19
C SER B 136 10.61 0.12 10.48
N ALA B 137 10.21 1.28 10.99
CA ALA B 137 9.07 2.00 10.43
C ALA B 137 9.40 2.51 9.03
N PRO B 138 8.45 2.44 8.10
CA PRO B 138 8.65 3.08 6.79
C PRO B 138 8.39 4.58 6.86
N ASP B 139 8.41 5.25 5.72
CA ASP B 139 8.15 6.69 5.70
C ASP B 139 6.70 6.96 6.12
N ALA B 140 6.50 8.14 6.72
CA ALA B 140 5.19 8.47 7.27
C ALA B 140 4.13 8.55 6.17
N ASN B 141 4.47 9.14 5.03
CA ASN B 141 3.52 9.35 3.95
C ASN B 141 3.43 8.15 3.00
N THR B 142 3.88 6.97 3.45
CA THR B 142 3.85 5.81 2.56
C THR B 142 2.42 5.32 2.32
N ILE B 143 1.64 5.18 3.37
CA ILE B 143 0.30 4.62 3.29
C ILE B 143 -0.71 5.75 3.47
N PRO B 144 -1.49 6.09 2.44
CA PRO B 144 -2.49 7.15 2.59
C PRO B 144 -3.71 6.67 3.35
N VAL B 145 -4.23 7.55 4.22
CA VAL B 145 -5.42 7.28 5.02
C VAL B 145 -6.44 8.37 4.74
N SER B 146 -7.65 7.98 4.39
CA SER B 146 -8.70 8.94 4.08
C SER B 146 -9.05 9.77 5.31
N LYS B 147 -9.48 11.01 5.08
CA LYS B 147 -9.76 11.92 6.18
C LYS B 147 -10.92 11.42 7.04
N VAL B 148 -11.94 10.82 6.40
CA VAL B 148 -13.08 10.31 7.15
C VAL B 148 -12.65 9.19 8.08
N ALA B 149 -11.84 8.25 7.56
CA ALA B 149 -11.36 7.14 8.37
C ALA B 149 -10.47 7.64 9.50
N ALA B 150 -9.61 8.61 9.22
CA ALA B 150 -8.75 9.16 10.26
C ALA B 150 -9.57 9.86 11.34
N ASP B 151 -10.60 10.60 10.94
CA ASP B 151 -11.45 11.28 11.90
C ASP B 151 -12.20 10.28 12.77
N ARG B 152 -12.74 9.22 12.16
CA ARG B 152 -13.44 8.20 12.95
C ARG B 152 -12.48 7.50 13.91
N ALA B 153 -11.26 7.20 13.44
CA ALA B 153 -10.28 6.55 14.31
C ALA B 153 -9.88 7.45 15.47
N MET B 154 -9.72 8.75 15.21
CA MET B 154 -9.40 9.68 16.29
C MET B 154 -10.56 9.81 17.27
N ASP B 155 -11.80 9.82 16.76
CA ASP B 155 -12.95 9.86 17.65
C ASP B 155 -13.00 8.64 18.55
N ALA B 156 -12.72 7.46 17.98
CA ALA B 156 -12.75 6.23 18.78
C ALA B 156 -11.56 6.11 19.71
N ALA B 157 -10.43 6.73 19.35
CA ALA B 157 -9.19 6.57 20.11
C ALA B 157 -9.11 7.50 21.32
N ALA B 158 -9.97 8.52 21.40
CA ALA B 158 -9.91 9.47 22.49
C ALA B 158 -10.65 8.90 23.70
N CYS B 159 -10.10 7.81 24.23
CA CYS B 159 -10.64 7.15 25.42
C CYS B 159 -9.63 7.30 26.54
N ILE B 160 -10.04 7.99 27.62
CA ILE B 160 -9.14 8.24 28.75
C ILE B 160 -9.04 7.04 29.69
N GLY B 161 -9.78 5.98 29.45
CA GLY B 161 -9.72 4.81 30.32
C GLY B 161 -10.19 5.08 31.73
N CYS B 162 -11.23 5.90 31.88
CA CYS B 162 -11.72 6.23 33.21
C CYS B 162 -12.48 5.07 33.83
N GLY B 163 -13.08 4.22 33.02
CA GLY B 163 -13.86 3.10 33.52
C GLY B 163 -15.29 3.43 33.89
N ALA B 164 -15.77 4.64 33.56
CA ALA B 164 -17.15 4.98 33.87
C ALA B 164 -18.14 4.12 33.12
N CYS B 165 -17.76 3.64 31.92
CA CYS B 165 -18.65 2.79 31.15
C CYS B 165 -18.91 1.48 31.88
N VAL B 166 -17.89 0.92 32.54
CA VAL B 166 -18.07 -0.31 33.28
C VAL B 166 -19.01 -0.09 34.47
N ALA B 167 -18.81 1.01 35.20
CA ALA B 167 -19.58 1.25 36.41
C ALA B 167 -21.00 1.72 36.12
N ALA B 168 -21.26 2.27 34.94
CA ALA B 168 -22.60 2.72 34.61
C ALA B 168 -23.46 1.62 34.00
N CYS B 169 -22.86 0.67 33.31
CA CYS B 169 -23.62 -0.36 32.62
C CYS B 169 -24.27 -1.30 33.63
N PRO B 170 -25.57 -1.57 33.53
CA PRO B 170 -26.22 -2.46 34.51
C PRO B 170 -25.61 -3.85 34.57
N ASN B 171 -24.99 -4.31 33.49
CA ASN B 171 -24.29 -5.59 33.52
C ASN B 171 -22.84 -5.47 33.99
N GLY B 172 -22.33 -4.26 34.16
CA GLY B 172 -20.95 -4.08 34.56
C GLY B 172 -19.97 -4.59 33.53
N SER B 173 -20.23 -4.30 32.26
CA SER B 173 -19.40 -4.79 31.16
C SER B 173 -18.43 -3.71 30.69
N ALA B 174 -17.32 -4.17 30.11
CA ALA B 174 -16.32 -3.29 29.51
C ALA B 174 -16.42 -3.27 28.00
N MET B 175 -17.64 -3.39 27.45
CA MET B 175 -17.79 -3.49 26.00
C MET B 175 -17.42 -2.18 25.30
N LEU B 176 -17.74 -1.04 25.92
CA LEU B 176 -17.46 0.24 25.27
C LEU B 176 -15.96 0.47 25.12
N PHE B 177 -15.18 0.16 26.16
CA PHE B 177 -13.73 0.39 26.11
C PHE B 177 -13.07 -0.49 25.05
N THR B 178 -13.38 -1.79 25.07
CA THR B 178 -12.82 -2.70 24.09
C THR B 178 -13.26 -2.34 22.67
N ALA B 179 -14.54 -1.98 22.52
CA ALA B 179 -15.04 -1.59 21.21
C ALA B 179 -14.33 -0.34 20.70
N ALA B 180 -14.11 0.64 21.57
CA ALA B 180 -13.42 1.86 21.16
C ALA B 180 -11.99 1.55 20.72
N LYS B 181 -11.28 0.73 21.50
CA LYS B 181 -9.91 0.39 21.12
C LYS B 181 -9.87 -0.38 19.79
N VAL B 182 -10.78 -1.35 19.63
CA VAL B 182 -10.80 -2.14 18.40
C VAL B 182 -11.14 -1.27 17.20
N THR B 183 -12.10 -0.37 17.36
CA THR B 183 -12.47 0.53 16.26
C THR B 183 -11.33 1.47 15.92
N HIS B 184 -10.62 1.98 16.92
CA HIS B 184 -9.48 2.85 16.66
C HIS B 184 -8.38 2.12 15.91
N LEU B 185 -8.09 0.88 16.30
CA LEU B 185 -6.99 0.16 15.67
C LEU B 185 -7.37 -0.46 14.33
N ALA B 186 -8.66 -0.70 14.08
CA ALA B 186 -9.10 -1.37 12.86
C ALA B 186 -9.47 -0.41 11.74
N LEU B 187 -9.56 0.89 12.02
CA LEU B 187 -9.88 1.86 10.99
C LEU B 187 -8.66 2.39 10.26
N LEU B 188 -7.46 2.05 10.72
CA LEU B 188 -6.23 2.45 10.06
C LEU B 188 -5.62 1.25 9.33
N PRO B 189 -4.94 1.49 8.21
CA PRO B 189 -4.31 0.36 7.49
C PRO B 189 -3.27 -0.39 8.31
N GLN B 190 -2.55 0.30 9.19
CA GLN B 190 -1.48 -0.36 9.94
C GLN B 190 -2.03 -1.45 10.85
N GLY B 191 -3.27 -1.31 11.32
CA GLY B 191 -3.90 -2.33 12.13
C GLY B 191 -4.59 -3.42 11.35
N GLN B 192 -4.59 -3.34 10.02
CA GLN B 192 -5.28 -4.35 9.20
C GLN B 192 -4.70 -5.75 9.35
N PRO B 193 -3.37 -5.96 9.33
CA PRO B 193 -2.86 -7.34 9.25
C PRO B 193 -3.27 -8.23 10.42
N GLU B 194 -3.61 -7.68 11.57
CA GLU B 194 -3.88 -8.53 12.73
C GLU B 194 -5.14 -8.10 13.49
N ARG B 195 -6.12 -7.53 12.79
CA ARG B 195 -7.32 -7.08 13.48
C ARG B 195 -8.22 -8.25 13.90
N TYR B 196 -8.41 -9.22 13.00
CA TYR B 196 -9.38 -10.28 13.27
C TYR B 196 -8.97 -11.14 14.46
N GLN B 197 -7.68 -11.42 14.61
CA GLN B 197 -7.21 -12.02 15.85
C GLN B 197 -7.42 -11.08 17.02
N ARG B 198 -7.01 -9.81 16.87
CA ARG B 198 -6.90 -8.91 18.01
C ARG B 198 -8.22 -8.84 18.78
N VAL B 199 -9.31 -8.53 18.07
CA VAL B 199 -10.60 -8.36 18.74
C VAL B 199 -10.93 -9.59 19.55
N VAL B 200 -10.79 -10.78 18.93
CA VAL B 200 -11.14 -12.00 19.64
C VAL B 200 -10.36 -12.08 20.95
N ASN B 201 -9.04 -11.89 20.85
CA ASN B 201 -8.21 -11.93 22.05
C ASN B 201 -8.75 -10.94 23.08
N MET B 202 -8.95 -9.69 22.66
CA MET B 202 -9.44 -8.69 23.59
C MET B 202 -10.77 -9.14 24.21
N VAL B 203 -11.68 -9.63 23.38
CA VAL B 203 -12.98 -10.05 23.90
C VAL B 203 -12.78 -11.16 24.91
N ALA B 204 -11.95 -12.15 24.58
CA ALA B 204 -11.69 -13.23 25.51
C ALA B 204 -11.14 -12.69 26.82
N GLN B 205 -10.20 -11.74 26.72
CA GLN B 205 -9.61 -11.20 27.94
C GLN B 205 -10.68 -10.57 28.82
N ALA B 206 -11.63 -9.84 28.21
CA ALA B 206 -12.71 -9.27 28.98
C ALA B 206 -13.49 -10.36 29.70
N ASP B 207 -13.84 -11.43 28.98
CA ASP B 207 -14.58 -12.52 29.60
C ASP B 207 -13.74 -13.18 30.68
N PHE B 208 -12.42 -13.14 30.55
CA PHE B 208 -11.58 -13.72 31.58
C PHE B 208 -11.46 -12.80 32.79
N GLU B 209 -11.59 -11.49 32.58
CA GLU B 209 -11.36 -10.54 33.66
C GLU B 209 -12.53 -10.41 34.62
N GLY B 210 -13.69 -10.96 34.28
CA GLY B 210 -14.85 -10.89 35.13
C GLY B 210 -15.90 -9.87 34.74
N PHE B 211 -15.75 -9.20 33.60
CA PHE B 211 -16.75 -8.27 33.13
C PHE B 211 -17.97 -9.01 32.60
N GLY B 212 -19.13 -8.34 32.69
CA GLY B 212 -20.37 -8.93 32.24
C GLY B 212 -20.53 -8.87 30.73
N ASN B 213 -21.69 -9.37 30.28
CA ASN B 213 -22.03 -9.32 28.87
C ASN B 213 -22.69 -7.98 28.54
N CYS B 214 -23.03 -7.80 27.27
CA CYS B 214 -23.65 -6.55 26.80
C CYS B 214 -25.08 -6.81 26.36
N THR B 215 -26.01 -6.05 26.92
CA THR B 215 -27.43 -6.14 26.58
C THR B 215 -27.86 -5.04 25.62
N ASN B 216 -26.92 -4.27 25.09
CA ASN B 216 -27.21 -3.15 24.19
C ASN B 216 -28.14 -2.14 24.85
N ILE B 217 -27.99 -1.96 26.16
CA ILE B 217 -28.84 -1.02 26.88
C ILE B 217 -28.53 0.41 26.45
N GLY B 218 -27.25 0.74 26.33
CA GLY B 218 -26.84 2.06 25.92
C GLY B 218 -26.50 3.02 27.04
N GLU B 219 -26.47 2.55 28.29
CA GLU B 219 -26.12 3.41 29.41
C GLU B 219 -24.65 3.82 29.37
N CYS B 220 -23.81 3.01 28.73
CA CYS B 220 -22.38 3.29 28.69
C CYS B 220 -22.07 4.58 27.95
N ALA B 221 -22.67 4.78 26.78
CA ALA B 221 -22.39 5.97 25.99
C ALA B 221 -23.01 7.23 26.56
N ALA B 222 -23.98 7.10 27.46
CA ALA B 222 -24.66 8.28 27.99
C ALA B 222 -23.79 9.04 28.98
N VAL B 223 -22.88 8.36 29.67
CA VAL B 223 -22.04 8.97 30.68
C VAL B 223 -20.57 8.99 30.27
N CYS B 224 -20.27 8.56 29.05
CA CYS B 224 -18.88 8.54 28.60
C CYS B 224 -18.35 9.97 28.49
N PRO B 225 -17.23 10.29 29.14
CA PRO B 225 -16.73 11.68 29.11
C PRO B 225 -16.41 12.18 27.71
N LYS B 226 -15.93 11.31 26.82
CA LYS B 226 -15.49 11.72 25.50
C LYS B 226 -16.51 11.40 24.41
N GLU B 227 -17.72 11.02 24.78
CA GLU B 227 -18.81 10.78 23.83
C GLU B 227 -18.45 9.71 22.80
N ILE B 228 -17.91 8.59 23.28
CA ILE B 228 -17.69 7.44 22.41
C ILE B 228 -19.05 6.87 22.03
N SER B 229 -19.40 6.94 20.77
CA SER B 229 -20.73 6.55 20.32
C SER B 229 -20.85 5.03 20.24
N LEU B 230 -22.06 4.56 19.98
CA LEU B 230 -22.37 3.13 20.02
C LEU B 230 -21.98 2.40 18.74
N GLU B 231 -21.57 3.11 17.70
CA GLU B 231 -21.11 2.46 16.47
C GLU B 231 -19.84 1.65 16.67
N THR B 232 -19.04 1.98 17.69
CA THR B 232 -17.86 1.17 17.98
C THR B 232 -18.24 -0.25 18.38
N ILE B 233 -19.33 -0.40 19.14
CA ILE B 233 -19.79 -1.73 19.51
C ILE B 233 -20.24 -2.50 18.28
N ALA B 234 -20.90 -1.83 17.34
CA ALA B 234 -21.30 -2.50 16.10
C ALA B 234 -20.08 -2.92 15.29
N GLN B 235 -19.06 -2.06 15.23
CA GLN B 235 -17.83 -2.43 14.52
C GLN B 235 -17.16 -3.63 15.16
N LEU B 236 -17.11 -3.65 16.50
CA LEU B 236 -16.52 -4.79 17.20
C LEU B 236 -17.31 -6.06 16.95
N ASN B 237 -18.64 -5.96 16.94
CA ASN B 237 -19.47 -7.13 16.66
C ASN B 237 -19.23 -7.66 15.25
N ARG B 238 -19.14 -6.75 14.27
CA ARG B 238 -18.86 -7.16 12.90
C ARG B 238 -17.50 -7.85 12.80
N ASP B 239 -16.49 -7.28 13.46
CA ASP B 239 -15.16 -7.87 13.42
C ASP B 239 -15.15 -9.25 14.07
N LEU B 240 -15.84 -9.40 15.19
CA LEU B 240 -15.89 -10.69 15.86
C LEU B 240 -16.62 -11.73 14.99
N VAL B 241 -17.71 -11.33 14.35
CA VAL B 241 -18.43 -12.25 13.48
C VAL B 241 -17.54 -12.68 12.31
N MET B 242 -16.86 -11.72 11.69
CA MET B 242 -15.98 -12.06 10.57
C MET B 242 -14.85 -12.98 11.00
N ALA B 243 -14.27 -12.72 12.18
CA ALA B 243 -13.21 -13.57 12.68
C ALA B 243 -13.71 -14.97 12.98
N ALA B 244 -14.91 -15.09 13.55
CA ALA B 244 -15.49 -16.41 13.80
C ALA B 244 -15.75 -17.14 12.50
N LEU B 245 -16.13 -16.42 11.44
CA LEU B 245 -16.29 -17.06 10.13
C LEU B 245 -14.96 -17.59 9.60
N ARG B 246 -13.85 -16.98 9.99
CA ARG B 246 -12.54 -17.40 9.53
C ARG B 246 -11.89 -18.44 10.45
N GLY B 247 -12.60 -18.89 11.48
CA GLY B 247 -12.03 -19.86 12.40
C GLY B 247 -10.88 -19.34 13.22
N ILE B 248 -10.99 -18.14 13.76
CA ILE B 248 -9.94 -17.57 14.59
C ILE B 248 -10.11 -18.07 16.02
N GLU B 249 -9.04 -18.64 16.58
CA GLU B 249 -9.08 -19.17 17.94
C GLU B 249 -8.42 -18.21 18.91
N PRO B 250 -9.07 -17.86 20.01
CA PRO B 250 -8.45 -16.96 20.99
C PRO B 250 -7.22 -17.58 21.62
N ASN B 251 -6.27 -16.72 21.97
CA ASN B 251 -5.02 -17.15 22.59
C ASN B 251 -5.23 -17.36 24.09
N THR B 252 -4.16 -17.74 24.77
CA THR B 252 -4.24 -17.94 26.22
C THR B 252 -4.45 -16.60 26.92
N PRO B 253 -5.23 -16.57 27.99
CA PRO B 253 -5.49 -15.31 28.69
C PRO B 253 -4.24 -14.78 29.37
N ILE B 254 -4.22 -13.46 29.57
CA ILE B 254 -3.10 -12.79 30.21
C ILE B 254 -3.29 -12.90 31.72
N VAL B 255 -2.49 -13.76 32.34
CA VAL B 255 -2.57 -13.97 33.79
C VAL B 255 -1.84 -12.84 34.50
N PRO B 256 -2.46 -12.16 35.45
CA PRO B 256 -1.76 -11.09 36.18
C PRO B 256 -0.63 -11.65 37.03
N ALA B 257 0.39 -10.83 37.21
CA ALA B 257 1.56 -11.23 37.99
C ALA B 257 1.24 -11.29 39.48
N MET C 1 -9.86 -22.29 13.83
CA MET C 1 -9.60 -23.73 13.87
C MET C 1 -10.89 -24.51 13.65
N THR C 2 -11.73 -24.56 14.69
CA THR C 2 -13.00 -25.26 14.57
C THR C 2 -13.95 -24.52 13.63
N GLY C 3 -13.91 -23.19 13.63
CA GLY C 3 -14.73 -22.41 12.72
C GLY C 3 -15.87 -21.68 13.41
N VAL C 4 -17.10 -22.00 13.02
CA VAL C 4 -18.27 -21.33 13.57
C VAL C 4 -18.43 -21.62 15.06
N LEU C 5 -18.04 -22.82 15.50
CA LEU C 5 -18.21 -23.21 16.90
C LEU C 5 -17.46 -22.27 17.83
N THR C 6 -16.51 -21.50 17.30
CA THR C 6 -15.79 -20.50 18.09
C THR C 6 -16.76 -19.54 18.79
N LEU C 7 -17.93 -19.30 18.19
CA LEU C 7 -18.92 -18.44 18.83
C LEU C 7 -19.34 -18.93 20.21
N THR C 8 -19.23 -20.23 20.47
CA THR C 8 -19.56 -20.76 21.79
C THR C 8 -18.55 -20.28 22.84
N ARG C 9 -17.34 -19.93 22.42
CA ARG C 9 -16.27 -19.66 23.38
C ARG C 9 -16.46 -18.31 24.07
N THR C 10 -16.84 -17.28 23.33
CA THR C 10 -16.91 -15.92 23.85
C THR C 10 -18.34 -15.49 24.07
N SER C 11 -18.51 -14.45 24.90
CA SER C 11 -19.83 -13.91 25.19
C SER C 11 -20.46 -13.28 23.95
N VAL C 12 -19.66 -12.60 23.13
CA VAL C 12 -20.20 -11.95 21.95
C VAL C 12 -20.71 -12.99 20.96
N GLY C 13 -20.04 -14.15 20.87
CA GLY C 13 -20.56 -15.22 20.04
C GLY C 13 -21.90 -15.74 20.53
N LYS C 14 -22.05 -15.84 21.86
CA LYS C 14 -23.35 -16.23 22.42
C LYS C 14 -24.41 -15.20 22.08
N LYS C 15 -24.04 -13.91 22.13
CA LYS C 15 -24.99 -12.86 21.76
C LYS C 15 -25.38 -12.96 20.28
N VAL C 16 -24.43 -13.31 19.42
CA VAL C 16 -24.73 -13.47 17.99
C VAL C 16 -25.68 -14.64 17.78
N ILE C 17 -25.43 -15.76 18.47
CA ILE C 17 -26.33 -16.90 18.39
C ILE C 17 -27.73 -16.50 18.86
N MET C 18 -27.78 -15.76 19.97
CA MET C 18 -29.06 -15.28 20.49
C MET C 18 -29.76 -14.37 19.49
N ALA C 19 -29.00 -13.54 18.76
CA ALA C 19 -29.58 -12.63 17.79
C ALA C 19 -30.17 -13.40 16.61
N LEU C 20 -29.47 -14.40 16.10
CA LEU C 20 -30.02 -15.21 15.02
C LEU C 20 -31.27 -15.95 15.47
N THR C 21 -31.24 -16.52 16.68
CA THR C 21 -32.42 -17.18 17.21
C THR C 21 -33.57 -16.20 17.38
N GLY C 22 -33.28 -14.97 17.83
CA GLY C 22 -34.31 -13.97 17.96
C GLY C 22 -34.91 -13.58 16.63
N PHE C 23 -34.08 -13.51 15.58
CA PHE C 23 -34.59 -13.31 14.23
C PHE C 23 -35.62 -14.38 13.88
N VAL C 24 -35.23 -15.65 14.06
CA VAL C 24 -36.13 -16.74 13.71
C VAL C 24 -37.42 -16.68 14.53
N LEU C 25 -37.29 -16.44 15.84
CA LEU C 25 -38.45 -16.44 16.72
C LEU C 25 -39.37 -15.27 16.44
N VAL C 26 -38.81 -14.10 16.12
CA VAL C 26 -39.63 -12.95 15.77
C VAL C 26 -40.41 -13.22 14.49
N GLY C 27 -39.73 -13.80 13.50
CA GLY C 27 -40.44 -14.17 12.27
C GLY C 27 -41.58 -15.12 12.55
N PHE C 28 -41.33 -16.15 13.37
CA PHE C 28 -42.38 -17.11 13.68
C PHE C 28 -43.52 -16.46 14.44
N VAL C 29 -43.22 -15.56 15.39
CA VAL C 29 -44.26 -14.91 16.17
C VAL C 29 -45.13 -14.05 15.28
N VAL C 30 -44.51 -13.28 14.38
CA VAL C 30 -45.29 -12.44 13.47
C VAL C 30 -46.18 -13.29 12.58
N PHE C 31 -45.62 -14.38 12.03
CA PHE C 31 -46.42 -15.25 11.17
C PHE C 31 -47.57 -15.88 11.95
N HIS C 32 -47.32 -16.29 13.19
CA HIS C 32 -48.36 -16.91 14.00
C HIS C 32 -49.47 -15.92 14.33
N MET C 33 -49.11 -14.67 14.64
CA MET C 33 -50.14 -13.66 14.90
C MET C 33 -50.97 -13.40 13.64
N TYR C 34 -50.31 -13.29 12.49
CA TYR C 34 -51.03 -13.09 11.25
C TYR C 34 -51.99 -14.25 10.96
N GLY C 35 -51.53 -15.47 11.21
CA GLY C 35 -52.41 -16.62 11.02
C GLY C 35 -53.58 -16.65 11.97
N ASN C 36 -53.32 -16.36 13.25
CA ASN C 36 -54.39 -16.36 14.25
C ASN C 36 -55.37 -15.22 14.03
N LEU C 37 -54.98 -14.18 13.29
CA LEU C 37 -55.92 -13.11 12.97
C LEU C 37 -57.10 -13.60 12.13
N LYS C 38 -56.99 -14.77 11.51
CA LYS C 38 -58.04 -15.28 10.65
C LYS C 38 -59.27 -15.78 11.41
N MET C 39 -59.18 -15.93 12.73
CA MET C 39 -60.31 -16.47 13.48
C MET C 39 -61.51 -15.52 13.48
N TYR C 40 -61.32 -14.25 13.12
CA TYR C 40 -62.44 -13.34 13.02
C TYR C 40 -63.28 -13.61 11.78
N GLN C 41 -62.72 -14.25 10.75
CA GLN C 41 -63.47 -14.55 9.55
C GLN C 41 -64.62 -15.52 9.84
N GLY C 42 -64.36 -16.53 10.66
CA GLY C 42 -65.36 -17.52 10.99
C GLY C 42 -64.75 -18.87 11.24
N PRO C 43 -65.55 -19.80 11.77
CA PRO C 43 -65.02 -21.15 12.03
C PRO C 43 -64.52 -21.86 10.80
N GLU C 44 -65.19 -21.66 9.66
CA GLU C 44 -64.79 -22.35 8.44
C GLU C 44 -63.39 -21.93 7.99
N VAL C 45 -63.14 -20.62 7.96
CA VAL C 45 -61.84 -20.12 7.51
C VAL C 45 -60.73 -20.56 8.47
N TYR C 46 -60.98 -20.46 9.78
CA TYR C 46 -59.97 -20.85 10.75
C TYR C 46 -59.66 -22.35 10.66
N ASN C 47 -60.70 -23.17 10.53
CA ASN C 47 -60.48 -24.61 10.39
C ASN C 47 -59.74 -24.93 9.09
N ALA C 48 -60.08 -24.24 8.00
CA ALA C 48 -59.40 -24.47 6.74
C ALA C 48 -57.93 -24.09 6.84
N TYR C 49 -57.61 -22.98 7.51
CA TYR C 49 -56.23 -22.59 7.70
C TYR C 49 -55.48 -23.60 8.55
N ALA C 50 -56.11 -24.08 9.62
CA ALA C 50 -55.47 -25.08 10.47
C ALA C 50 -55.20 -26.36 9.70
N ALA C 51 -56.16 -26.79 8.88
CA ALA C 51 -55.97 -28.00 8.08
C ALA C 51 -54.88 -27.81 7.03
N GLY C 52 -54.86 -26.64 6.38
CA GLY C 52 -53.87 -26.38 5.35
C GLY C 52 -52.47 -26.19 5.87
N LEU C 53 -52.34 -25.83 7.15
CA LEU C 53 -51.01 -25.78 7.76
C LEU C 53 -50.32 -27.14 7.69
N ARG C 54 -51.09 -28.22 7.72
CA ARG C 54 -50.55 -29.57 7.65
C ARG C 54 -50.42 -30.10 6.23
N GLU C 55 -50.88 -29.35 5.23
CA GLU C 55 -50.89 -29.79 3.85
C GLU C 55 -50.13 -28.82 2.94
N LEU C 56 -48.97 -28.38 3.39
CA LEU C 56 -48.14 -27.48 2.59
C LEU C 56 -47.53 -28.26 1.44
N GLY C 57 -47.94 -27.95 0.21
CA GLY C 57 -47.44 -28.66 -0.95
C GLY C 57 -47.82 -30.12 -0.95
N TYR C 58 -49.10 -30.41 -0.66
CA TYR C 58 -49.56 -31.79 -0.58
C TYR C 58 -49.26 -32.63 -1.81
N PRO C 59 -49.47 -32.17 -3.05
CA PRO C 59 -49.06 -33.00 -4.19
C PRO C 59 -47.58 -33.29 -4.23
N ILE C 60 -46.74 -32.37 -3.75
CA ILE C 60 -45.29 -32.56 -3.81
C ILE C 60 -44.79 -33.09 -2.47
N PHE C 61 -44.98 -32.32 -1.41
CA PHE C 61 -44.50 -32.69 -0.08
C PHE C 61 -45.52 -33.56 0.64
N GLY C 62 -45.03 -34.42 1.51
CA GLY C 62 -45.88 -35.34 2.24
C GLY C 62 -46.67 -34.64 3.34
N HIS C 63 -47.52 -35.44 3.98
CA HIS C 63 -48.37 -34.92 5.05
C HIS C 63 -47.52 -34.62 6.29
N GLU C 64 -47.63 -33.39 6.80
CA GLU C 64 -46.92 -32.96 7.99
C GLU C 64 -45.41 -33.12 7.83
N HIS C 65 -44.87 -32.58 6.74
CA HIS C 65 -43.44 -32.61 6.48
C HIS C 65 -42.79 -31.25 6.73
N LEU C 66 -43.29 -30.20 6.08
CA LEU C 66 -42.76 -28.86 6.33
C LEU C 66 -43.06 -28.41 7.75
N LEU C 67 -44.23 -28.79 8.27
CA LEU C 67 -44.60 -28.41 9.63
C LEU C 67 -43.64 -28.99 10.65
N TRP C 68 -43.27 -30.27 10.48
CA TRP C 68 -42.34 -30.89 11.42
C TRP C 68 -40.95 -30.27 11.32
N ILE C 69 -40.53 -29.88 10.11
CA ILE C 69 -39.25 -29.21 9.95
C ILE C 69 -39.26 -27.87 10.69
N ALA C 70 -40.35 -27.12 10.55
CA ALA C 70 -40.48 -25.85 11.25
C ALA C 70 -40.49 -26.07 12.76
N ARG C 71 -41.17 -27.11 13.22
CA ARG C 71 -41.21 -27.41 14.65
C ARG C 71 -39.81 -27.73 15.18
N PHE C 72 -39.05 -28.54 14.45
CA PHE C 72 -37.70 -28.88 14.87
C PHE C 72 -36.81 -27.63 14.89
N ILE C 73 -36.92 -26.78 13.87
CA ILE C 73 -36.12 -25.56 13.83
C ILE C 73 -36.46 -24.67 15.02
N LEU C 74 -37.75 -24.52 15.31
CA LEU C 74 -38.16 -23.68 16.45
C LEU C 74 -37.66 -24.26 17.77
N LEU C 75 -37.73 -25.59 17.93
CA LEU C 75 -37.26 -26.20 19.16
C LEU C 75 -35.77 -25.98 19.35
N ALA C 76 -34.99 -26.18 18.29
CA ALA C 76 -33.54 -25.97 18.39
C ALA C 76 -33.24 -24.51 18.71
N SER C 77 -33.93 -23.59 18.04
CA SER C 77 -33.69 -22.17 18.28
C SER C 77 -34.02 -21.79 19.72
N VAL C 78 -35.17 -22.23 20.22
CA VAL C 78 -35.55 -21.86 21.57
C VAL C 78 -34.61 -22.49 22.61
N PHE C 79 -34.13 -23.72 22.35
CA PHE C 79 -33.17 -24.31 23.28
C PHE C 79 -31.88 -23.52 23.30
N LEU C 80 -31.37 -23.12 22.14
CA LEU C 80 -30.16 -22.29 22.10
C LEU C 80 -30.39 -20.97 22.80
N HIS C 81 -31.56 -20.36 22.60
CA HIS C 81 -31.88 -19.09 23.26
C HIS C 81 -31.87 -19.24 24.77
N ILE C 82 -32.51 -20.31 25.27
CA ILE C 82 -32.55 -20.52 26.72
C ILE C 82 -31.13 -20.70 27.27
N TRP C 83 -30.33 -21.52 26.60
CA TRP C 83 -28.98 -21.79 27.09
C TRP C 83 -28.14 -20.51 27.10
N ALA C 84 -28.17 -19.74 26.01
CA ALA C 84 -27.38 -18.52 25.94
C ALA C 84 -27.84 -17.49 26.97
N ALA C 85 -29.16 -17.32 27.11
CA ALA C 85 -29.67 -16.35 28.07
C ALA C 85 -29.29 -16.72 29.50
N THR C 86 -29.42 -18.01 29.84
CA THR C 86 -29.04 -18.43 31.18
C THR C 86 -27.56 -18.21 31.43
N SER C 87 -26.72 -18.56 30.45
CA SER C 87 -25.27 -18.39 30.62
C SER C 87 -24.92 -16.91 30.81
N LEU C 88 -25.49 -16.04 29.99
CA LEU C 88 -25.17 -14.61 30.09
C LEU C 88 -25.69 -14.02 31.40
N THR C 89 -26.89 -14.42 31.83
CA THR C 89 -27.42 -13.92 33.09
C THR C 89 -26.54 -14.35 34.26
N LEU C 90 -26.10 -15.62 34.27
CA LEU C 90 -25.22 -16.08 35.33
C LEU C 90 -23.89 -15.33 35.31
N GLN C 91 -23.35 -15.08 34.11
CA GLN C 91 -22.10 -14.33 34.02
C GLN C 91 -22.25 -12.92 34.57
N SER C 92 -23.35 -12.25 34.24
CA SER C 92 -23.57 -10.90 34.76
C SER C 92 -23.75 -10.91 36.27
N ARG C 93 -24.48 -11.91 36.79
CA ARG C 93 -24.66 -12.01 38.23
C ARG C 93 -23.32 -12.20 38.93
N ARG C 94 -22.46 -13.05 38.39
CA ARG C 94 -21.12 -13.20 38.96
C ARG C 94 -20.32 -11.91 38.85
N SER C 95 -20.47 -11.18 37.74
CA SER C 95 -19.73 -9.94 37.55
C SER C 95 -20.17 -8.83 38.50
N LEU C 96 -21.40 -8.92 39.02
CA LEU C 96 -21.87 -7.90 39.96
C LEU C 96 -21.88 -8.37 41.41
N GLN C 97 -21.67 -9.65 41.67
CA GLN C 97 -21.83 -10.17 43.03
C GLN C 97 -20.76 -9.61 43.98
N ALA C 98 -19.51 -9.51 43.51
CA ALA C 98 -18.39 -9.22 44.40
C ALA C 98 -18.53 -7.87 45.09
N SER C 99 -18.75 -6.81 44.32
CA SER C 99 -18.78 -5.44 44.85
C SER C 99 -20.21 -4.91 44.79
N SER C 100 -20.94 -5.07 45.88
CA SER C 100 -22.31 -4.57 46.00
C SER C 100 -22.56 -4.16 47.44
N ILE C 101 -23.31 -3.08 47.63
CA ILE C 101 -23.64 -2.63 48.98
C ILE C 101 -24.47 -3.67 49.71
N SER C 102 -25.30 -4.42 48.97
CA SER C 102 -26.12 -5.47 49.57
C SER C 102 -26.29 -6.59 48.54
N THR C 103 -26.83 -7.72 49.02
CA THR C 103 -27.07 -8.85 48.13
C THR C 103 -28.15 -8.55 47.10
N VAL C 104 -28.97 -7.52 47.32
CA VAL C 104 -30.04 -7.15 46.39
C VAL C 104 -29.82 -5.82 45.71
N ARG C 105 -28.79 -5.06 46.10
CA ARG C 105 -28.55 -3.74 45.53
C ARG C 105 -27.06 -3.53 45.32
N ARG C 106 -26.71 -2.90 44.20
CA ARG C 106 -25.31 -2.64 43.88
C ARG C 106 -24.87 -1.25 44.33
N TYR C 107 -25.56 -0.21 43.88
CA TYR C 107 -25.23 1.17 44.24
C TYR C 107 -26.25 1.71 45.23
N GLY C 108 -25.80 2.65 46.05
CA GLY C 108 -26.70 3.28 47.01
C GLY C 108 -27.80 4.08 46.35
N GLN C 109 -27.50 4.74 45.23
CA GLN C 109 -28.44 5.68 44.62
C GLN C 109 -28.39 5.68 43.10
N HIS C 110 -28.12 4.53 42.48
CA HIS C 110 -28.00 4.46 41.02
C HIS C 110 -29.26 4.92 40.33
N LYS C 111 -29.10 5.79 39.32
CA LYS C 111 -30.19 6.26 38.48
C LYS C 111 -29.84 5.99 37.03
N ARG C 112 -30.69 5.23 36.35
CA ARG C 112 -30.45 4.84 34.96
C ARG C 112 -31.03 5.88 34.03
N GLN C 113 -30.16 6.49 33.21
CA GLN C 113 -30.62 7.43 32.19
C GLN C 113 -31.30 6.70 31.04
N SER C 114 -30.75 5.55 30.65
CA SER C 114 -31.31 4.76 29.56
C SER C 114 -32.41 3.85 30.11
N GLY C 115 -32.82 2.86 29.32
CA GLY C 115 -33.91 1.99 29.70
C GLY C 115 -33.52 0.96 30.75
N TYR C 116 -34.52 0.22 31.21
CA TYR C 116 -34.36 -0.84 32.19
C TYR C 116 -34.40 -2.22 31.55
N ALA C 117 -33.87 -2.36 30.34
CA ALA C 117 -33.99 -3.60 29.58
C ALA C 117 -33.45 -4.81 30.33
N ASP C 118 -32.45 -4.63 31.18
CA ASP C 118 -31.85 -5.75 31.90
C ASP C 118 -32.90 -6.49 32.72
N TYR C 119 -33.88 -5.77 33.26
CA TYR C 119 -34.95 -6.39 34.03
C TYR C 119 -36.06 -6.91 33.14
N THR C 120 -36.54 -6.07 32.23
CA THR C 120 -37.68 -6.44 31.38
C THR C 120 -37.36 -7.65 30.52
N MET C 121 -36.18 -7.66 29.88
CA MET C 121 -35.81 -8.76 29.01
C MET C 121 -35.77 -10.08 29.78
N ARG C 122 -35.12 -10.09 30.94
CA ARG C 122 -34.95 -11.33 31.70
C ARG C 122 -36.28 -11.83 32.25
N PHE C 123 -37.05 -10.95 32.90
CA PHE C 123 -38.31 -11.38 33.48
C PHE C 123 -39.31 -11.80 32.40
N GLY C 124 -39.37 -11.03 31.30
CA GLY C 124 -40.22 -11.41 30.20
C GLY C 124 -39.80 -12.72 29.56
N GLY C 125 -38.49 -12.98 29.50
CA GLY C 125 -38.04 -14.26 28.98
C GLY C 125 -38.47 -15.43 29.83
N VAL C 126 -38.32 -15.29 31.15
CA VAL C 126 -38.76 -16.36 32.04
C VAL C 126 -40.27 -16.59 31.92
N LEU C 127 -41.03 -15.50 31.93
CA LEU C 127 -42.48 -15.61 31.80
C LEU C 127 -42.87 -16.20 30.46
N ILE C 128 -42.13 -15.87 29.40
CA ILE C 128 -42.42 -16.39 28.07
C ILE C 128 -42.12 -17.88 28.00
N PHE C 129 -41.05 -18.32 28.65
CA PHE C 129 -40.76 -19.76 28.71
C PHE C 129 -41.88 -20.50 29.40
N PHE C 130 -42.32 -20.01 30.56
CA PHE C 130 -43.40 -20.67 31.28
C PHE C 130 -44.69 -20.66 30.47
N PHE C 131 -45.00 -19.53 29.83
CA PHE C 131 -46.21 -19.42 29.03
C PHE C 131 -46.15 -20.32 27.80
N ILE C 132 -44.98 -20.45 27.18
CA ILE C 132 -44.85 -21.34 26.04
C ILE C 132 -45.11 -22.78 26.46
N ILE C 133 -44.57 -23.19 27.61
CA ILE C 133 -44.86 -24.54 28.10
C ILE C 133 -46.35 -24.70 28.33
N TYR C 134 -46.98 -23.74 29.01
CA TYR C 134 -48.41 -23.86 29.31
C TYR C 134 -49.25 -23.84 28.04
N HIS C 135 -48.87 -23.02 27.06
CA HIS C 135 -49.61 -22.91 25.81
C HIS C 135 -49.53 -24.19 25.00
N ILE C 136 -48.33 -24.76 24.88
CA ILE C 136 -48.18 -26.04 24.18
C ILE C 136 -48.98 -27.11 24.88
N LEU C 137 -48.98 -27.10 26.22
CA LEU C 137 -49.72 -28.10 26.97
C LEU C 137 -51.22 -27.82 27.01
N HIS C 138 -51.65 -26.63 26.61
CA HIS C 138 -53.03 -26.19 26.79
C HIS C 138 -53.86 -26.28 25.51
N LEU C 139 -53.37 -25.72 24.41
CA LEU C 139 -54.14 -25.66 23.18
C LEU C 139 -53.81 -26.78 22.21
N THR C 140 -52.53 -27.09 22.02
CA THR C 140 -52.17 -28.16 21.10
C THR C 140 -52.59 -29.52 21.65
N PHE C 141 -52.36 -29.76 22.93
CA PHE C 141 -52.68 -31.06 23.53
C PHE C 141 -54.04 -31.06 24.21
N GLY C 142 -54.48 -29.93 24.75
CA GLY C 142 -55.77 -29.85 25.40
C GLY C 142 -55.90 -30.70 26.65
N VAL C 143 -54.89 -30.70 27.51
CA VAL C 143 -54.91 -31.52 28.71
C VAL C 143 -54.73 -30.66 29.95
N VAL C 144 -55.12 -29.40 29.87
CA VAL C 144 -55.11 -28.51 31.03
C VAL C 144 -56.08 -27.38 30.78
N GLY C 145 -56.69 -26.88 31.85
CA GLY C 145 -57.61 -25.75 31.74
C GLY C 145 -58.82 -26.02 30.88
N TYR C 146 -59.29 -27.27 30.83
CA TYR C 146 -60.40 -27.64 29.97
C TYR C 146 -61.38 -28.51 30.75
N GLU C 147 -62.67 -28.16 30.66
CA GLU C 147 -63.70 -29.03 31.18
C GLU C 147 -63.76 -30.30 30.35
N PRO C 148 -63.98 -31.47 30.97
CA PRO C 148 -64.01 -32.71 30.21
C PRO C 148 -65.10 -32.69 29.14
N GLY C 149 -64.79 -33.31 28.00
CA GLY C 149 -65.70 -33.30 26.86
C GLY C 149 -65.87 -31.94 26.21
N GLN C 150 -64.81 -31.15 26.14
CA GLN C 150 -64.86 -29.87 25.45
C GLN C 150 -63.77 -29.72 24.40
N PHE C 151 -62.59 -30.28 24.63
CA PHE C 151 -61.49 -30.18 23.67
C PHE C 151 -61.63 -31.30 22.64
N ILE C 152 -61.67 -30.93 21.36
CA ILE C 152 -61.82 -31.88 20.27
C ILE C 152 -60.47 -32.09 19.62
N HIS C 153 -59.97 -33.32 19.71
CA HIS C 153 -58.70 -33.64 19.07
C HIS C 153 -58.87 -33.68 17.55
N PRO C 154 -57.81 -33.37 16.80
CA PRO C 154 -57.90 -33.46 15.34
C PRO C 154 -58.12 -34.89 14.87
N HIS C 155 -59.28 -35.17 14.29
CA HIS C 155 -59.64 -36.50 13.82
C HIS C 155 -59.58 -36.52 12.29
N GLY C 156 -58.84 -37.50 11.75
CA GLY C 156 -58.72 -37.64 10.31
C GLY C 156 -58.11 -36.43 9.64
N ASP C 157 -58.88 -35.75 8.81
CA ASP C 157 -58.43 -34.55 8.11
C ASP C 157 -59.24 -33.33 8.46
N VAL C 158 -60.06 -33.39 9.51
CA VAL C 158 -60.85 -32.26 9.96
C VAL C 158 -60.26 -31.73 11.26
N TYR C 159 -60.43 -30.44 11.49
CA TYR C 159 -59.87 -29.76 12.66
C TYR C 159 -60.94 -28.89 13.31
N GLU C 160 -60.92 -28.84 14.63
CA GLU C 160 -61.86 -28.02 15.38
C GLU C 160 -61.12 -27.01 16.24
N THR C 161 -60.13 -26.34 15.67
CA THR C 161 -59.34 -25.36 16.42
C THR C 161 -60.20 -24.17 16.85
N TYR C 162 -61.20 -23.81 16.05
CA TYR C 162 -62.09 -22.72 16.43
C TYR C 162 -62.86 -23.07 17.71
N ASN C 163 -63.37 -24.29 17.81
CA ASN C 163 -64.07 -24.70 19.01
C ASN C 163 -63.14 -24.73 20.21
N ASN C 164 -61.91 -25.22 20.03
CA ASN C 164 -60.95 -25.25 21.12
C ASN C 164 -60.62 -23.84 21.59
N VAL C 165 -60.45 -22.90 20.66
CA VAL C 165 -60.17 -21.53 21.04
C VAL C 165 -61.35 -20.91 21.79
N VAL C 166 -62.56 -21.13 21.27
CA VAL C 166 -63.74 -20.52 21.91
C VAL C 166 -64.02 -21.14 23.26
N TYR C 167 -63.62 -22.39 23.50
CA TYR C 167 -63.79 -23.02 24.80
C TYR C 167 -62.56 -22.88 25.69
N GLY C 168 -61.49 -22.27 25.19
CA GLY C 168 -60.27 -22.12 25.98
C GLY C 168 -60.25 -20.88 26.84
N PHE C 169 -60.48 -19.71 26.24
CA PHE C 169 -60.40 -18.44 26.95
C PHE C 169 -61.75 -18.17 27.65
N GLN C 170 -62.00 -18.95 28.69
CA GLN C 170 -63.17 -18.79 29.53
C GLN C 170 -62.83 -18.48 30.98
N ASN C 171 -61.80 -19.12 31.52
CA ASN C 171 -61.37 -18.82 32.89
C ASN C 171 -60.71 -17.44 32.93
N PRO C 172 -61.15 -16.55 33.81
CA PRO C 172 -60.49 -15.24 33.90
C PRO C 172 -59.01 -15.33 34.24
N LEU C 173 -58.60 -16.32 35.01
CA LEU C 173 -57.18 -16.48 35.32
C LEU C 173 -56.38 -16.76 34.05
N ILE C 174 -56.91 -17.58 33.16
CA ILE C 174 -56.20 -17.93 31.94
C ILE C 174 -56.02 -16.69 31.06
N VAL C 175 -57.09 -15.91 30.89
CA VAL C 175 -56.98 -14.72 30.04
C VAL C 175 -56.08 -13.67 30.69
N GLY C 176 -56.09 -13.57 32.02
CA GLY C 176 -55.18 -12.65 32.68
C GLY C 176 -53.73 -13.06 32.49
N PHE C 177 -53.44 -14.36 32.61
CA PHE C 177 -52.09 -14.85 32.37
C PHE C 177 -51.67 -14.57 30.93
N TYR C 178 -52.57 -14.81 29.97
CA TYR C 178 -52.26 -14.54 28.57
C TYR C 178 -51.98 -13.07 28.34
N LEU C 179 -52.77 -12.18 28.95
CA LEU C 179 -52.56 -10.75 28.78
C LEU C 179 -51.24 -10.30 29.38
N LEU C 180 -50.90 -10.79 30.57
CA LEU C 180 -49.62 -10.44 31.19
C LEU C 180 -48.46 -10.92 30.33
N THR C 181 -48.54 -12.15 29.83
CA THR C 181 -47.48 -12.65 28.96
C THR C 181 -47.38 -11.84 27.68
N MET C 182 -48.52 -11.42 27.13
CA MET C 182 -48.49 -10.61 25.91
C MET C 182 -47.83 -9.26 26.16
N VAL C 183 -48.10 -8.65 27.32
CA VAL C 183 -47.46 -7.39 27.65
C VAL C 183 -45.95 -7.57 27.76
N PHE C 184 -45.52 -8.61 28.47
CA PHE C 184 -44.09 -8.85 28.63
C PHE C 184 -43.43 -9.16 27.29
N LEU C 185 -44.11 -9.92 26.44
CA LEU C 185 -43.59 -10.22 25.10
C LEU C 185 -43.54 -8.97 24.24
N ALA C 186 -44.49 -8.04 24.41
CA ALA C 186 -44.44 -6.79 23.68
C ALA C 186 -43.20 -5.99 24.06
N LEU C 187 -42.92 -5.91 25.37
CA LEU C 187 -41.68 -5.23 25.79
C LEU C 187 -40.46 -5.95 25.26
N HIS C 188 -40.47 -7.30 25.32
CA HIS C 188 -39.35 -8.09 24.85
C HIS C 188 -39.06 -7.82 23.38
N LEU C 189 -40.11 -7.81 22.55
CA LEU C 189 -39.92 -7.52 21.14
C LEU C 189 -39.46 -6.08 20.92
N TYR C 190 -40.08 -5.14 21.62
CA TYR C 190 -39.73 -3.73 21.47
C TYR C 190 -38.25 -3.49 21.73
N HIS C 191 -37.64 -4.27 22.64
CA HIS C 191 -36.20 -4.14 22.81
C HIS C 191 -35.43 -5.00 21.81
N GLY C 192 -35.83 -6.26 21.65
CA GLY C 192 -35.01 -7.22 20.95
C GLY C 192 -34.94 -7.02 19.46
N VAL C 193 -35.96 -6.41 18.86
CA VAL C 193 -35.93 -6.21 17.41
C VAL C 193 -34.77 -5.30 17.02
N TRP C 194 -34.55 -4.23 17.78
CA TRP C 194 -33.38 -3.40 17.56
C TRP C 194 -32.12 -4.03 18.13
N SER C 195 -32.24 -4.77 19.25
CA SER C 195 -31.06 -5.34 19.88
C SER C 195 -30.38 -6.36 18.98
N MET C 196 -31.16 -7.15 18.24
CA MET C 196 -30.57 -8.16 17.37
C MET C 196 -29.85 -7.52 16.18
N PHE C 197 -30.40 -6.43 15.65
CA PHE C 197 -29.71 -5.70 14.59
C PHE C 197 -28.41 -5.09 15.10
N GLN C 198 -28.43 -4.54 16.32
CA GLN C 198 -27.21 -3.99 16.90
C GLN C 198 -26.17 -5.08 17.14
N THR C 199 -26.61 -6.25 17.62
CA THR C 199 -25.68 -7.33 17.94
C THR C 199 -24.97 -7.84 16.70
N LEU C 200 -25.69 -7.96 15.59
CA LEU C 200 -25.09 -8.44 14.35
C LEU C 200 -24.23 -7.38 13.66
N GLY C 201 -24.24 -6.15 14.14
CA GLY C 201 -23.46 -5.09 13.55
C GLY C 201 -24.10 -4.37 12.39
N TRP C 202 -25.37 -4.63 12.10
CA TRP C 202 -26.07 -3.97 10.99
C TRP C 202 -26.77 -2.70 11.49
N ASN C 203 -25.96 -1.77 11.98
CA ASN C 203 -26.50 -0.52 12.50
C ASN C 203 -25.48 0.59 12.28
N ASN C 204 -25.97 1.78 11.93
CA ASN C 204 -25.13 2.94 11.69
C ASN C 204 -25.86 4.18 12.19
N ARG C 205 -25.30 5.35 11.88
CA ARG C 205 -25.95 6.60 12.26
C ARG C 205 -27.27 6.78 11.51
N THR C 206 -27.30 6.41 10.23
CA THR C 206 -28.49 6.67 9.42
C THR C 206 -29.65 5.75 9.79
N TYR C 207 -29.37 4.47 10.03
CA TYR C 207 -30.41 3.47 10.19
C TYR C 207 -30.85 3.26 11.63
N ASP C 208 -30.27 3.98 12.59
CA ASP C 208 -30.62 3.75 14.00
C ASP C 208 -32.07 4.11 14.27
N ARG C 209 -32.50 5.29 13.86
CA ARG C 209 -33.88 5.71 14.09
C ARG C 209 -34.86 4.84 13.31
N LEU C 210 -34.50 4.47 12.08
CA LEU C 210 -35.36 3.60 11.30
C LEU C 210 -35.54 2.24 11.97
N LEU C 211 -34.45 1.66 12.48
CA LEU C 211 -34.54 0.39 13.18
C LEU C 211 -35.37 0.52 14.44
N ARG C 212 -35.20 1.61 15.19
CA ARG C 212 -35.99 1.83 16.39
C ARG C 212 -37.48 1.92 16.06
N GLY C 213 -37.82 2.65 15.01
CA GLY C 213 -39.21 2.75 14.60
C GLY C 213 -39.78 1.42 14.14
N LEU C 214 -38.98 0.64 13.41
CA LEU C 214 -39.42 -0.69 12.99
C LEU C 214 -39.69 -1.57 14.19
N ALA C 215 -38.80 -1.53 15.20
CA ALA C 215 -39.02 -2.28 16.43
C ALA C 215 -40.32 -1.84 17.11
N ILE C 216 -40.54 -0.52 17.18
CA ILE C 216 -41.73 -0.01 17.85
C ILE C 216 -42.99 -0.50 17.16
N VAL C 217 -43.03 -0.39 15.83
CA VAL C 217 -44.24 -0.75 15.11
C VAL C 217 -44.47 -2.26 15.15
N VAL C 218 -43.40 -3.05 15.05
CA VAL C 218 -43.55 -4.50 15.12
C VAL C 218 -44.07 -4.91 16.49
N ALA C 219 -43.50 -4.35 17.55
CA ALA C 219 -43.95 -4.67 18.90
C ALA C 219 -45.40 -4.27 19.11
N ALA C 220 -45.78 -3.07 18.65
CA ALA C 220 -47.16 -2.62 18.82
C ALA C 220 -48.14 -3.51 18.08
N ALA C 221 -47.81 -3.87 16.83
CA ALA C 221 -48.71 -4.72 16.05
C ALA C 221 -48.85 -6.09 16.69
N VAL C 222 -47.73 -6.68 17.13
CA VAL C 222 -47.77 -8.00 17.75
C VAL C 222 -48.59 -7.95 19.04
N PHE C 223 -48.37 -6.92 19.86
CA PHE C 223 -49.10 -6.79 21.11
C PHE C 223 -50.59 -6.65 20.87
N ILE C 224 -50.99 -5.78 19.94
CA ILE C 224 -52.40 -5.56 19.68
C ILE C 224 -53.05 -6.84 19.16
N GLY C 225 -52.40 -7.49 18.19
CA GLY C 225 -52.97 -8.71 17.64
C GLY C 225 -53.09 -9.82 18.67
N ASN C 226 -52.09 -9.97 19.53
CA ASN C 226 -52.11 -11.05 20.50
C ASN C 226 -53.08 -10.78 21.65
N ILE C 227 -53.32 -9.51 22.00
CA ILE C 227 -54.27 -9.22 23.07
C ILE C 227 -55.71 -9.09 22.57
N SER C 228 -55.91 -8.92 21.26
CA SER C 228 -57.27 -8.84 20.74
C SER C 228 -58.02 -10.17 20.93
N PHE C 229 -57.35 -11.29 20.70
CA PHE C 229 -58.02 -12.59 20.71
C PHE C 229 -58.62 -12.95 22.07
N PRO C 230 -57.87 -12.93 23.18
CA PRO C 230 -58.47 -13.40 24.44
C PRO C 230 -59.62 -12.53 24.92
N LEU C 231 -59.50 -11.22 24.77
CA LEU C 231 -60.59 -10.33 25.18
C LEU C 231 -61.84 -10.58 24.34
N ALA C 232 -61.66 -10.74 23.02
CA ALA C 232 -62.79 -10.99 22.14
C ALA C 232 -63.47 -12.32 22.48
N VAL C 233 -62.68 -13.35 22.78
CA VAL C 233 -63.26 -14.64 23.12
C VAL C 233 -64.00 -14.56 24.45
N TYR C 234 -63.39 -13.89 25.44
CA TYR C 234 -64.00 -13.83 26.77
C TYR C 234 -65.28 -13.00 26.77
N PHE C 235 -65.30 -11.91 26.01
CA PHE C 235 -66.44 -11.01 26.01
C PHE C 235 -67.55 -11.45 25.07
N GLY C 236 -67.39 -12.57 24.38
CA GLY C 236 -68.42 -13.08 23.51
C GLY C 236 -68.48 -12.46 22.13
N PHE C 237 -67.53 -11.60 21.78
CA PHE C 237 -67.49 -11.04 20.43
C PHE C 237 -67.27 -12.13 19.39
N VAL C 238 -66.41 -13.09 19.70
CA VAL C 238 -66.15 -14.24 18.84
C VAL C 238 -66.74 -15.47 19.54
N ALA C 239 -67.65 -16.15 18.85
CA ALA C 239 -68.31 -17.32 19.42
C ALA C 239 -68.63 -18.34 18.33
N VAL D 22 25.15 46.17 -13.45
CA VAL D 22 25.96 44.96 -13.59
C VAL D 22 25.10 43.75 -13.22
N LEU D 23 25.46 42.58 -13.75
CA LEU D 23 24.73 41.35 -13.53
C LEU D 23 25.38 40.54 -12.42
N ASP D 24 24.59 40.20 -11.40
CA ASP D 24 25.04 39.37 -10.30
C ASP D 24 24.31 38.03 -10.35
N SER D 25 25.07 36.96 -10.59
CA SER D 25 24.46 35.64 -10.69
C SER D 25 23.91 35.16 -9.35
N LYS D 26 24.53 35.59 -8.24
CA LYS D 26 24.10 35.22 -6.90
C LYS D 26 24.11 33.71 -6.68
N VAL D 27 25.02 33.01 -7.35
CA VAL D 27 25.17 31.57 -7.20
C VAL D 27 25.84 31.28 -5.86
N PRO D 28 25.53 30.16 -5.22
CA PRO D 28 26.20 29.82 -3.95
C PRO D 28 27.62 29.35 -4.19
N THR D 29 28.37 29.26 -3.10
CA THR D 29 29.76 28.81 -3.12
C THR D 29 29.86 27.40 -2.53
N GLY D 30 31.08 26.91 -2.43
CA GLY D 30 31.33 25.60 -1.90
C GLY D 30 31.09 24.50 -2.91
N PRO D 31 31.03 23.25 -2.43
CA PRO D 31 30.80 22.13 -3.34
C PRO D 31 29.45 22.24 -4.04
N ILE D 32 29.42 21.77 -5.29
CA ILE D 32 28.21 21.87 -6.10
C ILE D 32 27.10 20.97 -5.59
N GLU D 33 27.43 19.93 -4.81
CA GLU D 33 26.41 19.01 -4.33
C GLU D 33 25.57 19.61 -3.22
N GLN D 34 26.04 20.67 -2.55
CA GLN D 34 25.34 21.26 -1.43
C GLN D 34 25.03 22.73 -1.63
N ARG D 35 25.23 23.26 -2.83
CA ARG D 35 24.99 24.68 -3.07
C ARG D 35 23.52 25.02 -2.90
N TRP D 36 22.62 24.18 -3.42
CA TRP D 36 21.20 24.47 -3.33
C TRP D 36 20.70 24.43 -1.88
N ASP D 37 21.14 23.43 -1.11
CA ASP D 37 20.74 23.37 0.29
C ASP D 37 21.30 24.54 1.09
N LYS D 38 22.55 24.91 0.82
CA LYS D 38 23.14 26.05 1.49
C LYS D 38 22.37 27.33 1.18
N HIS D 39 21.99 27.51 -0.09
CA HIS D 39 21.21 28.70 -0.45
C HIS D 39 19.84 28.67 0.20
N ARG D 40 19.21 27.49 0.28
CA ARG D 40 17.91 27.38 0.93
C ARG D 40 18.00 27.75 2.40
N PHE D 41 19.08 27.32 3.07
CA PHE D 41 19.27 27.71 4.47
C PHE D 41 19.56 29.20 4.59
N GLU D 42 20.29 29.78 3.63
CA GLU D 42 20.65 31.19 3.72
C GLU D 42 19.46 32.10 3.46
N MET D 43 18.53 31.68 2.61
CA MET D 43 17.44 32.55 2.20
C MET D 43 16.48 32.81 3.37
N LYS D 44 15.86 34.00 3.34
CA LYS D 44 14.90 34.37 4.36
C LYS D 44 13.59 33.60 4.17
N LEU D 45 12.68 33.75 5.14
CA LEU D 45 11.40 33.07 5.12
C LEU D 45 10.30 34.05 5.49
N VAL D 46 9.08 33.70 5.06
CA VAL D 46 7.89 34.47 5.38
C VAL D 46 7.00 33.60 6.27
N ASN D 47 6.55 34.16 7.39
CA ASN D 47 5.72 33.42 8.32
C ASN D 47 4.38 33.09 7.65
N PRO D 48 3.81 31.92 7.99
CA PRO D 48 2.52 31.54 7.37
C PRO D 48 1.40 32.53 7.64
N ALA D 49 1.41 33.19 8.81
CA ALA D 49 0.39 34.20 9.09
C ALA D 49 0.54 35.42 8.21
N ASN D 50 1.79 35.77 7.85
CA ASN D 50 2.04 36.94 7.02
C ASN D 50 1.89 36.65 5.53
N ARG D 51 1.74 35.38 5.13
CA ARG D 51 1.67 35.05 3.71
C ARG D 51 0.40 35.58 3.07
N ARG D 52 -0.70 35.64 3.82
CA ARG D 52 -1.97 36.08 3.25
C ARG D 52 -2.01 37.56 2.94
N LYS D 53 -1.01 38.33 3.39
CA LYS D 53 -0.98 39.77 3.14
C LYS D 53 -0.26 40.15 1.86
N TYR D 54 0.24 39.17 1.10
CA TYR D 54 0.98 39.43 -0.12
C TYR D 54 0.16 38.99 -1.33
N THR D 55 0.29 39.74 -2.42
CA THR D 55 -0.38 39.44 -3.67
C THR D 55 0.66 39.19 -4.75
N ILE D 56 0.53 38.08 -5.46
CA ILE D 56 1.45 37.70 -6.52
C ILE D 56 0.66 37.52 -7.81
N ILE D 57 1.15 38.10 -8.90
CA ILE D 57 0.56 37.95 -10.21
C ILE D 57 1.39 36.94 -10.98
N VAL D 58 0.73 35.95 -11.58
CA VAL D 58 1.38 34.95 -12.41
C VAL D 58 0.75 35.01 -13.80
N VAL D 59 1.54 35.38 -14.80
CA VAL D 59 1.08 35.46 -16.17
C VAL D 59 1.49 34.18 -16.89
N GLY D 60 0.51 33.36 -17.23
CA GLY D 60 0.79 32.09 -17.89
C GLY D 60 0.20 30.90 -17.16
N SER D 61 -0.39 29.98 -17.91
CA SER D 61 -1.02 28.79 -17.34
C SER D 61 -0.46 27.52 -17.96
N GLY D 62 0.78 27.56 -18.44
CA GLY D 62 1.43 26.37 -18.94
C GLY D 62 1.87 25.47 -17.80
N LEU D 63 2.86 24.62 -18.02
CA LEU D 63 3.34 23.76 -16.95
C LEU D 63 3.95 24.58 -15.83
N ALA D 64 4.89 25.46 -16.16
CA ALA D 64 5.55 26.27 -15.14
C ALA D 64 4.55 27.21 -14.46
N GLY D 65 3.72 27.89 -15.26
CA GLY D 65 2.78 28.83 -14.68
C GLY D 65 1.76 28.17 -13.78
N ALA D 66 1.17 27.07 -14.23
CA ALA D 66 0.17 26.39 -13.43
C ALA D 66 0.79 25.79 -12.17
N SER D 67 1.97 25.18 -12.29
CA SER D 67 2.62 24.61 -11.11
C SER D 67 2.97 25.69 -10.10
N ALA D 68 3.50 26.82 -10.56
CA ALA D 68 3.84 27.91 -9.66
C ALA D 68 2.60 28.48 -8.99
N ALA D 69 1.53 28.67 -9.75
CA ALA D 69 0.30 29.21 -9.17
C ALA D 69 -0.28 28.26 -8.14
N ALA D 70 -0.30 26.96 -8.43
CA ALA D 70 -0.82 25.99 -7.48
C ALA D 70 0.02 25.95 -6.21
N THR D 71 1.35 25.95 -6.35
CA THR D 71 2.21 25.89 -5.19
C THR D 71 2.07 27.15 -4.33
N LEU D 72 2.01 28.32 -4.97
CA LEU D 72 1.87 29.56 -4.20
C LEU D 72 0.50 29.66 -3.55
N GLY D 73 -0.54 29.15 -4.20
CA GLY D 73 -1.85 29.08 -3.55
C GLY D 73 -1.86 28.14 -2.37
N GLU D 74 -1.15 27.01 -2.49
CA GLU D 74 -1.02 26.10 -1.36
C GLU D 74 -0.28 26.76 -0.20
N ALA D 75 0.75 27.55 -0.52
CA ALA D 75 1.50 28.24 0.54
C ALA D 75 0.61 29.23 1.29
N GLY D 76 -0.23 29.98 0.58
CA GLY D 76 -1.13 30.90 1.22
C GLY D 76 -1.19 32.27 0.58
N TYR D 77 -0.30 32.52 -0.38
CA TYR D 77 -0.28 33.83 -1.04
C TYR D 77 -1.54 34.02 -1.89
N ASN D 78 -1.94 35.27 -2.03
CA ASN D 78 -3.05 35.63 -2.91
C ASN D 78 -2.52 35.66 -4.34
N VAL D 79 -2.88 34.66 -5.13
CA VAL D 79 -2.31 34.46 -6.46
C VAL D 79 -3.34 34.87 -7.51
N LEU D 80 -2.89 35.63 -8.50
CA LEU D 80 -3.70 35.98 -9.65
C LEU D 80 -3.06 35.36 -10.89
N CYS D 81 -3.81 34.52 -11.59
CA CYS D 81 -3.32 33.84 -12.77
C CYS D 81 -4.08 34.35 -13.99
N PHE D 82 -3.36 34.50 -15.11
CA PHE D 82 -3.93 35.02 -16.33
C PHE D 82 -3.57 34.11 -17.49
N CYS D 83 -4.49 34.01 -18.45
CA CYS D 83 -4.23 33.27 -19.67
C CYS D 83 -5.16 33.77 -20.77
N TYR D 84 -4.64 33.82 -22.00
CA TYR D 84 -5.45 34.28 -23.11
C TYR D 84 -6.28 33.18 -23.74
N GLN D 85 -5.99 31.92 -23.43
CA GLN D 85 -6.79 30.82 -23.97
C GLN D 85 -8.12 30.74 -23.23
N ASP D 86 -8.99 29.85 -23.71
CA ASP D 86 -10.29 29.68 -23.07
C ASP D 86 -10.16 29.15 -21.65
N SER D 87 -9.25 28.21 -21.42
CA SER D 87 -9.04 27.60 -20.13
C SER D 87 -7.55 27.40 -19.91
N PRO D 88 -7.11 27.28 -18.64
CA PRO D 88 -5.69 27.00 -18.40
C PRO D 88 -5.21 25.71 -19.04
N ARG D 89 -6.08 24.71 -19.16
CA ARG D 89 -5.71 23.46 -19.80
C ARG D 89 -5.50 23.60 -21.30
N ARG D 90 -5.97 24.69 -21.89
CA ARG D 90 -5.81 24.94 -23.32
C ARG D 90 -4.46 25.57 -23.64
N ALA D 91 -3.64 25.82 -22.63
CA ALA D 91 -2.30 26.36 -22.82
C ALA D 91 -1.42 25.33 -23.53
N HIS D 92 -0.24 25.78 -23.96
CA HIS D 92 0.70 24.88 -24.61
C HIS D 92 1.42 24.04 -23.55
N SER D 93 2.48 23.35 -23.96
CA SER D 93 3.11 22.27 -23.21
C SER D 93 2.14 21.11 -23.01
N ILE D 94 1.00 21.13 -23.69
CA ILE D 94 0.05 20.03 -23.67
C ILE D 94 0.28 19.08 -24.84
N ALA D 95 1.03 19.51 -25.86
CA ALA D 95 1.33 18.69 -27.03
C ALA D 95 2.72 18.09 -26.97
N ALA D 96 3.34 18.10 -25.79
CA ALA D 96 4.68 17.54 -25.60
C ALA D 96 4.57 16.02 -25.64
N GLN D 97 4.79 15.47 -26.85
CA GLN D 97 4.67 14.03 -27.04
C GLN D 97 5.72 13.27 -26.27
N GLY D 98 6.95 13.78 -26.24
CA GLY D 98 8.03 13.08 -25.55
C GLY D 98 7.86 13.10 -24.05
N GLY D 99 8.61 12.21 -23.40
CA GLY D 99 8.51 12.04 -21.96
C GLY D 99 9.24 13.12 -21.19
N ILE D 100 9.57 12.80 -19.94
CA ILE D 100 10.26 13.71 -19.03
C ILE D 100 11.43 12.97 -18.40
N ASN D 101 12.59 13.63 -18.34
CA ASN D 101 13.79 13.01 -17.83
C ASN D 101 13.87 13.15 -16.32
N ALA D 102 14.53 12.18 -15.68
CA ALA D 102 14.77 12.22 -14.25
C ALA D 102 15.93 11.31 -13.92
N ALA D 103 16.70 11.69 -12.90
CA ALA D 103 17.87 10.92 -12.47
C ALA D 103 17.48 10.00 -11.31
N LYS D 104 16.63 9.03 -11.63
CA LYS D 104 16.17 8.06 -10.65
C LYS D 104 16.91 6.74 -10.71
N ASN D 105 17.52 6.41 -11.86
CA ASN D 105 18.27 5.16 -12.03
C ASN D 105 17.40 3.94 -11.73
N TYR D 106 16.14 4.00 -12.16
CA TYR D 106 15.25 2.85 -11.97
C TYR D 106 15.63 1.70 -12.88
N ARG D 107 16.27 1.99 -14.01
CA ARG D 107 16.68 0.94 -14.94
C ARG D 107 18.01 0.29 -14.56
N ASN D 108 18.75 0.86 -13.61
CA ASN D 108 20.00 0.31 -13.13
C ASN D 108 21.01 0.16 -14.28
N ASP D 109 21.33 1.30 -14.90
CA ASP D 109 22.23 1.32 -16.04
C ASP D 109 23.23 2.47 -15.96
N GLY D 110 23.53 2.94 -14.75
CA GLY D 110 24.55 3.96 -14.56
C GLY D 110 24.06 5.38 -14.48
N ASP D 111 22.75 5.60 -14.50
CA ASP D 111 22.23 6.96 -14.41
C ASP D 111 22.35 7.49 -13.00
N SER D 112 22.60 8.80 -12.88
CA SER D 112 22.72 9.45 -11.60
C SER D 112 22.50 10.95 -11.78
N ILE D 113 22.41 11.66 -10.65
CA ILE D 113 22.24 13.10 -10.70
C ILE D 113 23.45 13.77 -11.34
N TYR D 114 24.66 13.35 -10.95
CA TYR D 114 25.86 13.92 -11.53
C TYR D 114 25.95 13.59 -13.02
N ARG D 115 25.56 12.38 -13.41
CA ARG D 115 25.57 12.02 -14.83
C ARG D 115 24.59 12.89 -15.62
N LEU D 116 23.40 13.12 -15.07
CA LEU D 116 22.44 13.99 -15.75
C LEU D 116 22.96 15.41 -15.86
N PHE D 117 23.59 15.92 -14.80
CA PHE D 117 24.15 17.27 -14.84
C PHE D 117 25.24 17.36 -15.89
N TYR D 118 26.13 16.37 -15.95
CA TYR D 118 27.20 16.38 -16.95
C TYR D 118 26.62 16.32 -18.36
N ASP D 119 25.62 15.46 -18.57
CA ASP D 119 25.02 15.35 -19.90
C ASP D 119 24.34 16.64 -20.31
N THR D 120 23.64 17.29 -19.39
CA THR D 120 22.97 18.55 -19.71
C THR D 120 23.98 19.65 -20.01
N VAL D 121 25.04 19.74 -19.21
CA VAL D 121 26.01 20.81 -19.43
C VAL D 121 26.81 20.58 -20.70
N LYS D 122 27.05 19.31 -21.06
CA LYS D 122 27.78 19.02 -22.30
C LYS D 122 26.89 19.21 -23.53
N GLY D 123 25.61 18.88 -23.41
CA GLY D 123 24.69 19.06 -24.53
C GLY D 123 24.39 20.51 -24.82
N GLY D 124 24.56 21.40 -23.85
CA GLY D 124 24.41 22.82 -24.06
C GLY D 124 25.63 23.49 -24.67
N ASP D 125 26.67 22.71 -24.98
CA ASP D 125 27.90 23.22 -25.58
C ASP D 125 28.60 24.24 -24.68
N PHE D 126 28.46 24.06 -23.37
CA PHE D 126 29.14 24.89 -22.37
C PHE D 126 28.78 26.37 -22.54
N ARG D 127 27.49 26.65 -22.43
CA ARG D 127 27.00 28.01 -22.55
C ARG D 127 25.95 28.33 -21.48
N ALA D 128 26.07 27.71 -20.31
CA ALA D 128 25.11 27.93 -19.23
C ALA D 128 25.80 27.72 -17.89
N ARG D 129 25.21 28.29 -16.84
CA ARG D 129 25.75 28.16 -15.51
C ARG D 129 25.58 26.72 -15.00
N GLU D 130 26.58 26.25 -14.26
CA GLU D 130 26.56 24.88 -13.76
C GLU D 130 25.60 24.71 -12.58
N SER D 131 25.47 25.74 -11.74
CA SER D 131 24.65 25.60 -10.53
C SER D 131 23.19 25.36 -10.88
N ASN D 132 22.66 26.10 -11.86
CA ASN D 132 21.26 25.93 -12.25
C ASN D 132 21.03 24.51 -12.80
N VAL D 133 21.95 24.03 -13.62
CA VAL D 133 21.83 22.70 -14.20
C VAL D 133 21.83 21.64 -13.10
N TYR D 134 22.75 21.77 -12.14
CA TYR D 134 22.81 20.79 -11.06
C TYR D 134 21.57 20.85 -10.20
N ARG D 135 21.05 22.05 -9.94
CA ARG D 135 19.82 22.17 -9.16
C ARG D 135 18.66 21.50 -9.87
N LEU D 136 18.52 21.70 -11.18
CA LEU D 136 17.45 21.07 -11.93
C LEU D 136 17.58 19.55 -11.90
N ALA D 137 18.81 19.05 -12.11
CA ALA D 137 19.03 17.60 -12.08
C ALA D 137 18.75 17.03 -10.70
N GLN D 138 18.99 17.83 -9.65
CA GLN D 138 18.76 17.36 -8.29
C GLN D 138 17.27 17.32 -7.96
N VAL D 139 16.49 18.28 -8.47
CA VAL D 139 15.07 18.35 -8.15
C VAL D 139 14.22 17.53 -9.13
N SER D 140 14.81 16.98 -10.19
CA SER D 140 14.04 16.17 -11.13
C SER D 140 13.36 14.98 -10.44
N VAL D 141 14.03 14.38 -9.46
CA VAL D 141 13.45 13.22 -8.77
C VAL D 141 12.19 13.62 -8.02
N ASN D 142 12.24 14.74 -7.30
CA ASN D 142 11.05 15.25 -6.63
C ASN D 142 9.96 15.61 -7.63
N ILE D 143 10.35 16.13 -8.79
CA ILE D 143 9.38 16.41 -9.85
C ILE D 143 8.62 15.13 -10.21
N ILE D 144 9.36 14.05 -10.45
CA ILE D 144 8.73 12.80 -10.86
C ILE D 144 7.85 12.26 -9.74
N ASP D 145 8.32 12.33 -8.50
CA ASP D 145 7.51 11.84 -7.38
C ASP D 145 6.21 12.60 -7.26
N GLN D 146 6.28 13.93 -7.35
CA GLN D 146 5.06 14.74 -7.27
C GLN D 146 4.12 14.46 -8.43
N CYS D 147 4.67 14.29 -9.63
CA CYS D 147 3.83 13.98 -10.79
C CYS D 147 3.13 12.64 -10.62
N VAL D 148 3.85 11.64 -10.10
CA VAL D 148 3.24 10.33 -9.88
C VAL D 148 2.15 10.41 -8.83
N ALA D 149 2.42 11.12 -7.72
CA ALA D 149 1.44 11.17 -6.64
C ALA D 149 0.18 11.93 -7.03
N GLN D 150 0.28 12.83 -8.00
CA GLN D 150 -0.88 13.62 -8.41
C GLN D 150 -1.88 12.84 -9.24
N GLY D 151 -1.54 11.62 -9.65
CA GLY D 151 -2.44 10.82 -10.45
C GLY D 151 -2.12 10.77 -11.93
N VAL D 152 -0.93 11.18 -12.34
CA VAL D 152 -0.54 11.13 -13.75
C VAL D 152 -0.32 9.67 -14.13
N PRO D 153 -1.02 9.16 -15.14
CA PRO D 153 -0.90 7.73 -15.50
C PRO D 153 0.31 7.42 -16.37
N PHE D 154 1.47 7.33 -15.73
CA PHE D 154 2.69 6.97 -16.44
C PHE D 154 2.64 5.49 -16.84
N ALA D 155 3.44 5.15 -17.84
CA ALA D 155 3.50 3.78 -18.33
C ALA D 155 4.08 2.86 -17.27
N ARG D 156 3.42 1.74 -17.03
CA ARG D 156 3.82 0.77 -16.03
C ARG D 156 4.07 -0.58 -16.68
N GLU D 157 5.02 -1.32 -16.12
CA GLU D 157 5.25 -2.69 -16.57
C GLU D 157 4.25 -3.62 -15.91
N TYR D 158 4.37 -4.92 -16.20
CA TYR D 158 3.40 -5.88 -15.70
C TYR D 158 3.45 -6.03 -14.18
N GLY D 159 4.60 -5.79 -13.58
CA GLY D 159 4.73 -5.94 -12.14
C GLY D 159 4.15 -4.83 -11.31
N GLY D 160 3.72 -3.74 -11.95
CA GLY D 160 3.13 -2.62 -11.25
C GLY D 160 4.04 -1.43 -11.07
N LEU D 161 5.34 -1.56 -11.37
CA LEU D 161 6.28 -0.47 -11.21
C LEU D 161 6.36 0.36 -12.49
N LEU D 162 7.06 1.48 -12.40
CA LEU D 162 7.17 2.40 -13.52
C LEU D 162 8.08 1.85 -14.61
N ASP D 163 7.88 2.34 -15.82
CA ASP D 163 8.65 1.93 -16.99
C ASP D 163 9.43 3.11 -17.54
N ASN D 164 10.58 2.80 -18.13
CA ASN D 164 11.47 3.81 -18.68
C ASN D 164 11.89 3.43 -20.10
N ARG D 165 12.16 4.45 -20.92
CA ARG D 165 12.59 4.24 -22.29
C ARG D 165 13.68 5.24 -22.62
N SER D 166 14.49 4.89 -23.63
CA SER D 166 15.57 5.76 -24.08
C SER D 166 15.04 6.79 -25.07
N PHE D 167 15.59 8.00 -25.00
CA PHE D 167 15.13 9.10 -25.84
C PHE D 167 15.94 9.22 -27.13
N GLY D 168 16.04 8.12 -27.87
CA GLY D 168 16.60 8.15 -29.21
C GLY D 168 18.01 8.68 -29.34
N GLY D 169 18.92 8.21 -28.48
CA GLY D 169 20.30 8.67 -28.55
C GLY D 169 20.96 8.84 -27.20
N ALA D 170 20.16 9.05 -26.16
CA ALA D 170 20.71 9.13 -24.81
C ALA D 170 21.27 7.77 -24.41
N GLN D 171 22.39 7.79 -23.69
CA GLN D 171 23.06 6.56 -23.31
C GLN D 171 22.39 5.83 -22.14
N VAL D 172 21.38 6.43 -21.52
CA VAL D 172 20.66 5.80 -20.43
C VAL D 172 19.16 5.94 -20.68
N ALA D 173 18.40 5.06 -20.06
CA ALA D 173 16.94 5.08 -20.13
C ALA D 173 16.40 5.79 -18.89
N ARG D 174 16.37 7.11 -18.96
CA ARG D 174 15.98 7.94 -17.83
C ARG D 174 14.70 8.73 -18.11
N THR D 175 13.94 8.34 -19.11
CA THR D 175 12.76 9.09 -19.54
C THR D 175 11.49 8.38 -19.08
N PHE D 176 10.62 9.12 -18.40
CA PHE D 176 9.31 8.63 -17.99
C PHE D 176 8.26 9.18 -18.95
N TYR D 177 7.40 8.29 -19.45
CA TYR D 177 6.43 8.67 -20.47
C TYR D 177 5.07 8.10 -20.09
N ALA D 178 4.03 8.72 -20.67
CA ALA D 178 2.65 8.28 -20.52
C ALA D 178 2.06 8.18 -21.92
N ARG D 179 2.24 7.02 -22.56
CA ARG D 179 1.86 6.80 -23.96
C ARG D 179 2.59 7.85 -24.80
N GLY D 180 1.92 8.46 -25.78
CA GLY D 180 2.49 9.52 -26.57
C GLY D 180 2.06 10.91 -26.20
N GLN D 181 1.44 11.09 -25.04
CA GLN D 181 0.89 12.38 -24.60
C GLN D 181 1.33 12.68 -23.18
N THR D 182 2.63 12.56 -22.92
CA THR D 182 3.15 12.83 -21.58
C THR D 182 2.90 14.28 -21.16
N GLY D 183 3.16 15.22 -22.07
CA GLY D 183 2.92 16.62 -21.74
C GLY D 183 1.47 16.90 -21.41
N GLN D 184 0.55 16.23 -22.11
CA GLN D 184 -0.87 16.40 -21.83
C GLN D 184 -1.19 15.96 -20.40
N GLN D 185 -0.67 14.81 -19.97
CA GLN D 185 -0.94 14.33 -18.63
C GLN D 185 -0.32 15.24 -17.58
N LEU D 186 0.92 15.70 -17.81
CA LEU D 186 1.56 16.59 -16.85
C LEU D 186 0.79 17.89 -16.72
N LEU D 187 0.38 18.49 -17.84
CA LEU D 187 -0.41 19.70 -17.78
C LEU D 187 -1.76 19.46 -17.13
N LEU D 188 -2.36 18.30 -17.36
CA LEU D 188 -3.63 17.99 -16.71
C LEU D 188 -3.46 17.89 -15.20
N GLY D 189 -2.39 17.27 -14.73
CA GLY D 189 -2.15 17.21 -13.29
C GLY D 189 -1.93 18.60 -12.70
N ALA D 190 -1.12 19.41 -13.36
CA ALA D 190 -0.88 20.77 -12.87
C ALA D 190 -2.17 21.58 -12.86
N TYR D 191 -2.99 21.43 -13.90
CA TYR D 191 -4.24 22.15 -13.98
C TYR D 191 -5.24 21.66 -12.95
N GLN D 192 -5.22 20.37 -12.62
CA GLN D 192 -6.06 19.87 -11.55
C GLN D 192 -5.65 20.45 -10.20
N ALA D 193 -4.34 20.55 -9.95
CA ALA D 193 -3.89 21.20 -8.73
C ALA D 193 -4.31 22.67 -8.70
N LEU D 194 -4.18 23.35 -9.83
CA LEU D 194 -4.59 24.75 -9.90
C LEU D 194 -6.09 24.91 -9.67
N SER D 195 -6.89 23.99 -10.22
CA SER D 195 -8.34 24.03 -10.00
C SER D 195 -8.68 23.78 -8.55
N ARG D 196 -7.97 22.86 -7.89
CA ARG D 196 -8.19 22.64 -6.46
C ARG D 196 -7.88 23.90 -5.68
N GLN D 197 -6.79 24.58 -6.02
CA GLN D 197 -6.47 25.83 -5.35
C GLN D 197 -7.53 26.91 -5.61
N ILE D 198 -8.04 26.95 -6.85
CA ILE D 198 -9.08 27.93 -7.18
C ILE D 198 -10.34 27.67 -6.37
N ALA D 199 -10.73 26.41 -6.22
CA ALA D 199 -11.92 26.08 -5.44
C ALA D 199 -11.76 26.51 -3.99
N ALA D 200 -10.55 26.45 -3.45
CA ALA D 200 -10.29 26.93 -2.10
C ALA D 200 -10.37 28.45 -1.99
N GLY D 201 -10.42 29.17 -3.11
CA GLY D 201 -10.49 30.61 -3.10
C GLY D 201 -9.17 31.32 -2.99
N THR D 202 -8.06 30.60 -2.90
CA THR D 202 -6.75 31.24 -2.77
C THR D 202 -6.26 31.85 -4.08
N VAL D 203 -6.57 31.21 -5.20
CA VAL D 203 -6.07 31.63 -6.51
C VAL D 203 -7.24 32.12 -7.35
N LYS D 204 -7.08 33.29 -7.96
CA LYS D 204 -8.09 33.85 -8.85
C LYS D 204 -7.63 33.72 -10.28
N MET D 205 -8.46 33.09 -11.12
CA MET D 205 -8.12 32.79 -12.50
C MET D 205 -8.79 33.77 -13.44
N PHE D 206 -8.07 34.18 -14.48
CA PHE D 206 -8.55 35.11 -15.49
C PHE D 206 -8.25 34.55 -16.87
N PRO D 207 -9.16 33.74 -17.41
CA PRO D 207 -8.97 33.24 -18.78
C PRO D 207 -9.40 34.27 -19.82
N ARG D 208 -8.94 34.04 -21.05
CA ARG D 208 -9.27 34.87 -22.20
C ARG D 208 -8.87 36.32 -22.01
N THR D 209 -7.79 36.55 -21.27
CA THR D 209 -7.21 37.88 -21.11
C THR D 209 -5.71 37.80 -21.29
N GLU D 210 -5.12 38.87 -21.80
CA GLU D 210 -3.69 38.88 -22.12
C GLU D 210 -3.03 40.10 -21.53
N MET D 211 -1.81 39.91 -21.04
CA MET D 211 -1.01 41.02 -20.51
C MET D 211 -0.52 41.89 -21.65
N LEU D 212 -0.73 43.20 -21.54
CA LEU D 212 -0.30 44.14 -22.56
C LEU D 212 0.80 45.08 -22.11
N ASP D 213 0.96 45.30 -20.81
CA ASP D 213 2.06 46.13 -20.34
C ASP D 213 2.39 45.77 -18.90
N LEU D 214 3.60 46.15 -18.48
CA LEU D 214 4.06 45.93 -17.12
C LEU D 214 4.28 47.28 -16.44
N VAL D 215 3.71 47.44 -15.26
CA VAL D 215 3.79 48.69 -14.50
C VAL D 215 4.84 48.52 -13.42
N VAL D 216 5.90 49.32 -13.50
CA VAL D 216 7.02 49.29 -12.57
C VAL D 216 6.94 50.54 -11.70
N VAL D 217 6.93 50.35 -10.39
CA VAL D 217 6.81 51.45 -9.43
C VAL D 217 8.05 51.42 -8.53
N ASP D 218 8.77 52.55 -8.50
CA ASP D 218 9.96 52.70 -7.66
C ASP D 218 10.98 51.59 -7.92
N GLY D 219 11.16 51.25 -9.20
CA GLY D 219 12.13 50.24 -9.56
C GLY D 219 11.72 48.83 -9.23
N ARG D 220 10.44 48.58 -8.98
CA ARG D 220 9.93 47.24 -8.70
C ARG D 220 8.71 46.98 -9.57
N ALA D 221 8.65 45.76 -10.12
CA ALA D 221 7.52 45.38 -10.96
C ALA D 221 6.29 45.23 -10.07
N ARG D 222 5.44 46.25 -10.05
CA ARG D 222 4.34 46.33 -9.10
C ARG D 222 2.97 46.14 -9.73
N GLY D 223 2.88 45.84 -11.02
CA GLY D 223 1.59 45.51 -11.58
C GLY D 223 1.66 45.24 -13.07
N ILE D 224 0.48 44.96 -13.62
CA ILE D 224 0.33 44.72 -15.05
C ILE D 224 -0.91 45.45 -15.56
N ILE D 225 -0.92 45.68 -16.87
CA ILE D 225 -2.07 46.22 -17.59
C ILE D 225 -2.47 45.18 -18.62
N THR D 226 -3.71 44.70 -18.53
CA THR D 226 -4.21 43.60 -19.34
C THR D 226 -5.47 44.02 -20.09
N ARG D 227 -5.86 43.18 -21.05
CA ARG D 227 -7.08 43.41 -21.83
C ARG D 227 -7.71 42.06 -22.13
N ASP D 228 -8.94 41.86 -21.67
CA ASP D 228 -9.69 40.66 -22.02
C ASP D 228 -10.25 40.78 -23.43
N MET D 229 -10.12 39.70 -24.20
CA MET D 229 -10.53 39.75 -25.60
C MET D 229 -12.03 39.57 -25.80
N VAL D 230 -12.77 39.13 -24.78
CA VAL D 230 -14.20 38.95 -24.93
C VAL D 230 -14.90 40.30 -25.08
N THR D 231 -14.56 41.25 -24.22
CA THR D 231 -15.20 42.56 -24.22
C THR D 231 -14.28 43.71 -24.57
N GLY D 232 -12.97 43.48 -24.63
CA GLY D 232 -12.03 44.54 -24.95
C GLY D 232 -11.74 45.50 -23.81
N LYS D 233 -12.21 45.20 -22.60
CA LYS D 233 -11.98 46.10 -21.47
C LYS D 233 -10.51 46.10 -21.07
N ILE D 234 -10.00 47.27 -20.72
CA ILE D 234 -8.63 47.44 -20.26
C ILE D 234 -8.65 47.49 -18.74
N THR D 235 -7.84 46.63 -18.12
CA THR D 235 -7.83 46.50 -16.66
C THR D 235 -6.40 46.64 -16.15
N ARG D 236 -6.28 47.14 -14.93
CA ARG D 236 -5.00 47.30 -14.25
C ARG D 236 -5.00 46.48 -12.97
N TYR D 237 -3.93 45.71 -12.77
CA TYR D 237 -3.78 44.88 -11.58
C TYR D 237 -2.48 45.23 -10.88
N ALA D 238 -2.52 45.28 -9.55
CA ALA D 238 -1.37 45.62 -8.74
C ALA D 238 -1.04 44.47 -7.79
N ALA D 239 0.25 44.18 -7.65
CA ALA D 239 0.68 43.07 -6.82
C ALA D 239 2.11 43.32 -6.36
N ASP D 240 2.52 42.54 -5.35
CA ASP D 240 3.87 42.69 -4.80
C ASP D 240 4.92 42.08 -5.73
N ALA D 241 4.60 40.97 -6.38
CA ALA D 241 5.53 40.30 -7.27
C ALA D 241 4.81 39.90 -8.55
N VAL D 242 5.57 39.83 -9.64
CA VAL D 242 5.06 39.46 -10.95
C VAL D 242 5.94 38.34 -11.50
N VAL D 243 5.31 37.25 -11.93
CA VAL D 243 5.98 36.11 -12.51
C VAL D 243 5.52 35.96 -13.96
N LEU D 244 6.47 35.78 -14.86
CA LEU D 244 6.19 35.72 -16.30
C LEU D 244 6.51 34.32 -16.81
N ALA D 245 5.51 33.44 -16.78
CA ALA D 245 5.62 32.12 -17.39
C ALA D 245 4.85 32.10 -18.71
N THR D 246 5.33 32.89 -19.66
CA THR D 246 4.63 33.12 -20.92
C THR D 246 5.14 32.26 -22.06
N GLY D 247 6.03 31.32 -21.79
CA GLY D 247 6.51 30.43 -22.83
C GLY D 247 7.57 31.06 -23.72
N GLY D 248 7.91 30.31 -24.77
CA GLY D 248 8.94 30.73 -25.70
C GLY D 248 8.45 31.72 -26.74
N TYR D 249 9.35 32.07 -27.65
CA TYR D 249 9.06 33.03 -28.71
C TYR D 249 9.39 32.45 -30.08
N GLY D 250 9.22 31.14 -30.25
CA GLY D 250 9.51 30.49 -31.52
C GLY D 250 8.60 30.88 -32.65
N ASN D 251 7.52 31.62 -32.37
CA ASN D 251 6.58 32.02 -33.41
C ASN D 251 7.03 33.27 -34.16
N VAL D 252 8.21 33.82 -33.85
CA VAL D 252 8.73 34.94 -34.63
C VAL D 252 8.92 34.52 -36.08
N PHE D 253 9.47 33.33 -36.30
CA PHE D 253 9.42 32.72 -37.61
C PHE D 253 7.97 32.35 -37.91
N TYR D 254 7.52 32.63 -39.15
CA TYR D 254 6.12 32.41 -39.47
C TYR D 254 5.75 30.95 -39.38
N LEU D 255 6.62 30.06 -39.85
CA LEU D 255 6.39 28.62 -39.81
C LEU D 255 7.12 28.04 -38.60
N SER D 256 6.38 27.41 -37.71
CA SER D 256 6.94 26.87 -36.49
C SER D 256 6.07 25.72 -36.00
N THR D 257 6.61 24.95 -35.06
CA THR D 257 5.92 23.78 -34.54
C THR D 257 5.09 24.08 -33.29
N ASN D 258 5.06 25.33 -32.83
CA ASN D 258 4.28 25.68 -31.65
C ASN D 258 2.89 26.16 -32.06
N ALA D 259 2.10 26.56 -31.05
CA ALA D 259 0.71 26.94 -31.29
C ALA D 259 0.63 28.25 -32.07
N LYS D 260 -0.56 28.51 -32.59
CA LYS D 260 -0.80 29.74 -33.34
C LYS D 260 -0.71 30.97 -32.44
N GLY D 261 -1.17 30.84 -31.19
CA GLY D 261 -1.22 31.96 -30.28
C GLY D 261 0.06 32.26 -29.52
N CYS D 262 1.09 31.43 -29.65
CA CYS D 262 2.35 31.68 -28.96
C CYS D 262 2.98 32.97 -29.49
N ASN D 263 3.56 33.75 -28.59
CA ASN D 263 4.11 35.04 -28.97
C ASN D 263 5.18 35.45 -27.96
N ALA D 264 5.62 36.70 -28.05
CA ALA D 264 6.65 37.24 -27.18
C ALA D 264 6.27 38.63 -26.67
N THR D 265 4.98 38.92 -26.60
CA THR D 265 4.53 40.26 -26.20
C THR D 265 4.95 40.57 -24.78
N ALA D 266 4.71 39.65 -23.85
CA ALA D 266 5.00 39.91 -22.44
C ALA D 266 6.50 40.09 -22.22
N ILE D 267 7.31 39.19 -22.78
CA ILE D 267 8.74 39.27 -22.55
C ILE D 267 9.33 40.50 -23.24
N TRP D 268 8.83 40.87 -24.42
CA TRP D 268 9.32 42.06 -25.09
C TRP D 268 8.95 43.32 -24.30
N ARG D 269 7.72 43.37 -23.76
CA ARG D 269 7.33 44.50 -22.94
C ARG D 269 8.19 44.59 -21.68
N ALA D 270 8.48 43.45 -21.06
CA ALA D 270 9.34 43.44 -19.88
C ALA D 270 10.75 43.93 -20.23
N HIS D 271 11.28 43.48 -21.37
CA HIS D 271 12.61 43.93 -21.78
C HIS D 271 12.63 45.42 -22.06
N ARG D 272 11.56 45.93 -22.68
CA ARG D 272 11.45 47.36 -22.93
C ARG D 272 11.39 48.13 -21.60
N ARG D 273 10.70 47.58 -20.61
CA ARG D 273 10.57 48.24 -19.32
C ARG D 273 11.85 48.24 -18.51
N GLY D 274 12.84 47.43 -18.88
CA GLY D 274 14.11 47.44 -18.17
C GLY D 274 14.76 46.07 -18.02
N ALA D 275 14.03 45.01 -18.34
CA ALA D 275 14.59 43.68 -18.24
C ALA D 275 15.63 43.44 -19.33
N PHE D 276 16.55 42.52 -19.07
CA PHE D 276 17.64 42.21 -19.98
C PHE D 276 17.35 40.91 -20.71
N PHE D 277 17.60 40.91 -22.02
CA PHE D 277 17.36 39.74 -22.85
C PHE D 277 18.64 38.93 -22.96
N GLY D 278 18.56 37.65 -22.60
CA GLY D 278 19.73 36.79 -22.59
C GLY D 278 19.81 35.84 -23.76
N ASN D 279 20.79 36.06 -24.64
CA ASN D 279 21.05 35.22 -25.79
C ASN D 279 19.81 34.99 -26.66
N PRO D 280 19.24 36.06 -27.24
CA PRO D 280 18.03 35.87 -28.05
C PRO D 280 18.25 35.07 -29.32
N CYS D 281 19.50 34.91 -29.78
CA CYS D 281 19.75 34.22 -31.04
C CYS D 281 19.84 32.71 -30.91
N PHE D 282 19.70 32.17 -29.69
CA PHE D 282 19.82 30.73 -29.47
C PHE D 282 18.46 30.08 -29.70
N THR D 283 18.31 29.40 -30.84
CA THR D 283 17.07 28.72 -31.20
C THR D 283 17.38 27.28 -31.59
N GLN D 284 16.41 26.41 -31.34
CA GLN D 284 16.52 24.99 -31.65
C GLN D 284 15.46 24.61 -32.67
N ILE D 285 15.86 23.76 -33.62
CA ILE D 285 14.98 23.33 -34.71
C ILE D 285 14.72 21.83 -34.58
N HIS D 286 13.66 21.38 -35.22
CA HIS D 286 13.32 19.98 -35.28
C HIS D 286 13.40 19.50 -36.73
N PRO D 287 14.09 18.39 -37.00
CA PRO D 287 14.30 17.99 -38.40
C PRO D 287 13.06 17.42 -39.05
N THR D 288 12.23 16.69 -38.31
CA THR D 288 11.08 15.96 -38.87
C THR D 288 9.81 16.75 -38.60
N CYS D 289 9.31 17.44 -39.63
CA CYS D 289 8.04 18.13 -39.56
C CYS D 289 7.36 18.03 -40.93
N ILE D 290 6.03 18.12 -40.91
CA ILE D 290 5.23 18.00 -42.13
C ILE D 290 5.35 19.31 -42.93
N PRO D 291 5.81 19.26 -44.17
CA PRO D 291 5.84 20.48 -44.99
C PRO D 291 4.43 20.99 -45.29
N VAL D 292 4.33 22.31 -45.42
CA VAL D 292 3.02 22.92 -45.68
C VAL D 292 2.59 22.63 -47.11
N SER D 293 1.29 22.75 -47.35
CA SER D 293 0.70 22.54 -48.67
C SER D 293 0.43 23.85 -49.39
N GLY D 294 0.86 24.98 -48.84
CA GLY D 294 0.63 26.26 -49.48
C GLY D 294 0.93 27.39 -48.52
N GLU D 295 0.71 28.61 -49.01
CA GLU D 295 0.94 29.80 -48.21
C GLU D 295 -0.08 29.96 -47.09
N TYR D 296 -1.23 29.30 -47.21
CA TYR D 296 -2.27 29.41 -46.18
C TYR D 296 -1.83 28.79 -44.86
N GLN D 297 -1.12 27.66 -44.93
CA GLN D 297 -0.71 26.95 -43.72
C GLN D 297 0.33 27.75 -42.95
N SER D 298 0.27 27.65 -41.62
CA SER D 298 1.20 28.38 -40.76
C SER D 298 1.77 27.53 -39.64
N LYS D 299 1.48 26.23 -39.59
CA LYS D 299 2.00 25.37 -38.55
C LYS D 299 2.54 24.08 -39.17
N LEU D 300 3.63 23.57 -38.58
CA LEU D 300 4.22 22.29 -38.98
C LEU D 300 4.13 21.32 -37.81
N THR D 301 3.67 20.10 -38.09
CA THR D 301 3.45 19.11 -37.05
C THR D 301 4.73 18.36 -36.75
N LEU D 302 5.06 18.26 -35.45
CA LEU D 302 6.27 17.58 -35.00
C LEU D 302 5.99 16.09 -34.83
N MET D 303 6.63 15.26 -35.64
CA MET D 303 6.39 13.82 -35.55
C MET D 303 7.21 13.16 -34.44
N SER D 304 8.54 13.13 -34.62
CA SER D 304 9.43 12.37 -33.74
C SER D 304 10.88 12.54 -34.17
N GLU D 305 11.81 11.98 -33.37
CA GLU D 305 13.22 11.97 -33.72
C GLU D 305 13.70 10.61 -34.23
N SER D 306 12.88 9.56 -34.13
CA SER D 306 13.29 8.21 -34.47
C SER D 306 12.97 7.82 -35.90
N LEU D 307 12.31 8.70 -36.68
CA LEU D 307 11.96 8.35 -38.04
C LEU D 307 13.17 8.33 -38.98
N ARG D 308 14.23 9.07 -38.64
CA ARG D 308 15.44 9.05 -39.45
C ARG D 308 16.33 7.85 -39.16
N ASN D 309 16.06 7.12 -38.09
CA ASN D 309 16.88 5.95 -37.76
C ASN D 309 16.72 4.86 -38.82
N ASP D 310 15.51 4.66 -39.32
CA ASP D 310 15.21 3.61 -40.29
C ASP D 310 14.69 4.22 -41.59
N GLY D 311 15.31 5.30 -42.05
CA GLY D 311 14.90 5.94 -43.28
C GLY D 311 16.05 6.63 -43.96
N ARG D 312 15.93 6.81 -45.27
CA ARG D 312 16.94 7.48 -46.08
C ARG D 312 16.32 8.71 -46.73
N ILE D 313 16.98 9.84 -46.59
CA ILE D 313 16.51 11.11 -47.13
C ILE D 313 17.04 11.25 -48.56
N TRP D 314 16.17 11.64 -49.49
CA TRP D 314 16.56 11.77 -50.88
C TRP D 314 15.71 12.82 -51.58
N VAL D 315 16.11 13.11 -52.82
CA VAL D 315 15.45 14.07 -53.70
C VAL D 315 15.68 13.61 -55.14
N PRO D 316 14.68 13.69 -56.02
CA PRO D 316 14.89 13.26 -57.41
C PRO D 316 16.00 14.04 -58.09
N LYS D 317 16.75 13.36 -58.94
CA LYS D 317 17.85 14.00 -59.66
C LYS D 317 17.34 15.10 -60.57
N LYS D 318 16.25 14.85 -61.29
CA LYS D 318 15.66 15.84 -62.18
C LYS D 318 14.59 16.62 -61.42
N LYS D 319 14.72 17.95 -61.41
CA LYS D 319 13.78 18.78 -60.68
C LYS D 319 12.37 18.74 -61.26
N GLY D 320 12.23 18.39 -62.53
CA GLY D 320 10.93 18.32 -63.16
C GLY D 320 10.39 16.90 -63.28
N ASP D 321 10.70 16.06 -62.29
CA ASP D 321 10.26 14.67 -62.30
C ASP D 321 8.79 14.64 -61.86
N THR D 322 7.89 14.44 -62.82
CA THR D 322 6.47 14.37 -62.54
C THR D 322 5.99 12.95 -62.26
N ARG D 323 6.87 11.95 -62.35
CA ARG D 323 6.49 10.58 -62.07
C ARG D 323 6.28 10.38 -60.58
N ARG D 324 5.60 9.28 -60.24
CA ARG D 324 5.40 8.94 -58.84
C ARG D 324 6.75 8.59 -58.19
N PRO D 325 6.97 9.01 -56.94
CA PRO D 325 8.28 8.75 -56.31
C PRO D 325 8.58 7.26 -56.17
N GLN D 326 7.57 6.41 -55.96
CA GLN D 326 7.83 4.98 -55.86
C GLN D 326 8.25 4.36 -57.19
N ASP D 327 7.91 5.00 -58.31
CA ASP D 327 8.29 4.52 -59.63
C ASP D 327 9.62 5.05 -60.10
N ILE D 328 10.22 5.97 -59.35
CA ILE D 328 11.54 6.51 -59.74
C ILE D 328 12.61 5.44 -59.51
N PRO D 329 13.45 5.15 -60.51
CA PRO D 329 14.50 4.14 -60.31
C PRO D 329 15.47 4.58 -59.22
N GLU D 330 16.04 3.59 -58.53
CA GLU D 330 16.98 3.89 -57.45
C GLU D 330 18.22 4.61 -57.95
N SER D 331 18.63 4.33 -59.19
CA SER D 331 19.79 5.01 -59.77
C SER D 331 19.48 6.43 -60.21
N GLU D 332 18.19 6.78 -60.34
CA GLU D 332 17.78 8.11 -60.77
C GLU D 332 17.50 9.05 -59.61
N ARG D 333 17.82 8.64 -58.38
CA ARG D 333 17.54 9.43 -57.19
C ARG D 333 18.85 10.02 -56.65
N ASP D 334 18.85 11.33 -56.43
CA ASP D 334 20.01 12.02 -55.87
C ASP D 334 19.94 11.87 -54.35
N TYR D 335 20.54 10.78 -53.85
CA TYR D 335 20.50 10.46 -52.43
C TYR D 335 21.54 11.30 -51.68
N TYR D 336 21.24 12.58 -51.53
CA TYR D 336 22.07 13.44 -50.69
C TYR D 336 21.90 13.02 -49.24
N LEU D 337 22.88 13.40 -48.42
CA LEU D 337 23.12 12.92 -47.06
C LEU D 337 23.70 11.51 -47.05
N GLU D 338 23.77 10.85 -48.21
CA GLU D 338 24.48 9.60 -48.39
C GLU D 338 25.69 9.74 -49.31
N GLU D 339 25.52 10.46 -50.42
CA GLU D 339 26.68 10.88 -51.21
C GLU D 339 27.55 11.84 -50.41
N ARG D 340 26.93 12.77 -49.68
CA ARG D 340 27.63 13.67 -48.77
C ARG D 340 27.58 13.12 -47.35
N TYR D 341 28.61 13.48 -46.57
CA TYR D 341 28.78 13.00 -45.20
C TYR D 341 28.73 11.48 -45.14
N PRO D 342 29.72 10.79 -45.70
CA PRO D 342 29.69 9.31 -45.66
C PRO D 342 29.80 8.73 -44.26
N SER D 343 30.30 9.48 -43.30
CA SER D 343 30.50 8.98 -41.94
C SER D 343 29.19 9.09 -41.15
N PHE D 344 29.28 8.87 -39.84
CA PHE D 344 28.16 8.92 -38.90
C PHE D 344 27.14 7.84 -39.17
N GLY D 345 27.40 6.96 -40.14
CA GLY D 345 26.43 5.94 -40.50
C GLY D 345 25.12 6.50 -40.97
N ASN D 346 25.16 7.59 -41.75
CA ASN D 346 23.98 8.29 -42.25
C ASN D 346 23.15 8.91 -41.14
N LEU D 347 23.60 8.75 -39.90
CA LEU D 347 22.93 9.35 -38.74
C LEU D 347 23.58 10.69 -38.38
N VAL D 348 23.51 11.62 -39.33
CA VAL D 348 24.11 12.94 -39.17
C VAL D 348 23.31 13.72 -38.13
N PRO D 349 23.91 14.68 -37.43
CA PRO D 349 23.14 15.50 -36.48
C PRO D 349 22.06 16.29 -37.19
N ARG D 350 21.01 16.61 -36.43
CA ARG D 350 19.86 17.30 -37.01
C ARG D 350 20.24 18.63 -37.64
N ASP D 351 21.29 19.29 -37.12
CA ASP D 351 21.71 20.57 -37.67
C ASP D 351 22.18 20.41 -39.11
N ILE D 352 23.11 19.48 -39.36
CA ILE D 352 23.65 19.31 -40.70
C ILE D 352 22.58 18.83 -41.66
N ALA D 353 21.77 17.84 -41.24
CA ALA D 353 20.72 17.32 -42.11
C ALA D 353 19.70 18.40 -42.45
N SER D 354 19.30 19.19 -41.46
CA SER D 354 18.33 20.26 -41.72
C SER D 354 18.91 21.33 -42.62
N ARG D 355 20.18 21.69 -42.42
CA ARG D 355 20.82 22.67 -43.29
C ARG D 355 20.88 22.16 -44.73
N ALA D 356 21.25 20.90 -44.91
CA ALA D 356 21.29 20.32 -46.25
C ALA D 356 19.91 20.28 -46.88
N ALA D 357 18.88 19.94 -46.10
CA ALA D 357 17.52 19.93 -46.62
C ALA D 357 17.08 21.32 -47.06
N LYS D 358 17.40 22.34 -46.24
CA LYS D 358 17.07 23.71 -46.64
C LYS D 358 17.81 24.12 -47.89
N GLN D 359 19.09 23.74 -48.01
CA GLN D 359 19.87 24.09 -49.17
C GLN D 359 19.30 23.45 -50.44
N VAL D 360 18.95 22.16 -50.36
CA VAL D 360 18.43 21.49 -51.54
C VAL D 360 17.00 21.94 -51.86
N CYS D 361 16.24 22.40 -50.88
CA CYS D 361 14.93 22.96 -51.16
C CYS D 361 15.02 24.36 -51.78
N ASP D 362 16.01 25.15 -51.36
CA ASP D 362 16.17 26.49 -51.91
C ASP D 362 16.72 26.45 -53.33
N GLU D 363 17.48 25.41 -53.67
CA GLU D 363 18.04 25.28 -55.01
C GLU D 363 16.99 24.99 -56.07
N GLY D 364 15.76 24.67 -55.66
CA GLY D 364 14.71 24.35 -56.60
C GLY D 364 14.42 22.87 -56.79
N ARG D 365 15.07 22.00 -56.01
CA ARG D 365 14.87 20.56 -56.09
C ARG D 365 13.87 20.06 -55.04
N GLY D 366 12.89 20.88 -54.69
CA GLY D 366 11.88 20.45 -53.73
C GLY D 366 10.93 19.44 -54.31
N VAL D 367 10.22 18.76 -53.42
CA VAL D 367 9.30 17.69 -53.80
C VAL D 367 7.85 17.96 -53.41
N GLY D 368 7.59 18.96 -52.57
CA GLY D 368 6.24 19.22 -52.13
C GLY D 368 5.47 20.04 -53.15
N PRO D 369 4.21 20.31 -52.81
CA PRO D 369 3.38 21.13 -53.71
C PRO D 369 3.92 22.53 -53.93
N GLY D 370 4.42 23.18 -52.88
CA GLY D 370 5.03 24.47 -52.97
C GLY D 370 6.53 24.46 -53.23
N GLY D 371 7.10 23.30 -53.49
CA GLY D 371 8.54 23.19 -53.68
C GLY D 371 9.35 23.06 -52.42
N LEU D 372 8.71 22.85 -51.27
CA LEU D 372 9.39 22.72 -50.00
C LEU D 372 9.22 21.30 -49.48
N GLY D 373 10.34 20.66 -49.14
CA GLY D 373 10.30 19.30 -48.60
C GLY D 373 11.24 18.34 -49.30
N VAL D 374 11.62 17.27 -48.60
CA VAL D 374 12.50 16.25 -49.14
C VAL D 374 11.88 14.88 -48.86
N TYR D 375 12.17 13.92 -49.73
CA TYR D 375 11.56 12.60 -49.64
C TYR D 375 12.29 11.76 -48.60
N LEU D 376 11.53 10.89 -47.92
CA LEU D 376 12.05 9.96 -46.92
C LEU D 376 11.29 8.66 -47.14
N ASP D 377 11.87 7.76 -47.92
CA ASP D 377 11.20 6.52 -48.27
C ASP D 377 11.51 5.43 -47.25
N PHE D 378 10.48 4.64 -46.93
CA PHE D 378 10.62 3.52 -46.01
C PHE D 378 10.53 2.18 -46.72
N ALA D 379 10.58 2.19 -48.07
CA ALA D 379 10.51 0.93 -48.81
C ALA D 379 11.71 0.04 -48.51
N ASP D 380 12.90 0.62 -48.43
CA ASP D 380 14.08 -0.17 -48.09
C ASP D 380 13.97 -0.73 -46.68
N ALA D 381 13.49 0.07 -45.73
CA ALA D 381 13.29 -0.41 -44.37
C ALA D 381 12.21 -1.49 -44.32
N ILE D 382 11.14 -1.33 -45.09
CA ILE D 382 10.07 -2.31 -45.10
C ILE D 382 10.58 -3.64 -45.65
N LYS D 383 11.33 -3.60 -46.75
CA LYS D 383 11.88 -4.82 -47.32
C LYS D 383 12.89 -5.47 -46.38
N ARG D 384 13.75 -4.66 -45.76
CA ARG D 384 14.79 -5.22 -44.89
C ARG D 384 14.19 -5.79 -43.61
N LEU D 385 13.31 -5.03 -42.96
CA LEU D 385 12.70 -5.44 -41.71
C LEU D 385 11.38 -6.17 -41.98
N GLY D 386 10.62 -6.42 -40.93
CA GLY D 386 9.28 -6.97 -41.05
C GLY D 386 8.24 -5.89 -40.94
N ARG D 387 7.16 -6.04 -41.71
CA ARG D 387 6.12 -5.01 -41.74
C ARG D 387 5.46 -4.86 -40.37
N GLN D 388 5.24 -5.97 -39.66
CA GLN D 388 4.62 -5.90 -38.34
C GLN D 388 5.50 -5.16 -37.34
N LYS D 389 6.81 -5.44 -37.34
CA LYS D 389 7.71 -4.76 -36.43
C LYS D 389 7.74 -3.26 -36.70
N ILE D 390 7.78 -2.87 -37.97
CA ILE D 390 7.78 -1.45 -38.32
C ILE D 390 6.46 -0.81 -37.92
N ALA D 391 5.35 -1.51 -38.14
CA ALA D 391 4.04 -0.97 -37.78
C ALA D 391 3.94 -0.75 -36.27
N GLU D 392 4.43 -1.71 -35.48
CA GLU D 392 4.47 -1.53 -34.04
C GLU D 392 5.46 -0.45 -33.61
N ARG D 393 6.51 -0.21 -34.41
CA ARG D 393 7.50 0.78 -34.05
C ARG D 393 6.96 2.21 -34.17
N TYR D 394 6.27 2.51 -35.27
CA TYR D 394 5.58 3.80 -35.40
C TYR D 394 4.33 3.57 -36.26
N GLY D 395 3.22 3.29 -35.59
CA GLY D 395 1.94 3.10 -36.25
C GLY D 395 1.02 4.28 -36.07
N ASN D 396 1.00 4.83 -34.85
CA ASN D 396 0.23 6.05 -34.61
C ASN D 396 0.74 7.20 -35.46
N LEU D 397 2.07 7.31 -35.59
CA LEU D 397 2.66 8.35 -36.41
C LEU D 397 2.26 8.19 -37.87
N PHE D 398 2.30 6.95 -38.38
CA PHE D 398 1.89 6.72 -39.76
C PHE D 398 0.41 7.04 -39.95
N ASP D 399 -0.43 6.67 -38.98
CA ASP D 399 -1.86 6.98 -39.09
C ASP D 399 -2.10 8.49 -39.10
N MET D 400 -1.40 9.23 -38.24
CA MET D 400 -1.56 10.68 -38.21
C MET D 400 -1.03 11.32 -39.48
N TYR D 401 0.08 10.83 -40.02
CA TYR D 401 0.58 11.34 -41.29
C TYR D 401 -0.41 11.08 -42.42
N LYS D 402 -1.03 9.89 -42.42
CA LYS D 402 -2.05 9.59 -43.41
C LYS D 402 -3.26 10.51 -43.26
N GLN D 403 -3.65 10.80 -42.01
CA GLN D 403 -4.78 11.69 -41.77
C GLN D 403 -4.48 13.10 -42.26
N ILE D 404 -3.26 13.58 -42.04
CA ILE D 404 -2.94 14.96 -42.40
C ILE D 404 -2.65 15.08 -43.89
N THR D 405 -1.63 14.39 -44.38
CA THR D 405 -1.23 14.52 -45.78
C THR D 405 -2.20 13.82 -46.72
N GLY D 406 -2.67 12.64 -46.34
CA GLY D 406 -3.51 11.86 -47.22
C GLY D 406 -2.81 10.78 -48.00
N GLU D 407 -1.55 10.48 -47.69
CA GLU D 407 -0.78 9.46 -48.38
C GLU D 407 -0.29 8.43 -47.39
N ASP D 408 -0.39 7.16 -47.77
CA ASP D 408 0.04 6.08 -46.89
C ASP D 408 1.56 6.01 -46.87
N PRO D 409 2.19 6.14 -45.70
CA PRO D 409 3.67 6.05 -45.65
C PRO D 409 4.22 4.70 -46.07
N TYR D 410 3.43 3.63 -45.98
CA TYR D 410 3.93 2.32 -46.35
C TYR D 410 4.21 2.22 -47.84
N GLU D 411 3.41 2.86 -48.68
CA GLU D 411 3.53 2.75 -50.13
C GLU D 411 4.08 4.01 -50.79
N THR D 412 4.12 5.14 -50.09
CA THR D 412 4.57 6.39 -50.67
C THR D 412 5.63 7.02 -49.79
N PRO D 413 6.69 7.57 -50.37
CA PRO D 413 7.72 8.24 -49.56
C PRO D 413 7.14 9.41 -48.77
N MET D 414 7.66 9.60 -47.57
CA MET D 414 7.17 10.64 -46.67
C MET D 414 7.94 11.93 -46.88
N ARG D 415 7.22 13.01 -47.15
CA ARG D 415 7.82 14.32 -47.36
C ARG D 415 8.02 14.99 -46.00
N ILE D 416 9.25 15.45 -45.74
CA ILE D 416 9.53 16.12 -44.48
C ILE D 416 10.28 17.42 -44.77
N TYR D 417 10.22 18.33 -43.79
CA TYR D 417 10.88 19.62 -43.87
C TYR D 417 11.11 20.14 -42.46
N PRO D 418 12.36 20.43 -42.08
CA PRO D 418 12.62 20.89 -40.71
C PRO D 418 12.02 22.26 -40.44
N ALA D 419 11.75 22.52 -39.17
CA ALA D 419 11.15 23.78 -38.75
C ALA D 419 11.64 24.14 -37.35
N VAL D 420 11.52 25.42 -37.01
CA VAL D 420 11.93 25.90 -35.70
C VAL D 420 11.01 25.32 -34.63
N HIS D 421 11.61 24.86 -33.53
CA HIS D 421 10.86 24.16 -32.49
C HIS D 421 10.92 24.85 -31.13
N TYR D 422 12.09 25.35 -30.73
CA TYR D 422 12.32 25.84 -29.38
C TYR D 422 13.16 27.10 -29.41
N THR D 423 13.06 27.89 -28.34
CA THR D 423 13.88 29.08 -28.17
C THR D 423 14.59 28.98 -26.82
N MET D 424 15.89 28.72 -26.85
CA MET D 424 16.67 28.69 -25.62
C MET D 424 16.87 30.08 -25.03
N GLY D 425 16.73 31.13 -25.85
CA GLY D 425 16.90 32.47 -25.35
C GLY D 425 15.72 32.95 -24.55
N GLY D 426 15.90 34.09 -23.90
CA GLY D 426 14.85 34.66 -23.08
C GLY D 426 15.43 35.71 -22.15
N LEU D 427 14.59 36.15 -21.22
CA LEU D 427 15.01 37.15 -20.25
C LEU D 427 16.06 36.56 -19.31
N TRP D 428 17.13 37.32 -19.08
CA TRP D 428 18.19 36.86 -18.19
C TRP D 428 17.70 36.81 -16.75
N VAL D 429 18.03 35.74 -16.05
CA VAL D 429 17.67 35.57 -14.65
C VAL D 429 18.90 35.09 -13.88
N ASP D 430 18.91 35.41 -12.59
CA ASP D 430 20.01 35.01 -11.71
C ASP D 430 19.69 33.66 -11.07
N TYR D 431 20.46 33.29 -10.05
CA TYR D 431 20.21 32.03 -9.35
C TYR D 431 18.84 32.02 -8.66
N ASN D 432 18.28 33.19 -8.38
CA ASN D 432 16.98 33.29 -7.73
C ASN D 432 15.83 33.39 -8.73
N LEU D 433 16.08 33.13 -10.02
CA LEU D 433 15.07 33.21 -11.07
C LEU D 433 14.46 34.61 -11.14
N GLN D 434 15.25 35.63 -10.85
CA GLN D 434 14.79 37.02 -10.88
C GLN D 434 15.53 37.76 -11.98
N SER D 435 14.80 38.53 -12.77
CA SER D 435 15.37 39.27 -13.89
C SER D 435 16.10 40.50 -13.37
N THR D 436 16.52 41.38 -14.28
CA THR D 436 17.20 42.60 -13.88
C THR D 436 16.27 43.50 -13.07
N ILE D 437 15.00 43.58 -13.47
CA ILE D 437 14.02 44.38 -12.73
C ILE D 437 13.70 43.68 -11.42
N PRO D 438 13.92 44.32 -10.28
CA PRO D 438 13.57 43.69 -9.00
C PRO D 438 12.07 43.41 -8.92
N GLY D 439 11.73 42.28 -8.31
CA GLY D 439 10.35 41.87 -8.16
C GLY D 439 9.75 41.17 -9.36
N LEU D 440 10.50 41.01 -10.45
CA LEU D 440 10.02 40.35 -11.65
C LEU D 440 10.76 39.03 -11.81
N PHE D 441 10.02 37.92 -11.73
CA PHE D 441 10.59 36.59 -11.84
C PHE D 441 10.15 35.99 -13.17
N VAL D 442 11.08 35.37 -13.88
CA VAL D 442 10.81 34.73 -15.16
C VAL D 442 11.13 33.25 -15.04
N ILE D 443 10.13 32.41 -15.29
CA ILE D 443 10.27 30.97 -15.16
C ILE D 443 9.74 30.30 -16.43
N GLY D 444 10.11 29.04 -16.60
CA GLY D 444 9.61 28.27 -17.74
C GLY D 444 10.47 28.48 -18.97
N GLU D 445 9.82 28.68 -20.10
CA GLU D 445 10.52 28.87 -21.37
C GLU D 445 10.86 30.33 -21.65
N ALA D 446 10.31 31.26 -20.88
CA ALA D 446 10.48 32.68 -21.17
C ALA D 446 11.84 33.22 -20.73
N ASN D 447 12.63 32.45 -19.99
CA ASN D 447 13.94 32.90 -19.53
C ASN D 447 15.04 32.11 -20.23
N PHE D 448 16.27 32.61 -20.07
CA PHE D 448 17.43 31.87 -20.57
C PHE D 448 17.58 30.54 -19.84
N SER D 449 17.34 30.52 -18.54
CA SER D 449 17.34 29.31 -17.71
C SER D 449 18.72 28.66 -17.83
N ASP D 450 18.81 27.37 -18.13
CA ASP D 450 20.09 26.67 -18.07
C ASP D 450 20.33 25.72 -19.24
N HIS D 451 19.55 25.81 -20.31
CA HIS D 451 19.75 24.91 -21.44
C HIS D 451 20.97 25.28 -22.28
N GLY D 452 21.49 26.49 -22.14
CA GLY D 452 22.67 26.86 -22.90
C GLY D 452 22.32 27.07 -24.36
N ALA D 453 23.18 26.55 -25.24
CA ALA D 453 23.02 26.74 -26.68
C ALA D 453 22.24 25.61 -27.34
N ASN D 454 21.81 24.60 -26.58
CA ASN D 454 21.04 23.50 -27.15
C ASN D 454 20.26 22.81 -26.05
N ARG D 455 18.98 22.61 -26.28
CA ARG D 455 18.09 22.00 -25.28
C ARG D 455 18.03 20.50 -25.50
N LEU D 456 18.40 19.74 -24.48
CA LEU D 456 18.33 18.29 -24.56
C LEU D 456 16.87 17.82 -24.55
N GLY D 457 16.63 16.67 -25.18
CA GLY D 457 15.28 16.15 -25.24
C GLY D 457 14.74 15.78 -23.87
N ALA D 458 13.44 15.99 -23.71
CA ALA D 458 12.73 15.67 -22.47
C ALA D 458 13.34 16.38 -21.27
N SER D 459 13.75 17.64 -21.48
CA SER D 459 14.31 18.45 -20.41
C SER D 459 13.57 19.77 -20.21
N ALA D 460 12.87 20.27 -21.22
CA ALA D 460 12.11 21.51 -21.04
C ALA D 460 10.96 21.32 -20.05
N LEU D 461 10.26 20.19 -20.14
CA LEU D 461 9.14 19.94 -19.23
C LEU D 461 9.63 19.85 -17.79
N MET D 462 10.73 19.13 -17.56
CA MET D 462 11.25 19.02 -16.20
C MET D 462 11.80 20.36 -15.72
N GLN D 463 12.35 21.18 -16.61
CA GLN D 463 12.80 22.51 -16.21
C GLN D 463 11.62 23.38 -15.78
N GLY D 464 10.54 23.36 -16.56
CA GLY D 464 9.36 24.13 -16.18
C GLY D 464 8.75 23.65 -14.88
N LEU D 465 8.67 22.34 -14.69
CA LEU D 465 8.10 21.80 -13.46
C LEU D 465 9.00 22.12 -12.26
N ALA D 466 10.32 22.08 -12.44
CA ALA D 466 11.24 22.45 -11.38
C ALA D 466 11.05 23.92 -10.99
N ASP D 467 10.95 24.79 -12.00
CA ASP D 467 10.75 26.21 -11.71
C ASP D 467 9.43 26.44 -10.99
N GLY D 468 8.37 25.76 -11.43
CA GLY D 468 7.07 25.95 -10.81
C GLY D 468 6.98 25.42 -9.39
N TYR D 469 7.56 24.24 -9.14
CA TYR D 469 7.31 23.52 -7.90
C TYR D 469 8.36 23.81 -6.81
N PHE D 470 9.61 23.49 -7.10
CA PHE D 470 10.63 23.37 -6.05
C PHE D 470 11.66 24.48 -6.07
N ILE D 471 11.49 25.51 -6.88
CA ILE D 471 12.46 26.59 -7.00
C ILE D 471 11.82 27.95 -6.74
N LEU D 472 10.78 28.28 -7.49
CA LEU D 472 10.16 29.60 -7.35
C LEU D 472 9.65 29.92 -5.94
N PRO D 473 8.99 29.01 -5.21
CA PRO D 473 8.51 29.40 -3.88
C PRO D 473 9.61 29.88 -2.95
N TYR D 474 10.76 29.21 -2.94
CA TYR D 474 11.84 29.60 -2.04
C TYR D 474 12.36 31.00 -2.38
N THR D 475 12.67 31.23 -3.66
CA THR D 475 13.21 32.52 -4.06
C THR D 475 12.20 33.65 -3.86
N ILE D 476 10.93 33.38 -4.19
CA ILE D 476 9.91 34.41 -4.04
C ILE D 476 9.67 34.72 -2.57
N ALA D 477 9.73 33.72 -1.69
CA ALA D 477 9.62 33.99 -0.26
C ALA D 477 10.82 34.78 0.24
N ASN D 478 12.02 34.45 -0.25
CA ASN D 478 13.21 35.19 0.14
C ASN D 478 13.10 36.66 -0.28
N PHE D 479 12.58 36.91 -1.48
CA PHE D 479 12.41 38.29 -1.92
C PHE D 479 11.32 39.01 -1.12
N LEU D 480 10.20 38.33 -0.86
CA LEU D 480 9.08 38.98 -0.22
C LEU D 480 9.33 39.23 1.27
N ALA D 481 10.20 38.44 1.89
CA ALA D 481 10.50 38.65 3.30
C ALA D 481 11.27 39.93 3.57
N GLN D 482 11.85 40.54 2.54
CA GLN D 482 12.64 41.76 2.69
C GLN D 482 11.86 43.03 2.37
N VAL D 483 10.57 42.92 2.06
CA VAL D 483 9.75 44.08 1.72
C VAL D 483 8.46 44.03 2.51
N LYS D 484 7.81 45.19 2.63
CA LYS D 484 6.54 45.29 3.32
C LYS D 484 5.37 45.06 2.35
N PRO D 485 4.38 44.28 2.76
CA PRO D 485 3.25 44.01 1.87
C PRO D 485 2.41 45.25 1.61
N GLY D 486 1.82 45.30 0.42
CA GLY D 486 0.95 46.40 0.07
C GLY D 486 1.69 47.71 -0.12
N GLY D 487 0.92 48.79 -0.11
CA GLY D 487 1.45 50.13 -0.25
C GLY D 487 1.29 50.74 -1.64
N VAL D 488 0.96 49.93 -2.64
CA VAL D 488 0.81 50.41 -4.01
C VAL D 488 -0.59 50.04 -4.48
N SER D 489 -1.34 51.03 -4.96
CA SER D 489 -2.67 50.84 -5.50
C SER D 489 -2.65 51.10 -7.01
N ILE D 490 -3.81 50.91 -7.65
CA ILE D 490 -3.92 51.06 -9.09
C ILE D 490 -4.19 52.49 -9.52
N ASP D 491 -4.27 53.43 -8.59
CA ASP D 491 -4.50 54.83 -8.92
C ASP D 491 -3.21 55.61 -9.11
N ARG D 492 -2.06 54.96 -9.02
CA ARG D 492 -0.79 55.65 -9.16
C ARG D 492 -0.59 56.12 -10.60
N PRO D 493 0.17 57.19 -10.80
CA PRO D 493 0.35 57.72 -12.17
C PRO D 493 0.96 56.73 -13.15
N GLU D 494 1.78 55.80 -12.69
CA GLU D 494 2.41 54.85 -13.60
C GLU D 494 1.37 53.97 -14.29
N PHE D 495 0.38 53.50 -13.53
CA PHE D 495 -0.68 52.69 -14.12
C PHE D 495 -1.46 53.48 -15.17
N ALA D 496 -1.78 54.74 -14.87
CA ALA D 496 -2.49 55.57 -15.82
C ALA D 496 -1.68 55.79 -17.09
N GLU D 497 -0.37 56.03 -16.94
CA GLU D 497 0.47 56.22 -18.11
C GLU D 497 0.54 54.96 -18.97
N ALA D 498 0.69 53.79 -18.33
CA ALA D 498 0.73 52.54 -19.08
C ALA D 498 -0.60 52.29 -19.80
N GLU D 499 -1.72 52.54 -19.12
CA GLU D 499 -3.03 52.35 -19.73
C GLU D 499 -3.22 53.30 -20.92
N ALA D 500 -2.79 54.55 -20.77
CA ALA D 500 -2.90 55.51 -21.86
C ALA D 500 -2.05 55.10 -23.05
N GLU D 501 -0.83 54.61 -22.79
CA GLU D 501 0.02 54.15 -23.89
C GLU D 501 -0.61 52.96 -24.61
N ILE D 502 -1.17 52.01 -23.85
CA ILE D 502 -1.80 50.85 -24.47
C ILE D 502 -2.99 51.27 -25.31
N ASN D 503 -3.82 52.17 -24.77
CA ASN D 503 -4.99 52.63 -25.51
C ASN D 503 -4.59 53.37 -26.77
N GLN D 504 -3.56 54.22 -26.70
CA GLN D 504 -3.09 54.93 -27.87
C GLN D 504 -2.57 53.98 -28.93
N ARG D 505 -1.81 52.96 -28.52
CA ARG D 505 -1.30 51.99 -29.48
C ARG D 505 -2.44 51.23 -30.15
N ILE D 506 -3.44 50.81 -29.37
CA ILE D 506 -4.57 50.09 -29.93
C ILE D 506 -5.34 50.98 -30.91
N GLN D 507 -5.56 52.24 -30.53
CA GLN D 507 -6.28 53.16 -31.42
C GLN D 507 -5.52 53.40 -32.71
N ARG D 508 -4.19 53.55 -32.63
CA ARG D 508 -3.40 53.73 -33.84
C ARG D 508 -3.47 52.50 -34.73
N LEU D 509 -3.34 51.30 -34.14
CA LEU D 509 -3.42 50.08 -34.92
C LEU D 509 -4.77 49.94 -35.61
N LEU D 510 -5.86 50.29 -34.91
CA LEU D 510 -7.18 50.21 -35.52
C LEU D 510 -7.41 51.30 -36.56
N SER D 511 -6.73 52.44 -36.43
CA SER D 511 -6.96 53.56 -37.34
C SER D 511 -6.02 53.56 -38.53
N ILE D 512 -5.02 52.69 -38.59
CA ILE D 512 -4.15 52.63 -39.75
C ILE D 512 -4.94 52.25 -41.00
N ARG D 513 -5.71 51.16 -40.91
CA ARG D 513 -6.58 50.65 -41.98
C ARG D 513 -5.93 50.77 -43.37
N GLY D 514 -4.78 50.11 -43.50
CA GLY D 514 -4.07 50.10 -44.76
C GLY D 514 -4.64 49.12 -45.78
N LYS D 515 -3.77 48.44 -46.51
CA LYS D 515 -4.18 47.49 -47.53
C LYS D 515 -3.77 46.06 -47.19
N ARG D 516 -2.49 45.83 -46.88
CA ARG D 516 -2.02 44.48 -46.59
C ARG D 516 -2.53 43.99 -45.25
N THR D 517 -2.77 42.69 -45.16
CA THR D 517 -3.23 42.09 -43.93
C THR D 517 -2.04 41.82 -43.00
N VAL D 518 -2.37 41.44 -41.75
CA VAL D 518 -1.33 41.15 -40.77
C VAL D 518 -0.59 39.88 -41.14
N ASP D 519 -1.31 38.89 -41.67
CA ASP D 519 -0.68 37.62 -42.03
C ASP D 519 0.38 37.80 -43.11
N SER D 520 0.16 38.74 -44.03
CA SER D 520 1.16 38.99 -45.08
C SER D 520 2.47 39.48 -44.48
N PHE D 521 2.39 40.45 -43.56
CA PHE D 521 3.58 40.95 -42.90
C PHE D 521 4.25 39.87 -42.06
N HIS D 522 3.45 39.07 -41.36
CA HIS D 522 4.02 37.99 -40.56
C HIS D 522 4.75 36.98 -41.45
N ARG D 523 4.16 36.61 -42.58
CA ARG D 523 4.80 35.68 -43.48
C ARG D 523 6.08 36.27 -44.08
N GLU D 524 6.06 37.56 -44.42
CA GLU D 524 7.26 38.20 -44.95
C GLU D 524 8.39 38.16 -43.93
N LEU D 525 8.09 38.54 -42.67
CA LEU D 525 9.11 38.51 -41.63
C LEU D 525 9.60 37.08 -41.38
N GLY D 526 8.69 36.11 -41.37
CA GLY D 526 9.09 34.74 -41.13
C GLY D 526 10.00 34.22 -42.23
N LYS D 527 9.67 34.51 -43.49
CA LYS D 527 10.51 34.09 -44.59
C LYS D 527 11.89 34.73 -44.52
N LEU D 528 11.93 36.05 -44.22
CA LEU D 528 13.20 36.73 -44.12
C LEU D 528 14.06 36.14 -43.00
N MET D 529 13.46 35.91 -41.83
CA MET D 529 14.20 35.36 -40.70
C MET D 529 14.67 33.94 -40.98
N TRP D 530 13.83 33.11 -41.62
CA TRP D 530 14.21 31.75 -41.93
C TRP D 530 15.33 31.72 -42.96
N ASP D 531 15.31 32.63 -43.93
CA ASP D 531 16.34 32.63 -44.96
C ASP D 531 17.66 33.17 -44.43
N LYS D 532 17.63 34.21 -43.60
CA LYS D 532 18.85 34.86 -43.15
C LYS D 532 19.25 34.43 -41.74
N CYS D 533 18.35 34.57 -40.77
CA CYS D 533 18.64 34.27 -39.37
C CYS D 533 18.28 32.84 -38.98
N GLY D 534 18.24 31.92 -39.94
CA GLY D 534 17.90 30.55 -39.66
C GLY D 534 19.05 29.74 -39.10
N MET D 535 19.14 28.47 -39.50
CA MET D 535 20.23 27.62 -39.03
C MET D 535 21.57 28.03 -39.61
N ALA D 536 21.60 28.41 -40.89
CA ALA D 536 22.82 28.82 -41.56
C ALA D 536 22.86 30.34 -41.58
N ARG D 537 23.82 30.93 -40.87
CA ARG D 537 23.93 32.36 -40.73
C ARG D 537 25.33 32.82 -41.14
N ASN D 538 25.39 33.91 -41.88
CA ASN D 538 26.64 34.55 -42.27
C ASN D 538 26.51 36.05 -42.07
N ALA D 539 27.66 36.74 -42.07
CA ALA D 539 27.67 38.17 -41.79
C ALA D 539 26.87 38.94 -42.84
N ALA D 540 27.04 38.60 -44.12
CA ALA D 540 26.33 39.31 -45.18
C ALA D 540 24.82 39.14 -45.06
N GLY D 541 24.36 37.91 -44.82
CA GLY D 541 22.93 37.67 -44.70
C GLY D 541 22.32 38.35 -43.49
N LEU D 542 23.01 38.27 -42.35
CA LEU D 542 22.52 38.94 -41.15
C LEU D 542 22.47 40.45 -41.33
N ARG D 543 23.48 41.02 -41.98
CA ARG D 543 23.47 42.46 -42.24
C ARG D 543 22.34 42.84 -43.18
N GLU D 544 22.09 42.03 -44.21
CA GLU D 544 20.98 42.30 -45.12
C GLU D 544 19.65 42.24 -44.39
N ALA D 545 19.47 41.25 -43.51
CA ALA D 545 18.24 41.14 -42.75
C ALA D 545 18.07 42.32 -41.80
N LEU D 546 19.16 42.75 -41.16
CA LEU D 546 19.09 43.91 -40.27
C LEU D 546 18.74 45.18 -41.03
N GLN D 547 19.23 45.31 -42.27
CA GLN D 547 18.86 46.44 -43.09
C GLN D 547 17.39 46.37 -43.50
N ARG D 548 16.91 45.16 -43.82
CA ARG D 548 15.54 45.01 -44.33
C ARG D 548 14.48 45.15 -43.24
N ILE D 549 14.81 44.80 -41.99
CA ILE D 549 13.79 44.77 -40.93
C ILE D 549 13.10 46.11 -40.72
N PRO D 550 13.81 47.24 -40.59
CA PRO D 550 13.10 48.51 -40.37
C PRO D 550 12.15 48.88 -41.50
N GLU D 551 12.49 48.55 -42.75
CA GLU D 551 11.56 48.82 -43.85
C GLU D 551 10.28 48.02 -43.68
N ILE D 552 10.38 46.75 -43.29
CA ILE D 552 9.20 45.94 -43.06
C ILE D 552 8.38 46.50 -41.90
N ARG D 553 9.05 46.93 -40.84
CA ARG D 553 8.32 47.50 -39.70
C ARG D 553 7.57 48.77 -40.10
N ALA D 554 8.22 49.63 -40.89
CA ALA D 554 7.56 50.86 -41.34
C ALA D 554 6.38 50.54 -42.25
N GLU D 555 6.55 49.58 -43.15
CA GLU D 555 5.45 49.20 -44.03
C GLU D 555 4.28 48.62 -43.23
N PHE D 556 4.58 47.82 -42.21
CA PHE D 556 3.52 47.29 -41.35
C PHE D 556 2.80 48.42 -40.62
N TRP D 557 3.55 49.37 -40.07
CA TRP D 557 2.92 50.49 -39.37
C TRP D 557 2.26 51.48 -40.32
N GLU D 558 2.46 51.34 -41.62
CA GLU D 558 1.86 52.25 -42.59
C GLU D 558 0.71 51.64 -43.39
N ASN D 559 0.76 50.35 -43.70
CA ASN D 559 -0.19 49.73 -44.61
C ASN D 559 -0.71 48.42 -44.05
N VAL D 560 -1.18 48.43 -42.80
CA VAL D 560 -1.81 47.26 -42.20
C VAL D 560 -3.31 47.50 -42.11
N ASN D 561 -4.07 46.42 -42.24
CA ASN D 561 -5.54 46.46 -42.23
C ASN D 561 -6.05 45.62 -41.07
N VAL D 562 -6.52 46.27 -40.02
CA VAL D 562 -7.08 45.60 -38.85
C VAL D 562 -8.53 46.03 -38.71
N PRO D 563 -9.48 45.22 -39.17
CA PRO D 563 -10.89 45.58 -39.06
C PRO D 563 -11.44 45.32 -37.67
N GLY D 564 -12.66 45.79 -37.45
CA GLY D 564 -13.35 45.58 -36.20
C GLY D 564 -13.25 46.78 -35.26
N GLU D 565 -13.64 46.54 -34.01
CA GLU D 565 -13.64 47.55 -32.98
C GLU D 565 -12.86 47.05 -31.77
N ALA D 566 -12.42 48.00 -30.95
CA ALA D 566 -11.62 47.65 -29.78
C ALA D 566 -12.40 46.84 -28.76
N ASN D 567 -13.67 47.21 -28.55
CA ASN D 567 -14.49 46.54 -27.54
C ASN D 567 -15.30 45.39 -28.13
N ASP D 568 -14.62 44.48 -28.82
CA ASP D 568 -15.25 43.31 -29.40
C ASP D 568 -14.25 42.16 -29.39
N LEU D 569 -14.72 40.98 -29.81
CA LEU D 569 -13.86 39.81 -29.93
C LEU D 569 -13.14 39.89 -31.28
N ASN D 570 -12.10 40.72 -31.31
CA ASN D 570 -11.33 40.98 -32.53
C ASN D 570 -9.99 40.28 -32.40
N GLN D 571 -9.85 39.15 -33.09
CA GLN D 571 -8.57 38.42 -33.10
C GLN D 571 -7.53 39.12 -33.97
N ALA D 572 -7.97 39.91 -34.95
CA ALA D 572 -7.03 40.61 -35.82
C ALA D 572 -6.19 41.61 -35.03
N LEU D 573 -6.80 42.28 -34.05
CA LEU D 573 -6.05 43.22 -33.21
C LEU D 573 -4.96 42.50 -32.43
N GLU D 574 -5.28 41.34 -31.86
CA GLU D 574 -4.28 40.57 -31.12
C GLU D 574 -3.16 40.11 -32.05
N LYS D 575 -3.52 39.65 -33.25
CA LYS D 575 -2.50 39.23 -34.21
C LYS D 575 -1.61 40.41 -34.61
N ALA D 576 -2.21 41.58 -34.80
CA ALA D 576 -1.43 42.76 -35.16
C ALA D 576 -0.46 43.15 -34.05
N GLY D 577 -0.92 43.11 -32.79
CA GLY D 577 -0.02 43.41 -31.69
C GLY D 577 1.12 42.41 -31.59
N ARG D 578 0.81 41.12 -31.74
CA ARG D 578 1.85 40.10 -31.70
C ARG D 578 2.84 40.28 -32.84
N VAL D 579 2.36 40.64 -34.03
CA VAL D 579 3.24 40.81 -35.17
C VAL D 579 4.12 42.05 -34.98
N ALA D 580 3.58 43.11 -34.40
CA ALA D 580 4.39 44.29 -34.11
C ALA D 580 5.49 43.95 -33.10
N ASP D 581 5.16 43.19 -32.07
CA ASP D 581 6.19 42.77 -31.11
C ASP D 581 7.23 41.89 -31.76
N PHE D 582 6.81 41.00 -32.65
CA PHE D 582 7.76 40.17 -33.39
C PHE D 582 8.68 41.01 -34.27
N LEU D 583 8.12 42.04 -34.91
CA LEU D 583 8.92 42.92 -35.74
C LEU D 583 9.97 43.65 -34.91
N GLU D 584 9.59 44.10 -33.71
CA GLU D 584 10.55 44.76 -32.84
C GLU D 584 11.62 43.78 -32.35
N LEU D 585 11.23 42.53 -32.06
CA LEU D 585 12.18 41.57 -31.47
C LEU D 585 13.15 41.00 -32.50
N ALA D 586 12.72 40.88 -33.76
CA ALA D 586 13.58 40.27 -34.77
C ALA D 586 14.86 41.05 -34.99
N GLU D 587 14.80 42.37 -34.89
CA GLU D 587 16.01 43.18 -35.05
C GLU D 587 17.04 42.85 -33.97
N LEU D 588 16.60 42.74 -32.72
CA LEU D 588 17.50 42.37 -31.64
C LEU D 588 18.03 40.95 -31.83
N MET D 589 17.18 40.05 -32.29
CA MET D 589 17.61 38.68 -32.52
C MET D 589 18.72 38.63 -33.57
N CYS D 590 18.54 39.36 -34.67
CA CYS D 590 19.55 39.40 -35.72
C CYS D 590 20.83 40.09 -35.23
N LEU D 591 20.69 41.14 -34.43
CA LEU D 591 21.87 41.80 -33.88
C LEU D 591 22.67 40.85 -33.01
N ASP D 592 21.99 40.07 -32.16
CA ASP D 592 22.69 39.11 -31.32
C ASP D 592 23.33 38.00 -32.15
N ALA D 593 22.63 37.55 -33.20
CA ALA D 593 23.21 36.53 -34.07
C ALA D 593 24.47 37.04 -34.76
N LEU D 594 24.46 38.30 -35.20
CA LEU D 594 25.64 38.88 -35.83
C LEU D 594 26.77 39.07 -34.83
N HIS D 595 26.43 39.45 -33.60
CA HIS D 595 27.45 39.73 -32.59
C HIS D 595 28.25 38.49 -32.24
N ARG D 596 27.58 37.35 -32.06
CA ARG D 596 28.26 36.11 -31.68
C ARG D 596 29.04 35.58 -32.86
N GLU D 597 30.36 35.78 -32.84
CA GLU D 597 31.22 35.36 -33.95
C GLU D 597 31.80 33.97 -33.69
N GLU D 598 30.90 33.02 -33.48
CA GLU D 598 31.27 31.63 -33.28
C GLU D 598 30.03 30.77 -33.49
N SER D 599 30.24 29.46 -33.57
CA SER D 599 29.16 28.50 -33.73
C SER D 599 29.11 27.61 -32.49
N CYS D 600 27.93 27.51 -31.88
CA CYS D 600 27.75 26.70 -30.70
C CYS D 600 26.29 26.29 -30.58
N GLY D 601 26.05 24.99 -30.48
CA GLY D 601 24.69 24.51 -30.34
C GLY D 601 23.84 24.84 -31.55
N GLY D 602 22.65 25.40 -31.30
CA GLY D 602 21.77 25.76 -32.39
C GLY D 602 22.30 26.89 -33.24
N HIS D 603 22.98 27.85 -32.62
CA HIS D 603 23.55 28.98 -33.33
C HIS D 603 24.76 28.50 -34.13
N PHE D 604 24.64 28.54 -35.45
CA PHE D 604 25.68 28.03 -36.35
C PHE D 604 26.08 29.13 -37.32
N ARG D 605 27.38 29.42 -37.38
CA ARG D 605 27.94 30.40 -38.29
C ARG D 605 28.72 29.69 -39.38
N GLU D 606 28.50 30.08 -40.63
CA GLU D 606 29.10 29.40 -41.76
C GLU D 606 30.60 29.63 -41.87
N GLU D 607 31.15 30.63 -41.18
CA GLU D 607 32.58 30.93 -41.23
C GLU D 607 33.34 30.40 -40.02
N TYR D 608 32.67 29.72 -39.09
CA TYR D 608 33.32 29.13 -37.92
C TYR D 608 32.80 27.71 -37.74
N GLN D 609 33.44 26.75 -38.39
CA GLN D 609 33.07 25.36 -38.23
C GLN D 609 34.22 24.48 -38.70
N THR D 610 34.22 23.23 -38.22
CA THR D 610 35.21 22.26 -38.65
C THR D 610 34.91 21.80 -40.07
N PRO D 611 35.93 21.30 -40.79
CA PRO D 611 35.68 20.82 -42.15
C PRO D 611 34.65 19.70 -42.23
N ASP D 612 34.49 18.92 -41.16
CA ASP D 612 33.45 17.89 -41.13
C ASP D 612 32.04 18.48 -41.07
N GLY D 613 31.91 19.77 -40.79
CA GLY D 613 30.61 20.41 -40.68
C GLY D 613 30.18 20.68 -39.25
N GLU D 614 30.84 20.10 -38.26
CA GLU D 614 30.48 20.35 -36.87
C GLU D 614 30.84 21.77 -36.47
N ALA D 615 30.07 22.30 -35.51
CA ALA D 615 30.30 23.66 -35.04
C ALA D 615 31.63 23.76 -34.30
N LEU D 616 32.28 24.91 -34.44
CA LEU D 616 33.55 25.19 -33.80
C LEU D 616 33.36 26.31 -32.79
N ARG D 617 33.81 26.09 -31.56
CA ARG D 617 33.65 27.04 -30.47
C ARG D 617 34.91 27.87 -30.27
N ASN D 618 34.73 29.04 -29.68
CA ASN D 618 35.82 29.92 -29.27
C ASN D 618 35.64 30.20 -27.79
N ASP D 619 36.21 29.32 -26.96
CA ASP D 619 35.97 29.35 -25.52
C ASP D 619 36.83 30.38 -24.80
N GLU D 620 37.75 31.04 -25.47
CA GLU D 620 38.57 32.08 -24.86
C GLU D 620 38.13 33.49 -25.22
N GLN D 621 37.07 33.63 -26.03
CA GLN D 621 36.60 34.95 -26.41
C GLN D 621 35.09 35.07 -26.23
N PHE D 622 34.37 33.95 -26.29
CA PHE D 622 32.92 33.97 -26.25
C PHE D 622 32.36 33.01 -25.20
N SER D 623 33.09 32.81 -24.10
CA SER D 623 32.62 31.95 -23.02
C SER D 623 31.87 32.78 -21.98
N TYR D 624 30.77 33.36 -22.41
CA TYR D 624 29.97 34.23 -21.55
C TYR D 624 28.52 34.22 -22.03
N VAL D 625 27.66 34.89 -21.27
CA VAL D 625 26.26 35.07 -21.59
C VAL D 625 26.03 36.53 -21.93
N ALA D 626 25.41 36.78 -23.09
CA ALA D 626 25.19 38.14 -23.60
C ALA D 626 23.79 38.59 -23.22
N ALA D 627 23.72 39.58 -22.31
CA ALA D 627 22.45 40.18 -21.92
C ALA D 627 22.32 41.54 -22.61
N TRP D 628 21.20 41.75 -23.30
CA TRP D 628 21.01 42.97 -24.07
C TRP D 628 20.08 43.91 -23.32
N GLU D 629 20.52 45.16 -23.16
CA GLU D 629 19.79 46.18 -22.44
C GLU D 629 19.13 47.13 -23.44
N PHE D 630 17.85 47.38 -23.25
CA PHE D 630 17.09 48.27 -24.12
C PHE D 630 17.43 49.71 -23.79
N THR D 631 18.12 50.38 -24.70
CA THR D 631 18.56 51.76 -24.52
C THR D 631 17.58 52.77 -25.11
N GLY D 632 16.42 52.31 -25.58
CA GLY D 632 15.47 53.18 -26.24
C GLY D 632 15.58 53.22 -27.74
N ASP D 633 16.67 52.70 -28.31
CA ASP D 633 16.85 52.61 -29.75
C ASP D 633 16.84 51.13 -30.16
N LEU D 634 16.00 50.80 -31.13
CA LEU D 634 15.85 49.41 -31.54
C LEU D 634 17.04 48.88 -32.32
N ALA D 635 17.97 49.75 -32.74
CA ALA D 635 19.11 49.33 -33.51
C ALA D 635 20.42 49.30 -32.73
N LYS D 636 20.49 49.96 -31.59
CA LYS D 636 21.71 50.02 -30.77
C LYS D 636 21.39 49.69 -29.32
N PRO D 637 21.16 48.41 -29.00
CA PRO D 637 20.98 48.02 -27.60
C PRO D 637 22.32 47.73 -26.93
N ARG D 638 22.40 48.07 -25.65
CA ARG D 638 23.65 47.90 -24.93
C ARG D 638 23.90 46.42 -24.64
N LEU D 639 25.18 46.05 -24.54
CA LEU D 639 25.58 44.66 -24.32
C LEU D 639 26.25 44.52 -22.98
N HIS D 640 25.87 43.47 -22.24
CA HIS D 640 26.50 43.12 -20.97
C HIS D 640 26.94 41.66 -21.03
N LYS D 641 28.11 41.39 -20.47
CA LYS D 641 28.69 40.05 -20.52
C LYS D 641 28.73 39.46 -19.12
N GLU D 642 28.14 38.28 -18.97
CA GLU D 642 28.24 37.51 -17.73
C GLU D 642 29.23 36.39 -17.95
N PRO D 643 30.41 36.43 -17.34
CA PRO D 643 31.41 35.38 -17.57
C PRO D 643 30.94 34.02 -17.06
N LEU D 644 31.36 32.98 -17.76
CA LEU D 644 31.05 31.60 -17.41
C LEU D 644 32.33 30.90 -16.99
N VAL D 645 32.32 30.34 -15.79
CA VAL D 645 33.47 29.62 -15.24
C VAL D 645 33.04 28.19 -14.97
N PHE D 646 33.83 27.23 -15.48
CA PHE D 646 33.56 25.81 -15.32
C PHE D 646 34.61 25.21 -14.40
N GLU D 647 34.15 24.55 -13.33
CA GLU D 647 35.05 23.95 -12.36
C GLU D 647 34.95 22.43 -12.29
N TYR D 648 33.79 21.87 -12.61
CA TYR D 648 33.58 20.43 -12.54
C TYR D 648 33.59 19.75 -13.89
N VAL D 649 33.01 20.37 -14.91
CA VAL D 649 33.00 19.84 -16.27
C VAL D 649 33.83 20.76 -17.13
N LYS D 650 34.96 20.27 -17.61
CA LYS D 650 35.81 21.14 -18.41
C LYS D 650 35.40 21.10 -19.87
N PRO D 651 35.49 22.24 -20.56
CA PRO D 651 35.14 22.27 -21.99
C PRO D 651 36.02 21.35 -22.80
N THR D 652 35.43 20.71 -23.81
CA THR D 652 36.16 19.80 -24.68
C THR D 652 36.15 20.30 -26.13
N MET E 1 -12.18 22.24 -56.72
CA MET E 1 -13.28 22.04 -55.78
C MET E 1 -13.99 23.35 -55.41
N LYS E 2 -15.29 23.38 -55.62
CA LYS E 2 -16.14 24.55 -55.36
C LYS E 2 -17.07 24.22 -54.21
N ILE E 3 -16.96 24.97 -53.11
CA ILE E 3 -17.66 24.65 -51.88
C ILE E 3 -18.57 25.81 -51.55
N THR E 4 -19.84 25.51 -51.31
CA THR E 4 -20.78 26.48 -50.77
C THR E 4 -20.86 26.26 -49.26
N LEU E 5 -20.75 27.33 -48.50
CA LEU E 5 -20.73 27.26 -47.06
C LEU E 5 -21.87 28.08 -46.47
N LYS E 6 -22.46 27.56 -45.40
CA LYS E 6 -23.47 28.27 -44.61
C LYS E 6 -22.91 28.39 -43.21
N ILE E 7 -22.48 29.60 -42.85
CA ILE E 7 -21.84 29.86 -41.57
C ILE E 7 -22.87 30.49 -40.65
N TRP E 8 -22.97 29.99 -39.42
CA TRP E 8 -23.74 30.69 -38.40
C TRP E 8 -22.98 31.95 -37.97
N ARG E 9 -23.62 33.11 -38.07
CA ARG E 9 -23.02 34.39 -37.73
C ARG E 9 -23.84 35.05 -36.64
N GLN E 10 -23.16 35.44 -35.55
CA GLN E 10 -23.80 36.12 -34.44
C GLN E 10 -22.89 37.23 -33.95
N LYS E 11 -23.45 38.42 -33.77
CA LYS E 11 -22.63 39.58 -33.40
C LYS E 11 -22.10 39.46 -31.98
N ASN E 12 -22.96 39.09 -31.03
CA ASN E 12 -22.58 38.96 -29.63
C ASN E 12 -23.56 38.02 -28.95
N ARG E 13 -23.47 37.95 -27.62
CA ARG E 13 -24.33 37.06 -26.87
C ARG E 13 -25.79 37.49 -26.94
N ASN E 14 -26.04 38.80 -26.89
CA ASN E 14 -27.41 39.29 -26.87
C ASN E 14 -28.01 39.42 -28.26
N THR E 15 -27.19 39.72 -29.26
CA THR E 15 -27.71 39.91 -30.60
C THR E 15 -28.10 38.57 -31.22
N PRO E 16 -29.30 38.45 -31.79
CA PRO E 16 -29.66 37.20 -32.47
C PRO E 16 -28.78 36.97 -33.70
N GLY E 17 -28.53 35.69 -33.99
CA GLY E 17 -27.70 35.30 -35.11
C GLY E 17 -28.53 34.77 -36.27
N GLU E 18 -27.83 34.51 -37.38
CA GLU E 18 -28.48 34.00 -38.57
C GLU E 18 -27.45 33.32 -39.45
N PHE E 19 -27.93 32.59 -40.44
CA PHE E 19 -27.05 31.90 -41.37
C PHE E 19 -26.65 32.82 -42.51
N LYS E 20 -25.39 32.69 -42.94
CA LYS E 20 -24.86 33.48 -44.04
C LYS E 20 -24.18 32.55 -45.03
N THR E 21 -24.46 32.74 -46.31
CA THR E 21 -23.96 31.87 -47.37
C THR E 21 -22.76 32.49 -48.06
N TYR E 22 -21.76 31.65 -48.35
CA TYR E 22 -20.55 32.06 -49.03
C TYR E 22 -20.15 31.00 -50.04
N VAL E 23 -19.45 31.42 -51.09
CA VAL E 23 -19.02 30.53 -52.16
C VAL E 23 -17.52 30.62 -52.30
N MET E 24 -16.85 29.46 -52.37
CA MET E 24 -15.42 29.38 -52.58
C MET E 24 -15.15 28.57 -53.84
N ASP E 25 -14.39 29.15 -54.76
CA ASP E 25 -14.25 28.59 -56.11
C ASP E 25 -13.11 27.58 -56.18
N ASN E 26 -11.91 27.98 -55.76
CA ASN E 26 -10.72 27.13 -55.80
C ASN E 26 -10.36 26.74 -54.38
N VAL E 27 -10.66 25.50 -54.01
CA VAL E 27 -10.33 24.95 -52.70
C VAL E 27 -9.45 23.73 -52.92
N ASN E 28 -8.26 23.74 -52.32
CA ASN E 28 -7.36 22.62 -52.44
C ASN E 28 -7.87 21.45 -51.59
N PRO E 29 -7.95 20.24 -52.14
CA PRO E 29 -8.38 19.09 -51.33
C PRO E 29 -7.46 18.80 -50.16
N ASP E 30 -6.18 19.17 -50.25
CA ASP E 30 -5.23 18.84 -49.21
C ASP E 30 -5.39 19.73 -47.98
N MET E 31 -5.86 20.97 -48.14
CA MET E 31 -5.96 21.88 -47.02
C MET E 31 -7.03 21.43 -46.03
N SER E 32 -6.83 21.79 -44.78
CA SER E 32 -7.78 21.43 -43.73
C SER E 32 -8.95 22.39 -43.70
N PHE E 33 -9.97 22.03 -42.91
CA PHE E 33 -11.15 22.88 -42.80
C PHE E 33 -10.82 24.24 -42.21
N LEU E 34 -10.00 24.27 -41.16
CA LEU E 34 -9.63 25.54 -40.56
C LEU E 34 -8.80 26.39 -41.51
N GLU E 35 -7.96 25.77 -42.34
CA GLU E 35 -7.22 26.53 -43.35
C GLU E 35 -8.17 27.16 -44.36
N MET E 36 -9.20 26.43 -44.79
CA MET E 36 -10.22 27.01 -45.66
C MET E 36 -10.94 28.17 -44.97
N LEU E 37 -11.26 28.02 -43.69
CA LEU E 37 -11.91 29.10 -42.97
C LEU E 37 -11.01 30.32 -42.87
N ASP E 38 -9.71 30.11 -42.67
CA ASP E 38 -8.76 31.22 -42.66
C ASP E 38 -8.69 31.90 -44.01
N VAL E 39 -8.69 31.12 -45.10
CA VAL E 39 -8.68 31.70 -46.44
C VAL E 39 -9.94 32.53 -46.67
N LEU E 40 -11.09 32.01 -46.26
CA LEU E 40 -12.34 32.75 -46.41
C LEU E 40 -12.33 34.02 -45.58
N ASN E 41 -11.77 33.96 -44.37
CA ASN E 41 -11.67 35.15 -43.54
C ASN E 41 -10.77 36.20 -44.18
N GLU E 42 -9.67 35.77 -44.77
CA GLU E 42 -8.79 36.70 -45.48
C GLU E 42 -9.51 37.32 -46.67
N ASP E 43 -10.28 36.52 -47.41
CA ASP E 43 -11.05 37.06 -48.53
C ASP E 43 -12.07 38.08 -48.04
N LEU E 44 -12.75 37.79 -46.93
CA LEU E 44 -13.73 38.72 -46.38
C LEU E 44 -13.05 40.02 -45.94
N MET E 45 -11.88 39.91 -45.31
CA MET E 45 -11.15 41.10 -44.89
C MET E 45 -10.73 41.94 -46.09
N SER E 46 -10.28 41.28 -47.16
CA SER E 46 -9.95 42.00 -48.38
C SER E 46 -11.17 42.68 -48.97
N ARG E 47 -12.32 42.00 -48.96
CA ARG E 47 -13.54 42.61 -49.48
C ARG E 47 -14.03 43.73 -48.58
N GLY E 48 -13.75 43.66 -47.29
CA GLY E 48 -14.16 44.68 -46.35
C GLY E 48 -15.22 44.26 -45.34
N GLU E 49 -15.52 42.97 -45.24
CA GLU E 49 -16.51 42.47 -44.29
C GLU E 49 -15.83 41.98 -43.02
N GLU E 50 -16.65 41.74 -42.00
CA GLU E 50 -16.14 41.26 -40.72
C GLU E 50 -15.77 39.78 -40.83
N PRO E 51 -14.55 39.39 -40.48
CA PRO E 51 -14.16 37.99 -40.59
C PRO E 51 -14.86 37.13 -39.54
N VAL E 52 -15.00 35.85 -39.87
CA VAL E 52 -15.61 34.88 -38.96
C VAL E 52 -14.63 34.54 -37.84
N ALA E 53 -15.14 34.48 -36.62
CA ALA E 53 -14.34 34.18 -35.45
C ALA E 53 -14.59 32.75 -35.00
N PHE E 54 -13.50 32.02 -34.71
CA PHE E 54 -13.59 30.64 -34.27
C PHE E 54 -12.39 30.33 -33.40
N ASP E 55 -12.51 29.24 -32.64
CA ASP E 55 -11.48 28.85 -31.68
C ASP E 55 -10.52 27.86 -32.31
N HIS E 56 -9.23 28.13 -32.19
CA HIS E 56 -8.19 27.25 -32.72
C HIS E 56 -6.87 27.60 -32.07
N ASP E 57 -6.26 26.64 -31.38
CA ASP E 57 -4.96 26.85 -30.76
C ASP E 57 -3.88 25.90 -31.27
N CYS E 58 -4.12 24.60 -31.23
CA CYS E 58 -3.06 23.62 -31.47
C CYS E 58 -3.04 23.10 -32.90
N ARG E 59 -4.19 22.99 -33.55
CA ARG E 59 -4.28 22.40 -34.90
C ARG E 59 -3.71 21.00 -34.94
N GLU E 60 -3.81 20.26 -33.84
CA GLU E 60 -3.27 18.92 -33.77
C GLU E 60 -4.21 17.92 -33.10
N GLY E 61 -5.40 18.34 -32.66
CA GLY E 61 -6.32 17.43 -32.01
C GLY E 61 -5.93 17.04 -30.60
N ILE E 62 -5.17 17.90 -29.91
CA ILE E 62 -4.72 17.61 -28.55
C ILE E 62 -5.22 18.65 -27.55
N CYS E 63 -5.23 19.94 -27.94
CA CYS E 63 -5.63 20.98 -27.00
C CYS E 63 -7.13 20.96 -26.73
N GLY E 64 -7.94 20.69 -27.76
CA GLY E 64 -9.37 20.66 -27.59
C GLY E 64 -10.06 22.00 -27.68
N MET E 65 -9.33 23.07 -27.99
CA MET E 65 -9.95 24.39 -28.06
C MET E 65 -10.87 24.51 -29.27
N CYS E 66 -10.52 23.87 -30.38
CA CYS E 66 -11.36 23.92 -31.57
C CYS E 66 -12.69 23.24 -31.32
N SER E 67 -13.76 23.84 -31.84
CA SER E 67 -15.10 23.36 -31.58
C SER E 67 -16.01 23.83 -32.71
N LEU E 68 -16.43 22.89 -33.57
CA LEU E 68 -17.30 23.21 -34.69
C LEU E 68 -18.18 22.02 -35.01
N MET E 69 -19.42 22.29 -35.38
CA MET E 69 -20.35 21.28 -35.87
C MET E 69 -20.51 21.46 -37.37
N ILE E 70 -20.12 20.45 -38.13
CA ILE E 70 -20.07 20.52 -39.59
C ILE E 70 -21.07 19.53 -40.16
N ASN E 71 -22.01 20.02 -40.97
CA ASN E 71 -23.00 19.19 -41.65
C ASN E 71 -23.82 18.38 -40.64
N GLY E 72 -24.10 18.97 -39.48
CA GLY E 72 -24.91 18.34 -38.47
C GLY E 72 -24.15 17.40 -37.55
N VAL E 73 -22.91 17.08 -37.84
CA VAL E 73 -22.09 16.19 -37.02
C VAL E 73 -20.92 16.99 -36.47
N ALA E 74 -20.73 16.92 -35.16
CA ALA E 74 -19.63 17.65 -34.53
C ALA E 74 -18.28 17.11 -35.00
N HIS E 75 -17.32 18.02 -35.17
CA HIS E 75 -15.97 17.68 -35.63
C HIS E 75 -15.99 17.04 -37.01
N GLY E 76 -16.94 17.42 -37.85
CA GLY E 76 -17.00 16.96 -39.21
C GLY E 76 -17.63 15.58 -39.34
N PRO E 77 -17.90 15.16 -40.58
CA PRO E 77 -18.50 13.83 -40.80
C PRO E 77 -17.63 12.69 -40.31
N LYS E 78 -16.30 12.82 -40.40
CA LYS E 78 -15.43 11.75 -39.97
C LYS E 78 -15.41 11.65 -38.45
N ASN E 79 -15.26 10.43 -37.95
CA ASN E 79 -15.26 10.16 -36.52
C ASN E 79 -13.83 10.01 -36.00
N ALA E 80 -13.71 10.07 -34.68
CA ALA E 80 -12.45 9.90 -33.96
C ALA E 80 -11.42 10.96 -34.34
N ILE E 81 -11.86 12.11 -34.84
CA ILE E 81 -10.97 13.22 -35.18
C ILE E 81 -11.60 14.52 -34.66
N THR E 82 -10.76 15.54 -34.57
CA THR E 82 -11.19 16.87 -34.16
C THR E 82 -11.43 17.74 -35.40
N THR E 83 -11.94 18.94 -35.17
CA THR E 83 -12.22 19.86 -36.29
C THR E 83 -10.94 20.25 -37.01
N CYS E 84 -9.87 20.53 -36.26
CA CYS E 84 -8.61 20.91 -36.88
C CYS E 84 -8.01 19.78 -37.69
N GLN E 85 -8.29 18.53 -37.32
CA GLN E 85 -7.74 17.38 -38.03
C GLN E 85 -8.52 17.05 -39.30
N LEU E 86 -9.66 17.69 -39.54
CA LEU E 86 -10.50 17.36 -40.67
C LEU E 86 -10.00 18.07 -41.92
N HIS E 87 -9.66 17.30 -42.95
CA HIS E 87 -9.28 17.84 -44.25
C HIS E 87 -10.39 17.58 -45.25
N MET E 88 -10.44 18.43 -46.28
CA MET E 88 -11.51 18.41 -47.27
C MET E 88 -11.27 17.41 -48.39
N ARG E 89 -10.29 16.52 -48.25
CA ARG E 89 -10.15 15.43 -49.21
C ARG E 89 -11.28 14.41 -49.05
N SER E 90 -12.01 14.45 -47.94
CA SER E 90 -13.15 13.58 -47.70
C SER E 90 -14.47 14.21 -48.15
N PHE E 91 -14.48 15.46 -48.56
CA PHE E 91 -15.69 16.11 -49.04
C PHE E 91 -15.82 15.95 -50.55
N LYS E 92 -16.97 16.35 -51.07
CA LYS E 92 -17.30 16.19 -52.47
C LYS E 92 -17.44 17.56 -53.13
N ASP E 93 -17.09 17.63 -54.41
CA ASP E 93 -17.19 18.87 -55.15
C ASP E 93 -18.65 19.29 -55.30
N GLY E 94 -18.90 20.59 -55.12
CA GLY E 94 -20.24 21.13 -55.21
C GLY E 94 -21.10 20.94 -53.98
N ASP E 95 -20.56 20.35 -52.92
CA ASP E 95 -21.33 20.09 -51.72
C ASP E 95 -21.59 21.38 -50.95
N THR E 96 -22.67 21.38 -50.19
CA THR E 96 -23.02 22.48 -49.29
C THR E 96 -22.68 22.06 -47.87
N ILE E 97 -21.90 22.89 -47.19
CA ILE E 97 -21.38 22.57 -45.86
C ILE E 97 -21.90 23.60 -44.88
N THR E 98 -22.58 23.14 -43.85
CA THR E 98 -23.16 24.01 -42.82
C THR E 98 -22.32 23.91 -41.55
N VAL E 99 -21.95 25.06 -40.99
CA VAL E 99 -21.14 25.13 -39.79
C VAL E 99 -21.86 25.96 -38.74
N GLU E 100 -21.90 25.43 -37.52
CA GLU E 100 -22.57 25.98 -36.36
C GLU E 100 -21.68 25.76 -35.15
N PRO E 101 -21.86 26.57 -34.11
CA PRO E 101 -21.16 26.32 -32.83
C PRO E 101 -21.91 25.28 -32.02
N TRP E 102 -21.38 25.00 -30.83
CA TRP E 102 -22.12 24.17 -29.88
C TRP E 102 -23.36 24.91 -29.42
N ARG E 103 -24.46 24.16 -29.27
CA ARG E 103 -25.74 24.73 -28.85
C ARG E 103 -26.14 24.07 -27.54
N ALA E 104 -25.98 24.79 -26.44
CA ALA E 104 -26.38 24.30 -25.13
C ALA E 104 -26.61 25.49 -24.21
N SER E 105 -27.42 25.29 -23.19
CA SER E 105 -27.70 26.35 -22.24
C SER E 105 -26.48 26.66 -21.37
N ALA E 106 -25.61 25.68 -21.16
CA ALA E 106 -24.41 25.88 -20.36
C ALA E 106 -23.23 26.40 -21.17
N PHE E 107 -23.40 26.56 -22.49
CA PHE E 107 -22.34 27.02 -23.39
C PHE E 107 -22.84 28.27 -24.11
N PRO E 108 -22.73 29.44 -23.47
CA PRO E 108 -23.19 30.67 -24.12
C PRO E 108 -22.39 30.98 -25.37
N ILE E 109 -23.05 31.61 -26.33
CA ILE E 109 -22.44 31.98 -27.60
C ILE E 109 -21.91 33.40 -27.50
N LEU E 110 -20.63 33.58 -27.83
CA LEU E 110 -20.00 34.90 -27.76
C LEU E 110 -19.78 35.54 -29.12
N LYS E 111 -19.63 34.75 -30.18
CA LYS E 111 -19.38 35.28 -31.51
C LYS E 111 -19.99 34.32 -32.52
N ASP E 112 -19.56 34.41 -33.78
CA ASP E 112 -20.15 33.59 -34.83
C ASP E 112 -20.00 32.10 -34.53
N LEU E 113 -18.80 31.68 -34.12
CA LEU E 113 -18.57 30.26 -33.84
C LEU E 113 -17.80 30.04 -32.54
N VAL E 114 -17.79 31.02 -31.63
CA VAL E 114 -17.05 30.94 -30.38
C VAL E 114 -18.05 30.79 -29.24
N VAL E 115 -17.80 29.83 -28.35
CA VAL E 115 -18.66 29.57 -27.21
C VAL E 115 -17.82 29.56 -25.94
N ASP E 116 -18.49 29.74 -24.81
CA ASP E 116 -17.87 29.73 -23.50
C ASP E 116 -18.00 28.34 -22.88
N ARG E 117 -16.87 27.75 -22.50
CA ARG E 117 -16.85 26.40 -21.94
C ARG E 117 -16.26 26.39 -20.53
N SER E 118 -16.48 27.45 -19.76
CA SER E 118 -16.00 27.49 -18.38
C SER E 118 -16.77 26.55 -17.47
N ALA E 119 -17.92 26.05 -17.91
CA ALA E 119 -18.67 25.10 -17.09
C ALA E 119 -17.88 23.82 -16.86
N PHE E 120 -17.10 23.38 -17.84
CA PHE E 120 -16.24 22.22 -17.65
C PHE E 120 -15.18 22.51 -16.59
N ASP E 121 -14.63 23.71 -16.59
CA ASP E 121 -13.67 24.09 -15.57
C ASP E 121 -14.31 24.09 -14.19
N ARG E 122 -15.54 24.61 -14.08
CA ARG E 122 -16.23 24.58 -12.80
C ARG E 122 -16.53 23.16 -12.35
N ILE E 123 -16.87 22.27 -13.29
CA ILE E 123 -17.10 20.87 -12.94
C ILE E 123 -15.82 20.24 -12.41
N ILE E 124 -14.70 20.51 -13.08
CA ILE E 124 -13.41 19.97 -12.63
C ILE E 124 -13.07 20.50 -11.24
N GLN E 125 -13.37 21.77 -10.99
CA GLN E 125 -13.05 22.39 -9.70
C GLN E 125 -13.82 21.75 -8.55
N ALA E 126 -14.92 21.05 -8.84
CA ALA E 126 -15.77 20.47 -7.80
C ALA E 126 -15.31 19.04 -7.49
N GLY E 127 -14.11 18.95 -6.93
CA GLY E 127 -13.59 17.69 -6.44
C GLY E 127 -12.93 16.80 -7.48
N GLY E 128 -12.89 17.22 -8.74
CA GLY E 128 -12.30 16.40 -9.77
C GLY E 128 -10.78 16.43 -9.79
N TYR E 129 -10.16 16.07 -8.67
CA TYR E 129 -8.71 16.12 -8.54
C TYR E 129 -8.29 15.21 -7.40
N ILE E 130 -7.01 15.27 -7.04
CA ILE E 130 -6.48 14.56 -5.88
C ILE E 130 -5.81 15.60 -4.99
N SER E 131 -6.22 15.65 -3.72
CA SER E 131 -5.77 16.70 -2.80
C SER E 131 -4.42 16.30 -2.21
N VAL E 132 -3.37 16.49 -3.00
CA VAL E 132 -2.01 16.22 -2.58
C VAL E 132 -1.21 17.51 -2.72
N SER E 133 -0.58 17.93 -1.63
CA SER E 133 0.21 19.16 -1.64
C SER E 133 1.59 18.90 -2.22
N THR E 134 2.27 19.98 -2.59
CA THR E 134 3.59 19.89 -3.19
C THR E 134 4.64 19.60 -2.13
N GLY E 135 5.50 18.61 -2.40
CA GLY E 135 6.58 18.26 -1.52
C GLY E 135 6.29 17.10 -0.58
N SER E 136 5.02 16.74 -0.42
CA SER E 136 4.63 15.64 0.46
C SER E 136 4.52 14.30 -0.26
N ALA E 137 4.87 14.25 -1.54
CA ALA E 137 4.69 13.04 -2.31
C ALA E 137 5.68 11.96 -1.83
N PRO E 138 5.24 10.71 -1.76
CA PRO E 138 6.18 9.62 -1.46
C PRO E 138 6.97 9.21 -2.69
N ASP E 139 7.75 8.13 -2.59
CA ASP E 139 8.50 7.66 -3.74
C ASP E 139 7.56 7.18 -4.84
N ALA E 140 8.02 7.30 -6.08
CA ALA E 140 7.17 6.98 -7.23
C ALA E 140 6.77 5.52 -7.25
N ASN E 141 7.69 4.61 -6.93
CA ASN E 141 7.44 3.18 -6.99
C ASN E 141 6.86 2.63 -5.69
N THR E 142 6.29 3.47 -4.84
CA THR E 142 5.77 3.00 -3.56
C THR E 142 4.52 2.16 -3.76
N ILE E 143 3.56 2.64 -4.55
CA ILE E 143 2.28 1.98 -4.74
C ILE E 143 2.28 1.37 -6.15
N PRO E 144 2.23 0.04 -6.27
CA PRO E 144 2.17 -0.57 -7.60
C PRO E 144 0.77 -0.51 -8.20
N VAL E 145 0.71 -0.27 -9.50
CA VAL E 145 -0.54 -0.19 -10.25
C VAL E 145 -0.48 -1.20 -11.39
N SER E 146 -1.51 -2.04 -11.50
CA SER E 146 -1.53 -3.05 -12.54
C SER E 146 -1.58 -2.40 -13.92
N LYS E 147 -1.02 -3.10 -14.90
CA LYS E 147 -0.93 -2.55 -16.25
C LYS E 147 -2.31 -2.35 -16.87
N VAL E 148 -3.23 -3.27 -16.60
CA VAL E 148 -4.58 -3.13 -17.14
C VAL E 148 -5.27 -1.90 -16.57
N ALA E 149 -5.16 -1.70 -15.25
CA ALA E 149 -5.76 -0.53 -14.62
C ALA E 149 -5.12 0.76 -15.13
N ALA E 150 -3.80 0.76 -15.28
CA ALA E 150 -3.11 1.95 -15.81
C ALA E 150 -3.55 2.24 -17.23
N ASP E 151 -3.69 1.20 -18.06
CA ASP E 151 -4.12 1.41 -19.44
C ASP E 151 -5.55 1.95 -19.51
N ARG E 152 -6.45 1.41 -18.69
CA ARG E 152 -7.82 1.92 -18.67
C ARG E 152 -7.86 3.36 -18.16
N ALA E 153 -7.05 3.67 -17.14
CA ALA E 153 -7.01 5.04 -16.64
C ALA E 153 -6.47 5.99 -17.70
N MET E 154 -5.46 5.57 -18.45
CA MET E 154 -4.94 6.40 -19.53
C MET E 154 -5.98 6.59 -20.64
N ASP E 155 -6.72 5.53 -20.95
CA ASP E 155 -7.77 5.65 -21.96
C ASP E 155 -8.85 6.64 -21.52
N ALA E 156 -9.24 6.58 -20.24
CA ALA E 156 -10.28 7.49 -19.76
C ALA E 156 -9.76 8.92 -19.58
N ALA E 157 -8.48 9.06 -19.27
CA ALA E 157 -7.91 10.38 -18.98
C ALA E 157 -7.63 11.20 -20.23
N ALA E 158 -7.54 10.54 -21.40
CA ALA E 158 -7.22 11.25 -22.64
C ALA E 158 -8.47 11.95 -23.15
N CYS E 159 -8.91 12.96 -22.40
CA CYS E 159 -10.05 13.78 -22.77
C CYS E 159 -9.57 15.20 -22.95
N ILE E 160 -9.73 15.74 -24.17
CA ILE E 160 -9.25 17.09 -24.48
C ILE E 160 -10.20 18.17 -24.01
N GLY E 161 -11.35 17.81 -23.45
CA GLY E 161 -12.30 18.81 -22.99
C GLY E 161 -12.87 19.68 -24.08
N CYS E 162 -13.08 19.09 -25.26
CA CYS E 162 -13.61 19.87 -26.39
C CYS E 162 -15.08 20.22 -26.21
N GLY E 163 -15.82 19.43 -25.43
CA GLY E 163 -17.23 19.68 -25.26
C GLY E 163 -18.12 19.17 -26.36
N ALA E 164 -17.58 18.39 -27.30
CA ALA E 164 -18.38 17.85 -28.38
C ALA E 164 -19.44 16.88 -27.85
N CYS E 165 -19.17 16.21 -26.73
CA CYS E 165 -20.15 15.30 -26.17
C CYS E 165 -21.40 16.03 -25.70
N VAL E 166 -21.24 17.25 -25.17
CA VAL E 166 -22.40 18.01 -24.72
C VAL E 166 -23.25 18.44 -25.91
N ALA E 167 -22.62 18.95 -26.97
CA ALA E 167 -23.37 19.42 -28.13
C ALA E 167 -24.02 18.26 -28.89
N ALA E 168 -23.34 17.12 -28.97
CA ALA E 168 -23.89 15.99 -29.71
C ALA E 168 -25.01 15.31 -28.96
N CYS E 169 -24.98 15.34 -27.63
CA CYS E 169 -26.01 14.67 -26.86
C CYS E 169 -27.34 15.38 -27.04
N PRO E 170 -28.41 14.68 -27.42
CA PRO E 170 -29.71 15.33 -27.58
C PRO E 170 -30.21 15.99 -26.30
N ASN E 171 -29.88 15.44 -25.14
CA ASN E 171 -30.26 16.07 -23.89
C ASN E 171 -29.31 17.21 -23.50
N GLY E 172 -28.18 17.35 -24.19
CA GLY E 172 -27.22 18.37 -23.85
C GLY E 172 -26.58 18.14 -22.49
N SER E 173 -26.20 16.90 -22.22
CA SER E 173 -25.62 16.52 -20.94
C SER E 173 -24.11 16.39 -21.04
N ALA E 174 -23.44 16.66 -19.92
CA ALA E 174 -21.99 16.52 -19.81
C ALA E 174 -21.61 15.23 -19.10
N MET E 175 -22.38 14.17 -19.33
CA MET E 175 -22.16 12.92 -18.61
C MET E 175 -20.85 12.24 -19.02
N LEU E 176 -20.50 12.30 -20.30
CA LEU E 176 -19.29 11.60 -20.76
C LEU E 176 -18.04 12.23 -20.16
N PHE E 177 -17.98 13.56 -20.09
CA PHE E 177 -16.81 14.24 -19.56
C PHE E 177 -16.61 13.92 -18.08
N THR E 178 -17.68 14.05 -17.28
CA THR E 178 -17.62 13.73 -15.87
C THR E 178 -17.27 12.27 -15.65
N ALA E 179 -17.88 11.38 -16.44
CA ALA E 179 -17.60 9.96 -16.30
C ALA E 179 -16.16 9.64 -16.63
N ALA E 180 -15.61 10.27 -17.67
CA ALA E 180 -14.21 10.03 -18.03
C ALA E 180 -13.28 10.49 -16.91
N LYS E 181 -13.53 11.68 -16.37
CA LYS E 181 -12.69 12.18 -15.28
C LYS E 181 -12.79 11.27 -14.06
N VAL E 182 -14.00 10.85 -13.70
CA VAL E 182 -14.18 10.00 -12.53
C VAL E 182 -13.51 8.65 -12.73
N THR E 183 -13.64 8.08 -13.92
CA THR E 183 -13.00 6.80 -14.21
C THR E 183 -11.49 6.92 -14.17
N HIS E 184 -10.93 8.01 -14.72
CA HIS E 184 -9.49 8.20 -14.68
C HIS E 184 -8.98 8.34 -13.26
N LEU E 185 -9.72 9.08 -12.42
CA LEU E 185 -9.25 9.31 -11.05
C LEU E 185 -9.63 8.18 -10.09
N ALA E 186 -10.47 7.24 -10.51
CA ALA E 186 -10.92 6.17 -9.64
C ALA E 186 -10.21 4.84 -9.89
N LEU E 187 -9.53 4.69 -11.02
CA LEU E 187 -8.84 3.44 -11.33
C LEU E 187 -7.44 3.40 -10.76
N LEU E 188 -6.94 4.49 -10.22
CA LEU E 188 -5.63 4.53 -9.60
C LEU E 188 -5.77 4.53 -8.08
N PRO E 189 -4.81 3.92 -7.38
CA PRO E 189 -4.88 3.90 -5.91
C PRO E 189 -4.87 5.28 -5.28
N GLN E 190 -4.16 6.24 -5.88
CA GLN E 190 -4.04 7.56 -5.27
C GLN E 190 -5.39 8.26 -5.18
N GLY E 191 -6.31 7.95 -6.10
CA GLY E 191 -7.65 8.51 -6.05
C GLY E 191 -8.62 7.76 -5.18
N GLN E 192 -8.19 6.64 -4.58
CA GLN E 192 -9.10 5.85 -3.76
C GLN E 192 -9.64 6.58 -2.53
N PRO E 193 -8.85 7.31 -1.74
CA PRO E 193 -9.37 7.82 -0.46
C PRO E 193 -10.56 8.75 -0.58
N GLU E 194 -10.77 9.41 -1.73
CA GLU E 194 -11.84 10.39 -1.80
C GLU E 194 -12.66 10.25 -3.08
N ARG E 195 -12.80 9.02 -3.61
CA ARG E 195 -13.55 8.85 -4.84
C ARG E 195 -15.05 8.98 -4.61
N TYR E 196 -15.59 8.35 -3.56
CA TYR E 196 -17.03 8.29 -3.40
C TYR E 196 -17.63 9.67 -3.18
N GLN E 197 -16.95 10.54 -2.43
CA GLN E 197 -17.36 11.93 -2.39
C GLN E 197 -17.22 12.58 -3.75
N ARG E 198 -16.06 12.40 -4.38
CA ARG E 198 -15.71 13.18 -5.57
C ARG E 198 -16.82 13.12 -6.61
N VAL E 199 -17.20 11.90 -7.01
CA VAL E 199 -18.18 11.74 -8.07
C VAL E 199 -19.45 12.51 -7.73
N VAL E 200 -19.95 12.34 -6.51
CA VAL E 200 -21.19 13.02 -6.15
C VAL E 200 -21.03 14.52 -6.36
N ASN E 201 -19.95 15.08 -5.82
CA ASN E 201 -19.70 16.51 -6.01
C ASN E 201 -19.73 16.85 -7.48
N MET E 202 -18.95 16.12 -8.28
CA MET E 202 -18.91 16.40 -9.71
C MET E 202 -20.30 16.32 -10.30
N VAL E 203 -21.04 15.25 -9.97
CA VAL E 203 -22.37 15.09 -10.52
C VAL E 203 -23.24 16.26 -10.12
N ALA E 204 -23.20 16.63 -8.83
CA ALA E 204 -23.99 17.76 -8.38
C ALA E 204 -23.63 19.01 -9.17
N GLN E 205 -22.33 19.25 -9.37
CA GLN E 205 -21.91 20.44 -10.09
C GLN E 205 -22.51 20.46 -11.48
N ALA E 206 -22.53 19.29 -12.15
CA ALA E 206 -23.15 19.22 -13.47
C ALA E 206 -24.61 19.63 -13.40
N ASP E 207 -25.34 19.08 -12.43
CA ASP E 207 -26.75 19.43 -12.28
C ASP E 207 -26.90 20.91 -11.95
N PHE E 208 -25.91 21.49 -11.27
CA PHE E 208 -26.00 22.91 -10.96
C PHE E 208 -25.64 23.76 -12.18
N GLU E 209 -24.83 23.22 -13.10
CA GLU E 209 -24.34 24.02 -14.21
C GLU E 209 -25.38 24.21 -15.31
N GLY E 210 -26.42 23.36 -15.34
CA GLY E 210 -27.45 23.46 -16.36
C GLY E 210 -27.46 22.35 -17.38
N PHE E 211 -26.58 21.35 -17.24
CA PHE E 211 -26.55 20.24 -18.17
C PHE E 211 -27.74 19.32 -17.94
N GLY E 212 -28.10 18.58 -18.99
CA GLY E 212 -29.22 17.67 -18.93
C GLY E 212 -28.86 16.34 -18.30
N ASN E 213 -29.81 15.41 -18.38
CA ASN E 213 -29.63 14.05 -17.89
C ASN E 213 -29.15 13.17 -19.02
N CYS E 214 -28.80 11.92 -18.70
CA CYS E 214 -28.32 10.98 -19.69
C CYS E 214 -29.38 9.90 -19.90
N THR E 215 -29.83 9.77 -21.14
CA THR E 215 -30.83 8.78 -21.53
C THR E 215 -30.17 7.47 -21.98
N ASN E 216 -28.85 7.40 -21.93
CA ASN E 216 -28.09 6.25 -22.42
C ASN E 216 -28.32 6.04 -23.91
N ILE E 217 -28.33 7.15 -24.66
CA ILE E 217 -28.52 7.07 -26.10
C ILE E 217 -27.25 6.61 -26.80
N GLY E 218 -26.15 7.34 -26.62
CA GLY E 218 -24.87 6.89 -27.10
C GLY E 218 -24.20 7.77 -28.13
N GLU E 219 -24.68 9.00 -28.30
CA GLU E 219 -24.03 9.90 -29.24
C GLU E 219 -22.67 10.38 -28.72
N CYS E 220 -22.52 10.43 -27.40
CA CYS E 220 -21.27 10.91 -26.81
C CYS E 220 -20.09 10.08 -27.28
N ALA E 221 -20.19 8.75 -27.21
CA ALA E 221 -19.09 7.90 -27.64
C ALA E 221 -18.90 7.94 -29.14
N ALA E 222 -19.99 8.04 -29.91
CA ALA E 222 -19.87 8.05 -31.36
C ALA E 222 -19.28 9.35 -31.89
N VAL E 223 -19.33 10.42 -31.10
CA VAL E 223 -18.81 11.71 -31.54
C VAL E 223 -17.49 12.07 -30.86
N CYS E 224 -17.18 11.49 -29.70
CA CYS E 224 -15.99 11.88 -28.95
C CYS E 224 -14.73 11.66 -29.79
N PRO E 225 -13.87 12.67 -29.93
CA PRO E 225 -12.68 12.50 -30.78
C PRO E 225 -11.72 11.44 -30.30
N LYS E 226 -11.63 11.22 -28.99
CA LYS E 226 -10.66 10.30 -28.43
C LYS E 226 -11.23 8.90 -28.18
N GLU E 227 -12.45 8.65 -28.65
CA GLU E 227 -13.06 7.32 -28.59
C GLU E 227 -13.15 6.80 -27.16
N ILE E 228 -13.75 7.60 -26.29
CA ILE E 228 -13.99 7.18 -24.91
C ILE E 228 -15.25 6.32 -24.88
N SER E 229 -15.11 5.09 -24.38
CA SER E 229 -16.23 4.16 -24.40
C SER E 229 -17.29 4.56 -23.38
N LEU E 230 -18.50 4.03 -23.58
CA LEU E 230 -19.61 4.32 -22.69
C LEU E 230 -19.45 3.70 -21.31
N GLU E 231 -18.57 2.70 -21.17
CA GLU E 231 -18.41 2.01 -19.91
C GLU E 231 -18.01 2.94 -18.79
N THR E 232 -17.25 4.00 -19.09
CA THR E 232 -16.92 4.98 -18.07
C THR E 232 -18.17 5.49 -17.38
N ILE E 233 -19.20 5.81 -18.16
CA ILE E 233 -20.47 6.23 -17.58
C ILE E 233 -20.99 5.18 -16.61
N ALA E 234 -21.00 3.90 -17.04
CA ALA E 234 -21.41 2.84 -16.14
C ALA E 234 -20.57 2.86 -14.87
N GLN E 235 -19.25 2.99 -15.02
CA GLN E 235 -18.40 3.10 -13.83
C GLN E 235 -18.89 4.22 -12.94
N LEU E 236 -19.09 5.40 -13.52
CA LEU E 236 -19.59 6.51 -12.72
C LEU E 236 -20.86 6.13 -12.00
N ASN E 237 -21.81 5.53 -12.73
CA ASN E 237 -23.06 5.12 -12.12
C ASN E 237 -22.81 4.25 -10.91
N ARG E 238 -21.97 3.21 -11.07
CA ARG E 238 -21.68 2.32 -9.96
C ARG E 238 -21.19 3.12 -8.77
N ASP E 239 -20.20 3.99 -8.99
CA ASP E 239 -19.65 4.77 -7.89
C ASP E 239 -20.76 5.54 -7.21
N LEU E 240 -21.60 6.24 -7.99
CA LEU E 240 -22.66 7.02 -7.40
C LEU E 240 -23.56 6.14 -6.55
N VAL E 241 -23.92 4.96 -7.06
CA VAL E 241 -24.77 4.05 -6.30
C VAL E 241 -24.11 3.71 -4.98
N MET E 242 -22.82 3.37 -5.03
CA MET E 242 -22.10 3.08 -3.80
C MET E 242 -22.07 4.30 -2.90
N ALA E 243 -21.85 5.48 -3.48
CA ALA E 243 -21.85 6.70 -2.68
C ALA E 243 -23.23 6.95 -2.09
N ALA E 244 -24.28 6.50 -2.77
CA ALA E 244 -25.62 6.61 -2.18
C ALA E 244 -25.79 5.65 -1.02
N LEU E 245 -25.12 4.50 -1.05
CA LEU E 245 -25.31 3.51 0.01
C LEU E 245 -24.64 3.95 1.31
N ARG E 246 -23.52 4.66 1.21
CA ARG E 246 -22.77 5.07 2.38
C ARG E 246 -23.20 6.42 2.94
N GLY E 247 -24.24 7.04 2.36
CA GLY E 247 -24.75 8.29 2.89
C GLY E 247 -23.91 9.50 2.59
N ILE E 248 -23.24 9.54 1.44
CA ILE E 248 -22.43 10.69 1.06
C ILE E 248 -23.36 11.79 0.55
N GLU E 249 -23.17 13.00 1.06
CA GLU E 249 -23.97 14.14 0.66
C GLU E 249 -23.12 15.15 -0.11
N PRO E 250 -23.62 15.67 -1.23
CA PRO E 250 -22.84 16.64 -2.00
C PRO E 250 -22.59 17.93 -1.23
N ASN E 251 -21.45 18.55 -1.51
CA ASN E 251 -21.09 19.79 -0.87
C ASN E 251 -21.77 20.97 -1.57
N THR E 252 -21.43 22.18 -1.15
CA THR E 252 -22.01 23.36 -1.77
C THR E 252 -21.49 23.52 -3.19
N PRO E 253 -22.31 23.97 -4.13
CA PRO E 253 -21.86 24.12 -5.51
C PRO E 253 -20.83 25.22 -5.66
N ILE E 254 -20.04 25.12 -6.73
CA ILE E 254 -19.00 26.10 -7.01
C ILE E 254 -19.63 27.27 -7.75
N VAL E 255 -19.78 28.39 -7.07
CA VAL E 255 -20.38 29.58 -7.68
C VAL E 255 -19.32 30.31 -8.50
N PRO E 256 -19.59 30.61 -9.77
CA PRO E 256 -18.60 31.34 -10.57
C PRO E 256 -18.42 32.76 -10.05
N ALA E 257 -17.21 33.28 -10.25
CA ALA E 257 -16.86 34.62 -9.80
C ALA E 257 -17.56 35.69 -10.66
N MET F 1 -26.52 13.04 4.18
CA MET F 1 -26.35 12.16 5.33
C MET F 1 -27.60 11.32 5.57
N THR F 2 -28.66 11.64 4.83
CA THR F 2 -29.91 10.91 4.98
C THR F 2 -29.75 9.45 4.55
N GLY F 3 -29.01 9.20 3.48
CA GLY F 3 -28.79 7.85 3.01
C GLY F 3 -29.27 7.62 1.59
N VAL F 4 -30.21 6.70 1.41
CA VAL F 4 -30.76 6.42 0.09
C VAL F 4 -31.53 7.61 -0.47
N LEU F 5 -32.09 8.46 0.40
CA LEU F 5 -32.82 9.63 -0.06
C LEU F 5 -31.93 10.60 -0.83
N THR F 6 -30.61 10.49 -0.70
CA THR F 6 -29.70 11.29 -1.51
C THR F 6 -29.96 11.08 -3.00
N LEU F 7 -30.44 9.90 -3.37
CA LEU F 7 -30.74 9.63 -4.78
C LEU F 7 -31.75 10.62 -5.34
N THR F 8 -32.60 11.20 -4.49
CA THR F 8 -33.57 12.17 -4.97
C THR F 8 -32.92 13.51 -5.34
N ARG F 9 -31.73 13.80 -4.81
CA ARG F 9 -31.11 15.10 -5.03
C ARG F 9 -30.55 15.24 -6.44
N THR F 10 -29.88 14.21 -6.94
CA THR F 10 -29.15 14.30 -8.21
C THR F 10 -29.93 13.61 -9.34
N SER F 11 -29.56 13.98 -10.56
CA SER F 11 -30.19 13.38 -11.74
C SER F 11 -29.87 11.89 -11.84
N VAL F 12 -28.64 11.51 -11.52
CA VAL F 12 -28.25 10.11 -11.62
C VAL F 12 -29.05 9.25 -10.64
N GLY F 13 -29.34 9.79 -9.45
CA GLY F 13 -30.18 9.07 -8.51
C GLY F 13 -31.59 8.89 -9.04
N LYS F 14 -32.13 9.92 -9.71
CA LYS F 14 -33.44 9.77 -10.35
C LYS F 14 -33.40 8.70 -11.43
N LYS F 15 -32.30 8.65 -12.20
CA LYS F 15 -32.18 7.61 -13.22
C LYS F 15 -32.10 6.23 -12.58
N VAL F 16 -31.43 6.10 -11.44
CA VAL F 16 -31.36 4.81 -10.75
C VAL F 16 -32.74 4.40 -10.26
N ILE F 17 -33.50 5.34 -9.69
CA ILE F 17 -34.86 5.05 -9.27
C ILE F 17 -35.69 4.59 -10.47
N MET F 18 -35.55 5.30 -11.60
CA MET F 18 -36.27 4.90 -12.81
C MET F 18 -35.87 3.51 -13.26
N ALA F 19 -34.59 3.17 -13.14
CA ALA F 19 -34.12 1.85 -13.56
C ALA F 19 -34.73 0.76 -12.70
N LEU F 20 -34.75 0.95 -11.38
CA LEU F 20 -35.36 -0.06 -10.51
C LEU F 20 -36.86 -0.20 -10.79
N THR F 21 -37.55 0.93 -10.93
CA THR F 21 -38.98 0.89 -11.22
C THR F 21 -39.25 0.22 -12.56
N GLY F 22 -38.44 0.53 -13.57
CA GLY F 22 -38.61 -0.11 -14.87
C GLY F 22 -38.33 -1.59 -14.82
N PHE F 23 -37.37 -2.02 -14.01
CA PHE F 23 -37.16 -3.45 -13.80
C PHE F 23 -38.41 -4.11 -13.26
N VAL F 24 -39.00 -3.52 -12.22
CA VAL F 24 -40.23 -4.08 -11.64
C VAL F 24 -41.35 -4.10 -12.66
N LEU F 25 -41.52 -3.00 -13.40
CA LEU F 25 -42.61 -2.90 -14.36
C LEU F 25 -42.42 -3.86 -15.53
N VAL F 26 -41.19 -4.07 -15.98
CA VAL F 26 -40.93 -5.03 -17.04
C VAL F 26 -41.27 -6.43 -16.57
N GLY F 27 -40.86 -6.78 -15.34
CA GLY F 27 -41.25 -8.08 -14.81
C GLY F 27 -42.75 -8.25 -14.77
N PHE F 28 -43.47 -7.22 -14.30
CA PHE F 28 -44.93 -7.31 -14.24
C PHE F 28 -45.54 -7.45 -15.62
N VAL F 29 -45.02 -6.71 -16.60
CA VAL F 29 -45.57 -6.76 -17.95
C VAL F 29 -45.37 -8.14 -18.55
N VAL F 30 -44.18 -8.71 -18.38
CA VAL F 30 -43.92 -10.05 -18.90
C VAL F 30 -44.85 -11.07 -18.25
N PHE F 31 -45.00 -10.99 -16.92
CA PHE F 31 -45.89 -11.91 -16.22
C PHE F 31 -47.34 -11.75 -16.69
N HIS F 32 -47.77 -10.50 -16.91
CA HIS F 32 -49.14 -10.25 -17.35
C HIS F 32 -49.38 -10.80 -18.76
N MET F 33 -48.40 -10.63 -19.66
CA MET F 33 -48.55 -11.21 -20.99
C MET F 33 -48.61 -12.73 -20.92
N TYR F 34 -47.76 -13.34 -20.09
CA TYR F 34 -47.79 -14.80 -19.96
C TYR F 34 -49.14 -15.26 -19.41
N GLY F 35 -49.69 -14.52 -18.45
CA GLY F 35 -50.99 -14.88 -17.92
C GLY F 35 -52.12 -14.72 -18.93
N ASN F 36 -52.10 -13.61 -19.67
CA ASN F 36 -53.14 -13.37 -20.68
C ASN F 36 -53.02 -14.33 -21.85
N LEU F 37 -51.87 -14.99 -22.03
CA LEU F 37 -51.75 -16.00 -23.07
C LEU F 37 -52.68 -17.18 -22.85
N LYS F 38 -53.21 -17.35 -21.64
CA LYS F 38 -54.06 -18.50 -21.33
C LYS F 38 -55.44 -18.41 -21.95
N MET F 39 -55.86 -17.25 -22.45
CA MET F 39 -57.21 -17.12 -22.99
C MET F 39 -57.42 -17.95 -24.25
N TYR F 40 -56.33 -18.38 -24.91
CA TYR F 40 -56.48 -19.25 -26.06
C TYR F 40 -56.91 -20.66 -25.65
N GLN F 41 -56.67 -21.05 -24.40
CA GLN F 41 -57.01 -22.40 -23.96
C GLN F 41 -58.51 -22.59 -23.78
N GLY F 42 -59.28 -21.50 -23.68
CA GLY F 42 -60.71 -21.59 -23.51
C GLY F 42 -61.20 -20.75 -22.36
N PRO F 43 -62.52 -20.52 -22.29
CA PRO F 43 -63.07 -19.72 -21.20
C PRO F 43 -62.83 -20.32 -19.82
N GLU F 44 -62.86 -21.65 -19.71
CA GLU F 44 -62.70 -22.28 -18.39
C GLU F 44 -61.32 -22.00 -17.81
N VAL F 45 -60.27 -22.17 -18.63
CA VAL F 45 -58.91 -21.96 -18.14
C VAL F 45 -58.68 -20.50 -17.77
N TYR F 46 -59.15 -19.57 -18.61
CA TYR F 46 -58.97 -18.16 -18.33
C TYR F 46 -59.70 -17.75 -17.06
N ASN F 47 -60.94 -18.23 -16.90
CA ASN F 47 -61.69 -17.91 -15.68
C ASN F 47 -61.04 -18.51 -14.45
N ALA F 48 -60.52 -19.74 -14.56
CA ALA F 48 -59.84 -20.35 -13.43
C ALA F 48 -58.59 -19.57 -13.05
N TYR F 49 -57.83 -19.12 -14.05
CA TYR F 49 -56.64 -18.31 -13.76
C TYR F 49 -57.01 -16.99 -13.10
N ALA F 50 -58.06 -16.33 -13.60
CA ALA F 50 -58.49 -15.08 -13.01
C ALA F 50 -58.95 -15.27 -11.57
N ALA F 51 -59.68 -16.35 -11.30
CA ALA F 51 -60.12 -16.64 -9.94
C ALA F 51 -58.94 -16.96 -9.03
N GLY F 52 -57.98 -17.74 -9.52
CA GLY F 52 -56.84 -18.13 -8.73
C GLY F 52 -55.85 -17.01 -8.47
N LEU F 53 -55.88 -15.97 -9.30
CA LEU F 53 -55.05 -14.80 -9.03
C LEU F 53 -55.41 -14.18 -7.68
N ARG F 54 -56.70 -14.17 -7.34
CA ARG F 54 -57.13 -13.65 -6.05
C ARG F 54 -56.80 -14.62 -4.92
N GLU F 55 -56.98 -15.92 -5.16
CA GLU F 55 -56.69 -16.94 -4.16
C GLU F 55 -55.26 -17.47 -4.33
N LEU F 56 -54.29 -16.56 -4.17
CA LEU F 56 -52.90 -16.93 -4.35
C LEU F 56 -52.44 -17.89 -3.25
N GLY F 57 -52.50 -17.44 -1.99
CA GLY F 57 -52.13 -18.26 -0.87
C GLY F 57 -53.30 -18.59 0.03
N TYR F 58 -54.46 -18.88 -0.57
CA TYR F 58 -55.73 -19.06 0.14
C TYR F 58 -55.62 -20.02 1.32
N PRO F 59 -54.96 -21.18 1.19
CA PRO F 59 -54.79 -22.04 2.38
C PRO F 59 -54.03 -21.37 3.51
N ILE F 60 -53.09 -20.48 3.21
CA ILE F 60 -52.28 -19.82 4.23
C ILE F 60 -52.61 -18.32 4.32
N PHE F 61 -52.38 -17.58 3.23
CA PHE F 61 -52.68 -16.16 3.21
C PHE F 61 -54.17 -15.92 3.05
N GLY F 62 -54.58 -14.68 3.31
CA GLY F 62 -55.98 -14.30 3.20
C GLY F 62 -56.40 -14.08 1.76
N HIS F 63 -57.65 -13.65 1.61
CA HIS F 63 -58.22 -13.40 0.29
C HIS F 63 -57.72 -12.06 -0.25
N GLU F 64 -57.16 -12.09 -1.45
CA GLU F 64 -56.73 -10.89 -2.17
C GLU F 64 -55.59 -10.16 -1.47
N HIS F 65 -54.94 -10.79 -0.50
CA HIS F 65 -53.86 -10.12 0.22
C HIS F 65 -52.64 -9.91 -0.69
N LEU F 66 -52.18 -10.98 -1.34
CA LEU F 66 -51.01 -10.86 -2.21
C LEU F 66 -51.32 -9.99 -3.42
N LEU F 67 -52.53 -10.09 -3.96
CA LEU F 67 -52.91 -9.25 -5.09
C LEU F 67 -52.90 -7.78 -4.69
N TRP F 68 -53.41 -7.46 -3.50
CA TRP F 68 -53.39 -6.08 -3.03
C TRP F 68 -51.96 -5.58 -2.80
N ILE F 69 -51.10 -6.44 -2.27
CA ILE F 69 -49.71 -6.06 -2.06
C ILE F 69 -49.05 -5.74 -3.40
N ALA F 70 -49.27 -6.61 -4.39
CA ALA F 70 -48.72 -6.37 -5.72
C ALA F 70 -49.28 -5.09 -6.34
N ARG F 71 -50.58 -4.85 -6.15
CA ARG F 71 -51.18 -3.63 -6.67
C ARG F 71 -50.56 -2.39 -6.05
N PHE F 72 -50.36 -2.41 -4.73
CA PHE F 72 -49.74 -1.26 -4.07
C PHE F 72 -48.31 -1.06 -4.55
N ILE F 73 -47.55 -2.15 -4.69
CA ILE F 73 -46.18 -2.02 -5.17
C ILE F 73 -46.14 -1.44 -6.58
N LEU F 74 -47.02 -1.94 -7.46
CA LEU F 74 -47.07 -1.43 -8.83
C LEU F 74 -47.47 0.03 -8.86
N LEU F 75 -48.44 0.43 -8.05
CA LEU F 75 -48.88 1.83 -8.03
C LEU F 75 -47.76 2.74 -7.55
N ALA F 76 -47.06 2.36 -6.48
CA ALA F 76 -45.95 3.17 -5.99
C ALA F 76 -44.86 3.27 -7.03
N SER F 77 -44.52 2.15 -7.68
CA SER F 77 -43.48 2.16 -8.69
C SER F 77 -43.86 3.07 -9.87
N VAL F 78 -45.09 2.96 -10.34
CA VAL F 78 -45.50 3.77 -11.49
C VAL F 78 -45.55 5.24 -11.12
N PHE F 79 -45.95 5.57 -9.88
CA PHE F 79 -45.94 6.98 -9.48
C PHE F 79 -44.52 7.52 -9.43
N LEU F 80 -43.58 6.75 -8.88
CA LEU F 80 -42.19 7.18 -8.86
C LEU F 80 -41.66 7.35 -10.28
N HIS F 81 -42.03 6.42 -11.17
CA HIS F 81 -41.57 6.50 -12.57
C HIS F 81 -42.08 7.81 -13.19
N ILE F 82 -43.38 8.10 -13.02
CA ILE F 82 -43.95 9.29 -13.61
C ILE F 82 -43.25 10.54 -13.08
N TRP F 83 -43.05 10.61 -11.77
CA TRP F 83 -42.45 11.79 -11.17
C TRP F 83 -41.03 12.00 -11.68
N ALA F 84 -40.21 10.94 -11.63
CA ALA F 84 -38.82 11.08 -12.06
C ALA F 84 -38.71 11.37 -13.56
N ALA F 85 -39.55 10.72 -14.37
CA ALA F 85 -39.52 10.99 -15.81
C ALA F 85 -39.91 12.42 -16.12
N THR F 86 -40.94 12.94 -15.45
CA THR F 86 -41.34 14.32 -15.69
C THR F 86 -40.23 15.28 -15.27
N SER F 87 -39.61 15.04 -14.11
CA SER F 87 -38.55 15.93 -13.65
C SER F 87 -37.38 15.92 -14.61
N LEU F 88 -36.95 14.73 -15.05
CA LEU F 88 -35.81 14.64 -15.96
C LEU F 88 -36.14 15.26 -17.32
N THR F 89 -37.37 15.06 -17.82
CA THR F 89 -37.74 15.65 -19.09
C THR F 89 -37.75 17.17 -19.00
N LEU F 90 -38.28 17.73 -17.92
CA LEU F 90 -38.28 19.18 -17.75
C LEU F 90 -36.85 19.72 -17.66
N GLN F 91 -35.99 19.03 -16.90
CA GLN F 91 -34.61 19.49 -16.76
C GLN F 91 -33.88 19.45 -18.09
N SER F 92 -34.08 18.38 -18.88
CA SER F 92 -33.44 18.30 -20.18
C SER F 92 -33.99 19.32 -21.15
N ARG F 93 -35.29 19.63 -21.06
CA ARG F 93 -35.86 20.66 -21.92
C ARG F 93 -35.31 22.03 -21.58
N ARG F 94 -35.06 22.31 -20.29
CA ARG F 94 -34.48 23.59 -19.90
C ARG F 94 -33.05 23.75 -20.36
N SER F 95 -32.38 22.66 -20.74
CA SER F 95 -30.98 22.71 -21.14
C SER F 95 -30.79 23.08 -22.61
N LEU F 96 -31.86 23.24 -23.38
CA LEU F 96 -31.75 23.54 -24.79
C LEU F 96 -32.50 24.80 -25.21
N GLN F 97 -33.29 25.40 -24.33
CA GLN F 97 -34.11 26.54 -24.72
C GLN F 97 -33.28 27.81 -24.93
N ALA F 98 -32.11 27.89 -24.29
CA ALA F 98 -31.32 29.13 -24.32
C ALA F 98 -30.58 29.34 -25.63
N SER F 99 -30.21 28.27 -26.34
CA SER F 99 -29.36 28.40 -27.52
C SER F 99 -29.96 27.81 -28.79
N SER F 100 -31.17 27.29 -28.74
CA SER F 100 -31.79 26.73 -29.94
C SER F 100 -32.05 27.81 -30.97
N ILE F 101 -31.87 27.47 -32.24
CA ILE F 101 -32.13 28.42 -33.32
C ILE F 101 -33.60 28.81 -33.34
N SER F 102 -34.47 27.88 -32.96
CA SER F 102 -35.91 28.12 -32.90
C SER F 102 -36.48 27.29 -31.75
N THR F 103 -37.71 27.63 -31.36
CA THR F 103 -38.37 26.89 -30.30
C THR F 103 -38.66 25.44 -30.69
N VAL F 104 -38.56 25.10 -31.98
CA VAL F 104 -38.94 23.78 -32.45
C VAL F 104 -37.72 22.90 -32.65
N ARG F 105 -36.57 23.51 -32.95
CA ARG F 105 -35.37 22.74 -33.28
C ARG F 105 -34.13 23.45 -32.75
N ARG F 106 -33.08 22.65 -32.51
CA ARG F 106 -31.81 23.18 -32.01
C ARG F 106 -30.94 23.71 -33.15
N TYR F 107 -30.56 22.84 -34.07
CA TYR F 107 -29.63 23.17 -35.13
C TYR F 107 -30.35 23.35 -36.46
N GLY F 108 -29.64 23.90 -37.44
CA GLY F 108 -30.14 23.90 -38.80
C GLY F 108 -30.33 22.49 -39.33
N GLN F 109 -29.36 21.62 -39.09
CA GLN F 109 -29.47 20.20 -39.40
C GLN F 109 -28.66 19.42 -38.38
N HIS F 110 -29.09 18.20 -38.09
CA HIS F 110 -28.43 17.39 -37.06
C HIS F 110 -28.63 15.93 -37.41
N LYS F 111 -27.58 15.30 -37.96
CA LYS F 111 -27.62 13.90 -38.37
C LYS F 111 -27.33 13.02 -37.16
N ARG F 112 -28.40 12.51 -36.55
CA ARG F 112 -28.24 11.56 -35.45
C ARG F 112 -27.62 10.26 -35.96
N GLN F 113 -26.69 9.72 -35.18
CA GLN F 113 -25.92 8.55 -35.61
C GLN F 113 -26.03 7.38 -34.64
N SER F 114 -26.85 7.49 -33.59
CA SER F 114 -26.92 6.43 -32.60
C SER F 114 -28.32 5.98 -32.24
N GLY F 115 -29.36 6.76 -32.54
CA GLY F 115 -30.71 6.35 -32.24
C GLY F 115 -31.60 7.54 -32.01
N TYR F 116 -32.89 7.26 -31.81
CA TYR F 116 -33.91 8.27 -31.59
C TYR F 116 -34.65 8.02 -30.27
N ALA F 117 -33.93 7.52 -29.26
CA ALA F 117 -34.57 7.16 -28.00
C ALA F 117 -35.19 8.35 -27.30
N ASP F 118 -34.66 9.55 -27.52
CA ASP F 118 -35.14 10.72 -26.77
C ASP F 118 -36.61 11.00 -27.08
N TYR F 119 -37.02 10.88 -28.34
CA TYR F 119 -38.41 11.05 -28.70
C TYR F 119 -39.24 9.82 -28.35
N THR F 120 -38.71 8.64 -28.68
CA THR F 120 -39.46 7.40 -28.53
C THR F 120 -39.84 7.15 -27.08
N MET F 121 -38.87 7.26 -26.17
CA MET F 121 -39.14 6.97 -24.76
C MET F 121 -40.20 7.91 -24.21
N ARG F 122 -40.07 9.21 -24.48
CA ARG F 122 -41.00 10.17 -23.90
C ARG F 122 -42.40 10.01 -24.47
N PHE F 123 -42.52 9.94 -25.80
CA PHE F 123 -43.85 9.80 -26.39
C PHE F 123 -44.49 8.48 -26.03
N GLY F 124 -43.73 7.40 -26.06
CA GLY F 124 -44.27 6.12 -25.64
C GLY F 124 -44.67 6.11 -24.18
N GLY F 125 -43.92 6.82 -23.33
CA GLY F 125 -44.28 6.89 -21.93
C GLY F 125 -45.59 7.60 -21.70
N VAL F 126 -45.78 8.75 -22.36
CA VAL F 126 -47.04 9.48 -22.16
C VAL F 126 -48.21 8.68 -22.74
N LEU F 127 -48.01 8.04 -23.89
CA LEU F 127 -49.07 7.22 -24.47
C LEU F 127 -49.38 6.03 -23.57
N ILE F 128 -48.36 5.44 -22.95
CA ILE F 128 -48.56 4.31 -22.05
C ILE F 128 -49.32 4.75 -20.80
N PHE F 129 -49.01 5.94 -20.30
CA PHE F 129 -49.74 6.46 -19.14
C PHE F 129 -51.22 6.63 -19.47
N PHE F 130 -51.52 7.24 -20.62
CA PHE F 130 -52.90 7.39 -21.02
C PHE F 130 -53.58 6.03 -21.24
N PHE F 131 -52.86 5.10 -21.86
CA PHE F 131 -53.42 3.78 -22.12
C PHE F 131 -53.71 3.04 -20.82
N ILE F 132 -52.83 3.16 -19.83
CA ILE F 132 -53.06 2.50 -18.55
C ILE F 132 -54.27 3.10 -17.85
N ILE F 133 -54.36 4.44 -17.85
CA ILE F 133 -55.50 5.09 -17.20
C ILE F 133 -56.80 4.77 -17.93
N TYR F 134 -56.74 4.40 -19.21
CA TYR F 134 -57.95 3.96 -19.91
C TYR F 134 -58.22 2.47 -19.73
N HIS F 135 -57.14 1.69 -19.70
CA HIS F 135 -57.28 0.21 -19.58
C HIS F 135 -57.89 -0.15 -18.22
N ILE F 136 -57.31 0.38 -17.15
CA ILE F 136 -57.82 0.08 -15.81
C ILE F 136 -59.30 0.44 -15.75
N LEU F 137 -59.70 1.52 -16.39
CA LEU F 137 -61.08 1.98 -16.41
C LEU F 137 -61.94 1.21 -17.40
N HIS F 138 -61.34 0.47 -18.32
CA HIS F 138 -62.08 -0.22 -19.39
C HIS F 138 -62.36 -1.68 -19.08
N LEU F 139 -61.34 -2.43 -18.67
CA LEU F 139 -61.49 -3.87 -18.46
C LEU F 139 -61.69 -4.25 -17.00
N THR F 140 -61.00 -3.60 -16.07
CA THR F 140 -61.16 -3.94 -14.66
C THR F 140 -62.51 -3.46 -14.14
N PHE F 141 -62.90 -2.24 -14.48
CA PHE F 141 -64.15 -1.67 -14.01
C PHE F 141 -65.30 -1.86 -15.00
N GLY F 142 -65.00 -1.86 -16.29
CA GLY F 142 -66.04 -2.01 -17.30
C GLY F 142 -67.05 -0.89 -17.34
N VAL F 143 -66.59 0.35 -17.19
CA VAL F 143 -67.47 1.51 -17.20
C VAL F 143 -67.16 2.44 -18.37
N VAL F 144 -66.50 1.93 -19.41
CA VAL F 144 -66.25 2.70 -20.62
C VAL F 144 -66.09 1.74 -21.78
N GLY F 145 -66.47 2.20 -22.97
CA GLY F 145 -66.33 1.39 -24.18
C GLY F 145 -67.14 0.11 -24.15
N TYR F 146 -68.28 0.11 -23.47
CA TYR F 146 -69.10 -1.08 -23.33
C TYR F 146 -70.57 -0.74 -23.52
N GLU F 147 -71.26 -1.57 -24.31
CA GLU F 147 -72.70 -1.48 -24.42
C GLU F 147 -73.34 -1.85 -23.09
N PRO F 148 -74.46 -1.22 -22.72
CA PRO F 148 -75.12 -1.59 -21.47
C PRO F 148 -75.53 -3.06 -21.47
N GLY F 149 -75.40 -3.68 -20.29
CA GLY F 149 -75.68 -5.10 -20.16
C GLY F 149 -74.70 -6.00 -20.88
N GLN F 150 -73.42 -5.63 -20.88
CA GLN F 150 -72.37 -6.44 -21.50
C GLN F 150 -71.27 -6.85 -20.53
N PHE F 151 -70.88 -5.95 -19.63
CA PHE F 151 -69.83 -6.25 -18.66
C PHE F 151 -70.42 -6.92 -17.43
N ILE F 152 -69.85 -8.05 -17.03
CA ILE F 152 -70.31 -8.81 -15.88
C ILE F 152 -69.28 -8.62 -14.77
N HIS F 153 -69.71 -7.98 -13.68
CA HIS F 153 -68.84 -7.80 -12.53
C HIS F 153 -68.64 -9.13 -11.81
N PRO F 154 -67.48 -9.33 -11.19
CA PRO F 154 -67.26 -10.56 -10.42
C PRO F 154 -68.17 -10.65 -9.21
N HIS F 155 -69.11 -11.58 -9.23
CA HIS F 155 -70.05 -11.80 -8.13
C HIS F 155 -69.69 -13.12 -7.46
N GLY F 156 -69.33 -13.06 -6.18
CA GLY F 156 -68.92 -14.27 -5.51
C GLY F 156 -67.56 -14.74 -6.03
N ASP F 157 -67.31 -16.03 -5.85
CA ASP F 157 -66.05 -16.64 -6.30
C ASP F 157 -66.17 -17.22 -7.71
N VAL F 158 -66.70 -16.42 -8.64
CA VAL F 158 -66.73 -16.77 -10.06
C VAL F 158 -66.40 -15.53 -10.85
N TYR F 159 -65.67 -15.71 -11.95
CA TYR F 159 -65.19 -14.61 -12.76
C TYR F 159 -65.54 -14.86 -14.22
N GLU F 160 -65.93 -13.79 -14.92
CA GLU F 160 -66.29 -13.84 -16.32
C GLU F 160 -65.37 -12.96 -17.15
N THR F 161 -64.07 -13.02 -16.88
CA THR F 161 -63.11 -12.19 -17.60
C THR F 161 -63.04 -12.56 -19.08
N TYR F 162 -63.28 -13.83 -19.41
CA TYR F 162 -63.29 -14.23 -20.82
C TYR F 162 -64.40 -13.52 -21.59
N ASN F 163 -65.59 -13.42 -20.99
CA ASN F 163 -66.70 -12.73 -21.64
C ASN F 163 -66.39 -11.25 -21.80
N ASN F 164 -65.81 -10.62 -20.77
CA ASN F 164 -65.46 -9.21 -20.86
C ASN F 164 -64.40 -8.97 -21.93
N VAL F 165 -63.43 -9.87 -22.04
CA VAL F 165 -62.39 -9.72 -23.07
C VAL F 165 -63.00 -9.87 -24.45
N VAL F 166 -63.87 -10.88 -24.63
CA VAL F 166 -64.44 -11.13 -25.94
C VAL F 166 -65.44 -10.04 -26.34
N TYR F 167 -66.02 -9.33 -25.37
CA TYR F 167 -66.92 -8.23 -25.67
C TYR F 167 -66.24 -6.88 -25.62
N GLY F 168 -64.96 -6.83 -25.27
CA GLY F 168 -64.25 -5.57 -25.19
C GLY F 168 -63.64 -5.12 -26.50
N PHE F 169 -62.82 -5.97 -27.11
CA PHE F 169 -62.14 -5.63 -28.36
C PHE F 169 -63.09 -5.88 -29.52
N GLN F 170 -64.09 -5.01 -29.62
CA GLN F 170 -65.07 -5.05 -30.70
C GLN F 170 -65.08 -3.77 -31.51
N ASN F 171 -64.91 -2.63 -30.87
CA ASN F 171 -64.82 -1.36 -31.59
C ASN F 171 -63.49 -1.27 -32.31
N PRO F 172 -63.47 -1.00 -33.62
CA PRO F 172 -62.19 -0.86 -34.32
C PRO F 172 -61.31 0.24 -33.76
N LEU F 173 -61.90 1.32 -33.25
CA LEU F 173 -61.09 2.38 -32.64
C LEU F 173 -60.33 1.87 -31.43
N ILE F 174 -61.00 1.05 -30.60
CA ILE F 174 -60.36 0.53 -29.39
C ILE F 174 -59.19 -0.37 -29.75
N VAL F 175 -59.38 -1.27 -30.73
CA VAL F 175 -58.30 -2.17 -31.09
C VAL F 175 -57.16 -1.41 -31.76
N GLY F 176 -57.47 -0.36 -32.54
CA GLY F 176 -56.42 0.46 -33.11
C GLY F 176 -55.61 1.18 -32.05
N PHE F 177 -56.30 1.74 -31.04
CA PHE F 177 -55.60 2.37 -29.93
C PHE F 177 -54.72 1.38 -29.20
N TYR F 178 -55.24 0.18 -28.95
CA TYR F 178 -54.44 -0.86 -28.29
C TYR F 178 -53.21 -1.22 -29.12
N LEU F 179 -53.38 -1.36 -30.43
CA LEU F 179 -52.25 -1.72 -31.28
C LEU F 179 -51.18 -0.63 -31.29
N LEU F 180 -51.60 0.64 -31.38
CA LEU F 180 -50.63 1.74 -31.34
C LEU F 180 -49.90 1.76 -30.00
N THR F 181 -50.63 1.58 -28.90
CA THR F 181 -50.00 1.55 -27.59
C THR F 181 -49.01 0.40 -27.49
N MET F 182 -49.36 -0.77 -28.04
CA MET F 182 -48.45 -1.91 -27.97
C MET F 182 -47.20 -1.68 -28.80
N VAL F 183 -47.32 -1.01 -29.95
CA VAL F 183 -46.13 -0.67 -30.73
C VAL F 183 -45.22 0.25 -29.93
N PHE F 184 -45.81 1.28 -29.33
CA PHE F 184 -45.00 2.22 -28.55
C PHE F 184 -44.36 1.54 -27.35
N LEU F 185 -45.09 0.65 -26.68
CA LEU F 185 -44.54 -0.09 -25.55
C LEU F 185 -43.45 -1.06 -26.00
N ALA F 186 -43.58 -1.62 -27.19
CA ALA F 186 -42.52 -2.48 -27.72
C ALA F 186 -41.24 -1.70 -27.90
N LEU F 187 -41.33 -0.50 -28.49
CA LEU F 187 -40.14 0.35 -28.61
C LEU F 187 -39.60 0.73 -27.24
N HIS F 188 -40.51 1.07 -26.32
CA HIS F 188 -40.11 1.46 -24.97
C HIS F 188 -39.32 0.36 -24.29
N LEU F 189 -39.81 -0.88 -24.36
CA LEU F 189 -39.10 -2.00 -23.76
C LEU F 189 -37.78 -2.25 -24.47
N TYR F 190 -37.80 -2.23 -25.82
CA TYR F 190 -36.59 -2.47 -26.59
C TYR F 190 -35.46 -1.52 -26.19
N HIS F 191 -35.80 -0.29 -25.80
CA HIS F 191 -34.75 0.59 -25.31
C HIS F 191 -34.48 0.38 -23.81
N GLY F 192 -35.54 0.31 -23.02
CA GLY F 192 -35.39 0.40 -21.58
C GLY F 192 -34.78 -0.84 -20.94
N VAL F 193 -34.95 -2.01 -21.55
CA VAL F 193 -34.41 -3.22 -20.95
C VAL F 193 -32.89 -3.13 -20.85
N TRP F 194 -32.24 -2.65 -21.92
CA TRP F 194 -30.81 -2.39 -21.85
C TRP F 194 -30.49 -1.10 -21.10
N SER F 195 -31.38 -0.10 -21.19
CA SER F 195 -31.10 1.18 -20.56
C SER F 195 -30.99 1.05 -19.04
N MET F 196 -31.86 0.24 -18.43
CA MET F 196 -31.82 0.07 -16.98
C MET F 196 -30.55 -0.63 -16.54
N PHE F 197 -30.11 -1.64 -17.30
CA PHE F 197 -28.87 -2.33 -16.98
C PHE F 197 -27.68 -1.37 -17.09
N GLN F 198 -27.67 -0.53 -18.12
CA GLN F 198 -26.60 0.46 -18.24
C GLN F 198 -26.64 1.46 -17.09
N THR F 199 -27.84 1.90 -16.71
CA THR F 199 -27.97 2.88 -15.64
C THR F 199 -27.49 2.32 -14.31
N LEU F 200 -27.84 1.07 -14.00
CA LEU F 200 -27.39 0.48 -12.74
C LEU F 200 -25.90 0.16 -12.74
N GLY F 201 -25.23 0.24 -13.88
CA GLY F 201 -23.80 0.01 -13.94
C GLY F 201 -23.38 -1.41 -14.23
N TRP F 202 -24.31 -2.29 -14.62
CA TRP F 202 -24.00 -3.68 -14.90
C TRP F 202 -23.80 -3.87 -16.41
N ASN F 203 -22.68 -3.34 -16.89
CA ASN F 203 -22.37 -3.44 -18.31
C ASN F 203 -20.86 -3.33 -18.51
N ASN F 204 -20.37 -3.98 -19.55
CA ASN F 204 -18.96 -3.97 -19.92
C ASN F 204 -18.84 -4.43 -21.36
N ARG F 205 -17.60 -4.72 -21.79
CA ARG F 205 -17.38 -5.17 -23.16
C ARG F 205 -18.09 -6.48 -23.44
N THR F 206 -18.05 -7.42 -22.49
CA THR F 206 -18.52 -8.76 -22.75
C THR F 206 -20.04 -8.83 -22.85
N TYR F 207 -20.74 -8.16 -21.94
CA TYR F 207 -22.18 -8.36 -21.77
C TYR F 207 -23.03 -7.39 -22.57
N ASP F 208 -22.43 -6.46 -23.31
CA ASP F 208 -23.23 -5.45 -24.00
C ASP F 208 -24.12 -6.08 -25.07
N ARG F 209 -23.52 -6.90 -25.94
CA ARG F 209 -24.30 -7.52 -27.02
C ARG F 209 -25.35 -8.47 -26.47
N LEU F 210 -25.00 -9.22 -25.42
CA LEU F 210 -25.97 -10.10 -24.79
C LEU F 210 -27.15 -9.34 -24.23
N LEU F 211 -26.89 -8.20 -23.58
CA LEU F 211 -27.97 -7.38 -23.05
C LEU F 211 -28.84 -6.82 -24.17
N ARG F 212 -28.22 -6.38 -25.27
CA ARG F 212 -29.00 -5.88 -26.39
C ARG F 212 -29.89 -6.98 -26.98
N GLY F 213 -29.35 -8.19 -27.12
CA GLY F 213 -30.15 -9.29 -27.62
C GLY F 213 -31.29 -9.66 -26.69
N LEU F 214 -31.02 -9.64 -25.38
CA LEU F 214 -32.08 -9.91 -24.41
C LEU F 214 -33.19 -8.87 -24.50
N ALA F 215 -32.83 -7.60 -24.62
CA ALA F 215 -33.83 -6.56 -24.79
C ALA F 215 -34.64 -6.78 -26.07
N ILE F 216 -33.96 -7.13 -27.16
CA ILE F 216 -34.65 -7.35 -28.43
C ILE F 216 -35.66 -8.47 -28.31
N VAL F 217 -35.24 -9.60 -27.73
CA VAL F 217 -36.13 -10.76 -27.67
C VAL F 217 -37.29 -10.50 -26.71
N VAL F 218 -37.03 -9.83 -25.59
CA VAL F 218 -38.11 -9.53 -24.65
C VAL F 218 -39.13 -8.61 -25.29
N ALA F 219 -38.67 -7.56 -25.95
CA ALA F 219 -39.58 -6.63 -26.61
C ALA F 219 -40.37 -7.33 -27.70
N ALA F 220 -39.70 -8.17 -28.50
CA ALA F 220 -40.39 -8.88 -29.58
C ALA F 220 -41.48 -9.80 -29.04
N ALA F 221 -41.17 -10.57 -27.98
CA ALA F 221 -42.15 -11.47 -27.42
C ALA F 221 -43.34 -10.72 -26.85
N VAL F 222 -43.08 -9.65 -26.09
CA VAL F 222 -44.17 -8.88 -25.51
C VAL F 222 -45.04 -8.28 -26.59
N PHE F 223 -44.43 -7.69 -27.61
CA PHE F 223 -45.17 -7.08 -28.71
C PHE F 223 -46.02 -8.12 -29.43
N ILE F 224 -45.43 -9.28 -29.73
CA ILE F 224 -46.14 -10.32 -30.48
C ILE F 224 -47.36 -10.77 -29.70
N GLY F 225 -47.19 -11.08 -28.40
CA GLY F 225 -48.33 -11.54 -27.62
C GLY F 225 -49.40 -10.48 -27.47
N ASN F 226 -49.00 -9.24 -27.18
CA ASN F 226 -49.95 -8.19 -26.87
C ASN F 226 -50.62 -7.62 -28.10
N ILE F 227 -50.11 -7.91 -29.31
CA ILE F 227 -50.87 -7.60 -30.52
C ILE F 227 -51.61 -8.82 -31.05
N SER F 228 -51.22 -10.03 -30.66
CA SER F 228 -51.98 -11.21 -31.05
C SER F 228 -53.26 -11.33 -30.26
N PHE F 229 -53.28 -10.84 -29.02
CA PHE F 229 -54.52 -10.89 -28.24
C PHE F 229 -55.67 -10.12 -28.89
N PRO F 230 -55.59 -8.79 -29.06
CA PRO F 230 -56.79 -8.06 -29.51
C PRO F 230 -57.11 -8.30 -30.97
N LEU F 231 -56.11 -8.51 -31.83
CA LEU F 231 -56.39 -8.82 -33.23
C LEU F 231 -57.16 -10.12 -33.36
N ALA F 232 -56.74 -11.15 -32.63
CA ALA F 232 -57.45 -12.43 -32.68
C ALA F 232 -58.84 -12.31 -32.06
N VAL F 233 -58.98 -11.49 -31.01
CA VAL F 233 -60.31 -11.29 -30.43
C VAL F 233 -61.24 -10.61 -31.43
N TYR F 234 -60.74 -9.59 -32.12
CA TYR F 234 -61.58 -8.84 -33.05
C TYR F 234 -61.93 -9.65 -34.29
N PHE F 235 -60.98 -10.42 -34.80
CA PHE F 235 -61.19 -11.16 -36.04
C PHE F 235 -62.02 -12.42 -35.85
N GLY F 236 -62.44 -12.74 -34.63
CA GLY F 236 -63.28 -13.90 -34.39
C GLY F 236 -62.55 -15.21 -34.21
N PHE F 237 -61.22 -15.20 -34.20
CA PHE F 237 -60.48 -16.43 -33.93
C PHE F 237 -60.77 -16.94 -32.53
N VAL F 238 -60.88 -16.03 -31.56
CA VAL F 238 -61.25 -16.37 -30.19
C VAL F 238 -62.65 -15.80 -29.94
N ALA F 239 -63.58 -16.67 -29.57
CA ALA F 239 -64.95 -16.25 -29.33
C ALA F 239 -65.56 -17.00 -28.15
N VAL G 22 51.52 -7.57 -15.37
CA VAL G 22 51.38 -7.04 -14.03
C VAL G 22 49.89 -6.97 -13.68
N LEU G 23 49.58 -6.97 -12.39
CA LEU G 23 48.20 -6.96 -11.91
C LEU G 23 47.79 -5.53 -11.56
N ASP G 24 46.66 -5.09 -12.13
CA ASP G 24 46.12 -3.77 -11.86
C ASP G 24 44.75 -3.94 -11.21
N SER G 25 44.63 -3.45 -9.97
CA SER G 25 43.37 -3.57 -9.25
C SER G 25 42.29 -2.66 -9.82
N LYS G 26 42.70 -1.52 -10.39
CA LYS G 26 41.77 -0.56 -10.99
C LYS G 26 40.75 -0.04 -9.98
N VAL G 27 41.13 0.03 -8.71
CA VAL G 27 40.25 0.56 -7.68
C VAL G 27 40.17 2.08 -7.82
N PRO G 28 39.06 2.70 -7.44
CA PRO G 28 38.97 4.17 -7.52
C PRO G 28 39.77 4.85 -6.42
N THR G 29 39.83 6.18 -6.46
CA THR G 29 40.54 6.97 -5.47
C THR G 29 39.56 7.84 -4.70
N GLY G 30 40.09 8.61 -3.76
CA GLY G 30 39.28 9.49 -2.94
C GLY G 30 38.66 8.77 -1.76
N PRO G 31 37.66 9.40 -1.14
CA PRO G 31 36.99 8.77 0.01
C PRO G 31 36.34 7.45 -0.38
N ILE G 32 36.36 6.51 0.57
CA ILE G 32 35.83 5.18 0.31
C ILE G 32 34.31 5.18 0.22
N GLU G 33 33.64 6.20 0.76
CA GLU G 33 32.18 6.21 0.75
C GLU G 33 31.63 6.45 -0.65
N GLN G 34 32.33 7.23 -1.48
CA GLN G 34 31.85 7.59 -2.80
C GLN G 34 32.72 7.03 -3.92
N ARG G 35 33.58 6.05 -3.61
CA ARG G 35 34.43 5.46 -4.65
C ARG G 35 33.59 4.74 -5.71
N TRP G 36 32.58 3.98 -5.27
CA TRP G 36 31.76 3.23 -6.23
C TRP G 36 30.99 4.15 -7.15
N ASP G 37 30.39 5.22 -6.60
CA ASP G 37 29.67 6.17 -7.44
C ASP G 37 30.59 6.88 -8.42
N LYS G 38 31.79 7.25 -7.95
CA LYS G 38 32.76 7.88 -8.84
C LYS G 38 33.14 6.94 -9.97
N HIS G 39 33.37 5.67 -9.67
CA HIS G 39 33.71 4.70 -10.71
C HIS G 39 32.54 4.51 -11.67
N ARG G 40 31.31 4.49 -11.15
CA ARG G 40 30.14 4.36 -12.02
C ARG G 40 30.02 5.53 -12.97
N PHE G 41 30.28 6.75 -12.48
CA PHE G 41 30.26 7.91 -13.36
C PHE G 41 31.40 7.85 -14.38
N GLU G 42 32.57 7.37 -13.97
CA GLU G 42 33.71 7.32 -14.87
C GLU G 42 33.54 6.28 -15.96
N MET G 43 32.87 5.17 -15.68
CA MET G 43 32.78 4.07 -16.62
C MET G 43 31.92 4.45 -17.82
N LYS G 44 32.22 3.82 -18.96
CA LYS G 44 31.48 4.05 -20.19
C LYS G 44 30.12 3.35 -20.15
N LEU G 45 29.30 3.64 -21.15
CA LEU G 45 27.98 3.06 -21.26
C LEU G 45 27.74 2.58 -22.68
N VAL G 46 26.79 1.66 -22.82
CA VAL G 46 26.37 1.13 -24.11
C VAL G 46 24.94 1.61 -24.38
N ASN G 47 24.72 2.15 -25.57
CA ASN G 47 23.40 2.66 -25.92
C ASN G 47 22.38 1.51 -25.91
N PRO G 48 21.14 1.77 -25.49
CA PRO G 48 20.14 0.69 -25.47
C PRO G 48 19.87 0.08 -26.83
N ALA G 49 19.97 0.87 -27.90
CA ALA G 49 19.78 0.32 -29.24
C ALA G 49 20.94 -0.58 -29.64
N ASN G 50 22.15 -0.29 -29.15
CA ASN G 50 23.32 -1.10 -29.47
C ASN G 50 23.46 -2.32 -28.58
N ARG G 51 22.65 -2.44 -27.53
CA ARG G 51 22.79 -3.58 -26.62
C ARG G 51 22.41 -4.89 -27.28
N ARG G 52 21.46 -4.87 -28.20
CA ARG G 52 21.01 -6.10 -28.86
C ARG G 52 22.05 -6.66 -29.84
N LYS G 53 23.11 -5.92 -30.14
CA LYS G 53 24.13 -6.36 -31.08
C LYS G 53 25.26 -7.13 -30.40
N TYR G 54 25.19 -7.35 -29.09
CA TYR G 54 26.23 -8.04 -28.35
C TYR G 54 25.70 -9.36 -27.83
N THR G 55 26.60 -10.33 -27.68
CA THR G 55 26.27 -11.66 -27.17
C THR G 55 27.14 -11.95 -25.97
N ILE G 56 26.52 -12.39 -24.87
CA ILE G 56 27.22 -12.69 -23.63
C ILE G 56 26.90 -14.13 -23.24
N ILE G 57 27.93 -14.89 -22.91
CA ILE G 57 27.79 -16.27 -22.43
C ILE G 57 27.94 -16.24 -20.93
N VAL G 58 27.02 -16.90 -20.22
CA VAL G 58 27.04 -16.95 -18.76
C VAL G 58 27.05 -18.42 -18.37
N VAL G 59 28.22 -18.94 -18.01
CA VAL G 59 28.36 -20.33 -17.59
C VAL G 59 28.04 -20.41 -16.11
N GLY G 60 26.94 -21.08 -15.77
CA GLY G 60 26.53 -21.19 -14.38
C GLY G 60 25.15 -20.64 -14.13
N SER G 61 24.39 -21.31 -13.28
CA SER G 61 23.02 -20.93 -12.96
C SER G 61 22.79 -20.90 -11.47
N GLY G 62 23.83 -20.56 -10.71
CA GLY G 62 23.68 -20.39 -9.28
C GLY G 62 22.98 -19.09 -8.95
N LEU G 63 23.16 -18.57 -7.73
CA LEU G 63 22.59 -17.27 -7.40
C LEU G 63 23.21 -16.18 -8.27
N ALA G 64 24.54 -16.11 -8.29
CA ALA G 64 25.22 -15.09 -9.08
C ALA G 64 24.94 -15.28 -10.56
N GLY G 65 25.04 -16.52 -11.04
CA GLY G 65 24.84 -16.76 -12.47
C GLY G 65 23.43 -16.42 -12.93
N ALA G 66 22.43 -16.89 -12.19
CA ALA G 66 21.05 -16.62 -12.57
C ALA G 66 20.72 -15.13 -12.46
N SER G 67 21.18 -14.48 -11.39
CA SER G 67 20.92 -13.06 -11.24
C SER G 67 21.57 -12.26 -12.37
N ALA G 68 22.82 -12.59 -12.71
CA ALA G 68 23.50 -11.89 -13.79
C ALA G 68 22.81 -12.12 -15.12
N ALA G 69 22.41 -13.36 -15.40
CA ALA G 69 21.72 -13.65 -16.66
C ALA G 69 20.40 -12.91 -16.75
N ALA G 70 19.63 -12.88 -15.66
CA ALA G 70 18.36 -12.17 -15.67
C ALA G 70 18.56 -10.67 -15.86
N THR G 71 19.54 -10.09 -15.17
CA THR G 71 19.77 -8.65 -15.29
C THR G 71 20.24 -8.29 -16.69
N LEU G 72 21.14 -9.10 -17.27
CA LEU G 72 21.62 -8.81 -18.62
C LEU G 72 20.53 -9.01 -19.66
N GLY G 73 19.64 -9.99 -19.46
CA GLY G 73 18.50 -10.14 -20.34
C GLY G 73 17.54 -8.96 -20.24
N GLU G 74 17.36 -8.44 -19.02
CA GLU G 74 16.53 -7.25 -18.85
C GLU G 74 17.16 -6.05 -19.56
N ALA G 75 18.49 -5.94 -19.49
CA ALA G 75 19.17 -4.83 -20.16
C ALA G 75 18.96 -4.88 -21.67
N GLY G 76 19.04 -6.07 -22.27
CA GLY G 76 18.81 -6.21 -23.69
C GLY G 76 19.83 -7.06 -24.41
N TYR G 77 20.90 -7.45 -23.72
CA TYR G 77 21.94 -8.25 -24.33
C TYR G 77 21.43 -9.65 -24.65
N ASN G 78 21.99 -10.25 -25.69
CA ASN G 78 21.68 -11.63 -26.05
C ASN G 78 22.47 -12.54 -25.13
N VAL G 79 21.79 -13.15 -24.16
CA VAL G 79 22.44 -13.89 -23.09
C VAL G 79 22.28 -15.38 -23.36
N LEU G 80 23.37 -16.12 -23.22
CA LEU G 80 23.37 -17.58 -23.29
C LEU G 80 23.79 -18.11 -21.92
N CYS G 81 22.91 -18.88 -21.29
CA CYS G 81 23.16 -19.45 -19.98
C CYS G 81 23.29 -20.96 -20.11
N PHE G 82 24.20 -21.54 -19.33
CA PHE G 82 24.48 -22.96 -19.39
C PHE G 82 24.47 -23.54 -17.99
N CYS G 83 24.04 -24.80 -17.87
CA CYS G 83 24.09 -25.50 -16.60
C CYS G 83 24.14 -27.00 -16.87
N TYR G 84 24.90 -27.71 -16.05
CA TYR G 84 25.00 -29.17 -16.20
C TYR G 84 23.89 -29.91 -15.49
N GLN G 85 23.14 -29.26 -14.61
CA GLN G 85 22.03 -29.91 -13.93
C GLN G 85 20.84 -30.02 -14.88
N ASP G 86 19.78 -30.70 -14.41
CA ASP G 86 18.58 -30.86 -15.23
C ASP G 86 17.88 -29.52 -15.44
N SER G 87 17.83 -28.68 -14.43
CA SER G 87 17.12 -27.42 -14.47
C SER G 87 17.99 -26.33 -13.86
N PRO G 88 17.76 -25.08 -14.23
CA PRO G 88 18.52 -23.97 -13.61
C PRO G 88 18.32 -23.87 -12.11
N ARG G 89 17.27 -24.47 -11.55
CA ARG G 89 16.96 -24.36 -10.13
C ARG G 89 17.64 -25.43 -9.29
N ARG G 90 18.51 -26.25 -9.87
CA ARG G 90 19.19 -27.32 -9.14
C ARG G 90 20.61 -26.96 -8.75
N ALA G 91 20.95 -25.67 -8.78
CA ALA G 91 22.26 -25.25 -8.31
C ALA G 91 22.35 -25.42 -6.79
N HIS G 92 23.59 -25.51 -6.29
CA HIS G 92 23.73 -25.77 -4.87
C HIS G 92 23.44 -24.56 -4.00
N SER G 93 23.28 -23.38 -4.61
CA SER G 93 22.80 -22.24 -3.86
C SER G 93 21.41 -22.47 -3.29
N ILE G 94 20.68 -23.47 -3.81
CA ILE G 94 19.40 -23.86 -3.26
C ILE G 94 19.53 -24.46 -1.86
N ALA G 95 20.75 -24.85 -1.47
CA ALA G 95 20.97 -25.61 -0.25
C ALA G 95 21.40 -24.76 0.93
N ALA G 96 21.44 -23.44 0.78
CA ALA G 96 21.84 -22.56 1.87
C ALA G 96 20.73 -22.46 2.90
N GLN G 97 21.07 -22.71 4.16
CA GLN G 97 20.08 -22.65 5.24
C GLN G 97 20.08 -21.31 5.96
N GLY G 98 21.26 -20.70 6.16
CA GLY G 98 21.34 -19.44 6.85
C GLY G 98 20.78 -18.30 6.00
N GLY G 99 20.54 -17.18 6.67
CA GLY G 99 19.96 -16.02 6.03
C GLY G 99 20.94 -15.27 5.16
N ILE G 100 20.66 -13.98 4.97
CA ILE G 100 21.50 -13.10 4.16
C ILE G 100 21.71 -11.81 4.93
N ASN G 101 22.95 -11.35 4.98
CA ASN G 101 23.30 -10.16 5.75
C ASN G 101 22.97 -8.89 4.96
N ALA G 102 22.67 -7.82 5.68
CA ALA G 102 22.41 -6.52 5.09
C ALA G 102 22.58 -5.44 6.14
N ALA G 103 23.06 -4.28 5.71
CA ALA G 103 23.27 -3.15 6.62
C ALA G 103 22.07 -2.21 6.54
N LYS G 104 20.94 -2.70 7.05
CA LYS G 104 19.71 -1.92 7.06
C LYS G 104 19.40 -1.30 8.42
N ASN G 105 19.97 -1.83 9.50
CA ASN G 105 19.75 -1.32 10.86
C ASN G 105 18.26 -1.29 11.20
N TYR G 106 17.54 -2.34 10.81
CA TYR G 106 16.12 -2.42 11.11
C TYR G 106 15.84 -2.73 12.58
N ARG G 107 16.84 -3.23 13.31
CA ARG G 107 16.67 -3.57 14.71
C ARG G 107 17.16 -2.49 15.66
N ASN G 108 17.65 -1.36 15.14
CA ASN G 108 18.08 -0.23 15.96
C ASN G 108 19.15 -0.64 16.98
N ASP G 109 20.11 -1.45 16.54
CA ASP G 109 21.15 -1.97 17.42
C ASP G 109 22.53 -1.46 17.06
N GLY G 110 22.64 -0.45 16.20
CA GLY G 110 23.92 0.13 15.85
C GLY G 110 24.53 -0.36 14.56
N ASP G 111 23.81 -1.15 13.78
CA ASP G 111 24.34 -1.63 12.51
C ASP G 111 24.38 -0.50 11.48
N SER G 112 25.36 -0.57 10.59
CA SER G 112 25.51 0.42 9.53
C SER G 112 26.37 -0.18 8.43
N ILE G 113 26.44 0.55 7.32
CA ILE G 113 27.27 0.11 6.20
C ILE G 113 28.74 0.08 6.59
N TYR G 114 29.21 1.13 7.27
CA TYR G 114 30.59 1.17 7.70
C TYR G 114 30.89 0.07 8.72
N ARG G 115 29.95 -0.19 9.63
CA ARG G 115 30.15 -1.27 10.60
C ARG G 115 30.23 -2.62 9.90
N LEU G 116 29.37 -2.85 8.91
CA LEU G 116 29.41 -4.10 8.16
C LEU G 116 30.73 -4.24 7.40
N PHE G 117 31.21 -3.15 6.80
CA PHE G 117 32.48 -3.19 6.09
C PHE G 117 33.63 -3.50 7.05
N TYR G 118 33.63 -2.85 8.21
CA TYR G 118 34.68 -3.11 9.20
C TYR G 118 34.64 -4.55 9.68
N ASP G 119 33.43 -5.08 9.96
CA ASP G 119 33.32 -6.45 10.41
C ASP G 119 33.78 -7.43 9.35
N THR G 120 33.43 -7.18 8.09
CA THR G 120 33.85 -8.08 7.01
C THR G 120 35.36 -8.04 6.80
N VAL G 121 35.94 -6.84 6.84
CA VAL G 121 37.39 -6.75 6.62
C VAL G 121 38.16 -7.32 7.81
N LYS G 122 37.62 -7.23 9.03
CA LYS G 122 38.30 -7.80 10.19
C LYS G 122 38.14 -9.31 10.24
N GLY G 123 36.99 -9.83 9.81
CA GLY G 123 36.77 -11.26 9.79
C GLY G 123 37.60 -11.99 8.75
N GLY G 124 38.03 -11.30 7.70
CA GLY G 124 38.92 -11.87 6.71
C GLY G 124 40.38 -11.84 7.10
N ASP G 125 40.69 -11.38 8.31
CA ASP G 125 42.06 -11.30 8.81
C ASP G 125 42.93 -10.41 7.93
N PHE G 126 42.33 -9.36 7.37
CA PHE G 126 43.04 -8.35 6.58
C PHE G 126 43.79 -9.00 5.41
N ARG G 127 43.02 -9.64 4.54
CA ARG G 127 43.59 -10.30 3.36
C ARG G 127 42.74 -10.04 2.12
N ALA G 128 42.10 -8.87 2.05
CA ALA G 128 41.26 -8.53 0.90
C ALA G 128 41.25 -7.02 0.72
N ARG G 129 40.89 -6.60 -0.48
CA ARG G 129 40.82 -5.18 -0.78
C ARG G 129 39.63 -4.53 -0.08
N GLU G 130 39.84 -3.30 0.41
CA GLU G 130 38.79 -2.61 1.14
C GLU G 130 37.67 -2.12 0.22
N SER G 131 38.01 -1.74 -1.00
CA SER G 131 37.02 -1.16 -1.91
C SER G 131 35.91 -2.16 -2.24
N ASN G 132 36.29 -3.41 -2.54
CA ASN G 132 35.29 -4.41 -2.87
C ASN G 132 34.38 -4.69 -1.68
N VAL G 133 34.95 -4.77 -0.48
CA VAL G 133 34.15 -5.02 0.72
C VAL G 133 33.16 -3.88 0.95
N TYR G 134 33.63 -2.63 0.81
CA TYR G 134 32.73 -1.51 1.02
C TYR G 134 31.64 -1.47 -0.05
N ARG G 135 31.98 -1.79 -1.29
CA ARG G 135 30.97 -1.83 -2.35
C ARG G 135 29.91 -2.87 -2.06
N LEU G 136 30.33 -4.05 -1.61
CA LEU G 136 29.38 -5.11 -1.27
C LEU G 136 28.48 -4.68 -0.13
N ALA G 137 29.07 -4.10 0.93
CA ALA G 137 28.27 -3.65 2.06
C ALA G 137 27.32 -2.53 1.66
N GLN G 138 27.70 -1.72 0.67
CA GLN G 138 26.85 -0.63 0.22
C GLN G 138 25.68 -1.14 -0.61
N VAL G 139 25.91 -2.18 -1.42
CA VAL G 139 24.86 -2.69 -2.29
C VAL G 139 24.00 -3.75 -1.61
N SER G 140 24.36 -4.19 -0.40
CA SER G 140 23.55 -5.19 0.30
C SER G 140 22.11 -4.73 0.50
N VAL G 141 21.91 -3.44 0.77
CA VAL G 141 20.56 -2.93 1.01
C VAL G 141 19.71 -3.06 -0.25
N ASN G 142 20.27 -2.69 -1.41
CA ASN G 142 19.57 -2.88 -2.67
C ASN G 142 19.32 -4.35 -2.95
N ILE G 143 20.27 -5.21 -2.57
CA ILE G 143 20.06 -6.65 -2.73
C ILE G 143 18.81 -7.08 -1.97
N ILE G 144 18.70 -6.67 -0.71
CA ILE G 144 17.57 -7.08 0.11
C ILE G 144 16.26 -6.51 -0.45
N ASP G 145 16.29 -5.25 -0.89
CA ASP G 145 15.08 -4.66 -1.45
C ASP G 145 14.63 -5.41 -2.70
N GLN G 146 15.56 -5.74 -3.59
CA GLN G 146 15.21 -6.49 -4.80
C GLN G 146 14.68 -7.87 -4.46
N CYS G 147 15.30 -8.54 -3.48
CA CYS G 147 14.83 -9.86 -3.08
C CYS G 147 13.42 -9.80 -2.52
N VAL G 148 13.13 -8.78 -1.70
CA VAL G 148 11.80 -8.63 -1.12
C VAL G 148 10.77 -8.36 -2.22
N ALA G 149 11.10 -7.47 -3.16
CA ALA G 149 10.14 -7.08 -4.18
C ALA G 149 9.81 -8.21 -5.15
N GLN G 150 10.62 -9.27 -5.19
CA GLN G 150 10.40 -10.37 -6.11
C GLN G 150 9.48 -11.45 -5.54
N GLY G 151 8.98 -11.27 -4.32
CA GLY G 151 8.10 -12.26 -3.72
C GLY G 151 8.78 -13.29 -2.86
N VAL G 152 10.01 -13.05 -2.41
CA VAL G 152 10.69 -13.98 -1.52
C VAL G 152 10.04 -13.89 -0.15
N PRO G 153 9.53 -15.00 0.40
CA PRO G 153 8.81 -14.97 1.69
C PRO G 153 9.74 -14.95 2.89
N PHE G 154 10.28 -13.78 3.18
CA PHE G 154 11.11 -13.61 4.37
C PHE G 154 10.25 -13.64 5.62
N ALA G 155 10.89 -13.96 6.75
CA ALA G 155 10.18 -14.01 8.02
C ALA G 155 9.66 -12.63 8.39
N ARG G 156 8.39 -12.57 8.80
CA ARG G 156 7.73 -11.32 9.11
C ARG G 156 7.27 -11.30 10.56
N GLU G 157 7.28 -10.10 11.16
CA GLU G 157 6.74 -9.94 12.49
C GLU G 157 5.22 -9.91 12.43
N TYR G 158 4.58 -9.83 13.60
CA TYR G 158 3.13 -9.84 13.64
C TYR G 158 2.54 -8.59 13.01
N GLY G 159 3.27 -7.47 13.07
CA GLY G 159 2.77 -6.24 12.49
C GLY G 159 2.82 -6.15 10.98
N GLY G 160 3.51 -7.08 10.33
CA GLY G 160 3.62 -7.09 8.89
C GLY G 160 4.98 -6.72 8.36
N LEU G 161 5.89 -6.26 9.21
CA LEU G 161 7.22 -5.86 8.78
C LEU G 161 8.20 -7.02 8.95
N LEU G 162 9.39 -6.85 8.37
CA LEU G 162 10.37 -7.91 8.34
C LEU G 162 10.95 -8.18 9.72
N ASP G 163 11.45 -9.40 9.91
CA ASP G 163 12.06 -9.82 11.16
C ASP G 163 13.54 -10.12 10.93
N ASN G 164 14.34 -9.86 11.95
CA ASN G 164 15.79 -10.06 11.88
C ASN G 164 16.27 -10.93 13.03
N ARG G 165 17.33 -11.69 12.77
CA ARG G 165 17.96 -12.52 13.78
C ARG G 165 19.46 -12.38 13.67
N SER G 166 20.17 -12.96 14.63
CA SER G 166 21.62 -12.87 14.71
C SER G 166 22.25 -14.25 14.61
N PHE G 167 23.58 -14.26 14.49
CA PHE G 167 24.35 -15.49 14.43
C PHE G 167 25.00 -15.77 15.78
N GLY G 168 25.85 -16.80 15.81
CA GLY G 168 26.55 -17.15 17.02
C GLY G 168 27.76 -16.31 17.35
N GLY G 169 28.21 -15.47 16.41
CA GLY G 169 29.37 -14.63 16.65
C GLY G 169 29.14 -13.17 16.30
N ALA G 170 28.07 -12.89 15.57
CA ALA G 170 27.77 -11.52 15.18
C ALA G 170 27.24 -10.73 16.37
N GLN G 171 27.61 -9.45 16.43
CA GLN G 171 27.19 -8.58 17.51
C GLN G 171 25.93 -7.80 17.18
N VAL G 172 25.36 -7.97 15.99
CA VAL G 172 24.14 -7.29 15.59
C VAL G 172 23.21 -8.27 14.91
N ALA G 173 21.93 -7.93 14.89
CA ALA G 173 20.91 -8.73 14.22
C ALA G 173 20.67 -8.10 12.85
N ARG G 174 21.49 -8.52 11.88
CA ARG G 174 21.44 -7.96 10.53
C ARG G 174 21.16 -9.03 9.48
N THR G 175 20.48 -10.11 9.86
CA THR G 175 20.25 -11.24 8.97
C THR G 175 18.77 -11.36 8.65
N PHE G 176 18.45 -11.45 7.36
CA PHE G 176 17.10 -11.69 6.89
C PHE G 176 17.01 -13.13 6.43
N TYR G 177 15.96 -13.84 6.85
CA TYR G 177 15.94 -15.28 6.71
C TYR G 177 14.52 -15.76 6.40
N ALA G 178 14.46 -16.83 5.61
CA ALA G 178 13.28 -17.67 5.57
C ALA G 178 13.34 -18.64 6.76
N ARG G 179 12.35 -19.53 6.86
CA ARG G 179 12.27 -20.38 8.04
C ARG G 179 13.52 -21.25 8.19
N GLY G 180 13.88 -21.99 7.15
CA GLY G 180 15.14 -22.72 7.16
C GLY G 180 15.76 -22.83 5.79
N GLN G 181 15.18 -22.16 4.80
CA GLN G 181 15.56 -22.31 3.40
C GLN G 181 15.70 -20.96 2.73
N THR G 182 16.46 -20.05 3.35
CA THR G 182 16.65 -18.73 2.77
C THR G 182 17.31 -18.81 1.40
N GLY G 183 18.36 -19.63 1.28
CA GLY G 183 19.01 -19.79 -0.02
C GLY G 183 18.08 -20.37 -1.05
N GLN G 184 17.20 -21.30 -0.64
CA GLN G 184 16.24 -21.87 -1.57
C GLN G 184 15.31 -20.80 -2.12
N GLN G 185 14.80 -19.92 -1.27
CA GLN G 185 13.91 -18.85 -1.72
C GLN G 185 14.64 -17.85 -2.60
N LEU G 186 15.88 -17.50 -2.24
CA LEU G 186 16.63 -16.55 -3.06
C LEU G 186 16.89 -17.12 -4.45
N LEU G 187 17.31 -18.39 -4.52
CA LEU G 187 17.52 -19.02 -5.82
C LEU G 187 16.22 -19.15 -6.58
N LEU G 188 15.10 -19.41 -5.90
CA LEU G 188 13.83 -19.49 -6.59
C LEU G 188 13.44 -18.14 -7.19
N GLY G 189 13.67 -17.05 -6.46
CA GLY G 189 13.39 -15.73 -7.02
C GLY G 189 14.26 -15.41 -8.23
N ALA G 190 15.56 -15.70 -8.11
CA ALA G 190 16.46 -15.46 -9.24
C ALA G 190 16.06 -16.32 -10.44
N TYR G 191 15.68 -17.58 -10.20
CA TYR G 191 15.28 -18.47 -11.28
C TYR G 191 13.96 -18.04 -11.89
N GLN G 192 13.05 -17.46 -11.10
CA GLN G 192 11.82 -16.92 -11.67
C GLN G 192 12.10 -15.73 -12.56
N ALA G 193 13.02 -14.86 -12.14
CA ALA G 193 13.41 -13.75 -13.01
C ALA G 193 14.05 -14.26 -14.30
N LEU G 194 14.91 -15.28 -14.19
CA LEU G 194 15.55 -15.85 -15.36
C LEU G 194 14.53 -16.49 -16.29
N SER G 195 13.52 -17.17 -15.73
CA SER G 195 12.47 -17.76 -16.54
C SER G 195 11.64 -16.70 -17.24
N ARG G 196 11.36 -15.59 -16.56
CA ARG G 196 10.66 -14.48 -17.20
C ARG G 196 11.47 -13.95 -18.37
N GLN G 197 12.79 -13.80 -18.19
CA GLN G 197 13.63 -13.33 -19.29
C GLN G 197 13.65 -14.34 -20.43
N ILE G 198 13.66 -15.64 -20.11
CA ILE G 198 13.65 -16.67 -21.14
C ILE G 198 12.37 -16.60 -21.94
N ALA G 199 11.24 -16.42 -21.27
CA ALA G 199 9.95 -16.33 -21.96
C ALA G 199 9.93 -15.15 -22.93
N ALA G 200 10.59 -14.05 -22.58
CA ALA G 200 10.70 -12.90 -23.48
C ALA G 200 11.59 -13.19 -24.67
N GLY G 201 12.34 -14.28 -24.66
CA GLY G 201 13.22 -14.63 -25.76
C GLY G 201 14.59 -13.98 -25.73
N THR G 202 14.89 -13.19 -24.70
CA THR G 202 16.18 -12.52 -24.63
C THR G 202 17.29 -13.46 -24.19
N VAL G 203 16.98 -14.42 -23.33
CA VAL G 203 17.96 -15.32 -22.75
C VAL G 203 17.69 -16.74 -23.23
N LYS G 204 18.73 -17.41 -23.69
CA LYS G 204 18.64 -18.80 -24.14
C LYS G 204 19.32 -19.71 -23.11
N MET G 205 18.58 -20.67 -22.60
CA MET G 205 19.05 -21.56 -21.54
C MET G 205 19.43 -22.91 -22.12
N PHE G 206 20.54 -23.47 -21.63
CA PHE G 206 21.04 -24.77 -22.06
C PHE G 206 21.31 -25.61 -20.82
N PRO G 207 20.33 -26.40 -20.38
CA PRO G 207 20.57 -27.32 -19.27
C PRO G 207 21.21 -28.62 -19.75
N ARG G 208 21.80 -29.34 -18.79
CA ARG G 208 22.44 -30.64 -19.03
C ARG G 208 23.55 -30.54 -20.07
N THR G 209 24.28 -29.42 -20.04
CA THR G 209 25.48 -29.21 -20.84
C THR G 209 26.51 -28.55 -19.94
N GLU G 210 27.74 -29.02 -20.00
CA GLU G 210 28.81 -28.49 -19.17
C GLU G 210 29.91 -27.92 -20.05
N MET G 211 30.44 -26.77 -19.63
CA MET G 211 31.56 -26.16 -20.36
C MET G 211 32.79 -27.04 -20.18
N LEU G 212 33.47 -27.32 -21.29
CA LEU G 212 34.67 -28.13 -21.27
C LEU G 212 35.93 -27.39 -21.65
N ASP G 213 35.82 -26.30 -22.41
CA ASP G 213 37.01 -25.53 -22.74
C ASP G 213 36.64 -24.09 -23.03
N LEU G 214 37.63 -23.21 -22.96
CA LEU G 214 37.47 -21.79 -23.23
C LEU G 214 38.29 -21.41 -24.45
N VAL G 215 37.67 -20.68 -25.38
CA VAL G 215 38.31 -20.28 -26.62
C VAL G 215 38.65 -18.80 -26.53
N VAL G 216 39.94 -18.49 -26.59
CA VAL G 216 40.45 -17.13 -26.51
C VAL G 216 40.95 -16.74 -27.89
N VAL G 217 40.42 -15.65 -28.43
CA VAL G 217 40.78 -15.17 -29.76
C VAL G 217 41.37 -13.78 -29.63
N ASP G 218 42.59 -13.61 -30.12
CA ASP G 218 43.29 -12.32 -30.08
C ASP G 218 43.37 -11.76 -28.67
N GLY G 219 43.63 -12.64 -27.70
CA GLY G 219 43.78 -12.23 -26.32
C GLY G 219 42.49 -11.93 -25.59
N ARG G 220 41.33 -12.21 -26.19
CA ARG G 220 40.04 -12.01 -25.55
C ARG G 220 39.28 -13.33 -25.52
N ALA G 221 38.64 -13.61 -24.39
CA ALA G 221 37.83 -14.82 -24.26
C ALA G 221 36.62 -14.67 -25.15
N ARG G 222 36.64 -15.34 -26.29
CA ARG G 222 35.63 -15.14 -27.33
C ARG G 222 34.70 -16.33 -27.52
N GLY G 223 34.83 -17.39 -26.73
CA GLY G 223 33.86 -18.46 -26.85
C GLY G 223 34.13 -19.58 -25.86
N ILE G 224 33.28 -20.60 -25.95
CA ILE G 224 33.41 -21.80 -25.13
C ILE G 224 33.15 -23.03 -25.99
N ILE G 225 33.66 -24.16 -25.52
CA ILE G 225 33.40 -25.47 -26.09
C ILE G 225 32.72 -26.31 -25.02
N THR G 226 31.52 -26.80 -25.32
CA THR G 226 30.70 -27.51 -24.34
C THR G 226 30.34 -28.88 -24.88
N ARG G 227 29.92 -29.76 -23.96
CA ARG G 227 29.49 -31.10 -24.30
C ARG G 227 28.09 -31.33 -23.73
N ASP G 228 27.16 -31.75 -24.57
CA ASP G 228 25.83 -32.13 -24.09
C ASP G 228 25.93 -33.41 -23.29
N MET G 229 25.34 -33.40 -22.09
CA MET G 229 25.43 -34.55 -21.20
C MET G 229 24.52 -35.70 -21.62
N VAL G 230 23.52 -35.43 -22.46
CA VAL G 230 22.56 -36.46 -22.83
C VAL G 230 23.04 -37.19 -24.08
N THR G 231 23.20 -36.47 -25.19
CA THR G 231 23.58 -37.07 -26.45
C THR G 231 25.08 -37.13 -26.68
N GLY G 232 25.87 -36.49 -25.81
CA GLY G 232 27.31 -36.48 -25.98
C GLY G 232 27.82 -35.57 -27.07
N LYS G 233 26.96 -34.73 -27.64
CA LYS G 233 27.38 -33.84 -28.72
C LYS G 233 28.31 -32.75 -28.20
N ILE G 234 29.27 -32.38 -29.05
CA ILE G 234 30.22 -31.31 -28.75
C ILE G 234 29.80 -30.08 -29.54
N THR G 235 29.62 -28.97 -28.85
CA THR G 235 29.13 -27.75 -29.46
C THR G 235 30.10 -26.61 -29.18
N ARG G 236 30.18 -25.67 -30.12
CA ARG G 236 31.05 -24.51 -30.03
C ARG G 236 30.18 -23.26 -30.01
N TYR G 237 30.38 -22.41 -29.01
CA TYR G 237 29.62 -21.18 -28.89
C TYR G 237 30.57 -19.99 -28.87
N ALA G 238 30.18 -18.92 -29.56
CA ALA G 238 30.98 -17.70 -29.65
C ALA G 238 30.19 -16.51 -29.12
N ALA G 239 30.87 -15.64 -28.38
CA ALA G 239 30.22 -14.47 -27.80
C ALA G 239 31.27 -13.40 -27.54
N ASP G 240 30.79 -12.17 -27.34
CA ASP G 240 31.69 -11.06 -27.07
C ASP G 240 32.30 -11.14 -25.67
N ALA G 241 31.53 -11.62 -24.70
CA ALA G 241 32.01 -11.72 -23.33
C ALA G 241 31.60 -13.06 -22.74
N VAL G 242 32.41 -13.56 -21.82
CA VAL G 242 32.17 -14.82 -21.13
C VAL G 242 32.23 -14.57 -19.62
N VAL G 243 31.22 -15.02 -18.90
CA VAL G 243 31.11 -14.85 -17.47
C VAL G 243 31.09 -16.24 -16.83
N LEU G 244 31.88 -16.41 -15.78
CA LEU G 244 32.00 -17.69 -15.08
C LEU G 244 31.37 -17.57 -13.70
N ALA G 245 30.37 -18.41 -13.43
CA ALA G 245 29.71 -18.46 -12.14
C ALA G 245 29.54 -19.91 -11.70
N THR G 246 30.61 -20.69 -11.80
CA THR G 246 30.55 -22.13 -11.61
C THR G 246 30.68 -22.55 -10.15
N GLY G 247 30.83 -21.61 -9.22
CA GLY G 247 30.89 -21.95 -7.81
C GLY G 247 32.29 -22.30 -7.35
N GLY G 248 32.36 -22.74 -6.10
CA GLY G 248 33.62 -23.06 -5.47
C GLY G 248 34.17 -24.40 -5.89
N TYR G 249 35.37 -24.71 -5.36
CA TYR G 249 36.08 -25.94 -5.67
C TYR G 249 36.30 -26.78 -4.42
N GLY G 250 35.37 -26.72 -3.47
CA GLY G 250 35.51 -27.46 -2.23
C GLY G 250 35.39 -28.96 -2.36
N ASN G 251 35.04 -29.46 -3.54
CA ASN G 251 34.87 -30.89 -3.76
C ASN G 251 36.18 -31.60 -4.09
N VAL G 252 37.31 -30.89 -4.05
CA VAL G 252 38.61 -31.54 -4.26
C VAL G 252 38.84 -32.60 -3.18
N PHE G 253 38.55 -32.26 -1.93
CA PHE G 253 38.46 -33.27 -0.90
C PHE G 253 37.26 -34.17 -1.18
N TYR G 254 37.44 -35.48 -0.95
CA TYR G 254 36.35 -36.41 -1.24
C TYR G 254 35.13 -36.14 -0.39
N LEU G 255 35.34 -35.86 0.90
CA LEU G 255 34.26 -35.60 1.84
C LEU G 255 34.10 -34.09 2.01
N SER G 256 32.92 -33.59 1.66
CA SER G 256 32.66 -32.15 1.74
C SER G 256 31.16 -31.93 1.85
N THR G 257 30.78 -30.73 2.26
CA THR G 257 29.38 -30.34 2.32
C THR G 257 28.85 -29.86 0.98
N ASN G 258 29.71 -29.76 -0.04
CA ASN G 258 29.26 -29.36 -1.36
C ASN G 258 28.50 -30.49 -2.04
N ALA G 259 27.89 -30.15 -3.18
CA ALA G 259 27.07 -31.11 -3.90
C ALA G 259 27.93 -32.16 -4.59
N LYS G 260 27.28 -33.25 -5.02
CA LYS G 260 28.00 -34.32 -5.70
C LYS G 260 28.56 -33.84 -7.03
N GLY G 261 27.83 -33.00 -7.75
CA GLY G 261 28.27 -32.51 -9.04
C GLY G 261 29.16 -31.29 -9.00
N CYS G 262 29.40 -30.70 -7.83
CA CYS G 262 30.26 -29.54 -7.76
C CYS G 262 31.69 -29.90 -8.15
N ASN G 263 32.32 -29.05 -8.95
CA ASN G 263 33.63 -29.34 -9.49
C ASN G 263 34.38 -28.03 -9.73
N ALA G 264 35.56 -28.14 -10.35
CA ALA G 264 36.39 -26.98 -10.65
C ALA G 264 36.92 -27.05 -12.07
N THR G 265 36.17 -27.68 -12.98
CA THR G 265 36.66 -27.84 -14.35
C THR G 265 36.79 -26.50 -15.06
N ALA G 266 35.74 -25.68 -15.01
CA ALA G 266 35.74 -24.43 -15.77
C ALA G 266 36.83 -23.49 -15.29
N ILE G 267 36.96 -23.34 -13.97
CA ILE G 267 37.97 -22.41 -13.44
C ILE G 267 39.37 -22.91 -13.73
N TRP G 268 39.58 -24.23 -13.66
CA TRP G 268 40.91 -24.77 -13.96
C TRP G 268 41.26 -24.58 -15.43
N ARG G 269 40.30 -24.80 -16.33
CA ARG G 269 40.55 -24.58 -17.74
C ARG G 269 40.82 -23.11 -18.02
N ALA G 270 40.09 -22.22 -17.36
CA ALA G 270 40.34 -20.78 -17.52
C ALA G 270 41.73 -20.42 -17.04
N HIS G 271 42.16 -20.96 -15.90
CA HIS G 271 43.49 -20.70 -15.39
C HIS G 271 44.56 -21.24 -16.33
N ARG G 272 44.32 -22.42 -16.90
CA ARG G 272 45.25 -22.98 -17.89
C ARG G 272 45.34 -22.08 -19.12
N ARG G 273 44.21 -21.52 -19.55
CA ARG G 273 44.20 -20.67 -20.73
C ARG G 273 44.89 -19.33 -20.51
N GLY G 274 45.16 -18.95 -19.27
CA GLY G 274 45.87 -17.70 -19.02
C GLY G 274 45.40 -16.93 -17.80
N ALA G 275 44.27 -17.34 -17.23
CA ALA G 275 43.75 -16.67 -16.03
C ALA G 275 44.64 -16.97 -14.82
N PHE G 276 44.68 -16.02 -13.90
CA PHE G 276 45.48 -16.14 -12.69
C PHE G 276 44.62 -16.65 -11.54
N PHE G 277 45.19 -17.55 -10.74
CA PHE G 277 44.50 -18.15 -9.62
C PHE G 277 44.90 -17.41 -8.35
N GLY G 278 43.91 -16.89 -7.63
CA GLY G 278 44.18 -16.08 -6.45
C GLY G 278 43.97 -16.79 -5.13
N ASN G 279 45.05 -17.02 -4.40
CA ASN G 279 45.02 -17.65 -3.08
C ASN G 279 44.24 -18.96 -3.08
N PRO G 280 44.69 -19.97 -3.85
CA PRO G 280 43.95 -21.24 -3.88
C PRO G 280 43.94 -22.00 -2.56
N CYS G 281 44.86 -21.69 -1.64
CA CYS G 281 44.95 -22.43 -0.38
C CYS G 281 43.98 -21.94 0.67
N PHE G 282 43.23 -20.88 0.40
CA PHE G 282 42.30 -20.30 1.38
C PHE G 282 40.98 -21.05 1.32
N THR G 283 40.82 -22.02 2.22
CA THR G 283 39.62 -22.83 2.30
C THR G 283 39.03 -22.75 3.70
N GLN G 284 37.70 -22.80 3.79
CA GLN G 284 36.97 -22.73 5.04
C GLN G 284 36.44 -24.10 5.41
N ILE G 285 36.14 -24.28 6.69
CA ILE G 285 35.61 -25.52 7.22
C ILE G 285 34.39 -25.21 8.08
N HIS G 286 33.52 -26.21 8.22
CA HIS G 286 32.37 -26.10 9.07
C HIS G 286 32.49 -27.07 10.24
N PRO G 287 32.23 -26.62 11.47
CA PRO G 287 32.53 -27.48 12.63
C PRO G 287 31.58 -28.66 12.77
N THR G 288 30.28 -28.41 12.57
CA THR G 288 29.26 -29.47 12.81
C THR G 288 28.76 -30.07 11.51
N CYS G 289 29.13 -31.33 11.24
CA CYS G 289 28.63 -32.06 10.09
C CYS G 289 28.45 -33.52 10.48
N ILE G 290 27.56 -34.20 9.78
CA ILE G 290 27.26 -35.60 10.06
C ILE G 290 28.39 -36.48 9.54
N PRO G 291 29.05 -37.26 10.41
CA PRO G 291 30.09 -38.18 9.93
C PRO G 291 29.50 -39.27 9.05
N VAL G 292 30.33 -39.75 8.12
CA VAL G 292 29.88 -40.78 7.19
C VAL G 292 29.77 -42.13 7.90
N SER G 293 29.02 -43.04 7.28
CA SER G 293 28.83 -44.38 7.80
C SER G 293 29.72 -45.41 7.11
N GLY G 294 30.62 -44.97 6.26
CA GLY G 294 31.50 -45.89 5.55
C GLY G 294 32.18 -45.20 4.39
N GLU G 295 32.95 -46.00 3.66
CA GLU G 295 33.68 -45.46 2.51
C GLU G 295 32.78 -45.13 1.35
N TYR G 296 31.56 -45.69 1.31
CA TYR G 296 30.64 -45.41 0.21
C TYR G 296 30.17 -43.96 0.23
N GLN G 297 29.94 -43.41 1.41
CA GLN G 297 29.40 -42.06 1.52
C GLN G 297 30.41 -41.03 1.05
N SER G 298 29.90 -39.95 0.45
CA SER G 298 30.76 -38.88 -0.05
C SER G 298 30.30 -37.50 0.34
N LYS G 299 29.19 -37.36 1.06
CA LYS G 299 28.66 -36.07 1.46
C LYS G 299 28.33 -36.07 2.94
N LEU G 300 28.63 -34.95 3.60
CA LEU G 300 28.30 -34.73 5.00
C LEU G 300 27.32 -33.57 5.10
N THR G 301 26.24 -33.77 5.85
CA THR G 301 25.18 -32.77 5.90
C THR G 301 25.52 -31.68 6.93
N LEU G 302 25.42 -30.44 6.51
CA LEU G 302 25.67 -29.30 7.37
C LEU G 302 24.44 -29.01 8.23
N MET G 303 24.62 -28.97 9.54
CA MET G 303 23.47 -28.72 10.43
C MET G 303 23.35 -27.26 10.79
N SER G 304 24.33 -26.73 11.53
CA SER G 304 24.27 -25.38 12.07
C SER G 304 25.55 -25.06 12.83
N GLU G 305 25.67 -23.81 13.31
CA GLU G 305 26.79 -23.40 14.12
C GLU G 305 26.43 -23.18 15.58
N SER G 306 25.14 -23.22 15.93
CA SER G 306 24.68 -22.95 17.28
C SER G 306 24.59 -24.21 18.15
N LEU G 307 24.84 -25.39 17.59
CA LEU G 307 24.75 -26.61 18.39
C LEU G 307 25.85 -26.70 19.43
N ARG G 308 27.00 -26.07 19.21
CA ARG G 308 28.05 -26.06 20.20
C ARG G 308 27.76 -25.10 21.35
N ASN G 309 26.80 -24.19 21.18
CA ASN G 309 26.40 -23.29 22.24
C ASN G 309 25.79 -24.02 23.43
N ASP G 310 25.17 -25.17 23.20
CA ASP G 310 24.39 -25.84 24.23
C ASP G 310 24.76 -27.32 24.34
N GLY G 311 25.99 -27.67 24.01
CA GLY G 311 26.43 -29.05 24.09
C GLY G 311 27.90 -29.15 24.42
N ARG G 312 28.29 -30.32 24.92
CA ARG G 312 29.67 -30.60 25.27
C ARG G 312 30.22 -31.69 24.36
N ILE G 313 31.41 -31.45 23.81
CA ILE G 313 32.08 -32.42 22.95
C ILE G 313 32.95 -33.32 23.82
N TRP G 314 32.83 -34.63 23.60
CA TRP G 314 33.57 -35.61 24.37
C TRP G 314 33.89 -36.84 23.51
N VAL G 315 34.71 -37.71 24.08
CA VAL G 315 35.13 -38.98 23.47
C VAL G 315 35.34 -39.99 24.59
N PRO G 316 34.95 -41.25 24.43
CA PRO G 316 35.20 -42.24 25.48
C PRO G 316 36.69 -42.35 25.80
N LYS G 317 36.99 -42.49 27.09
CA LYS G 317 38.38 -42.57 27.52
C LYS G 317 39.07 -43.82 26.96
N LYS G 318 38.38 -44.96 27.00
CA LYS G 318 38.95 -46.18 26.44
C LYS G 318 39.01 -46.09 24.92
N LYS G 319 40.13 -46.57 24.35
CA LYS G 319 40.28 -46.55 22.90
C LYS G 319 39.22 -47.43 22.23
N GLY G 320 39.02 -48.62 22.76
CA GLY G 320 37.98 -49.51 22.26
C GLY G 320 36.88 -49.73 23.29
N ASP G 321 35.70 -49.17 23.03
CA ASP G 321 34.58 -49.27 23.96
C ASP G 321 33.34 -49.74 23.22
N THR G 322 32.59 -50.64 23.85
CA THR G 322 31.36 -51.18 23.29
C THR G 322 30.11 -50.78 24.07
N ARG G 323 30.27 -50.13 25.22
CA ARG G 323 29.12 -49.73 26.01
C ARG G 323 28.36 -48.58 25.34
N ARG G 324 27.10 -48.45 25.69
CA ARG G 324 26.29 -47.36 25.18
C ARG G 324 26.84 -46.02 25.68
N PRO G 325 26.92 -45.01 24.80
CA PRO G 325 27.51 -43.72 25.23
C PRO G 325 26.80 -43.08 26.41
N GLN G 326 25.46 -43.19 26.49
CA GLN G 326 24.75 -42.64 27.63
C GLN G 326 24.97 -43.44 28.90
N ASP G 327 25.37 -44.70 28.78
CA ASP G 327 25.68 -45.53 29.94
C ASP G 327 27.09 -45.30 30.47
N ILE G 328 27.92 -44.55 29.76
CA ILE G 328 29.28 -44.27 30.22
C ILE G 328 29.21 -43.33 31.42
N PRO G 329 29.88 -43.64 32.53
CA PRO G 329 29.82 -42.75 33.70
C PRO G 329 30.55 -41.44 33.42
N GLU G 330 30.30 -40.47 34.32
CA GLU G 330 30.87 -39.14 34.15
C GLU G 330 32.39 -39.17 34.20
N SER G 331 32.96 -39.95 35.11
CA SER G 331 34.42 -39.97 35.30
C SER G 331 35.16 -40.71 34.20
N GLU G 332 34.46 -41.52 33.40
CA GLU G 332 35.09 -42.32 32.36
C GLU G 332 35.04 -41.67 30.98
N ARG G 333 34.69 -40.39 30.91
CA ARG G 333 34.59 -39.67 29.65
C ARG G 333 35.76 -38.69 29.53
N ASP G 334 36.48 -38.77 28.41
CA ASP G 334 37.60 -37.86 28.16
C ASP G 334 37.04 -36.53 27.68
N TYR G 335 37.02 -35.54 28.57
CA TYR G 335 36.46 -34.23 28.28
C TYR G 335 37.49 -33.31 27.63
N TYR G 336 38.00 -33.75 26.48
CA TYR G 336 38.89 -32.91 25.70
C TYR G 336 38.11 -31.72 25.13
N LEU G 337 38.83 -30.62 24.91
CA LEU G 337 38.29 -29.30 24.60
C LEU G 337 37.63 -28.68 25.83
N GLU G 338 37.58 -29.45 26.92
CA GLU G 338 37.20 -28.94 28.23
C GLU G 338 38.31 -29.10 29.25
N GLU G 339 38.97 -30.25 29.29
CA GLU G 339 40.21 -30.39 30.06
C GLU G 339 41.29 -29.46 29.51
N ARG G 340 41.40 -29.39 28.18
CA ARG G 340 42.30 -28.46 27.52
C ARG G 340 41.52 -27.23 27.08
N TYR G 341 42.26 -26.13 26.89
CA TYR G 341 41.71 -24.81 26.60
C TYR G 341 40.68 -24.41 27.65
N PRO G 342 41.09 -24.19 28.91
CA PRO G 342 40.12 -23.80 29.94
C PRO G 342 39.49 -22.43 29.68
N SER G 343 40.13 -21.57 28.91
CA SER G 343 39.60 -20.24 28.63
C SER G 343 38.49 -20.34 27.59
N PHE G 344 38.04 -19.19 27.08
CA PHE G 344 36.99 -19.03 26.08
C PHE G 344 35.61 -19.46 26.57
N GLY G 345 35.48 -19.93 27.80
CA GLY G 345 34.20 -20.42 28.27
C GLY G 345 33.71 -21.59 27.46
N ASN G 346 34.62 -22.46 27.01
CA ASN G 346 34.35 -23.68 26.24
C ASN G 346 33.86 -23.39 24.83
N LEU G 347 33.66 -22.14 24.47
CA LEU G 347 33.33 -21.77 23.11
C LEU G 347 34.58 -21.34 22.35
N VAL G 348 35.44 -22.32 22.07
CA VAL G 348 36.66 -22.06 21.31
C VAL G 348 36.28 -21.81 19.86
N PRO G 349 37.11 -21.12 19.08
CA PRO G 349 36.80 -20.95 17.66
C PRO G 349 36.76 -22.29 16.93
N ARG G 350 36.04 -22.32 15.82
CA ARG G 350 35.82 -23.58 15.11
C ARG G 350 37.13 -24.18 14.61
N ASP G 351 38.15 -23.35 14.38
CA ASP G 351 39.43 -23.85 13.92
C ASP G 351 40.08 -24.77 14.95
N ILE G 352 40.19 -24.30 16.19
CA ILE G 352 40.84 -25.08 17.24
C ILE G 352 40.04 -26.32 17.56
N ALA G 353 38.71 -26.19 17.68
CA ALA G 353 37.87 -27.35 17.97
C ALA G 353 37.95 -28.38 16.86
N SER G 354 37.92 -27.93 15.60
CA SER G 354 38.00 -28.86 14.48
C SER G 354 39.35 -29.56 14.44
N ARG G 355 40.43 -28.83 14.71
CA ARG G 355 41.76 -29.45 14.73
C ARG G 355 41.87 -30.47 15.85
N ALA G 356 41.33 -30.14 17.03
CA ALA G 356 41.35 -31.08 18.14
C ALA G 356 40.54 -32.33 17.81
N ALA G 357 39.37 -32.15 17.20
CA ALA G 357 38.55 -33.30 16.82
C ALA G 357 39.25 -34.17 15.79
N LYS G 358 39.91 -33.55 14.80
CA LYS G 358 40.63 -34.32 13.80
C LYS G 358 41.79 -35.08 14.42
N GLN G 359 42.52 -34.45 15.35
CA GLN G 359 43.62 -35.15 16.02
C GLN G 359 43.10 -36.31 16.85
N VAL G 360 41.98 -36.11 17.56
CA VAL G 360 41.41 -37.18 18.37
C VAL G 360 40.98 -38.35 17.49
N CYS G 361 40.32 -38.05 16.37
CA CYS G 361 39.90 -39.12 15.46
C CYS G 361 41.08 -39.83 14.84
N ASP G 362 42.15 -39.09 14.50
CA ASP G 362 43.34 -39.71 13.92
C ASP G 362 44.07 -40.59 14.92
N GLU G 363 44.04 -40.22 16.21
CA GLU G 363 44.68 -41.05 17.22
C GLU G 363 44.01 -42.41 17.37
N GLY G 364 42.74 -42.53 16.97
CA GLY G 364 42.03 -43.79 17.04
C GLY G 364 41.10 -43.88 18.22
N ARG G 365 39.81 -43.66 18.01
CA ARG G 365 38.83 -43.71 19.08
C ARG G 365 37.65 -44.61 18.71
N GLY G 366 37.33 -44.69 17.42
CA GLY G 366 36.22 -45.52 16.97
C GLY G 366 34.88 -45.08 17.49
N VAL G 367 34.64 -43.76 17.52
CA VAL G 367 33.36 -43.24 18.01
C VAL G 367 32.22 -43.67 17.09
N GLY G 368 32.43 -43.56 15.78
CA GLY G 368 31.42 -43.92 14.82
C GLY G 368 31.67 -45.26 14.17
N PRO G 369 30.81 -45.65 13.22
CA PRO G 369 31.03 -46.92 12.52
C PRO G 369 32.35 -46.99 11.76
N GLY G 370 32.77 -45.87 11.17
CA GLY G 370 34.03 -45.80 10.47
C GLY G 370 35.19 -45.31 11.31
N GLY G 371 34.97 -45.06 12.60
CA GLY G 371 36.01 -44.55 13.46
C GLY G 371 36.25 -43.06 13.37
N LEU G 372 35.42 -42.34 12.62
CA LEU G 372 35.56 -40.89 12.42
C LEU G 372 34.37 -40.20 13.07
N GLY G 373 34.65 -39.37 14.08
CA GLY G 373 33.62 -38.62 14.74
C GLY G 373 33.94 -38.38 16.19
N VAL G 374 33.23 -37.42 16.78
CA VAL G 374 33.35 -37.09 18.19
C VAL G 374 31.95 -36.89 18.76
N TYR G 375 31.74 -37.36 19.99
CA TYR G 375 30.43 -37.28 20.61
C TYR G 375 30.10 -35.85 21.02
N LEU G 376 28.84 -35.47 20.88
CA LEU G 376 28.29 -34.22 21.37
C LEU G 376 27.08 -34.62 22.23
N ASP G 377 27.19 -34.36 23.53
CA ASP G 377 26.17 -34.82 24.46
C ASP G 377 25.29 -33.66 24.92
N PHE G 378 23.98 -33.81 24.71
CA PHE G 378 23.00 -32.79 25.11
C PHE G 378 22.29 -33.17 26.39
N ALA G 379 22.73 -34.23 27.08
CA ALA G 379 22.06 -34.66 28.30
C ALA G 379 22.15 -33.60 29.39
N ASP G 380 23.31 -32.96 29.52
CA ASP G 380 23.46 -31.88 30.49
C ASP G 380 22.54 -30.72 30.15
N ALA G 381 22.43 -30.37 28.87
CA ALA G 381 21.53 -29.30 28.45
C ALA G 381 20.08 -29.67 28.71
N ILE G 382 19.70 -30.92 28.44
CA ILE G 382 18.34 -31.35 28.67
C ILE G 382 18.00 -31.32 30.16
N LYS G 383 18.94 -31.77 31.00
CA LYS G 383 18.71 -31.76 32.44
C LYS G 383 18.64 -30.34 32.98
N ARG G 384 19.49 -29.44 32.46
CA ARG G 384 19.55 -28.08 33.00
C ARG G 384 18.36 -27.24 32.55
N LEU G 385 18.21 -27.05 31.24
CA LEU G 385 17.14 -26.23 30.70
C LEU G 385 15.89 -27.06 30.47
N GLY G 386 14.76 -26.37 30.33
CA GLY G 386 13.52 -27.06 30.02
C GLY G 386 13.56 -27.69 28.64
N ARG G 387 12.89 -28.83 28.51
CA ARG G 387 12.90 -29.54 27.24
C ARG G 387 12.13 -28.78 26.17
N GLN G 388 11.09 -28.04 26.57
CA GLN G 388 10.25 -27.37 25.58
C GLN G 388 11.03 -26.31 24.79
N LYS G 389 11.82 -25.49 25.48
CA LYS G 389 12.58 -24.46 24.78
C LYS G 389 13.69 -25.06 23.92
N ILE G 390 14.33 -26.13 24.41
CA ILE G 390 15.35 -26.81 23.60
C ILE G 390 14.72 -27.39 22.35
N ALA G 391 13.51 -27.94 22.47
CA ALA G 391 12.81 -28.44 21.30
C ALA G 391 12.48 -27.31 20.34
N GLU G 392 11.92 -26.21 20.85
CA GLU G 392 11.60 -25.08 19.99
C GLU G 392 12.83 -24.50 19.31
N ARG G 393 14.01 -24.71 19.89
CA ARG G 393 15.24 -24.21 19.29
C ARG G 393 15.88 -25.18 18.30
N TYR G 394 15.77 -26.48 18.52
CA TYR G 394 16.51 -27.45 17.71
C TYR G 394 15.63 -28.54 17.09
N GLY G 395 14.33 -28.29 16.92
CA GLY G 395 13.45 -29.33 16.44
C GLY G 395 13.77 -29.80 15.04
N ASN G 396 13.96 -28.87 14.11
CA ASN G 396 14.24 -29.26 12.74
C ASN G 396 15.56 -30.02 12.63
N LEU G 397 16.58 -29.54 13.33
CA LEU G 397 17.88 -30.22 13.30
C LEU G 397 17.79 -31.60 13.92
N PHE G 398 17.07 -31.74 15.04
CA PHE G 398 16.93 -33.04 15.68
C PHE G 398 16.16 -34.01 14.78
N ASP G 399 15.10 -33.53 14.12
CA ASP G 399 14.34 -34.39 13.22
C ASP G 399 15.18 -34.83 12.03
N MET G 400 15.95 -33.91 11.45
CA MET G 400 16.81 -34.28 10.32
C MET G 400 17.90 -35.27 10.76
N TYR G 401 18.47 -35.05 11.95
CA TYR G 401 19.48 -35.96 12.45
C TYR G 401 18.90 -37.35 12.72
N LYS G 402 17.67 -37.41 13.25
CA LYS G 402 17.02 -38.69 13.45
C LYS G 402 16.72 -39.38 12.12
N GLN G 403 16.31 -38.60 11.11
CA GLN G 403 16.04 -39.17 9.80
C GLN G 403 17.31 -39.74 9.16
N ILE G 404 18.43 -39.03 9.29
CA ILE G 404 19.65 -39.45 8.62
C ILE G 404 20.38 -40.53 9.42
N THR G 405 20.80 -40.19 10.64
CA THR G 405 21.56 -41.13 11.45
C THR G 405 20.70 -42.32 11.87
N GLY G 406 19.47 -42.07 12.29
CA GLY G 406 18.62 -43.11 12.82
C GLY G 406 18.58 -43.20 14.33
N GLU G 407 19.25 -42.30 15.04
CA GLU G 407 19.27 -42.29 16.49
C GLU G 407 18.73 -40.96 17.01
N ASP G 408 17.89 -41.03 18.02
CA ASP G 408 17.30 -39.82 18.58
C ASP G 408 18.34 -39.08 19.41
N PRO G 409 18.66 -37.83 19.09
CA PRO G 409 19.65 -37.08 19.88
C PRO G 409 19.15 -36.63 21.24
N TYR G 410 17.83 -36.74 21.50
CA TYR G 410 17.31 -36.33 22.80
C TYR G 410 17.87 -37.20 23.93
N GLU G 411 17.99 -38.51 23.69
CA GLU G 411 18.44 -39.44 24.71
C GLU G 411 19.86 -39.93 24.52
N THR G 412 20.35 -39.99 23.28
CA THR G 412 21.69 -40.47 23.03
C THR G 412 22.57 -39.34 22.48
N PRO G 413 23.85 -39.33 22.81
CA PRO G 413 24.74 -38.31 22.25
C PRO G 413 24.85 -38.46 20.74
N MET G 414 24.96 -37.33 20.05
CA MET G 414 25.11 -37.33 18.62
C MET G 414 26.59 -37.38 18.26
N ARG G 415 26.89 -37.68 17.00
CA ARG G 415 28.26 -37.69 16.52
C ARG G 415 28.45 -36.60 15.48
N ILE G 416 29.54 -35.85 15.58
CA ILE G 416 29.85 -34.81 14.60
C ILE G 416 31.30 -34.96 14.15
N TYR G 417 31.57 -34.40 12.97
CA TYR G 417 32.92 -34.37 12.40
C TYR G 417 33.03 -33.20 11.42
N PRO G 418 33.97 -32.28 11.65
CA PRO G 418 34.08 -31.12 10.76
C PRO G 418 34.52 -31.52 9.36
N ALA G 419 34.12 -30.70 8.39
CA ALA G 419 34.45 -30.94 6.99
C ALA G 419 34.54 -29.61 6.26
N VAL G 420 35.20 -29.63 5.10
CA VAL G 420 35.35 -28.43 4.30
C VAL G 420 34.00 -28.00 3.76
N HIS G 421 33.77 -26.68 3.72
CA HIS G 421 32.46 -26.15 3.37
C HIS G 421 32.53 -25.12 2.24
N TYR G 422 33.59 -24.32 2.22
CA TYR G 422 33.69 -23.18 1.32
C TYR G 422 35.12 -23.02 0.85
N THR G 423 35.28 -22.41 -0.32
CA THR G 423 36.60 -22.10 -0.87
C THR G 423 36.68 -20.59 -1.13
N MET G 424 37.44 -19.90 -0.28
CA MET G 424 37.63 -18.46 -0.49
C MET G 424 38.51 -18.16 -1.69
N GLY G 425 39.30 -19.13 -2.14
CA GLY G 425 40.16 -18.92 -3.28
C GLY G 425 39.41 -18.98 -4.60
N GLY G 426 40.09 -18.59 -5.65
CA GLY G 426 39.49 -18.56 -6.97
C GLY G 426 40.32 -17.73 -7.93
N LEU G 427 39.75 -17.49 -9.09
CA LEU G 427 40.42 -16.69 -10.11
C LEU G 427 40.50 -15.23 -9.67
N TRP G 428 41.69 -14.65 -9.81
CA TRP G 428 41.88 -13.26 -9.40
C TRP G 428 41.10 -12.33 -10.32
N VAL G 429 40.45 -11.34 -9.72
CA VAL G 429 39.68 -10.34 -10.45
C VAL G 429 40.02 -8.96 -9.91
N ASP G 430 39.85 -7.96 -10.77
CA ASP G 430 40.11 -6.58 -10.41
C ASP G 430 38.83 -5.94 -9.87
N TYR G 431 38.82 -4.62 -9.76
CA TYR G 431 37.64 -3.90 -9.29
C TYR G 431 36.46 -4.08 -10.24
N ASN G 432 36.71 -4.43 -11.50
CA ASN G 432 35.65 -4.63 -12.48
C ASN G 432 35.22 -6.09 -12.61
N LEU G 433 35.64 -6.94 -11.68
CA LEU G 433 35.33 -8.38 -11.72
C LEU G 433 35.81 -9.03 -13.01
N GLN G 434 36.91 -8.53 -13.56
CA GLN G 434 37.51 -9.08 -14.77
C GLN G 434 38.82 -9.77 -14.41
N SER G 435 39.01 -10.97 -14.93
CA SER G 435 40.21 -11.74 -14.64
C SER G 435 41.38 -11.21 -15.45
N THR G 436 42.51 -11.92 -15.42
CA THR G 436 43.67 -11.51 -16.19
C THR G 436 43.37 -11.52 -17.69
N ILE G 437 42.65 -12.53 -18.15
CA ILE G 437 42.25 -12.61 -19.56
C ILE G 437 41.19 -11.54 -19.83
N PRO G 438 41.44 -10.63 -20.76
CA PRO G 438 40.41 -9.64 -21.11
C PRO G 438 39.16 -10.31 -21.65
N GLY G 439 38.00 -9.75 -21.29
CA GLY G 439 36.73 -10.28 -21.73
C GLY G 439 36.19 -11.42 -20.91
N LEU G 440 36.92 -11.88 -19.90
CA LEU G 440 36.48 -12.98 -19.04
C LEU G 440 36.19 -12.42 -17.66
N PHE G 441 34.92 -12.52 -17.24
CA PHE G 441 34.48 -12.04 -15.94
C PHE G 441 34.14 -13.22 -15.05
N VAL G 442 34.60 -13.17 -13.80
CA VAL G 442 34.37 -14.22 -12.83
C VAL G 442 33.57 -13.64 -11.67
N ILE G 443 32.41 -14.23 -11.39
CA ILE G 443 31.53 -13.76 -10.32
C ILE G 443 31.11 -14.93 -9.48
N GLY G 444 30.66 -14.63 -8.26
CA GLY G 444 30.16 -15.66 -7.36
C GLY G 444 31.25 -16.27 -6.50
N GLU G 445 31.26 -17.60 -6.41
CA GLU G 445 32.25 -18.31 -5.61
C GLU G 445 33.50 -18.67 -6.37
N ALA G 446 33.53 -18.45 -7.68
CA ALA G 446 34.66 -18.87 -8.50
C ALA G 446 35.82 -17.89 -8.48
N ASN G 447 35.67 -16.74 -7.86
CA ASN G 447 36.74 -15.74 -7.78
C ASN G 447 37.18 -15.55 -6.35
N PHE G 448 38.36 -14.93 -6.19
CA PHE G 448 38.83 -14.57 -4.86
C PHE G 448 37.90 -13.56 -4.20
N SER G 449 37.44 -12.57 -4.96
CA SER G 449 36.43 -11.60 -4.53
C SER G 449 36.98 -10.85 -3.33
N ASP G 450 36.27 -10.81 -2.19
CA ASP G 450 36.67 -9.95 -1.08
C ASP G 450 36.51 -10.61 0.28
N HIS G 451 36.38 -11.93 0.33
CA HIS G 451 36.22 -12.60 1.62
C HIS G 451 37.53 -12.79 2.37
N GLY G 452 38.67 -12.49 1.75
CA GLY G 452 39.94 -12.62 2.45
C GLY G 452 40.24 -14.06 2.79
N ALA G 453 40.83 -14.27 3.97
CA ALA G 453 41.21 -15.59 4.43
C ALA G 453 40.09 -16.32 5.16
N ASN G 454 38.98 -15.66 5.42
CA ASN G 454 37.85 -16.29 6.11
C ASN G 454 36.61 -15.45 5.88
N ARG G 455 35.55 -16.08 5.38
CA ARG G 455 34.30 -15.37 5.12
C ARG G 455 33.38 -15.45 6.32
N LEU G 456 32.55 -14.42 6.48
CA LEU G 456 31.58 -14.36 7.55
C LEU G 456 30.30 -15.09 7.14
N GLY G 457 29.49 -15.41 8.15
CA GLY G 457 28.22 -16.06 7.88
C GLY G 457 27.26 -15.15 7.13
N ALA G 458 26.42 -15.78 6.28
CA ALA G 458 25.44 -15.06 5.48
C ALA G 458 26.09 -13.99 4.62
N SER G 459 27.25 -14.30 4.06
CA SER G 459 27.97 -13.38 3.19
C SER G 459 28.18 -13.91 1.78
N ALA G 460 28.22 -15.23 1.59
CA ALA G 460 28.39 -15.78 0.25
C ALA G 460 27.19 -15.46 -0.63
N LEU G 461 25.97 -15.64 -0.12
CA LEU G 461 24.79 -15.31 -0.89
C LEU G 461 24.73 -13.82 -1.19
N MET G 462 25.06 -12.99 -0.19
CA MET G 462 25.08 -11.55 -0.40
C MET G 462 26.08 -11.16 -1.48
N GLN G 463 27.28 -11.74 -1.45
CA GLN G 463 28.28 -11.44 -2.46
C GLN G 463 27.84 -11.90 -3.84
N GLY G 464 27.25 -13.10 -3.92
CA GLY G 464 26.79 -13.59 -5.21
C GLY G 464 25.70 -12.72 -5.80
N LEU G 465 24.74 -12.31 -4.98
CA LEU G 465 23.66 -11.46 -5.46
C LEU G 465 24.18 -10.08 -5.84
N ALA G 466 25.13 -9.55 -5.07
CA ALA G 466 25.74 -8.27 -5.42
C ALA G 466 26.43 -8.34 -6.78
N ASP G 467 27.22 -9.40 -7.00
CA ASP G 467 27.90 -9.54 -8.27
C ASP G 467 26.91 -9.71 -9.42
N GLY G 468 25.86 -10.50 -9.20
CA GLY G 468 24.90 -10.74 -10.28
C GLY G 468 24.07 -9.52 -10.63
N TYR G 469 23.62 -8.77 -9.63
CA TYR G 469 22.61 -7.73 -9.83
C TYR G 469 23.22 -6.36 -10.09
N PHE G 470 23.98 -5.82 -9.13
CA PHE G 470 24.30 -4.41 -9.11
C PHE G 470 25.76 -4.10 -9.43
N ILE G 471 26.55 -5.10 -9.82
CA ILE G 471 27.98 -4.90 -10.08
C ILE G 471 28.35 -5.31 -11.50
N LEU G 472 28.03 -6.55 -11.88
CA LEU G 472 28.42 -7.04 -13.20
C LEU G 472 27.88 -6.23 -14.36
N PRO G 473 26.61 -5.80 -14.39
CA PRO G 473 26.14 -5.04 -15.56
C PRO G 473 26.97 -3.79 -15.85
N TYR G 474 27.34 -3.03 -14.82
CA TYR G 474 28.11 -1.81 -15.04
C TYR G 474 29.47 -2.10 -15.65
N THR G 475 30.21 -3.05 -15.06
CA THR G 475 31.54 -3.37 -15.55
C THR G 475 31.49 -3.99 -16.94
N ILE G 476 30.50 -4.85 -17.19
CA ILE G 476 30.41 -5.48 -18.50
C ILE G 476 30.02 -4.45 -19.56
N ALA G 477 29.18 -3.48 -19.21
CA ALA G 477 28.88 -2.41 -20.16
C ALA G 477 30.12 -1.55 -20.42
N ASN G 478 30.90 -1.28 -19.37
CA ASN G 478 32.13 -0.52 -19.55
C ASN G 478 33.09 -1.24 -20.48
N PHE G 479 33.22 -2.55 -20.33
CA PHE G 479 34.10 -3.31 -21.21
C PHE G 479 33.55 -3.35 -22.63
N LEU G 480 32.25 -3.56 -22.79
CA LEU G 480 31.67 -3.75 -24.12
C LEU G 480 31.62 -2.45 -24.91
N ALA G 481 31.52 -1.31 -24.22
CA ALA G 481 31.46 -0.03 -24.93
C ALA G 481 32.77 0.32 -25.62
N GLN G 482 33.87 -0.35 -25.27
CA GLN G 482 35.17 -0.08 -25.85
C GLN G 482 35.55 -1.04 -26.97
N VAL G 483 34.66 -1.95 -27.35
CA VAL G 483 34.95 -2.93 -28.39
C VAL G 483 33.81 -2.94 -29.40
N LYS G 484 34.12 -3.43 -30.60
CA LYS G 484 33.16 -3.53 -31.69
C LYS G 484 32.41 -4.85 -31.61
N PRO G 485 31.07 -4.83 -31.63
CA PRO G 485 30.32 -6.09 -31.51
C PRO G 485 30.56 -7.01 -32.70
N GLY G 486 30.53 -8.31 -32.43
CA GLY G 486 30.68 -9.31 -33.47
C GLY G 486 32.10 -9.37 -34.03
N GLY G 487 32.21 -10.05 -35.16
CA GLY G 487 33.46 -10.20 -35.86
C GLY G 487 34.14 -11.55 -35.68
N VAL G 488 33.68 -12.37 -34.74
CA VAL G 488 34.27 -13.67 -34.48
C VAL G 488 33.17 -14.72 -34.59
N SER G 489 33.40 -15.72 -35.43
CA SER G 489 32.49 -16.84 -35.61
C SER G 489 33.08 -18.09 -34.98
N ILE G 490 32.37 -19.20 -35.15
CA ILE G 490 32.80 -20.48 -34.58
C ILE G 490 33.66 -21.22 -35.59
N ASP G 491 33.97 -20.56 -36.71
CA ASP G 491 34.80 -21.15 -37.75
C ASP G 491 36.28 -20.81 -37.58
N ARG G 492 36.65 -20.12 -36.50
CA ARG G 492 38.03 -19.75 -36.28
C ARG G 492 38.87 -20.99 -35.95
N PRO G 493 40.15 -21.00 -36.30
CA PRO G 493 40.99 -22.16 -35.99
C PRO G 493 41.09 -22.47 -34.50
N GLU G 494 40.98 -21.46 -33.64
CA GLU G 494 41.08 -21.70 -32.20
C GLU G 494 39.97 -22.60 -31.72
N PHE G 495 38.74 -22.39 -32.22
CA PHE G 495 37.63 -23.26 -31.85
C PHE G 495 37.88 -24.70 -32.27
N ALA G 496 38.39 -24.89 -33.49
CA ALA G 496 38.70 -26.24 -33.95
C ALA G 496 39.78 -26.89 -33.11
N GLU G 497 40.82 -26.13 -32.74
CA GLU G 497 41.88 -26.68 -31.91
C GLU G 497 41.35 -27.09 -30.54
N ALA G 498 40.51 -26.24 -29.92
CA ALA G 498 39.93 -26.57 -28.62
C ALA G 498 39.04 -27.80 -28.71
N GLU G 499 38.22 -27.88 -29.77
CA GLU G 499 37.35 -29.03 -29.94
C GLU G 499 38.15 -30.31 -30.14
N ALA G 500 39.23 -30.23 -30.92
CA ALA G 500 40.08 -31.41 -31.13
C ALA G 500 40.75 -31.84 -29.83
N GLU G 501 41.21 -30.87 -29.02
CA GLU G 501 41.81 -31.21 -27.74
C GLU G 501 40.80 -31.88 -26.82
N ILE G 502 39.58 -31.36 -26.77
CA ILE G 502 38.54 -31.96 -25.91
C ILE G 502 38.23 -33.36 -26.38
N ASN G 503 38.08 -33.56 -27.70
CA ASN G 503 37.77 -34.88 -28.22
C ASN G 503 38.89 -35.87 -27.94
N GLN G 504 40.14 -35.44 -28.10
CA GLN G 504 41.27 -36.32 -27.81
C GLN G 504 41.31 -36.68 -26.33
N ARG G 505 41.06 -35.71 -25.44
CA ARG G 505 41.03 -36.00 -24.02
C ARG G 505 39.94 -37.02 -23.68
N ILE G 506 38.75 -36.84 -24.24
CA ILE G 506 37.65 -37.75 -23.97
C ILE G 506 37.96 -39.15 -24.49
N GLN G 507 38.53 -39.23 -25.70
CA GLN G 507 38.88 -40.52 -26.28
C GLN G 507 39.94 -41.23 -25.44
N ARG G 508 40.95 -40.50 -24.98
CA ARG G 508 41.97 -41.11 -24.14
C ARG G 508 41.38 -41.60 -22.82
N LEU G 509 40.52 -40.79 -22.20
CA LEU G 509 39.89 -41.20 -20.95
C LEU G 509 39.06 -42.46 -21.12
N LEU G 510 38.30 -42.54 -22.22
CA LEU G 510 37.51 -43.73 -22.47
C LEU G 510 38.36 -44.94 -22.86
N SER G 511 39.53 -44.72 -23.45
CA SER G 511 40.35 -45.81 -23.92
C SER G 511 41.35 -46.31 -22.89
N ILE G 512 41.51 -45.63 -21.75
CA ILE G 512 42.44 -46.11 -20.72
C ILE G 512 41.99 -47.47 -20.20
N ARG G 513 40.72 -47.59 -19.81
CA ARG G 513 40.08 -48.82 -19.32
C ARG G 513 41.01 -49.64 -18.43
N GLY G 514 41.43 -49.01 -17.33
CA GLY G 514 42.28 -49.67 -16.36
C GLY G 514 41.53 -50.59 -15.43
N LYS G 515 41.90 -50.58 -14.14
CA LYS G 515 41.27 -51.43 -13.14
C LYS G 515 40.55 -50.63 -12.06
N ARG G 516 41.21 -49.64 -11.47
CA ARG G 516 40.60 -48.86 -10.41
C ARG G 516 39.48 -47.97 -10.96
N THR G 517 38.47 -47.74 -10.12
CA THR G 517 37.38 -46.87 -10.50
C THR G 517 37.75 -45.40 -10.24
N VAL G 518 36.94 -44.51 -10.80
CA VAL G 518 37.15 -43.08 -10.61
C VAL G 518 36.96 -42.69 -9.15
N ASP G 519 35.98 -43.29 -8.48
CA ASP G 519 35.71 -42.96 -7.09
C ASP G 519 36.88 -43.33 -6.18
N SER G 520 37.58 -44.42 -6.47
CA SER G 520 38.74 -44.79 -5.66
C SER G 520 39.83 -43.73 -5.75
N PHE G 521 40.13 -43.25 -6.96
CA PHE G 521 41.12 -42.20 -7.12
C PHE G 521 40.68 -40.91 -6.44
N HIS G 522 39.40 -40.56 -6.57
CA HIS G 522 38.90 -39.36 -5.91
C HIS G 522 39.02 -39.48 -4.40
N ARG G 523 38.70 -40.66 -3.85
CA ARG G 523 38.80 -40.86 -2.41
C ARG G 523 40.24 -40.78 -1.94
N GLU G 524 41.17 -41.37 -2.70
CA GLU G 524 42.58 -41.29 -2.32
C GLU G 524 43.06 -39.85 -2.32
N LEU G 525 42.73 -39.10 -3.37
CA LEU G 525 43.14 -37.70 -3.44
C LEU G 525 42.52 -36.88 -2.31
N GLY G 526 41.24 -37.11 -2.02
CA GLY G 526 40.59 -36.37 -0.96
C GLY G 526 41.17 -36.68 0.41
N LYS G 527 41.45 -37.95 0.69
CA LYS G 527 42.06 -38.32 1.95
C LYS G 527 43.45 -37.70 2.09
N LEU G 528 44.25 -37.74 1.02
CA LEU G 528 45.58 -37.13 1.09
C LEU G 528 45.49 -35.64 1.34
N MET G 529 44.59 -34.95 0.62
CA MET G 529 44.44 -33.51 0.81
C MET G 529 43.95 -33.17 2.21
N TRP G 530 43.00 -33.95 2.73
CA TRP G 530 42.46 -33.67 4.05
C TRP G 530 43.49 -33.92 5.14
N ASP G 531 44.27 -34.99 5.03
CA ASP G 531 45.26 -35.30 6.05
C ASP G 531 46.52 -34.44 5.94
N LYS G 532 46.79 -33.86 4.78
CA LYS G 532 48.01 -33.08 4.58
C LYS G 532 47.73 -31.59 4.42
N CYS G 533 46.86 -31.22 3.46
CA CYS G 533 46.53 -29.83 3.21
C CYS G 533 45.21 -29.42 3.86
N GLY G 534 44.86 -30.04 4.98
CA GLY G 534 43.61 -29.73 5.66
C GLY G 534 43.70 -28.52 6.57
N MET G 535 43.12 -28.63 7.76
CA MET G 535 43.10 -27.51 8.70
C MET G 535 44.46 -27.31 9.36
N ALA G 536 45.22 -28.38 9.57
CA ALA G 536 46.55 -28.31 10.17
C ALA G 536 47.57 -28.63 9.10
N ARG G 537 48.40 -27.66 8.76
CA ARG G 537 49.37 -27.79 7.67
C ARG G 537 50.77 -27.50 8.22
N ASN G 538 51.74 -28.32 7.82
CA ASN G 538 53.14 -28.11 8.16
C ASN G 538 53.99 -28.31 6.91
N ALA G 539 55.22 -27.82 6.97
CA ALA G 539 56.10 -27.87 5.80
C ALA G 539 56.38 -29.30 5.36
N ALA G 540 56.67 -30.19 6.31
CA ALA G 540 56.96 -31.58 5.97
C ALA G 540 55.75 -32.26 5.33
N GLY G 541 54.57 -32.07 5.91
CA GLY G 541 53.38 -32.69 5.35
C GLY G 541 53.02 -32.16 3.98
N LEU G 542 53.13 -30.83 3.81
CA LEU G 542 52.84 -30.24 2.50
C LEU G 542 53.84 -30.72 1.46
N ARG G 543 55.12 -30.82 1.81
CA ARG G 543 56.11 -31.34 0.88
C ARG G 543 55.84 -32.79 0.52
N GLU G 544 55.45 -33.61 1.51
CA GLU G 544 55.11 -35.00 1.24
C GLU G 544 53.91 -35.11 0.31
N ALA G 545 52.88 -34.29 0.53
CA ALA G 545 51.72 -34.29 -0.35
C ALA G 545 52.08 -33.85 -1.75
N LEU G 546 52.93 -32.83 -1.87
CA LEU G 546 53.37 -32.37 -3.19
C LEU G 546 54.14 -33.46 -3.91
N GLN G 547 54.96 -34.23 -3.19
CA GLN G 547 55.65 -35.36 -3.81
C GLN G 547 54.68 -36.45 -4.23
N ARG G 548 53.64 -36.69 -3.40
CA ARG G 548 52.73 -37.80 -3.66
C ARG G 548 51.76 -37.51 -4.81
N ILE G 549 51.42 -36.24 -5.03
CA ILE G 549 50.37 -35.90 -6.00
C ILE G 549 50.69 -36.40 -7.41
N PRO G 550 51.88 -36.15 -7.98
CA PRO G 550 52.12 -36.61 -9.36
C PRO G 550 52.02 -38.12 -9.54
N GLU G 551 52.44 -38.90 -8.54
CA GLU G 551 52.29 -40.35 -8.65
C GLU G 551 50.81 -40.74 -8.73
N ILE G 552 49.97 -40.12 -7.92
CA ILE G 552 48.54 -40.40 -7.96
C ILE G 552 47.95 -39.99 -9.30
N ARG G 553 48.37 -38.84 -9.83
CA ARG G 553 47.87 -38.39 -11.13
C ARG G 553 48.27 -39.36 -12.23
N ALA G 554 49.52 -39.83 -12.22
CA ALA G 554 49.96 -40.79 -13.22
C ALA G 554 49.21 -42.11 -13.11
N GLU G 555 49.00 -42.58 -11.87
CA GLU G 555 48.26 -43.82 -11.67
C GLU G 555 46.82 -43.69 -12.17
N PHE G 556 46.19 -42.54 -11.92
CA PHE G 556 44.85 -42.31 -12.44
C PHE G 556 44.86 -42.30 -13.97
N TRP G 557 45.82 -41.62 -14.57
CA TRP G 557 45.87 -41.54 -16.03
C TRP G 557 46.29 -42.85 -16.67
N GLU G 558 46.79 -43.82 -15.89
CA GLU G 558 47.21 -45.10 -16.44
C GLU G 558 46.29 -46.26 -16.09
N ASN G 559 45.59 -46.21 -14.96
CA ASN G 559 44.84 -47.36 -14.47
C ASN G 559 43.45 -46.95 -14.00
N VAL G 560 42.72 -46.20 -14.84
CA VAL G 560 41.35 -45.82 -14.55
C VAL G 560 40.41 -46.57 -15.49
N ASN G 561 39.21 -46.85 -15.00
CA ASN G 561 38.20 -47.60 -15.73
C ASN G 561 36.96 -46.73 -15.90
N VAL G 562 36.71 -46.26 -17.11
CA VAL G 562 35.56 -45.44 -17.42
C VAL G 562 34.75 -46.15 -18.50
N PRO G 563 33.73 -46.90 -18.12
CA PRO G 563 32.91 -47.61 -19.12
C PRO G 563 31.91 -46.69 -19.79
N GLY G 564 31.37 -47.18 -20.90
CA GLY G 564 30.33 -46.48 -21.63
C GLY G 564 30.80 -46.02 -23.01
N GLU G 565 30.09 -45.01 -23.52
CA GLU G 565 30.38 -44.45 -24.83
C GLU G 565 30.35 -42.93 -24.74
N ALA G 566 31.08 -42.30 -25.66
CA ALA G 566 31.15 -40.83 -25.66
C ALA G 566 29.81 -40.20 -25.97
N ASN G 567 29.08 -40.75 -26.94
CA ASN G 567 27.79 -40.20 -27.35
C ASN G 567 26.64 -40.88 -26.60
N ASP G 568 26.71 -40.78 -25.27
CA ASP G 568 25.69 -41.38 -24.41
C ASP G 568 25.72 -40.70 -23.06
N LEU G 569 24.66 -40.92 -22.29
CA LEU G 569 24.56 -40.39 -20.93
C LEU G 569 25.48 -41.22 -20.04
N ASN G 570 26.74 -40.80 -19.95
CA ASN G 570 27.75 -41.50 -19.18
C ASN G 570 28.28 -40.57 -18.10
N GLN G 571 27.74 -40.72 -16.88
CA GLN G 571 28.18 -39.90 -15.76
C GLN G 571 29.62 -40.22 -15.35
N ALA G 572 30.09 -41.44 -15.64
CA ALA G 572 31.45 -41.82 -15.29
C ALA G 572 32.47 -40.95 -16.03
N LEU G 573 32.18 -40.59 -17.28
CA LEU G 573 33.10 -39.72 -18.02
C LEU G 573 33.20 -38.35 -17.37
N GLU G 574 32.07 -37.79 -16.95
CA GLU G 574 32.09 -36.50 -16.26
C GLU G 574 32.86 -36.60 -14.95
N LYS G 575 32.65 -37.69 -14.21
CA LYS G 575 33.37 -37.86 -12.95
C LYS G 575 34.88 -37.98 -13.19
N ALA G 576 35.26 -38.71 -14.25
CA ALA G 576 36.68 -38.84 -14.58
C ALA G 576 37.30 -37.50 -14.95
N GLY G 577 36.59 -36.70 -15.74
CA GLY G 577 37.10 -35.38 -16.08
C GLY G 577 37.26 -34.48 -14.86
N ARG G 578 36.25 -34.49 -13.99
CA ARG G 578 36.33 -33.68 -12.78
C ARG G 578 37.47 -34.16 -11.88
N VAL G 579 37.68 -35.47 -11.81
CA VAL G 579 38.76 -36.01 -11.00
C VAL G 579 40.12 -35.61 -11.56
N ALA G 580 40.27 -35.64 -12.88
CA ALA G 580 41.52 -35.18 -13.49
C ALA G 580 41.78 -33.72 -13.18
N ASP G 581 40.74 -32.87 -13.29
CA ASP G 581 40.90 -31.46 -12.98
C ASP G 581 41.26 -31.26 -11.51
N PHE G 582 40.63 -32.03 -10.61
CA PHE G 582 40.94 -31.93 -9.19
C PHE G 582 42.38 -32.35 -8.92
N LEU G 583 42.84 -33.41 -9.59
CA LEU G 583 44.22 -33.86 -9.41
C LEU G 583 45.20 -32.79 -9.87
N GLU G 584 44.88 -32.12 -10.98
CA GLU G 584 45.75 -31.03 -11.44
C GLU G 584 45.74 -29.86 -10.46
N LEU G 585 44.57 -29.53 -9.90
CA LEU G 585 44.45 -28.35 -9.04
C LEU G 585 45.03 -28.57 -7.65
N ALA G 586 45.05 -29.82 -7.17
CA ALA G 586 45.55 -30.08 -5.82
C ALA G 586 47.02 -29.74 -5.69
N GLU G 587 47.80 -29.94 -6.75
CA GLU G 587 49.22 -29.58 -6.71
C GLU G 587 49.40 -28.09 -6.50
N LEU G 588 48.63 -27.28 -7.24
CA LEU G 588 48.71 -25.83 -7.06
C LEU G 588 48.26 -25.42 -5.67
N MET G 589 47.20 -26.06 -5.16
CA MET G 589 46.73 -25.74 -3.81
C MET G 589 47.81 -26.04 -2.77
N CYS G 590 48.46 -27.19 -2.88
CA CYS G 590 49.53 -27.54 -1.95
C CYS G 590 50.72 -26.60 -2.08
N LEU G 591 51.06 -26.21 -3.32
CA LEU G 591 52.16 -25.27 -3.51
C LEU G 591 51.85 -23.92 -2.87
N ASP G 592 50.62 -23.44 -3.03
CA ASP G 592 50.25 -22.17 -2.40
C ASP G 592 50.25 -22.28 -0.89
N ALA G 593 49.79 -23.41 -0.35
CA ALA G 593 49.81 -23.61 1.09
C ALA G 593 51.24 -23.60 1.63
N LEU G 594 52.15 -24.26 0.91
CA LEU G 594 53.55 -24.28 1.33
C LEU G 594 54.19 -22.90 1.22
N HIS G 595 53.82 -22.13 0.19
CA HIS G 595 54.44 -20.83 -0.03
C HIS G 595 54.12 -19.85 1.09
N ARG G 596 52.87 -19.84 1.55
CA ARG G 596 52.43 -18.90 2.58
C ARG G 596 53.02 -19.31 3.92
N GLU G 597 54.04 -18.58 4.37
CA GLU G 597 54.71 -18.89 5.63
C GLU G 597 54.09 -18.14 6.80
N GLU G 598 52.78 -18.26 6.94
CA GLU G 598 52.06 -17.62 8.04
C GLU G 598 50.70 -18.28 8.19
N SER G 599 50.01 -17.91 9.26
CA SER G 599 48.67 -18.42 9.54
C SER G 599 47.69 -17.26 9.55
N CYS G 600 46.62 -17.37 8.77
CA CYS G 600 45.62 -16.31 8.70
C CYS G 600 44.30 -16.91 8.25
N GLY G 601 43.24 -16.64 9.02
CA GLY G 601 41.92 -17.15 8.66
C GLY G 601 41.90 -18.67 8.63
N GLY G 602 41.33 -19.22 7.56
CA GLY G 602 41.27 -20.67 7.42
C GLY G 602 42.62 -21.32 7.25
N HIS G 603 43.54 -20.66 6.56
CA HIS G 603 44.88 -21.19 6.36
C HIS G 603 45.65 -21.11 7.67
N PHE G 604 45.90 -22.27 8.28
CA PHE G 604 46.57 -22.35 9.58
C PHE G 604 47.84 -23.17 9.42
N ARG G 605 48.97 -22.60 9.83
CA ARG G 605 50.26 -23.27 9.80
C ARG G 605 50.73 -23.49 11.23
N GLU G 606 51.16 -24.73 11.52
CA GLU G 606 51.56 -25.09 12.87
C GLU G 606 52.88 -24.45 13.28
N GLU G 607 53.61 -23.84 12.35
CA GLU G 607 54.88 -23.19 12.69
C GLU G 607 54.72 -21.72 13.09
N TYR G 608 53.53 -21.15 12.93
CA TYR G 608 53.30 -19.73 13.23
C TYR G 608 51.94 -19.59 13.92
N GLN G 609 51.95 -19.64 15.26
CA GLN G 609 50.74 -19.40 16.04
C GLN G 609 51.14 -19.04 17.46
N THR G 610 50.26 -18.31 18.13
CA THR G 610 50.47 -17.99 19.54
C THR G 610 50.26 -19.25 20.39
N PRO G 611 50.88 -19.31 21.57
CA PRO G 611 50.66 -20.48 22.45
C PRO G 611 49.20 -20.69 22.81
N ASP G 612 48.36 -19.65 22.76
CA ASP G 612 46.94 -19.82 23.00
C ASP G 612 46.27 -20.63 21.90
N GLY G 613 46.92 -20.81 20.75
CA GLY G 613 46.38 -21.57 19.65
C GLY G 613 45.86 -20.75 18.50
N GLU G 614 45.68 -19.45 18.69
CA GLU G 614 45.18 -18.60 17.61
C GLU G 614 46.24 -18.42 16.54
N ALA G 615 45.79 -18.07 15.34
CA ALA G 615 46.69 -17.87 14.21
C ALA G 615 47.53 -16.62 14.42
N LEU G 616 48.79 -16.68 13.99
CA LEU G 616 49.72 -15.56 14.05
C LEU G 616 49.94 -15.02 12.64
N ARG G 617 49.76 -13.71 12.47
CA ARG G 617 49.81 -13.07 11.17
C ARG G 617 51.08 -12.25 11.03
N ASN G 618 51.78 -12.43 9.91
CA ASN G 618 52.98 -11.67 9.59
C ASN G 618 52.61 -10.62 8.56
N ASP G 619 52.19 -9.45 9.06
CA ASP G 619 51.65 -8.41 8.19
C ASP G 619 52.73 -7.61 7.46
N GLU G 620 54.00 -7.76 7.81
CA GLU G 620 55.06 -7.02 7.15
C GLU G 620 55.76 -7.82 6.05
N GLN G 621 55.33 -9.05 5.80
CA GLN G 621 55.96 -9.87 4.77
C GLN G 621 54.92 -10.51 3.86
N PHE G 622 53.72 -10.75 4.36
CA PHE G 622 52.68 -11.48 3.64
C PHE G 622 51.38 -10.69 3.59
N SER G 623 51.47 -9.37 3.48
CA SER G 623 50.28 -8.53 3.34
C SER G 623 50.00 -8.26 1.86
N TYR G 624 49.71 -9.34 1.14
CA TYR G 624 49.48 -9.26 -0.29
C TYR G 624 48.63 -10.44 -0.73
N VAL G 625 48.11 -10.34 -1.94
CA VAL G 625 47.34 -11.41 -2.58
C VAL G 625 48.25 -12.11 -3.58
N ALA G 626 48.31 -13.44 -3.48
CA ALA G 626 49.19 -14.25 -4.31
C ALA G 626 48.40 -14.81 -5.49
N ALA G 627 48.71 -14.35 -6.69
CA ALA G 627 48.09 -14.83 -7.92
C ALA G 627 49.07 -15.77 -8.61
N TRP G 628 48.60 -16.96 -8.98
CA TRP G 628 49.45 -17.96 -9.61
C TRP G 628 49.18 -18.02 -11.10
N GLU G 629 50.25 -17.94 -11.88
CA GLU G 629 50.21 -17.94 -13.34
C GLU G 629 50.64 -19.31 -13.85
N PHE G 630 49.84 -19.88 -14.74
CA PHE G 630 50.12 -21.17 -15.33
C PHE G 630 51.20 -21.01 -16.39
N THR G 631 52.37 -21.57 -16.14
CA THR G 631 53.51 -21.48 -17.04
C THR G 631 53.67 -22.71 -17.92
N GLY G 632 52.70 -23.62 -17.90
CA GLY G 632 52.80 -24.85 -18.65
C GLY G 632 53.32 -26.03 -17.85
N ASP G 633 53.93 -25.79 -16.70
CA ASP G 633 54.41 -26.84 -15.82
C ASP G 633 53.59 -26.81 -14.53
N LEU G 634 53.01 -27.95 -14.16
CA LEU G 634 52.15 -28.00 -12.98
C LEU G 634 52.93 -27.76 -11.70
N ALA G 635 54.20 -28.14 -11.66
CA ALA G 635 55.02 -27.99 -10.46
C ALA G 635 55.76 -26.66 -10.40
N LYS G 636 55.71 -25.85 -11.46
CA LYS G 636 56.42 -24.57 -11.52
C LYS G 636 55.48 -23.48 -12.00
N PRO G 637 54.55 -23.03 -11.15
CA PRO G 637 53.70 -21.89 -11.50
C PRO G 637 54.31 -20.57 -11.05
N ARG G 638 54.15 -19.55 -11.88
CA ARG G 638 54.70 -18.24 -11.57
C ARG G 638 53.88 -17.56 -10.48
N LEU G 639 54.55 -16.79 -9.63
CA LEU G 639 53.91 -16.09 -8.53
C LEU G 639 53.89 -14.60 -8.79
N HIS G 640 52.72 -13.98 -8.56
CA HIS G 640 52.56 -12.54 -8.67
C HIS G 640 51.97 -12.02 -7.36
N LYS G 641 52.46 -10.89 -6.89
CA LYS G 641 52.05 -10.31 -5.62
C LYS G 641 51.29 -9.02 -5.87
N GLU G 642 50.07 -8.95 -5.33
CA GLU G 642 49.30 -7.72 -5.33
C GLU G 642 49.32 -7.13 -3.94
N PRO G 643 50.03 -6.02 -3.73
CA PRO G 643 50.12 -5.47 -2.36
C PRO G 643 48.78 -5.00 -1.85
N LEU G 644 48.59 -5.11 -0.54
CA LEU G 644 47.38 -4.67 0.14
C LEU G 644 47.72 -3.52 1.07
N VAL G 645 47.02 -2.41 0.91
CA VAL G 645 47.20 -1.21 1.72
C VAL G 645 45.89 -0.90 2.42
N PHE G 646 45.96 -0.66 3.73
CA PHE G 646 44.78 -0.36 4.54
C PHE G 646 44.87 1.08 5.02
N GLU G 647 43.83 1.86 4.73
CA GLU G 647 43.78 3.25 5.12
C GLU G 647 42.69 3.57 6.14
N TYR G 648 41.64 2.77 6.20
CA TYR G 648 40.53 2.99 7.10
C TYR G 648 40.48 2.02 8.27
N VAL G 649 40.81 0.75 8.03
CA VAL G 649 40.82 -0.27 9.08
C VAL G 649 42.24 -0.77 9.21
N LYS G 650 42.94 -0.30 10.25
CA LYS G 650 44.32 -0.71 10.46
C LYS G 650 44.38 -2.11 11.03
N PRO G 651 45.32 -2.94 10.59
CA PRO G 651 45.44 -4.29 11.15
C PRO G 651 45.79 -4.25 12.63
N THR G 652 45.26 -5.22 13.36
CA THR G 652 45.48 -5.30 14.79
C THR G 652 45.29 -6.72 15.31
N MET H 1 21.90 -57.41 5.65
CA MET H 1 20.61 -57.76 5.07
C MET H 1 20.77 -58.21 3.61
N LYS H 2 19.99 -59.21 3.22
CA LYS H 2 19.98 -59.71 1.84
C LYS H 2 18.80 -59.08 1.12
N ILE H 3 19.08 -58.39 0.02
CA ILE H 3 18.09 -57.58 -0.67
C ILE H 3 18.02 -58.01 -2.14
N THR H 4 16.81 -58.11 -2.66
CA THR H 4 16.56 -58.34 -4.07
C THR H 4 16.05 -57.06 -4.71
N LEU H 5 16.66 -56.67 -5.83
CA LEU H 5 16.33 -55.43 -6.53
C LEU H 5 15.79 -55.75 -7.91
N LYS H 6 14.71 -55.06 -8.29
CA LYS H 6 14.17 -55.14 -9.64
C LYS H 6 14.26 -53.73 -10.23
N ILE H 7 15.22 -53.52 -11.12
CA ILE H 7 15.52 -52.21 -11.68
C ILE H 7 15.02 -52.15 -13.12
N TRP H 8 14.29 -51.10 -13.45
CA TRP H 8 13.94 -50.83 -14.84
C TRP H 8 15.17 -50.37 -15.60
N ARG H 9 15.44 -50.98 -16.74
CA ARG H 9 16.61 -50.66 -17.56
C ARG H 9 16.14 -50.30 -18.95
N GLN H 10 16.56 -49.12 -19.43
CA GLN H 10 16.22 -48.66 -20.76
C GLN H 10 17.41 -47.93 -21.35
N LYS H 11 17.76 -48.27 -22.59
CA LYS H 11 18.97 -47.71 -23.20
C LYS H 11 18.77 -46.25 -23.58
N ASN H 12 17.63 -45.91 -24.17
CA ASN H 12 17.36 -44.54 -24.61
C ASN H 12 15.86 -44.39 -24.80
N ARG H 13 15.46 -43.27 -25.42
CA ARG H 13 14.03 -43.03 -25.65
C ARG H 13 13.43 -44.08 -26.57
N ASN H 14 14.12 -44.39 -27.66
CA ASN H 14 13.57 -45.30 -28.66
C ASN H 14 13.63 -46.76 -28.22
N THR H 15 14.71 -47.15 -27.54
CA THR H 15 14.89 -48.53 -27.16
C THR H 15 13.90 -48.90 -26.07
N PRO H 16 13.13 -50.00 -26.24
CA PRO H 16 12.25 -50.44 -25.15
C PRO H 16 13.04 -50.91 -23.94
N GLY H 17 12.46 -50.74 -22.77
CA GLY H 17 13.07 -51.13 -21.53
C GLY H 17 12.53 -52.44 -20.99
N GLU H 18 13.17 -52.92 -19.93
CA GLU H 18 12.76 -54.18 -19.31
C GLU H 18 13.28 -54.21 -17.89
N PHE H 19 12.71 -55.10 -17.08
CA PHE H 19 13.12 -55.24 -15.69
C PHE H 19 14.30 -56.18 -15.58
N LYS H 20 15.21 -55.85 -14.67
CA LYS H 20 16.40 -56.65 -14.42
C LYS H 20 16.50 -56.94 -12.93
N THR H 21 16.84 -58.18 -12.59
CA THR H 21 16.89 -58.63 -11.21
C THR H 21 18.33 -58.72 -10.74
N TYR H 22 18.62 -58.13 -9.58
CA TYR H 22 19.93 -58.16 -8.97
C TYR H 22 19.79 -58.56 -7.51
N VAL H 23 20.83 -59.17 -6.95
CA VAL H 23 20.85 -59.61 -5.57
C VAL H 23 22.05 -58.98 -4.88
N MET H 24 21.82 -58.34 -3.73
CA MET H 24 22.89 -57.82 -2.90
C MET H 24 22.86 -58.53 -1.56
N ASP H 25 24.00 -59.12 -1.18
CA ASP H 25 24.07 -60.00 -0.02
C ASP H 25 24.32 -59.23 1.28
N ASN H 26 25.24 -58.27 1.26
CA ASN H 26 25.57 -57.48 2.44
C ASN H 26 25.08 -56.05 2.23
N VAL H 27 24.09 -55.65 3.01
CA VAL H 27 23.51 -54.31 2.94
C VAL H 27 23.46 -53.73 4.35
N ASN H 28 24.06 -52.56 4.53
CA ASN H 28 24.04 -51.91 5.83
C ASN H 28 22.68 -51.30 6.09
N PRO H 29 22.03 -51.61 7.21
CA PRO H 29 20.69 -51.08 7.47
C PRO H 29 20.62 -49.57 7.52
N ASP H 30 21.66 -48.90 8.01
CA ASP H 30 21.62 -47.46 8.20
C ASP H 30 22.03 -46.66 6.97
N MET H 31 22.53 -47.31 5.92
CA MET H 31 22.91 -46.60 4.71
C MET H 31 21.66 -46.26 3.89
N SER H 32 21.79 -45.24 3.05
CA SER H 32 20.65 -44.76 2.28
C SER H 32 20.45 -45.60 1.02
N PHE H 33 19.29 -45.41 0.40
CA PHE H 33 18.96 -46.14 -0.82
C PHE H 33 19.93 -45.80 -1.95
N LEU H 34 20.24 -44.51 -2.11
CA LEU H 34 21.16 -44.11 -3.16
C LEU H 34 22.56 -44.65 -2.92
N GLU H 35 22.98 -44.77 -1.65
CA GLU H 35 24.26 -45.41 -1.38
C GLU H 35 24.25 -46.88 -1.79
N MET H 36 23.14 -47.58 -1.56
CA MET H 36 23.03 -48.95 -2.03
C MET H 36 23.10 -49.02 -3.55
N LEU H 37 22.43 -48.08 -4.23
CA LEU H 37 22.49 -48.06 -5.68
C LEU H 37 23.90 -47.79 -6.18
N ASP H 38 24.64 -46.91 -5.48
CA ASP H 38 26.02 -46.65 -5.84
C ASP H 38 26.88 -47.89 -5.65
N VAL H 39 26.66 -48.62 -4.56
CA VAL H 39 27.41 -49.86 -4.33
C VAL H 39 27.11 -50.87 -5.43
N LEU H 40 25.83 -50.98 -5.81
CA LEU H 40 25.45 -51.89 -6.88
C LEU H 40 26.09 -51.48 -8.21
N ASN H 41 26.14 -50.17 -8.49
CA ASN H 41 26.78 -49.69 -9.71
C ASN H 41 28.27 -50.01 -9.70
N GLU H 42 28.92 -49.84 -8.55
CA GLU H 42 30.33 -50.20 -8.45
C GLU H 42 30.55 -51.69 -8.69
N ASP H 43 29.68 -52.52 -8.12
CA ASP H 43 29.79 -53.96 -8.33
C ASP H 43 29.59 -54.30 -9.81
N LEU H 44 28.62 -53.65 -10.47
CA LEU H 44 28.40 -53.90 -11.89
C LEU H 44 29.60 -53.46 -12.72
N MET H 45 30.21 -52.32 -12.37
CA MET H 45 31.41 -51.89 -13.07
C MET H 45 32.55 -52.87 -12.88
N SER H 46 32.67 -53.42 -11.67
CA SER H 46 33.67 -54.46 -11.42
C SER H 46 33.40 -55.69 -12.27
N ARG H 47 32.13 -56.09 -12.38
CA ARG H 47 31.77 -57.22 -13.24
C ARG H 47 31.87 -56.89 -14.73
N GLY H 48 31.93 -55.61 -15.09
CA GLY H 48 32.02 -55.22 -16.48
C GLY H 48 30.70 -54.90 -17.14
N GLU H 49 29.62 -54.73 -16.37
CA GLU H 49 28.31 -54.42 -16.92
C GLU H 49 28.07 -52.91 -16.88
N GLU H 50 27.05 -52.49 -17.63
CA GLU H 50 26.71 -51.08 -17.69
C GLU H 50 26.08 -50.63 -16.37
N PRO H 51 26.53 -49.53 -15.78
CA PRO H 51 25.95 -49.08 -14.51
C PRO H 51 24.56 -48.48 -14.70
N VAL H 52 23.81 -48.48 -13.61
CA VAL H 52 22.47 -47.88 -13.60
C VAL H 52 22.60 -46.38 -13.43
N ALA H 53 21.85 -45.63 -14.24
CA ALA H 53 21.91 -44.18 -14.23
C ALA H 53 20.68 -43.62 -13.52
N PHE H 54 20.92 -42.68 -12.59
CA PHE H 54 19.84 -42.06 -11.83
C PHE H 54 20.24 -40.64 -11.47
N ASP H 55 19.25 -39.83 -11.13
CA ASP H 55 19.47 -38.42 -10.83
C ASP H 55 19.68 -38.22 -9.34
N HIS H 56 20.74 -37.49 -8.99
CA HIS H 56 21.03 -37.20 -7.59
C HIS H 56 22.01 -36.04 -7.55
N ASP H 57 21.65 -34.95 -6.88
CA ASP H 57 22.54 -33.80 -6.74
C ASP H 57 22.84 -33.46 -5.29
N CYS H 58 21.82 -33.26 -4.46
CA CYS H 58 22.01 -32.71 -3.13
C CYS H 58 22.08 -33.76 -2.04
N ARG H 59 21.36 -34.87 -2.18
CA ARG H 59 21.27 -35.90 -1.14
C ARG H 59 20.78 -35.33 0.19
N GLU H 60 19.93 -34.31 0.12
CA GLU H 60 19.40 -33.67 1.32
C GLU H 60 17.91 -33.39 1.26
N GLY H 61 17.22 -33.75 0.19
CA GLY H 61 15.79 -33.50 0.10
C GLY H 61 15.42 -32.05 -0.14
N ILE H 62 16.33 -31.27 -0.73
CA ILE H 62 16.10 -29.86 -0.99
C ILE H 62 16.14 -29.53 -2.49
N CYS H 63 17.06 -30.14 -3.23
CA CYS H 63 17.21 -29.82 -4.64
C CYS H 63 16.07 -30.38 -5.48
N GLY H 64 15.58 -31.57 -5.15
CA GLY H 64 14.49 -32.17 -5.89
C GLY H 64 14.88 -32.89 -7.16
N MET H 65 16.18 -33.07 -7.41
CA MET H 65 16.60 -33.76 -8.62
C MET H 65 16.34 -35.25 -8.55
N CYS H 66 16.45 -35.85 -7.37
CA CYS H 66 16.24 -37.28 -7.23
C CYS H 66 14.79 -37.63 -7.52
N SER H 67 14.58 -38.76 -8.19
CA SER H 67 13.24 -39.17 -8.62
C SER H 67 13.24 -40.68 -8.81
N LEU H 68 12.57 -41.39 -7.91
CA LEU H 68 12.50 -42.85 -7.99
C LEU H 68 11.15 -43.32 -7.49
N MET H 69 10.63 -44.37 -8.11
CA MET H 69 9.38 -45.00 -7.71
C MET H 69 9.72 -46.36 -7.11
N ILE H 70 9.75 -46.42 -5.78
CA ILE H 70 10.20 -47.61 -5.06
C ILE H 70 8.97 -48.33 -4.53
N ASN H 71 8.83 -49.60 -4.91
CA ASN H 71 7.73 -50.46 -4.47
C ASN H 71 6.37 -49.88 -4.82
N GLY H 72 6.32 -49.10 -5.91
CA GLY H 72 5.08 -48.50 -6.36
C GLY H 72 4.70 -47.22 -5.65
N VAL H 73 5.48 -46.79 -4.66
CA VAL H 73 5.24 -45.54 -3.95
C VAL H 73 6.41 -44.62 -4.23
N ALA H 74 6.11 -43.41 -4.72
CA ALA H 74 7.16 -42.47 -5.07
C ALA H 74 7.93 -42.06 -3.83
N HIS H 75 9.26 -41.92 -3.99
CA HIS H 75 10.15 -41.55 -2.89
C HIS H 75 10.12 -42.55 -1.75
N GLY H 76 9.89 -43.83 -2.08
CA GLY H 76 9.93 -44.87 -1.09
C GLY H 76 8.64 -45.03 -0.33
N PRO H 77 8.52 -46.12 0.44
CA PRO H 77 7.30 -46.33 1.23
C PRO H 77 7.02 -45.24 2.24
N LYS H 78 8.06 -44.66 2.83
CA LYS H 78 7.86 -43.62 3.82
C LYS H 78 7.40 -42.32 3.15
N ASN H 79 6.56 -41.58 3.87
CA ASN H 79 5.99 -40.34 3.38
C ASN H 79 6.75 -39.13 3.91
N ALA H 80 6.51 -37.98 3.28
CA ALA H 80 7.10 -36.71 3.66
C ALA H 80 8.63 -36.69 3.56
N ILE H 81 9.19 -37.59 2.75
CA ILE H 81 10.64 -37.63 2.51
C ILE H 81 10.88 -37.81 1.03
N THR H 82 12.12 -37.54 0.61
CA THR H 82 12.54 -37.73 -0.76
C THR H 82 13.30 -39.04 -0.89
N THR H 83 13.68 -39.38 -2.13
CA THR H 83 14.38 -40.63 -2.38
C THR H 83 15.74 -40.65 -1.68
N CYS H 84 16.47 -39.53 -1.75
CA CYS H 84 17.79 -39.48 -1.12
C CYS H 84 17.71 -39.60 0.39
N GLN H 85 16.60 -39.19 0.99
CA GLN H 85 16.43 -39.26 2.43
C GLN H 85 16.00 -40.63 2.91
N LEU H 86 15.66 -41.54 2.00
CA LEU H 86 15.17 -42.85 2.38
C LEU H 86 16.33 -43.78 2.72
N HIS H 87 16.36 -44.25 3.95
CA HIS H 87 17.33 -45.23 4.40
C HIS H 87 16.67 -46.60 4.51
N MET H 88 17.51 -47.64 4.54
CA MET H 88 17.03 -49.01 4.53
C MET H 88 16.80 -49.60 5.91
N ARG H 89 16.90 -48.79 6.96
CA ARG H 89 16.48 -49.27 8.28
C ARG H 89 14.98 -49.49 8.35
N SER H 90 14.23 -48.96 7.40
CA SER H 90 12.78 -49.14 7.34
C SER H 90 12.37 -50.34 6.50
N PHE H 91 13.31 -51.00 5.83
CA PHE H 91 13.01 -52.17 5.03
C PHE H 91 13.24 -53.44 5.84
N LYS H 92 12.84 -54.57 5.26
CA LYS H 92 12.91 -55.86 5.93
C LYS H 92 13.89 -56.77 5.19
N ASP H 93 14.54 -57.64 5.95
CA ASP H 93 15.48 -58.58 5.37
C ASP H 93 14.78 -59.56 4.43
N GLY H 94 15.41 -59.83 3.30
CA GLY H 94 14.85 -60.73 2.32
C GLY H 94 13.78 -60.15 1.44
N ASP H 95 13.46 -58.87 1.60
CA ASP H 95 12.42 -58.24 0.80
C ASP H 95 12.89 -58.02 -0.63
N THR H 96 11.95 -58.12 -1.56
CA THR H 96 12.18 -57.80 -2.96
C THR H 96 11.56 -56.44 -3.26
N ILE H 97 12.37 -55.51 -3.72
CA ILE H 97 11.92 -54.14 -3.94
C ILE H 97 12.15 -53.77 -5.39
N THR H 98 11.18 -53.08 -5.97
CA THR H 98 11.19 -52.68 -7.37
C THR H 98 11.35 -51.17 -7.47
N VAL H 99 12.29 -50.72 -8.30
CA VAL H 99 12.49 -49.31 -8.54
C VAL H 99 12.08 -49.00 -9.98
N GLU H 100 11.65 -47.76 -10.20
CA GLU H 100 11.15 -47.34 -11.50
C GLU H 100 11.22 -45.82 -11.57
N PRO H 101 11.30 -45.26 -12.77
CA PRO H 101 11.27 -43.81 -12.93
C PRO H 101 9.83 -43.31 -12.98
N TRP H 102 9.67 -42.00 -13.17
CA TRP H 102 8.35 -41.44 -13.38
C TRP H 102 7.81 -41.90 -14.72
N ARG H 103 6.51 -42.17 -14.76
CA ARG H 103 5.83 -42.63 -15.98
C ARG H 103 4.77 -41.59 -16.34
N ALA H 104 5.06 -40.77 -17.34
CA ALA H 104 4.11 -39.77 -17.82
C ALA H 104 4.47 -39.40 -19.25
N SER H 105 3.47 -38.95 -20.00
CA SER H 105 3.70 -38.55 -21.38
C SER H 105 4.54 -37.28 -21.47
N ALA H 106 4.47 -36.42 -20.46
CA ALA H 106 5.25 -35.19 -20.44
C ALA H 106 6.65 -35.39 -19.85
N PHE H 107 6.98 -36.59 -19.41
CA PHE H 107 8.27 -36.89 -18.79
C PHE H 107 8.94 -38.02 -19.58
N PRO H 108 9.59 -37.70 -20.68
CA PRO H 108 10.25 -38.75 -21.47
C PRO H 108 11.36 -39.43 -20.69
N ILE H 109 11.57 -40.71 -20.99
CA ILE H 109 12.59 -41.52 -20.32
C ILE H 109 13.88 -41.43 -21.12
N LEU H 110 14.96 -41.03 -20.45
CA LEU H 110 16.26 -40.88 -21.10
C LEU H 110 17.21 -42.03 -20.84
N LYS H 111 17.06 -42.72 -19.72
CA LYS H 111 17.96 -43.81 -19.35
C LYS H 111 17.20 -44.75 -18.42
N ASP H 112 17.92 -45.61 -17.71
CA ASP H 112 17.28 -46.60 -16.85
C ASP H 112 16.34 -45.95 -15.84
N LEU H 113 16.80 -44.90 -15.17
CA LEU H 113 15.98 -44.23 -14.16
C LEU H 113 16.03 -42.71 -14.27
N VAL H 114 16.37 -42.17 -15.44
CA VAL H 114 16.52 -40.74 -15.65
C VAL H 114 15.42 -40.28 -16.59
N VAL H 115 14.70 -39.23 -16.20
CA VAL H 115 13.62 -38.68 -16.98
C VAL H 115 13.85 -37.20 -17.20
N ASP H 116 13.16 -36.64 -18.20
CA ASP H 116 13.25 -35.24 -18.54
C ASP H 116 12.08 -34.49 -17.90
N ARG H 117 12.39 -33.44 -17.15
CA ARG H 117 11.38 -32.67 -16.44
C ARG H 117 11.40 -31.20 -16.84
N SER H 118 11.69 -30.90 -18.11
CA SER H 118 11.68 -29.53 -18.57
C SER H 118 10.27 -28.97 -18.71
N ALA H 119 9.25 -29.82 -18.65
CA ALA H 119 7.87 -29.34 -18.71
C ALA H 119 7.54 -28.44 -17.52
N PHE H 120 8.08 -28.76 -16.34
CA PHE H 120 7.88 -27.88 -15.19
C PHE H 120 8.53 -26.53 -15.43
N ASP H 121 9.72 -26.51 -16.04
CA ASP H 121 10.36 -25.24 -16.37
C ASP H 121 9.53 -24.45 -17.36
N ARG H 122 8.95 -25.11 -18.36
CA ARG H 122 8.09 -24.40 -19.31
C ARG H 122 6.83 -23.88 -18.64
N ILE H 123 6.26 -24.64 -17.69
CA ILE H 123 5.10 -24.16 -16.96
C ILE H 123 5.46 -22.92 -16.14
N ILE H 124 6.61 -22.94 -15.47
CA ILE H 124 7.03 -21.79 -14.69
C ILE H 124 7.25 -20.58 -15.60
N GLN H 125 7.81 -20.81 -16.79
CA GLN H 125 8.07 -19.72 -17.73
C GLN H 125 6.79 -19.05 -18.20
N ALA H 126 5.64 -19.70 -18.05
CA ALA H 126 4.37 -19.16 -18.56
C ALA H 126 3.67 -18.37 -17.46
N GLY H 127 4.30 -17.25 -17.09
CA GLY H 127 3.70 -16.32 -16.16
C GLY H 127 3.87 -16.63 -14.69
N GLY H 128 4.50 -17.75 -14.34
CA GLY H 128 4.68 -18.10 -12.94
C GLY H 128 5.77 -17.32 -12.25
N TYR H 129 5.67 -16.00 -12.24
CA TYR H 129 6.70 -15.15 -11.66
C TYR H 129 6.07 -13.78 -11.37
N ILE H 130 6.92 -12.82 -10.99
CA ILE H 130 6.53 -11.43 -10.81
C ILE H 130 7.43 -10.57 -11.68
N SER H 131 6.82 -9.72 -12.50
CA SER H 131 7.56 -8.92 -13.49
C SER H 131 8.11 -7.65 -12.83
N VAL H 132 9.18 -7.82 -12.07
CA VAL H 132 9.89 -6.71 -11.46
C VAL H 132 11.33 -6.71 -11.97
N SER H 133 11.76 -5.57 -12.50
CA SER H 133 13.11 -5.45 -13.01
C SER H 133 14.09 -5.12 -11.88
N THR H 134 15.38 -5.27 -12.18
CA THR H 134 16.41 -4.99 -11.20
C THR H 134 16.60 -3.48 -11.04
N GLY H 135 16.71 -3.02 -9.80
CA GLY H 135 16.96 -1.63 -9.49
C GLY H 135 15.72 -0.80 -9.24
N SER H 136 14.54 -1.28 -9.64
CA SER H 136 13.31 -0.53 -9.46
C SER H 136 12.58 -0.90 -8.18
N ALA H 137 13.16 -1.75 -7.34
CA ALA H 137 12.46 -2.21 -6.15
C ALA H 137 12.32 -1.07 -5.13
N PRO H 138 11.18 -0.97 -4.45
CA PRO H 138 11.06 -0.02 -3.35
C PRO H 138 11.70 -0.56 -2.08
N ASP H 139 11.53 0.16 -0.96
CA ASP H 139 12.09 -0.30 0.30
C ASP H 139 11.42 -1.60 0.74
N ALA H 140 12.18 -2.41 1.48
CA ALA H 140 11.69 -3.75 1.87
C ALA H 140 10.46 -3.65 2.74
N ASN H 141 10.43 -2.72 3.69
CA ASN H 141 9.34 -2.59 4.64
C ASN H 141 8.22 -1.69 4.13
N THR H 142 8.12 -1.50 2.81
CA THR H 142 7.09 -0.61 2.27
C THR H 142 5.70 -1.23 2.38
N ILE H 143 5.57 -2.50 2.01
CA ILE H 143 4.27 -3.17 1.98
C ILE H 143 4.24 -4.19 3.11
N PRO H 144 3.38 -4.03 4.11
CA PRO H 144 3.31 -5.01 5.19
C PRO H 144 2.54 -6.26 4.77
N VAL H 145 3.03 -7.41 5.24
CA VAL H 145 2.41 -8.71 4.97
C VAL H 145 2.12 -9.39 6.30
N SER H 146 0.88 -9.83 6.49
CA SER H 146 0.50 -10.50 7.72
C SER H 146 1.27 -11.81 7.89
N LYS H 147 1.50 -12.19 9.15
CA LYS H 147 2.28 -13.37 9.44
C LYS H 147 1.61 -14.64 8.93
N VAL H 148 0.28 -14.71 9.03
CA VAL H 148 -0.44 -15.89 8.56
C VAL H 148 -0.29 -16.03 7.04
N ALA H 149 -0.43 -14.92 6.31
CA ALA H 149 -0.27 -14.96 4.86
C ALA H 149 1.15 -15.34 4.48
N ALA H 150 2.14 -14.79 5.18
CA ALA H 150 3.53 -15.13 4.89
C ALA H 150 3.81 -16.60 5.16
N ASP H 151 3.26 -17.14 6.26
CA ASP H 151 3.47 -18.55 6.58
C ASP H 151 2.82 -19.45 5.54
N ARG H 152 1.60 -19.13 5.13
CA ARG H 152 0.95 -19.93 4.09
C ARG H 152 1.71 -19.83 2.76
N ALA H 153 2.21 -18.65 2.42
CA ALA H 153 2.97 -18.49 1.20
C ALA H 153 4.26 -19.29 1.24
N MET H 154 4.93 -19.32 2.40
CA MET H 154 6.15 -20.11 2.52
C MET H 154 5.84 -21.60 2.47
N ASP H 155 4.71 -22.02 3.06
CA ASP H 155 4.31 -23.42 2.98
C ASP H 155 4.06 -23.83 1.54
N ALA H 156 3.40 -22.96 0.77
CA ALA H 156 3.12 -23.29 -0.62
C ALA H 156 4.38 -23.20 -1.50
N ALA H 157 5.30 -22.30 -1.15
CA ALA H 157 6.49 -22.07 -1.97
C ALA H 157 7.55 -23.14 -1.81
N ALA H 158 7.52 -23.89 -0.71
CA ALA H 158 8.53 -24.92 -0.48
C ALA H 158 8.26 -26.14 -1.36
N CYS H 159 8.41 -25.98 -2.68
CA CYS H 159 8.22 -27.06 -3.63
C CYS H 159 9.54 -27.28 -4.35
N ILE H 160 10.13 -28.46 -4.17
CA ILE H 160 11.42 -28.78 -4.78
C ILE H 160 11.31 -29.12 -6.26
N GLY H 161 10.10 -29.18 -6.80
CA GLY H 161 9.94 -29.50 -8.21
C GLY H 161 10.40 -30.89 -8.56
N CYS H 162 10.19 -31.86 -7.67
CA CYS H 162 10.63 -33.22 -7.91
C CYS H 162 9.78 -33.95 -8.95
N GLY H 163 8.55 -33.51 -9.15
CA GLY H 163 7.67 -34.16 -10.09
C GLY H 163 6.99 -35.41 -9.58
N ALA H 164 7.12 -35.71 -8.28
CA ALA H 164 6.47 -36.90 -7.74
C ALA H 164 4.95 -36.80 -7.81
N CYS H 165 4.41 -35.59 -7.71
CA CYS H 165 2.96 -35.42 -7.80
C CYS H 165 2.44 -35.84 -9.16
N VAL H 166 3.17 -35.53 -10.23
CA VAL H 166 2.76 -35.93 -11.57
C VAL H 166 2.75 -37.44 -11.70
N ALA H 167 3.80 -38.11 -11.21
CA ALA H 167 3.90 -39.55 -11.36
C ALA H 167 3.06 -40.32 -10.37
N ALA H 168 2.52 -39.65 -9.35
CA ALA H 168 1.68 -40.33 -8.37
C ALA H 168 0.21 -40.29 -8.74
N CYS H 169 -0.26 -39.15 -9.28
CA CYS H 169 -1.66 -39.03 -9.64
C CYS H 169 -2.00 -40.01 -10.76
N PRO H 170 -3.12 -40.71 -10.67
CA PRO H 170 -3.50 -41.64 -11.75
C PRO H 170 -3.70 -40.96 -13.09
N ASN H 171 -4.14 -39.71 -13.11
CA ASN H 171 -4.28 -38.98 -14.35
C ASN H 171 -2.96 -38.42 -14.87
N GLY H 172 -1.90 -38.46 -14.06
CA GLY H 172 -0.62 -37.91 -14.46
C GLY H 172 -0.69 -36.42 -14.66
N SER H 173 -1.31 -35.70 -13.72
CA SER H 173 -1.50 -34.27 -13.83
C SER H 173 -0.48 -33.51 -12.99
N ALA H 174 -0.18 -32.29 -13.42
CA ALA H 174 0.70 -31.38 -12.70
C ALA H 174 -0.09 -30.36 -11.89
N MET H 175 -1.25 -30.75 -11.36
CA MET H 175 -2.12 -29.80 -10.68
C MET H 175 -1.49 -29.30 -9.38
N LEU H 176 -0.83 -30.18 -8.62
CA LEU H 176 -0.28 -29.77 -7.34
C LEU H 176 0.84 -28.74 -7.51
N PHE H 177 1.71 -28.95 -8.50
CA PHE H 177 2.83 -28.03 -8.70
C PHE H 177 2.34 -26.64 -9.10
N THR H 178 1.44 -26.58 -10.08
CA THR H 178 0.89 -25.31 -10.51
C THR H 178 0.12 -24.64 -9.39
N ALA H 179 -0.68 -25.41 -8.64
CA ALA H 179 -1.44 -24.85 -7.54
C ALA H 179 -0.52 -24.28 -6.47
N ALA H 180 0.57 -24.99 -6.15
CA ALA H 180 1.52 -24.50 -5.15
C ALA H 180 2.17 -23.20 -5.60
N LYS H 181 2.60 -23.14 -6.87
CA LYS H 181 3.22 -21.92 -7.36
C LYS H 181 2.22 -20.76 -7.35
N VAL H 182 0.99 -21.01 -7.79
CA VAL H 182 -0.02 -19.95 -7.83
C VAL H 182 -0.35 -19.47 -6.42
N THR H 183 -0.48 -20.40 -5.47
CA THR H 183 -0.77 -20.01 -4.09
C THR H 183 0.38 -19.22 -3.48
N HIS H 184 1.63 -19.61 -3.79
CA HIS H 184 2.77 -18.85 -3.30
C HIS H 184 2.76 -17.44 -3.84
N LEU H 185 2.51 -17.28 -5.14
CA LEU H 185 2.58 -15.96 -5.76
C LEU H 185 1.31 -15.14 -5.57
N ALA H 186 0.24 -15.73 -5.06
CA ALA H 186 -1.03 -15.02 -4.90
C ALA H 186 -1.29 -14.55 -3.48
N LEU H 187 -0.63 -15.13 -2.49
CA LEU H 187 -0.85 -14.72 -1.10
C LEU H 187 -0.04 -13.49 -0.72
N LEU H 188 0.91 -13.09 -1.54
CA LEU H 188 1.69 -11.89 -1.26
C LEU H 188 1.17 -10.72 -2.08
N PRO H 189 1.22 -9.50 -1.52
CA PRO H 189 0.75 -8.33 -2.27
C PRO H 189 1.49 -8.09 -3.57
N GLN H 190 2.79 -8.42 -3.63
CA GLN H 190 3.57 -8.13 -4.83
C GLN H 190 3.05 -8.91 -6.04
N GLY H 191 2.46 -10.08 -5.81
CA GLY H 191 1.86 -10.85 -6.88
C GLY H 191 0.44 -10.49 -7.22
N GLN H 192 -0.15 -9.53 -6.49
CA GLN H 192 -1.54 -9.15 -6.75
C GLN H 192 -1.79 -8.60 -8.14
N PRO H 193 -0.98 -7.68 -8.69
CA PRO H 193 -1.38 -7.00 -9.93
C PRO H 193 -1.56 -7.93 -11.13
N GLU H 194 -0.97 -9.12 -11.14
CA GLU H 194 -1.04 -9.94 -12.33
C GLU H 194 -1.37 -11.40 -12.00
N ARG H 195 -2.10 -11.65 -10.92
CA ARG H 195 -2.39 -13.03 -10.56
C ARG H 195 -3.44 -13.66 -11.45
N TYR H 196 -4.52 -12.93 -11.77
CA TYR H 196 -5.63 -13.53 -12.49
C TYR H 196 -5.24 -13.97 -13.89
N GLN H 197 -4.43 -13.18 -14.57
CA GLN H 197 -3.82 -13.67 -15.80
C GLN H 197 -2.90 -14.85 -15.52
N ARG H 198 -2.02 -14.71 -14.53
CA ARG H 198 -0.94 -15.68 -14.34
C ARG H 198 -1.48 -17.10 -14.29
N VAL H 199 -2.42 -17.35 -13.38
CA VAL H 199 -2.93 -18.70 -13.19
C VAL H 199 -3.44 -19.26 -14.51
N VAL H 200 -4.25 -18.48 -15.23
CA VAL H 200 -4.79 -18.98 -16.48
C VAL H 200 -3.66 -19.39 -17.40
N ASN H 201 -2.68 -18.51 -17.59
CA ASN H 201 -1.53 -18.85 -18.42
C ASN H 201 -0.92 -20.16 -17.96
N MET H 202 -0.62 -20.26 -16.67
CA MET H 202 -0.01 -21.47 -16.15
C MET H 202 -0.88 -22.68 -16.48
N VAL H 203 -2.18 -22.57 -16.20
CA VAL H 203 -3.07 -23.69 -16.46
C VAL H 203 -3.03 -24.06 -17.92
N ALA H 204 -3.11 -23.07 -18.81
CA ALA H 204 -3.06 -23.35 -20.24
C ALA H 204 -1.77 -24.08 -20.59
N GLN H 205 -0.65 -23.61 -20.03
CA GLN H 205 0.63 -24.25 -20.35
C GLN H 205 0.60 -25.70 -19.94
N ALA H 206 0.02 -26.01 -18.79
CA ALA H 206 -0.10 -27.41 -18.38
C ALA H 206 -0.88 -28.20 -19.40
N ASP H 207 -2.02 -27.67 -19.85
CA ASP H 207 -2.80 -28.37 -20.86
C ASP H 207 -2.04 -28.50 -22.15
N PHE H 208 -1.15 -27.54 -22.44
CA PHE H 208 -0.35 -27.64 -23.66
C PHE H 208 0.77 -28.64 -23.49
N GLU H 209 1.24 -28.86 -22.26
CA GLU H 209 2.41 -29.70 -22.04
C GLU H 209 2.08 -31.19 -22.10
N GLY H 210 0.80 -31.56 -21.99
CA GLY H 210 0.40 -32.94 -22.05
C GLY H 210 -0.04 -33.55 -20.74
N PHE H 211 -0.11 -32.77 -19.66
CA PHE H 211 -0.57 -33.30 -18.40
C PHE H 211 -2.09 -33.50 -18.42
N GLY H 212 -2.55 -34.39 -17.53
CA GLY H 212 -3.95 -34.73 -17.45
C GLY H 212 -4.75 -33.75 -16.61
N ASN H 213 -6.00 -34.10 -16.37
CA ASN H 213 -6.88 -33.31 -15.51
C ASN H 213 -6.72 -33.77 -14.07
N CYS H 214 -7.48 -33.14 -13.17
CA CYS H 214 -7.46 -33.50 -11.75
C CYS H 214 -8.80 -34.09 -11.39
N THR H 215 -8.78 -35.31 -10.84
CA THR H 215 -10.00 -35.95 -10.37
C THR H 215 -10.26 -35.68 -8.89
N ASN H 216 -9.42 -34.86 -8.25
CA ASN H 216 -9.49 -34.61 -6.80
C ASN H 216 -9.35 -35.92 -6.02
N ILE H 217 -8.45 -36.79 -6.49
CA ILE H 217 -8.20 -38.05 -5.79
C ILE H 217 -7.42 -37.79 -4.50
N GLY H 218 -6.22 -37.24 -4.62
CA GLY H 218 -5.45 -36.85 -3.44
C GLY H 218 -4.15 -37.58 -3.26
N GLU H 219 -3.69 -38.29 -4.28
CA GLU H 219 -2.42 -39.00 -4.17
C GLU H 219 -1.23 -38.05 -4.13
N CYS H 220 -1.32 -36.94 -4.86
CA CYS H 220 -0.20 -36.00 -4.94
C CYS H 220 0.13 -35.43 -3.56
N ALA H 221 -0.89 -35.06 -2.79
CA ALA H 221 -0.64 -34.54 -1.45
C ALA H 221 -0.03 -35.59 -0.55
N ALA H 222 -0.50 -36.83 -0.64
CA ALA H 222 0.02 -37.90 0.20
C ALA H 222 1.41 -38.36 -0.23
N VAL H 223 1.84 -37.99 -1.43
CA VAL H 223 3.12 -38.42 -1.96
C VAL H 223 4.14 -37.29 -1.87
N CYS H 224 3.64 -36.05 -1.89
CA CYS H 224 4.52 -34.89 -1.97
C CYS H 224 5.48 -34.85 -0.79
N PRO H 225 6.79 -34.71 -1.02
CA PRO H 225 7.74 -34.72 0.10
C PRO H 225 7.56 -33.58 1.08
N LYS H 226 7.10 -32.42 0.62
CA LYS H 226 7.03 -31.23 1.46
C LYS H 226 5.64 -31.03 2.08
N GLU H 227 4.74 -32.00 1.92
CA GLU H 227 3.43 -31.98 2.57
C GLU H 227 2.63 -30.74 2.18
N ILE H 228 2.56 -30.49 0.87
CA ILE H 228 1.70 -29.42 0.36
C ILE H 228 0.27 -29.93 0.32
N SER H 229 -0.63 -29.21 0.99
CA SER H 229 -1.99 -29.68 1.17
C SER H 229 -2.82 -29.36 -0.08
N LEU H 230 -4.07 -29.83 -0.07
CA LEU H 230 -4.98 -29.61 -1.19
C LEU H 230 -5.61 -28.23 -1.20
N GLU H 231 -5.39 -27.43 -0.15
CA GLU H 231 -5.92 -26.07 -0.15
C GLU H 231 -5.32 -25.24 -1.28
N THR H 232 -4.11 -25.56 -1.71
CA THR H 232 -3.52 -24.86 -2.85
C THR H 232 -4.34 -25.10 -4.10
N ILE H 233 -4.84 -26.33 -4.29
CA ILE H 233 -5.67 -26.62 -5.45
C ILE H 233 -6.98 -25.84 -5.37
N ALA H 234 -7.55 -25.73 -4.18
CA ALA H 234 -8.77 -24.94 -4.02
C ALA H 234 -8.51 -23.47 -4.34
N GLN H 235 -7.38 -22.94 -3.89
CA GLN H 235 -7.04 -21.55 -4.19
C GLN H 235 -6.85 -21.34 -5.69
N LEU H 236 -6.20 -22.29 -6.36
CA LEU H 236 -6.02 -22.21 -7.80
C LEU H 236 -7.37 -22.26 -8.52
N ASN H 237 -8.27 -23.11 -8.06
CA ASN H 237 -9.61 -23.19 -8.66
C ASN H 237 -10.36 -21.88 -8.48
N ARG H 238 -10.30 -21.29 -7.28
CA ARG H 238 -10.97 -20.02 -7.04
C ARG H 238 -10.39 -18.93 -7.95
N ASP H 239 -9.05 -18.88 -8.07
CA ASP H 239 -8.43 -17.86 -8.91
C ASP H 239 -8.83 -18.05 -10.37
N LEU H 240 -8.87 -19.31 -10.84
CA LEU H 240 -9.27 -19.57 -12.22
C LEU H 240 -10.72 -19.15 -12.46
N VAL H 241 -11.60 -19.46 -11.51
CA VAL H 241 -13.00 -19.07 -11.66
C VAL H 241 -13.13 -17.56 -11.70
N MET H 242 -12.45 -16.86 -10.80
CA MET H 242 -12.52 -15.40 -10.78
C MET H 242 -11.98 -14.80 -12.08
N ALA H 243 -10.87 -15.35 -12.59
CA ALA H 243 -10.32 -14.86 -13.84
C ALA H 243 -11.27 -15.12 -15.00
N ALA H 244 -11.94 -16.28 -15.01
CA ALA H 244 -12.92 -16.55 -16.05
C ALA H 244 -14.10 -15.59 -15.96
N LEU H 245 -14.47 -15.18 -14.76
CA LEU H 245 -15.53 -14.18 -14.63
C LEU H 245 -15.13 -12.84 -15.20
N ARG H 246 -13.83 -12.53 -15.19
CA ARG H 246 -13.32 -11.26 -15.71
C ARG H 246 -13.00 -11.31 -17.20
N GLY H 247 -13.25 -12.43 -17.86
CA GLY H 247 -12.92 -12.55 -19.27
C GLY H 247 -11.45 -12.53 -19.60
N ILE H 248 -10.64 -13.24 -18.81
CA ILE H 248 -9.20 -13.30 -19.05
C ILE H 248 -8.92 -14.36 -20.10
N GLU H 249 -8.20 -13.98 -21.15
CA GLU H 249 -7.88 -14.90 -22.24
C GLU H 249 -6.42 -15.35 -22.12
N PRO H 250 -6.16 -16.66 -22.15
CA PRO H 250 -4.78 -17.13 -22.04
C PRO H 250 -3.92 -16.69 -23.22
N ASN H 251 -2.63 -16.49 -22.95
CA ASN H 251 -1.70 -16.06 -23.97
C ASN H 251 -1.24 -17.25 -24.81
N THR H 252 -0.33 -16.98 -25.74
CA THR H 252 0.20 -18.06 -26.57
C THR H 252 1.06 -19.00 -25.73
N PRO H 253 1.03 -20.30 -26.01
CA PRO H 253 1.83 -21.25 -25.22
C PRO H 253 3.31 -21.07 -25.47
N ILE H 254 4.10 -21.54 -24.51
CA ILE H 254 5.55 -21.43 -24.56
C ILE H 254 6.08 -22.64 -25.35
N VAL H 255 6.49 -22.39 -26.58
CA VAL H 255 7.00 -23.47 -27.44
C VAL H 255 8.45 -23.75 -27.06
N PRO H 256 8.82 -25.00 -26.80
CA PRO H 256 10.22 -25.29 -26.46
C PRO H 256 11.14 -25.06 -27.65
N ALA H 257 12.38 -24.71 -27.35
CA ALA H 257 13.37 -24.44 -28.37
C ALA H 257 13.81 -25.73 -29.07
N MET I 1 -11.50 -13.08 -23.92
CA MET I 1 -12.35 -11.90 -24.06
C MET I 1 -13.82 -12.29 -24.20
N THR I 2 -14.06 -13.58 -24.50
CA THR I 2 -15.42 -14.05 -24.67
C THR I 2 -16.18 -14.04 -23.34
N GLY I 3 -15.50 -14.28 -22.23
CA GLY I 3 -16.13 -14.27 -20.94
C GLY I 3 -16.24 -15.64 -20.29
N VAL I 4 -17.47 -16.05 -20.01
CA VAL I 4 -17.71 -17.35 -19.36
C VAL I 4 -17.27 -18.49 -20.27
N LEU I 5 -17.47 -18.35 -21.59
CA LEU I 5 -17.10 -19.39 -22.54
C LEU I 5 -15.63 -19.78 -22.44
N THR I 6 -14.80 -18.95 -21.80
CA THR I 6 -13.39 -19.29 -21.59
C THR I 6 -13.25 -20.62 -20.86
N LEU I 7 -14.22 -20.98 -20.02
CA LEU I 7 -14.16 -22.24 -19.30
C LEU I 7 -14.11 -23.44 -20.25
N THR I 8 -14.55 -23.28 -21.49
CA THR I 8 -14.45 -24.37 -22.45
C THR I 8 -13.01 -24.63 -22.87
N ARG I 9 -12.16 -23.59 -22.81
CA ARG I 9 -10.80 -23.72 -23.34
C ARG I 9 -9.93 -24.61 -22.46
N THR I 10 -9.98 -24.40 -21.16
CA THR I 10 -9.07 -25.06 -20.23
C THR I 10 -9.75 -26.26 -19.56
N SER I 11 -8.91 -27.18 -19.06
CA SER I 11 -9.43 -28.36 -18.36
C SER I 11 -10.14 -27.97 -17.08
N VAL I 12 -9.60 -26.99 -16.35
CA VAL I 12 -10.21 -26.59 -15.09
C VAL I 12 -11.59 -25.99 -15.33
N GLY I 13 -11.77 -25.27 -16.43
CA GLY I 13 -13.10 -24.77 -16.75
C GLY I 13 -14.09 -25.88 -17.02
N LYS I 14 -13.66 -26.92 -17.72
CA LYS I 14 -14.50 -28.09 -17.93
C LYS I 14 -14.85 -28.74 -16.60
N LYS I 15 -13.88 -28.80 -15.69
CA LYS I 15 -14.16 -29.37 -14.37
C LYS I 15 -15.16 -28.53 -13.60
N VAL I 16 -15.09 -27.20 -13.74
CA VAL I 16 -16.04 -26.33 -13.05
C VAL I 16 -17.45 -26.51 -13.62
N ILE I 17 -17.57 -26.56 -14.95
CA ILE I 17 -18.85 -26.84 -15.58
C ILE I 17 -19.40 -28.16 -15.09
N MET I 18 -18.53 -29.17 -15.01
CA MET I 18 -18.93 -30.49 -14.55
C MET I 18 -19.40 -30.45 -13.11
N ALA I 19 -18.73 -29.67 -12.26
CA ALA I 19 -19.14 -29.55 -10.87
C ALA I 19 -20.52 -28.92 -10.74
N LEU I 20 -20.78 -27.85 -11.51
CA LEU I 20 -22.11 -27.24 -11.46
C LEU I 20 -23.18 -28.21 -11.94
N THR I 21 -22.91 -28.92 -13.05
CA THR I 21 -23.87 -29.88 -13.56
C THR I 21 -24.11 -31.01 -12.56
N GLY I 22 -23.04 -31.49 -11.92
CA GLY I 22 -23.19 -32.52 -10.91
C GLY I 22 -23.97 -32.05 -9.70
N PHE I 23 -23.81 -30.78 -9.33
CA PHE I 23 -24.63 -30.21 -8.27
C PHE I 23 -26.11 -30.29 -8.64
N VAL I 24 -26.45 -29.85 -9.85
CA VAL I 24 -27.85 -29.88 -10.29
C VAL I 24 -28.36 -31.32 -10.33
N LEU I 25 -27.55 -32.24 -10.85
CA LEU I 25 -27.97 -33.62 -10.97
C LEU I 25 -28.15 -34.28 -9.61
N VAL I 26 -27.28 -33.95 -8.64
CA VAL I 26 -27.42 -34.48 -7.29
C VAL I 26 -28.71 -33.98 -6.67
N GLY I 27 -29.00 -32.69 -6.84
CA GLY I 27 -30.27 -32.18 -6.34
C GLY I 27 -31.46 -32.91 -6.95
N PHE I 28 -31.43 -33.11 -8.26
CA PHE I 28 -32.53 -33.82 -8.92
C PHE I 28 -32.65 -35.25 -8.43
N VAL I 29 -31.51 -35.93 -8.23
CA VAL I 29 -31.55 -37.32 -7.78
C VAL I 29 -32.15 -37.42 -6.38
N VAL I 30 -31.75 -36.50 -5.50
CA VAL I 30 -32.31 -36.50 -4.14
C VAL I 30 -33.81 -36.25 -4.18
N PHE I 31 -34.23 -35.27 -4.99
CA PHE I 31 -35.66 -34.99 -5.09
C PHE I 31 -36.43 -36.17 -5.66
N HIS I 32 -35.82 -36.84 -6.65
CA HIS I 32 -36.47 -38.01 -7.28
C HIS I 32 -36.67 -39.11 -6.23
N MET I 33 -35.61 -39.39 -5.46
CA MET I 33 -35.72 -40.43 -4.43
C MET I 33 -36.78 -40.06 -3.40
N TYR I 34 -36.81 -38.80 -2.98
CA TYR I 34 -37.82 -38.38 -2.01
C TYR I 34 -39.22 -38.55 -2.56
N GLY I 35 -39.42 -38.20 -3.83
CA GLY I 35 -40.72 -38.39 -4.44
C GLY I 35 -41.10 -39.85 -4.58
N ASN I 36 -40.16 -40.69 -5.02
CA ASN I 36 -40.43 -42.12 -5.16
C ASN I 36 -40.62 -42.83 -3.83
N LEU I 37 -40.23 -42.20 -2.72
CA LEU I 37 -40.50 -42.79 -1.42
C LEU I 37 -41.98 -42.93 -1.10
N LYS I 38 -42.86 -42.25 -1.83
CA LYS I 38 -44.28 -42.26 -1.53
C LYS I 38 -44.98 -43.56 -1.91
N MET I 39 -44.31 -44.47 -2.61
CA MET I 39 -44.95 -45.72 -2.98
C MET I 39 -45.33 -46.55 -1.76
N TYR I 40 -44.55 -46.47 -0.69
CA TYR I 40 -44.88 -47.19 0.54
C TYR I 40 -46.16 -46.63 1.16
N GLN I 41 -46.43 -45.34 0.97
CA GLN I 41 -47.60 -44.73 1.57
C GLN I 41 -48.88 -45.33 1.01
N GLY I 42 -48.91 -45.60 -0.30
CA GLY I 42 -50.06 -46.21 -0.93
C GLY I 42 -50.15 -45.90 -2.41
N PRO I 43 -51.02 -46.61 -3.12
CA PRO I 43 -51.16 -46.33 -4.56
C PRO I 43 -51.82 -44.99 -4.84
N GLU I 44 -52.80 -44.60 -4.03
CA GLU I 44 -53.48 -43.33 -4.24
C GLU I 44 -52.52 -42.16 -4.08
N VAL I 45 -51.66 -42.21 -3.06
CA VAL I 45 -50.70 -41.12 -2.83
C VAL I 45 -49.71 -41.04 -3.98
N TYR I 46 -49.20 -42.19 -4.43
CA TYR I 46 -48.26 -42.19 -5.54
C TYR I 46 -48.90 -41.64 -6.81
N ASN I 47 -50.12 -42.05 -7.11
CA ASN I 47 -50.81 -41.54 -8.29
C ASN I 47 -51.07 -40.04 -8.17
N ALA I 48 -51.44 -39.58 -6.98
CA ALA I 48 -51.68 -38.15 -6.78
C ALA I 48 -50.40 -37.35 -6.97
N TYR I 49 -49.27 -37.85 -6.46
CA TYR I 49 -48.00 -37.18 -6.65
C TYR I 49 -47.61 -37.14 -8.13
N ALA I 50 -47.79 -38.26 -8.83
CA ALA I 50 -47.47 -38.28 -10.26
C ALA I 50 -48.34 -37.30 -11.03
N ALA I 51 -49.63 -37.24 -10.71
CA ALA I 51 -50.52 -36.30 -11.40
C ALA I 51 -50.17 -34.86 -11.07
N GLY I 52 -49.84 -34.57 -9.81
CA GLY I 52 -49.52 -33.22 -9.41
C GLY I 52 -48.17 -32.73 -9.88
N LEU I 53 -47.27 -33.65 -10.25
CA LEU I 53 -46.02 -33.23 -10.85
C LEU I 53 -46.25 -32.44 -12.13
N ARG I 54 -47.21 -32.89 -12.95
CA ARG I 54 -47.51 -32.19 -14.20
C ARG I 54 -48.17 -30.85 -13.92
N GLU I 55 -49.16 -30.82 -13.05
CA GLU I 55 -49.89 -29.59 -12.76
C GLU I 55 -49.28 -28.83 -11.59
N LEU I 56 -47.98 -28.57 -11.68
CA LEU I 56 -47.28 -27.79 -10.67
C LEU I 56 -47.58 -26.32 -10.88
N GLY I 57 -48.13 -25.65 -9.86
CA GLY I 57 -48.56 -24.28 -10.02
C GLY I 57 -49.68 -24.10 -11.00
N TYR I 58 -50.63 -25.03 -11.03
CA TYR I 58 -51.69 -25.01 -12.04
C TYR I 58 -52.48 -23.70 -12.11
N PRO I 59 -52.91 -23.08 -11.01
CA PRO I 59 -53.67 -21.83 -11.14
C PRO I 59 -52.90 -20.72 -11.83
N ILE I 60 -51.58 -20.69 -11.71
CA ILE I 60 -50.78 -19.64 -12.30
C ILE I 60 -49.97 -20.12 -13.50
N PHE I 61 -49.54 -21.37 -13.52
CA PHE I 61 -48.73 -21.91 -14.59
C PHE I 61 -49.52 -22.93 -15.40
N GLY I 62 -49.17 -23.05 -16.67
CA GLY I 62 -49.86 -23.95 -17.57
C GLY I 62 -49.51 -25.40 -17.27
N HIS I 63 -50.18 -26.28 -18.02
CA HIS I 63 -50.00 -27.71 -17.81
C HIS I 63 -48.63 -28.15 -18.29
N GLU I 64 -47.88 -28.82 -17.42
CA GLU I 64 -46.59 -29.43 -17.72
C GLU I 64 -45.53 -28.39 -18.10
N HIS I 65 -45.76 -27.11 -17.82
CA HIS I 65 -44.77 -26.10 -18.15
C HIS I 65 -43.51 -26.24 -17.30
N LEU I 66 -43.69 -26.29 -15.98
CA LEU I 66 -42.54 -26.40 -15.09
C LEU I 66 -41.82 -27.74 -15.28
N LEU I 67 -42.59 -28.81 -15.49
CA LEU I 67 -41.97 -30.10 -15.75
C LEU I 67 -41.15 -30.09 -17.02
N TRP I 68 -41.64 -29.43 -18.07
CA TRP I 68 -40.88 -29.34 -19.31
C TRP I 68 -39.62 -28.48 -19.13
N ILE I 69 -39.72 -27.42 -18.35
CA ILE I 69 -38.53 -26.60 -18.07
C ILE I 69 -37.48 -27.42 -17.34
N ALA I 70 -37.92 -28.18 -16.33
CA ALA I 70 -36.98 -29.03 -15.59
C ALA I 70 -36.39 -30.10 -16.49
N ARG I 71 -37.20 -30.67 -17.38
CA ARG I 71 -36.70 -31.69 -18.30
C ARG I 71 -35.63 -31.12 -19.22
N PHE I 72 -35.88 -29.91 -19.76
CA PHE I 72 -34.88 -29.28 -20.62
C PHE I 72 -33.60 -28.98 -19.86
N ILE I 73 -33.72 -28.48 -18.63
CA ILE I 73 -32.54 -28.19 -17.82
C ILE I 73 -31.75 -29.47 -17.57
N LEU I 74 -32.45 -30.55 -17.21
CA LEU I 74 -31.78 -31.81 -16.93
C LEU I 74 -31.09 -32.36 -18.18
N LEU I 75 -31.75 -32.27 -19.33
CA LEU I 75 -31.15 -32.74 -20.57
C LEU I 75 -29.88 -31.97 -20.90
N ALA I 76 -29.94 -30.64 -20.78
CA ALA I 76 -28.76 -29.82 -21.05
C ALA I 76 -27.63 -30.17 -20.08
N SER I 77 -27.96 -30.33 -18.80
CA SER I 77 -26.94 -30.64 -17.81
C SER I 77 -26.29 -31.99 -18.09
N VAL I 78 -27.10 -33.00 -18.37
CA VAL I 78 -26.54 -34.33 -18.60
C VAL I 78 -25.72 -34.36 -19.88
N PHE I 79 -26.13 -33.61 -20.92
CA PHE I 79 -25.32 -33.54 -22.13
C PHE I 79 -23.98 -32.90 -21.86
N LEU I 80 -23.97 -31.79 -21.11
CA LEU I 80 -22.70 -31.14 -20.77
C LEU I 80 -21.83 -32.06 -19.93
N HIS I 81 -22.46 -32.77 -18.99
CA HIS I 81 -21.69 -33.68 -18.10
C HIS I 81 -21.02 -34.76 -18.95
N ILE I 82 -21.78 -35.40 -19.85
CA ILE I 82 -21.23 -36.48 -20.65
C ILE I 82 -20.12 -35.96 -21.56
N TRP I 83 -20.32 -34.79 -22.16
CA TRP I 83 -19.29 -34.22 -23.03
C TRP I 83 -18.00 -33.94 -22.26
N ALA I 84 -18.14 -33.33 -21.08
CA ALA I 84 -16.96 -33.06 -20.25
C ALA I 84 -16.28 -34.34 -19.82
N ALA I 85 -17.07 -35.35 -19.45
CA ALA I 85 -16.49 -36.63 -19.05
C ALA I 85 -15.68 -37.24 -20.18
N THR I 86 -16.25 -37.27 -21.38
CA THR I 86 -15.55 -37.85 -22.52
C THR I 86 -14.26 -37.09 -22.82
N SER I 87 -14.34 -35.76 -22.83
CA SER I 87 -13.15 -34.96 -23.15
C SER I 87 -12.05 -35.16 -22.12
N LEU I 88 -12.40 -35.08 -20.83
CA LEU I 88 -11.41 -35.22 -19.78
C LEU I 88 -10.83 -36.62 -19.74
N THR I 89 -11.67 -37.65 -19.93
CA THR I 89 -11.17 -39.01 -19.94
C THR I 89 -10.21 -39.25 -21.09
N LEU I 90 -10.54 -38.75 -22.29
CA LEU I 90 -9.62 -38.89 -23.42
C LEU I 90 -8.32 -38.16 -23.16
N GLN I 91 -8.40 -36.94 -22.62
CA GLN I 91 -7.18 -36.18 -22.35
C GLN I 91 -6.29 -36.89 -21.33
N SER I 92 -6.90 -37.43 -20.27
CA SER I 92 -6.12 -38.15 -19.26
C SER I 92 -5.56 -39.45 -19.81
N ARG I 93 -6.29 -40.12 -20.69
CA ARG I 93 -5.78 -41.35 -21.29
C ARG I 93 -4.59 -41.06 -22.20
N ARG I 94 -4.62 -39.93 -22.90
CA ARG I 94 -3.48 -39.57 -23.74
C ARG I 94 -2.24 -39.22 -22.93
N SER I 95 -2.39 -38.97 -21.63
CA SER I 95 -1.26 -38.58 -20.80
C SER I 95 -0.46 -39.76 -20.27
N LEU I 96 -0.89 -40.99 -20.52
CA LEU I 96 -0.19 -42.17 -20.02
C LEU I 96 0.19 -43.16 -21.11
N GLN I 97 -0.25 -42.97 -22.35
CA GLN I 97 0.04 -43.95 -23.39
C GLN I 97 1.49 -43.92 -23.82
N ALA I 98 2.15 -42.76 -23.71
CA ALA I 98 3.53 -42.63 -24.18
C ALA I 98 4.50 -43.48 -23.35
N SER I 99 4.35 -43.46 -22.02
CA SER I 99 5.29 -44.13 -21.11
C SER I 99 4.52 -45.08 -20.21
N SER I 100 4.37 -46.32 -20.67
CA SER I 100 3.72 -47.36 -19.89
C SER I 100 4.32 -48.72 -20.23
N ILE I 101 4.37 -49.61 -19.24
CA ILE I 101 4.91 -50.95 -19.47
C ILE I 101 4.10 -51.69 -20.53
N SER I 102 2.78 -51.65 -20.39
CA SER I 102 1.88 -52.31 -21.33
C SER I 102 0.71 -51.37 -21.62
N THR I 103 -0.08 -51.74 -22.64
CA THR I 103 -1.26 -50.96 -22.98
C THR I 103 -2.30 -50.98 -21.86
N VAL I 104 -2.20 -51.92 -20.92
CA VAL I 104 -3.14 -52.03 -19.82
C VAL I 104 -2.51 -51.70 -18.47
N ARG I 105 -1.19 -51.62 -18.39
CA ARG I 105 -0.51 -51.44 -17.12
C ARG I 105 0.43 -50.23 -17.20
N ARG I 106 0.35 -49.36 -16.20
CA ARG I 106 1.23 -48.19 -16.16
C ARG I 106 2.55 -48.49 -15.47
N TYR I 107 2.49 -48.88 -14.19
CA TYR I 107 3.68 -49.18 -13.41
C TYR I 107 3.80 -50.69 -13.16
N GLY I 108 4.97 -51.09 -12.68
CA GLY I 108 5.17 -52.47 -12.30
C GLY I 108 4.36 -52.87 -11.07
N GLN I 109 4.40 -52.04 -10.03
CA GLN I 109 3.74 -52.37 -8.76
C GLN I 109 3.08 -51.14 -8.15
N HIS I 110 2.40 -50.33 -8.97
CA HIS I 110 1.80 -49.09 -8.47
C HIS I 110 0.74 -49.40 -7.41
N LYS I 111 0.90 -48.77 -6.25
CA LYS I 111 0.07 -49.04 -5.07
C LYS I 111 -0.66 -47.75 -4.69
N ARG I 112 -1.97 -47.74 -4.88
CA ARG I 112 -2.77 -46.58 -4.51
C ARG I 112 -2.78 -46.40 -2.99
N GLN I 113 -2.84 -45.14 -2.56
CA GLN I 113 -2.85 -44.82 -1.13
C GLN I 113 -3.96 -43.82 -0.76
N SER I 114 -4.72 -43.32 -1.74
CA SER I 114 -5.74 -42.32 -1.44
C SER I 114 -7.04 -42.59 -2.19
N GLY I 115 -7.35 -43.85 -2.46
CA GLY I 115 -8.62 -44.20 -3.08
C GLY I 115 -8.52 -44.63 -4.53
N TYR I 116 -9.58 -45.23 -5.04
CA TYR I 116 -9.65 -45.69 -6.43
C TYR I 116 -10.70 -44.91 -7.20
N ALA I 117 -10.64 -43.58 -7.12
CA ALA I 117 -11.70 -42.72 -7.66
C ALA I 117 -11.81 -42.78 -9.18
N ASP I 118 -10.68 -42.96 -9.88
CA ASP I 118 -10.71 -42.91 -11.34
C ASP I 118 -11.59 -44.01 -11.92
N TYR I 119 -11.26 -45.26 -11.61
CA TYR I 119 -12.05 -46.39 -12.13
C TYR I 119 -13.50 -46.29 -11.71
N THR I 120 -13.75 -46.02 -10.42
CA THR I 120 -15.12 -45.99 -9.92
C THR I 120 -15.94 -44.92 -10.61
N MET I 121 -15.46 -43.67 -10.64
CA MET I 121 -16.28 -42.63 -11.25
C MET I 121 -16.46 -42.86 -12.75
N ARG I 122 -15.42 -43.26 -13.49
CA ARG I 122 -15.61 -43.44 -14.93
C ARG I 122 -16.56 -44.59 -15.25
N PHE I 123 -16.34 -45.76 -14.66
CA PHE I 123 -17.22 -46.89 -14.95
C PHE I 123 -18.64 -46.60 -14.48
N GLY I 124 -18.79 -45.98 -13.31
CA GLY I 124 -20.10 -45.60 -12.85
C GLY I 124 -20.79 -44.61 -13.78
N GLY I 125 -20.02 -43.69 -14.36
CA GLY I 125 -20.61 -42.76 -15.31
C GLY I 125 -21.14 -43.46 -16.54
N VAL I 126 -20.36 -44.38 -17.09
CA VAL I 126 -20.82 -45.12 -18.27
C VAL I 126 -22.07 -45.92 -17.94
N LEU I 127 -22.04 -46.64 -16.81
CA LEU I 127 -23.17 -47.47 -16.43
C LEU I 127 -24.41 -46.62 -16.14
N ILE I 128 -24.21 -45.44 -15.55
CA ILE I 128 -25.32 -44.56 -15.23
C ILE I 128 -25.95 -44.01 -16.50
N PHE I 129 -25.13 -43.68 -17.50
CA PHE I 129 -25.67 -43.23 -18.78
C PHE I 129 -26.51 -44.33 -19.43
N PHE I 130 -25.97 -45.55 -19.46
CA PHE I 130 -26.73 -46.66 -20.05
C PHE I 130 -28.02 -46.93 -19.29
N PHE I 131 -27.95 -46.90 -17.96
CA PHE I 131 -29.12 -47.15 -17.13
C PHE I 131 -30.16 -46.05 -17.30
N ILE I 132 -29.72 -44.80 -17.44
CA ILE I 132 -30.65 -43.70 -17.63
C ILE I 132 -31.40 -43.90 -18.94
N ILE I 133 -30.68 -44.26 -20.00
CA ILE I 133 -31.34 -44.53 -21.28
C ILE I 133 -32.36 -45.65 -21.13
N TYR I 134 -31.93 -46.76 -20.51
CA TYR I 134 -32.83 -47.92 -20.37
C TYR I 134 -34.04 -47.60 -19.50
N HIS I 135 -33.82 -46.86 -18.40
CA HIS I 135 -34.90 -46.54 -17.48
C HIS I 135 -35.91 -45.60 -18.12
N ILE I 136 -35.43 -44.61 -18.89
CA ILE I 136 -36.34 -43.73 -19.60
C ILE I 136 -37.14 -44.52 -20.62
N LEU I 137 -36.48 -45.43 -21.34
CA LEU I 137 -37.19 -46.24 -22.32
C LEU I 137 -38.13 -47.27 -21.69
N HIS I 138 -37.91 -47.61 -20.42
CA HIS I 138 -38.66 -48.69 -19.77
C HIS I 138 -39.81 -48.21 -18.91
N LEU I 139 -39.69 -47.07 -18.24
CA LEU I 139 -40.74 -46.61 -17.34
C LEU I 139 -41.53 -45.42 -17.87
N THR I 140 -40.86 -44.45 -18.49
CA THR I 140 -41.59 -43.31 -19.05
C THR I 140 -42.44 -43.74 -20.24
N PHE I 141 -41.90 -44.61 -21.10
CA PHE I 141 -42.62 -45.08 -22.27
C PHE I 141 -43.13 -46.50 -22.14
N GLY I 142 -42.41 -47.35 -21.42
CA GLY I 142 -42.83 -48.74 -21.28
C GLY I 142 -42.82 -49.53 -22.56
N VAL I 143 -41.78 -49.36 -23.38
CA VAL I 143 -41.68 -50.03 -24.67
C VAL I 143 -40.61 -51.09 -24.69
N VAL I 144 -39.86 -51.27 -23.60
CA VAL I 144 -38.80 -52.26 -23.53
C VAL I 144 -38.89 -53.00 -22.21
N GLY I 145 -38.72 -54.32 -22.26
CA GLY I 145 -38.75 -55.13 -21.04
C GLY I 145 -40.06 -55.10 -20.32
N TYR I 146 -41.18 -55.21 -21.04
CA TYR I 146 -42.50 -55.14 -20.43
C TYR I 146 -43.42 -56.13 -21.12
N GLU I 147 -44.29 -56.77 -20.34
CA GLU I 147 -45.25 -57.70 -20.90
C GLU I 147 -46.31 -56.95 -21.72
N PRO I 148 -46.79 -57.55 -22.80
CA PRO I 148 -47.84 -56.90 -23.60
C PRO I 148 -49.13 -56.73 -22.80
N GLY I 149 -49.80 -55.60 -23.03
CA GLY I 149 -51.03 -55.31 -22.33
C GLY I 149 -50.88 -55.06 -20.85
N GLN I 150 -49.66 -54.80 -20.38
CA GLN I 150 -49.39 -54.57 -18.96
C GLN I 150 -49.16 -53.11 -18.62
N PHE I 151 -48.63 -52.32 -19.55
CA PHE I 151 -48.36 -50.91 -19.31
C PHE I 151 -49.61 -50.08 -19.56
N ILE I 152 -49.88 -49.14 -18.65
CA ILE I 152 -51.02 -48.25 -18.76
C ILE I 152 -50.47 -46.85 -19.01
N HIS I 153 -50.72 -46.34 -20.22
CA HIS I 153 -50.29 -44.99 -20.56
C HIS I 153 -51.13 -43.95 -19.82
N PRO I 154 -50.56 -42.80 -19.51
CA PRO I 154 -51.36 -41.73 -18.88
C PRO I 154 -52.42 -41.21 -19.84
N HIS I 155 -53.68 -41.44 -19.49
CA HIS I 155 -54.82 -41.05 -20.31
C HIS I 155 -55.60 -39.97 -19.57
N GLY I 156 -55.38 -38.72 -19.92
CA GLY I 156 -56.08 -37.61 -19.31
C GLY I 156 -55.40 -37.16 -18.03
N ASP I 157 -56.18 -36.98 -16.97
CA ASP I 157 -55.66 -36.51 -15.70
C ASP I 157 -55.47 -37.64 -14.68
N VAL I 158 -55.64 -38.89 -15.08
CA VAL I 158 -55.46 -40.03 -14.21
C VAL I 158 -54.17 -40.75 -14.60
N TYR I 159 -53.35 -41.07 -13.60
CA TYR I 159 -52.05 -41.69 -13.82
C TYR I 159 -51.99 -43.02 -13.09
N GLU I 160 -51.43 -44.03 -13.76
CA GLU I 160 -51.30 -45.37 -13.22
C GLU I 160 -49.83 -45.75 -13.04
N THR I 161 -49.04 -44.80 -12.52
CA THR I 161 -47.62 -45.07 -12.34
C THR I 161 -47.38 -46.15 -11.29
N TYR I 162 -48.27 -46.26 -10.30
CA TYR I 162 -48.12 -47.32 -9.30
C TYR I 162 -48.23 -48.69 -9.94
N ASN I 163 -49.20 -48.87 -10.84
CA ASN I 163 -49.34 -50.14 -11.55
C ASN I 163 -48.11 -50.41 -12.41
N ASN I 164 -47.61 -49.38 -13.09
CA ASN I 164 -46.43 -49.56 -13.93
C ASN I 164 -45.22 -49.98 -13.09
N VAL I 165 -45.05 -49.38 -11.92
CA VAL I 165 -43.93 -49.74 -11.06
C VAL I 165 -44.11 -51.16 -10.54
N VAL I 166 -45.31 -51.51 -10.09
CA VAL I 166 -45.53 -52.84 -9.52
C VAL I 166 -45.43 -53.94 -10.57
N TYR I 167 -45.66 -53.61 -11.85
CA TYR I 167 -45.51 -54.58 -12.92
C TYR I 167 -44.19 -54.46 -13.64
N GLY I 168 -43.34 -53.51 -13.27
CA GLY I 168 -42.04 -53.36 -13.90
C GLY I 168 -40.96 -54.22 -13.30
N PHE I 169 -40.74 -54.09 -11.99
CA PHE I 169 -39.68 -54.84 -11.31
C PHE I 169 -40.20 -56.24 -10.97
N GLN I 170 -40.27 -57.07 -11.99
CA GLN I 170 -40.67 -58.48 -11.84
C GLN I 170 -39.61 -59.44 -12.37
N ASN I 171 -38.96 -59.10 -13.46
CA ASN I 171 -37.86 -59.92 -13.97
C ASN I 171 -36.65 -59.78 -13.06
N PRO I 172 -36.08 -60.88 -12.56
CA PRO I 172 -34.88 -60.77 -11.72
C PRO I 172 -33.72 -60.08 -12.39
N LEU I 173 -33.59 -60.21 -13.72
CA LEU I 173 -32.52 -59.52 -14.42
C LEU I 173 -32.66 -58.00 -14.28
N ILE I 174 -33.89 -57.50 -14.39
CA ILE I 174 -34.12 -56.06 -14.30
C ILE I 174 -33.75 -55.54 -12.92
N VAL I 175 -34.19 -56.25 -11.87
CA VAL I 175 -33.89 -55.78 -10.52
C VAL I 175 -32.40 -55.90 -10.23
N GLY I 176 -31.73 -56.93 -10.76
CA GLY I 176 -30.29 -57.03 -10.58
C GLY I 176 -29.55 -55.90 -11.26
N PHE I 177 -29.97 -55.56 -12.49
CA PHE I 177 -29.38 -54.41 -13.18
C PHE I 177 -29.59 -53.12 -12.39
N TYR I 178 -30.81 -52.94 -11.87
CA TYR I 178 -31.10 -51.74 -11.09
C TYR I 178 -30.22 -51.68 -9.84
N LEU I 179 -30.07 -52.80 -9.15
CA LEU I 179 -29.25 -52.82 -7.93
C LEU I 179 -27.79 -52.52 -8.24
N LEU I 180 -27.25 -53.12 -9.31
CA LEU I 180 -25.87 -52.84 -9.68
C LEU I 180 -25.68 -51.37 -10.02
N THR I 181 -26.61 -50.80 -10.78
CA THR I 181 -26.52 -49.39 -11.12
C THR I 181 -26.62 -48.52 -9.87
N MET I 182 -27.47 -48.90 -8.92
CA MET I 182 -27.60 -48.10 -7.71
C MET I 182 -26.34 -48.17 -6.85
N VAL I 183 -25.67 -49.32 -6.82
CA VAL I 183 -24.40 -49.42 -6.11
C VAL I 183 -23.37 -48.50 -6.76
N PHE I 184 -23.28 -48.54 -8.09
CA PHE I 184 -22.32 -47.69 -8.78
C PHE I 184 -22.63 -46.21 -8.56
N LEU I 185 -23.92 -45.85 -8.59
CA LEU I 185 -24.31 -44.47 -8.34
C LEU I 185 -24.06 -44.06 -6.89
N ALA I 186 -24.18 -45.00 -5.97
CA ALA I 186 -23.85 -44.69 -4.57
C ALA I 186 -22.38 -44.33 -4.44
N LEU I 187 -21.50 -45.12 -5.06
CA LEU I 187 -20.08 -44.78 -5.05
C LEU I 187 -19.84 -43.44 -5.75
N HIS I 188 -20.51 -43.23 -6.89
CA HIS I 188 -20.35 -42.00 -7.65
C HIS I 188 -20.71 -40.78 -6.80
N LEU I 189 -21.85 -40.83 -6.12
CA LEU I 189 -22.25 -39.72 -5.26
C LEU I 189 -21.29 -39.56 -4.09
N TYR I 190 -20.91 -40.68 -3.46
CA TYR I 190 -20.02 -40.63 -2.30
C TYR I 190 -18.71 -39.92 -2.62
N HIS I 191 -18.22 -40.06 -3.85
CA HIS I 191 -17.05 -39.27 -4.20
C HIS I 191 -17.41 -37.87 -4.71
N GLY I 192 -18.43 -37.76 -5.55
CA GLY I 192 -18.67 -36.53 -6.28
C GLY I 192 -19.23 -35.40 -5.44
N VAL I 193 -19.95 -35.73 -4.36
CA VAL I 193 -20.52 -34.67 -3.54
C VAL I 193 -19.40 -33.82 -2.93
N TRP I 194 -18.33 -34.45 -2.45
CA TRP I 194 -17.17 -33.70 -2.00
C TRP I 194 -16.32 -33.20 -3.16
N SER I 195 -16.25 -33.96 -4.25
CA SER I 195 -15.41 -33.55 -5.38
C SER I 195 -15.89 -32.23 -5.98
N MET I 196 -17.21 -32.04 -6.08
CA MET I 196 -17.74 -30.82 -6.67
C MET I 196 -17.51 -29.61 -5.77
N PHE I 197 -17.55 -29.80 -4.45
CA PHE I 197 -17.23 -28.71 -3.54
C PHE I 197 -15.76 -28.36 -3.64
N GLN I 198 -14.89 -29.36 -3.78
CA GLN I 198 -13.47 -29.08 -3.92
C GLN I 198 -13.18 -28.37 -5.25
N THR I 199 -13.88 -28.75 -6.32
CA THR I 199 -13.59 -28.19 -7.63
C THR I 199 -13.88 -26.69 -7.66
N LEU I 200 -14.98 -26.26 -7.05
CA LEU I 200 -15.34 -24.85 -7.04
C LEU I 200 -14.54 -24.02 -6.05
N GLY I 201 -13.71 -24.65 -5.24
CA GLY I 201 -12.89 -23.94 -4.28
C GLY I 201 -13.56 -23.64 -2.96
N TRP I 202 -14.77 -24.15 -2.72
CA TRP I 202 -15.46 -23.93 -1.45
C TRP I 202 -15.05 -25.01 -0.44
N ASN I 203 -13.75 -25.06 -0.15
CA ASN I 203 -13.21 -26.03 0.78
C ASN I 203 -11.96 -25.49 1.41
N ASN I 204 -11.69 -25.94 2.64
CA ASN I 204 -10.49 -25.57 3.37
C ASN I 204 -10.28 -26.61 4.48
N ARG I 205 -9.36 -26.30 5.40
CA ARG I 205 -9.03 -27.25 6.46
C ARG I 205 -10.23 -27.48 7.38
N THR I 206 -11.02 -26.43 7.63
CA THR I 206 -12.09 -26.54 8.62
C THR I 206 -13.26 -27.39 8.10
N TYR I 207 -13.67 -27.18 6.86
CA TYR I 207 -14.90 -27.77 6.36
C TYR I 207 -14.69 -29.10 5.62
N ASP I 208 -13.47 -29.61 5.56
CA ASP I 208 -13.21 -30.82 4.78
C ASP I 208 -13.94 -32.02 5.37
N ARG I 209 -13.81 -32.23 6.69
CA ARG I 209 -14.46 -33.38 7.31
C ARG I 209 -15.98 -33.27 7.25
N LEU I 210 -16.51 -32.06 7.44
CA LEU I 210 -17.96 -31.87 7.35
C LEU I 210 -18.46 -32.19 5.94
N LEU I 211 -17.73 -31.74 4.92
CA LEU I 211 -18.12 -32.05 3.55
C LEU I 211 -18.07 -33.55 3.27
N ARG I 212 -17.03 -34.23 3.78
CA ARG I 212 -16.94 -35.67 3.60
C ARG I 212 -18.11 -36.38 4.26
N GLY I 213 -18.46 -35.96 5.48
CA GLY I 213 -19.60 -36.56 6.15
C GLY I 213 -20.91 -36.31 5.43
N LEU I 214 -21.09 -35.10 4.89
CA LEU I 214 -22.28 -34.81 4.11
C LEU I 214 -22.36 -35.70 2.87
N ALA I 215 -21.24 -35.87 2.18
CA ALA I 215 -21.22 -36.76 1.03
C ALA I 215 -21.58 -38.18 1.44
N ILE I 216 -21.02 -38.66 2.56
CA ILE I 216 -21.28 -40.03 3.00
C ILE I 216 -22.76 -40.21 3.29
N VAL I 217 -23.36 -39.27 4.03
CA VAL I 217 -24.76 -39.45 4.42
C VAL I 217 -25.68 -39.34 3.21
N VAL I 218 -25.39 -38.41 2.29
CA VAL I 218 -26.22 -38.27 1.10
C VAL I 218 -26.17 -39.55 0.27
N ALA I 219 -24.96 -40.07 0.04
CA ALA I 219 -24.82 -41.29 -0.74
C ALA I 219 -25.51 -42.46 -0.07
N ALA I 220 -25.37 -42.58 1.26
CA ALA I 220 -26.00 -43.68 1.98
C ALA I 220 -27.52 -43.60 1.87
N ALA I 221 -28.09 -42.41 2.05
CA ALA I 221 -29.54 -42.27 1.97
C ALA I 221 -30.05 -42.60 0.58
N VAL I 222 -29.40 -42.07 -0.45
CA VAL I 222 -29.84 -42.33 -1.83
C VAL I 222 -29.75 -43.82 -2.14
N PHE I 223 -28.63 -44.45 -1.76
CA PHE I 223 -28.45 -45.87 -2.03
C PHE I 223 -29.51 -46.69 -1.31
N ILE I 224 -29.76 -46.39 -0.04
CA ILE I 224 -30.72 -47.15 0.75
C ILE I 224 -32.10 -47.06 0.12
N GLY I 225 -32.54 -45.85 -0.21
CA GLY I 225 -33.87 -45.70 -0.80
C GLY I 225 -34.00 -46.38 -2.15
N ASN I 226 -33.00 -46.17 -3.02
CA ASN I 226 -33.08 -46.67 -4.38
C ASN I 226 -32.82 -48.16 -4.50
N ILE I 227 -32.30 -48.81 -3.46
CA ILE I 227 -32.29 -50.27 -3.45
C ILE I 227 -33.46 -50.84 -2.64
N SER I 228 -34.07 -50.05 -1.76
CA SER I 228 -35.26 -50.53 -1.07
C SER I 228 -36.47 -50.54 -1.98
N PHE I 229 -36.53 -49.64 -2.95
CA PHE I 229 -37.70 -49.62 -3.83
C PHE I 229 -37.83 -50.93 -4.62
N PRO I 230 -36.89 -51.28 -5.51
CA PRO I 230 -37.13 -52.44 -6.39
C PRO I 230 -37.07 -53.76 -5.65
N LEU I 231 -36.24 -53.88 -4.62
CA LEU I 231 -36.21 -55.11 -3.84
C LEU I 231 -37.56 -55.36 -3.16
N ALA I 232 -38.16 -54.31 -2.60
CA ALA I 232 -39.49 -54.46 -2.00
C ALA I 232 -40.53 -54.77 -3.05
N VAL I 233 -40.41 -54.19 -4.25
CA VAL I 233 -41.37 -54.50 -5.31
C VAL I 233 -41.26 -55.97 -5.70
N TYR I 234 -40.03 -56.47 -5.84
CA TYR I 234 -39.84 -57.85 -6.28
C TYR I 234 -40.25 -58.84 -5.20
N PHE I 235 -39.99 -58.54 -3.94
CA PHE I 235 -40.26 -59.48 -2.86
C PHE I 235 -41.71 -59.47 -2.41
N GLY I 236 -42.57 -58.65 -3.02
CA GLY I 236 -43.97 -58.65 -2.70
C GLY I 236 -44.38 -57.82 -1.51
N PHE I 237 -43.44 -57.10 -0.90
CA PHE I 237 -43.79 -56.22 0.21
C PHE I 237 -44.75 -55.12 -0.24
N VAL I 238 -44.52 -54.57 -1.43
CA VAL I 238 -45.40 -53.58 -2.04
C VAL I 238 -46.07 -54.24 -3.24
N ALA I 239 -47.39 -54.26 -3.24
CA ALA I 239 -48.15 -54.89 -4.33
C ALA I 239 -49.38 -54.08 -4.69
PA FAD J . 6.39 12.60 32.31
O1A FAD J . 4.97 12.21 32.30
O2A FAD J . 6.68 14.03 32.73
O5B FAD J . 7.20 11.61 33.23
C5B FAD J . 6.77 11.33 34.58
C4B FAD J . 6.62 9.84 34.76
O4B FAD J . 7.51 9.40 35.81
C3B FAD J . 5.22 9.38 35.17
O3B FAD J . 4.94 8.10 34.61
C2B FAD J . 5.33 9.33 36.69
O2B FAD J . 4.39 8.42 37.26
C1B FAD J . 6.76 8.81 36.86
N9A FAD J . 7.37 9.16 38.13
C8A FAD J . 7.70 10.41 38.58
N7A FAD J . 8.25 10.42 39.77
C5A FAD J . 8.29 9.08 40.13
C6A FAD J . 8.77 8.42 41.28
N6A FAD J . 9.31 9.05 42.33
N1A FAD J . 8.66 7.07 41.32
C2A FAD J . 8.12 6.44 40.27
N3A FAD J . 7.64 6.96 39.14
C4A FAD J . 7.76 8.29 39.13
N1 FAD J . 5.79 19.61 25.46
C2 FAD J . 5.94 19.81 24.12
O2 FAD J . 6.99 19.52 23.53
N3 FAD J . 4.89 20.33 23.38
C4 FAD J . 3.66 20.69 23.87
O4 FAD J . 2.80 21.15 23.11
C4X FAD J . 3.51 20.48 25.30
N5 FAD J . 2.37 20.81 25.84
C5X FAD J . 2.23 20.61 27.20
C6 FAD J . 1.02 20.94 27.80
C7 FAD J . 0.83 20.76 29.17
C7M FAD J . -0.49 21.14 29.80
C8 FAD J . 1.87 20.24 29.95
C8M FAD J . 1.69 20.03 31.43
C9 FAD J . 3.08 19.90 29.36
C9A FAD J . 3.27 20.08 27.99
N10 FAD J . 4.48 19.76 27.36
C10 FAD J . 4.64 19.95 26.00
C1' FAD J . 5.60 19.19 28.13
C2' FAD J . 5.65 17.67 28.09
O2' FAD J . 4.39 17.12 28.46
C3' FAD J . 6.71 17.18 29.07
O3' FAD J . 7.76 18.14 29.14
C4' FAD J . 7.31 15.81 28.70
O4' FAD J . 6.29 14.97 28.17
C5' FAD J . 7.99 15.14 29.88
O5' FAD J . 8.43 13.83 29.48
P FAD J . 8.54 12.66 30.52
O1P FAD J . 9.11 11.40 29.84
O2P FAD J . 9.27 13.10 31.72
O3P FAD J . 7.02 12.37 30.88
FE1 SF4 K . -14.28 6.20 30.10
FE2 SF4 K . -13.25 5.09 27.83
FE3 SF4 K . -15.69 6.31 27.76
FE4 SF4 K . -15.40 3.93 29.06
S1 SF4 K . -15.14 4.31 26.83
S2 SF4 K . -16.50 5.77 29.82
S3 SF4 K . -13.28 4.16 29.90
S4 SF4 K . -13.68 7.29 28.19
FE1 FES L . -9.72 13.91 36.52
FE2 FES L . -7.47 13.65 35.03
S1 FES L . -9.52 13.05 34.50
S2 FES L . -7.65 14.42 37.08
FE1 F3S M . -23.70 -2.56 28.57
FE3 F3S M . -22.80 -0.23 27.47
FE4 F3S M . -23.65 -2.25 25.89
S1 F3S M . -24.14 -0.48 29.24
S2 F3S M . -25.28 -3.28 27.07
S3 F3S M . -21.81 -2.29 27.30
S4 F3S M . -23.98 -0.05 25.54
CHA HEM N . -32.87 -11.29 23.97
CHB HEM N . -36.50 -12.56 21.03
CHC HEM N . -37.98 -15.83 24.31
CHD HEM N . -34.49 -14.40 27.32
C1A HEM N . -33.71 -11.42 22.88
C2A HEM N . -33.51 -10.76 21.66
C3A HEM N . -34.51 -11.11 20.83
C4A HEM N . -35.36 -11.98 21.54
CMA HEM N . -34.72 -10.64 19.41
CAA HEM N . -32.36 -9.83 21.35
CBA HEM N . -31.10 -10.66 21.11
CGA HEM N . -29.93 -9.73 20.95
O1A HEM N . -29.18 -9.85 19.96
O2A HEM N . -29.72 -8.85 21.80
C1B HEM N . -37.20 -13.55 21.72
C2B HEM N . -38.35 -14.16 21.16
C3B HEM N . -38.79 -15.08 22.06
C4B HEM N . -37.85 -15.02 23.20
CMB HEM N . -38.96 -13.81 19.83
CAB HEM N . -39.96 -15.97 21.93
CBB HEM N . -41.18 -15.53 22.21
C1C HEM N . -37.09 -15.79 25.37
C2C HEM N . -36.95 -16.79 26.34
C3C HEM N . -35.95 -16.39 27.21
C4C HEM N . -35.48 -15.13 26.72
CMC HEM N . -37.80 -18.05 26.38
CAC HEM N . -35.41 -17.08 28.40
CBC HEM N . -36.17 -17.57 29.37
C1D HEM N . -33.80 -13.41 26.62
C2D HEM N . -32.67 -12.72 27.23
C3D HEM N . -32.22 -11.85 26.30
C4D HEM N . -33.07 -12.03 25.12
CMD HEM N . -32.16 -12.94 28.63
CAD HEM N . -31.08 -10.86 26.40
CBD HEM N . -29.75 -11.48 26.85
CGD HEM N . -28.66 -10.47 26.62
O1D HEM N . -28.91 -9.44 25.96
O2D HEM N . -27.52 -10.67 27.06
NA HEM N . -34.83 -12.19 22.79
NB HEM N . -36.92 -14.08 22.92
NC HEM N . -36.17 -14.81 25.59
ND HEM N . -33.99 -12.97 25.36
FE HEM N . -35.32 -13.53 24.17
CHA HEM O . -50.18 -23.55 18.69
CHB HEM O . -53.38 -19.96 19.17
CHC HEM O . -49.84 -17.09 20.95
CHD HEM O . -46.60 -20.45 19.70
C1A HEM O . -51.35 -22.83 18.76
C2A HEM O . -52.63 -23.38 18.59
C3A HEM O . -53.53 -22.38 18.72
C4A HEM O . -52.81 -21.19 18.97
CMA HEM O . -55.03 -22.50 18.62
CAA HEM O . -52.94 -24.83 18.32
CBA HEM O . -53.04 -25.06 16.81
CGA HEM O . -53.41 -26.50 16.57
O1A HEM O . -53.50 -27.30 17.53
O2A HEM O . -53.63 -26.91 15.40
C1B HEM O . -52.66 -18.88 19.71
C2B HEM O . -53.29 -17.67 20.08
C3B HEM O . -52.34 -16.84 20.58
C4B HEM O . -51.07 -17.61 20.53
CMB HEM O . -54.76 -17.36 19.93
CAB HEM O . -52.59 -15.47 21.08
CBB HEM O . -51.90 -14.92 22.08
C1C HEM O . -48.64 -17.74 20.71
C2C HEM O . -47.38 -17.16 20.85
C3C HEM O . -46.45 -18.12 20.49
C4C HEM O . -47.17 -19.28 20.12
CMC HEM O . -47.11 -15.74 21.31
CAC HEM O . -44.98 -17.97 20.48
CBC HEM O . -44.32 -17.76 21.61
C1D HEM O . -47.35 -21.56 19.34
C2D HEM O . -46.71 -22.83 18.98
C3D HEM O . -47.71 -23.69 18.71
C4D HEM O . -48.96 -22.94 18.90
CMD HEM O . -45.24 -23.12 18.93
CAD HEM O . -47.59 -25.12 18.28
CBD HEM O . -47.58 -25.14 16.75
CGD HEM O . -47.64 -26.57 16.26
O1D HEM O . -47.67 -27.52 17.07
O2D HEM O . -47.66 -26.78 15.02
NA HEM O . -51.48 -21.48 19.00
NB HEM O . -51.34 -18.81 19.99
NC HEM O . -48.50 -19.02 20.26
ND HEM O . -48.69 -21.69 19.28
FE HEM O . -49.96 -20.37 19.63
C1B LMT P . -17.47 -20.08 28.68
C2B LMT P . -15.95 -20.31 28.74
C3B LMT P . -15.30 -19.25 29.63
C4B LMT P . -15.75 -17.84 29.23
C5B LMT P . -17.30 -17.81 29.26
C6B LMT P . -17.83 -17.25 27.95
O1B LMT P . -18.13 -21.27 29.01
O2B LMT P . -15.76 -21.57 29.25
O3B LMT P . -13.94 -19.38 29.65
O4' LMT P . -15.26 -16.89 30.09
O5B LMT P . -17.86 -19.06 29.55
O6B LMT P . -19.20 -17.36 27.92
C1' LMT P . -21.77 -22.76 30.36
C2' LMT P . -21.61 -22.57 28.85
C3' LMT P . -20.11 -22.47 28.50
C4' LMT P . -19.52 -21.22 29.15
C5' LMT P . -19.85 -21.31 30.66
C6' LMT P . -20.49 -20.06 31.25
O1' LMT P . -22.76 -21.96 30.86
O2' LMT P . -22.13 -23.68 28.22
O3' LMT P . -19.92 -22.42 27.15
O5' LMT P . -20.54 -22.49 31.06
O6' LMT P . -20.79 -20.37 32.56
C1 LMT P . -23.35 -22.45 32.04
C2 LMT P . -24.77 -21.97 31.98
C3 LMT P . -25.65 -22.64 30.97
C4 LMT P . -26.57 -23.57 31.71
C5 LMT P . -27.03 -24.67 30.82
C6 LMT P . -28.46 -25.01 31.04
C7 LMT P . -29.33 -23.88 30.59
C8 LMT P . -30.62 -24.43 30.09
C9 LMT P . -30.48 -25.35 28.93
C10 LMT P . -31.78 -25.32 28.18
C11 LMT P . -32.93 -25.72 29.04
C10 1L3 Q . -53.61 -37.05 14.89
C15 1L3 Q . -49.11 -33.55 18.22
C17 1L3 Q . -46.62 -33.77 18.11
C20 1L3 Q . -46.34 -29.45 18.92
C21 1L3 Q . -45.02 -28.78 19.31
C22 1L3 Q . -43.68 -28.86 19.66
C01 1L3 Q . -49.03 -34.95 14.89
C02 1L3 Q . -50.25 -35.54 15.66
C03 1L3 Q . -50.25 -35.59 17.07
C04 1L3 Q . -51.36 -36.14 17.74
C06 1L3 Q . -52.49 -36.62 17.00
C07 1L3 Q . -53.62 -37.17 17.70
C08 1L3 Q . -54.71 -37.64 16.97
C09 1L3 Q . -54.71 -37.58 15.56
C11 1L3 Q . -52.49 -36.56 15.63
C12 1L3 Q . -51.35 -36.02 14.93
C14 1L3 Q . -49.03 -35.07 17.87
C16 1L3 Q . -47.80 -32.81 17.98
C18 1L3 Q . -47.63 -31.68 19.00
C19 1L3 Q . -46.24 -31.00 18.91
O05 1L3 Q . -51.36 -36.19 19.15
O13 1L3 Q . -51.35 -35.96 13.53
C10 1L3 R . -29.02 -4.52 40.82
C15 1L3 R . -31.26 -9.97 37.91
C17 1L3 R . -30.52 -12.35 38.18
C20 1L3 R . -34.66 -13.37 36.66
C21 1L3 R . -35.64 -14.19 37.53
C22 1L3 R . -36.91 -14.70 37.75
C01 1L3 R . -29.55 -9.52 41.10
C02 1L3 R . -29.47 -8.23 40.26
C03 1L3 R . -29.56 -8.27 38.86
C04 1L3 R . -29.49 -7.08 38.11
C06 1L3 R . -29.30 -5.82 38.77
C07 1L3 R . -29.22 -4.61 38.02
C08 1L3 R . -29.05 -3.39 38.68
C09 1L3 R . -28.95 -3.34 40.09
C11 1L3 R . -29.21 -5.78 40.15
C12 1L3 R . -29.29 -7.00 40.91
C14 1L3 R . -29.76 -9.63 38.13
C16 1L3 R . -31.48 -11.41 37.44
C18 1L3 R . -32.93 -11.82 37.76
C19 1L3 R . -33.26 -13.27 37.29
O05 1L3 R . -29.58 -7.13 36.72
O13 1L3 R . -29.19 -6.94 42.31
PA FAD S . 3.78 27.75 -22.31
O1A FAD S . 2.99 26.61 -21.81
O2A FAD S . 3.95 27.79 -23.83
O5B FAD S . 3.17 29.11 -21.82
C5B FAD S . 1.95 29.61 -22.38
C4B FAD S . 1.07 30.17 -21.29
O4B FAD S . 1.34 31.59 -21.12
C3B FAD S . -0.42 30.06 -21.54
O3B FAD S . -1.15 29.89 -20.33
C2B FAD S . -0.74 31.40 -22.19
O2B FAD S . -2.11 31.77 -22.01
C1B FAD S . 0.18 32.34 -21.40
N9A FAD S . 0.56 33.54 -22.10
C8A FAD S . 1.51 33.68 -23.08
N7A FAD S . 1.64 34.90 -23.53
C5A FAD S . 0.70 35.62 -22.82
C6A FAD S . 0.34 36.98 -22.84
N6A FAD S . 0.90 37.89 -23.63
N1A FAD S . -0.65 37.37 -21.99
C2A FAD S . -1.20 36.47 -21.19
N3A FAD S . -0.95 35.17 -21.09
C4A FAD S . 0.02 34.80 -21.93
N1 FAD S . 9.55 19.75 -24.21
C2 FAD S . 9.99 18.56 -23.70
O2 FAD S . 10.70 18.49 -22.69
N3 FAD S . 9.63 17.37 -24.33
C4 FAD S . 8.85 17.26 -25.47
O4 FAD S . 8.61 16.16 -25.94
C4X FAD S . 8.40 18.53 -26.00
N5 FAD S . 7.65 18.51 -27.05
C5X FAD S . 7.22 19.72 -27.56
C6 FAD S . 6.42 19.73 -28.70
C7 FAD S . 5.96 20.92 -29.25
C7M FAD S . 5.10 20.89 -30.49
C8 FAD S . 6.30 22.14 -28.64
C8M FAD S . 5.82 23.45 -29.20
C9 FAD S . 7.09 22.14 -27.50
C9A FAD S . 7.55 20.95 -26.96
N10 FAD S . 8.36 20.91 -25.81
C10 FAD S . 8.80 19.73 -25.29
C1' FAD S . 8.73 22.16 -25.12
C2' FAD S . 7.78 22.53 -23.99
O2' FAD S . 6.43 22.44 -24.44
C3' FAD S . 8.06 23.96 -23.54
O3' FAD S . 9.46 24.16 -23.46
C4' FAD S . 7.45 24.31 -22.18
O4' FAD S . 7.13 23.10 -21.48
C5' FAD S . 6.24 25.20 -22.29
O5' FAD S . 5.71 25.44 -20.97
P FAD S . 5.63 26.90 -20.39
O1P FAD S . 4.48 27.02 -19.38
O2P FAD S . 6.95 27.33 -19.88
O3P FAD S . 5.24 27.75 -21.67
FE1 SF4 T . -14.57 15.99 -26.05
FE2 SF4 T . -14.78 13.29 -25.62
FE3 SF4 T . -16.50 15.02 -24.38
FE4 SF4 T . -13.87 14.92 -23.62
S1 SF4 T . -15.41 13.25 -23.44
S2 SF4 T . -15.13 16.79 -23.99
S3 SF4 T . -12.86 14.54 -25.63
S4 SF4 T . -16.32 14.64 -26.62
FE1 FES U . -6.45 22.03 -30.77
FE2 FES U . -8.37 21.49 -32.58
S1 FES U . -7.86 20.34 -30.78
S2 FES U . -7.09 23.27 -32.47
FE1 F3S V . -26.61 11.70 -24.65
FE3 F3S V . -24.51 10.05 -24.18
FE4 F3S V . -26.21 10.68 -22.17
S1 F3S V . -25.86 10.06 -25.96
S2 F3S V . -28.21 10.91 -23.21
S3 F3S V . -24.80 12.15 -23.29
S4 F3S V . -25.19 8.70 -22.46
CHA HEM W . -37.41 4.91 -19.13
CHB HEM W . -39.91 0.85 -18.38
CHC HEM W . -44.04 3.44 -18.32
CHD HEM W . -41.53 7.46 -19.24
C1A HEM W . -37.75 3.61 -18.88
C2A HEM W . -36.82 2.57 -18.66
C3A HEM W . -37.52 1.43 -18.44
C4A HEM W . -38.88 1.75 -18.54
CMA HEM W . -36.95 0.07 -18.17
CAA HEM W . -35.32 2.71 -18.65
CBA HEM W . -34.90 3.37 -17.33
CGA HEM W . -33.43 3.61 -17.37
O1A HEM W . -32.71 3.28 -16.40
O2A HEM W . -32.92 4.17 -18.36
C1B HEM W . -41.25 1.26 -18.33
C2B HEM W . -42.28 0.31 -18.15
C3B HEM W . -43.45 1.00 -18.12
C4B HEM W . -43.09 2.42 -18.30
CMB HEM W . -42.09 -1.18 -18.02
CAB HEM W . -44.83 0.47 -17.95
CBB HEM W . -45.45 -0.11 -18.97
C1C HEM W . -43.70 4.77 -18.49
C2C HEM W . -44.56 5.84 -18.26
C3C HEM W . -43.84 7.01 -18.52
C4C HEM W . -42.53 6.60 -18.90
CMC HEM W . -45.99 5.69 -17.81
CAC HEM W . -44.28 8.42 -18.43
CBC HEM W . -45.49 8.86 -18.77
C1D HEM W . -40.20 7.04 -19.31
C2D HEM W . -39.12 7.98 -19.62
C3D HEM W . -37.97 7.28 -19.58
C4D HEM W . -38.36 5.91 -19.26
CMD HEM W . -39.28 9.45 -19.91
CAD HEM W . -36.56 7.75 -19.84
CBD HEM W . -36.03 8.71 -18.79
CGD HEM W . -34.58 8.96 -19.11
O1D HEM W . -33.96 8.20 -19.88
O2D HEM W . -33.99 9.93 -18.57
NA HEM W . -39.01 3.09 -18.77
NB HEM W . -41.75 2.49 -18.41
NC HEM W . -42.46 5.23 -18.85
ND HEM W . -39.68 5.81 -19.10
FE HEM W . -40.63 4.24 -18.70
CHA HEM X . -55.99 -6.02 -15.75
CHB HEM X . -56.37 -7.74 -20.27
CHC HEM X . -52.43 -5.17 -21.56
CHD HEM X . -51.93 -3.66 -17.00
C1A HEM X . -56.40 -6.68 -16.87
C2A HEM X . -57.51 -7.54 -16.90
C3A HEM X . -57.63 -8.02 -18.16
C4A HEM X . -56.59 -7.47 -18.93
CMA HEM X . -58.69 -8.98 -18.63
CAA HEM X . -58.41 -7.86 -15.74
CBA HEM X . -57.74 -8.87 -14.81
CGA HEM X . -58.64 -9.21 -13.65
O1A HEM X . -59.73 -8.62 -13.47
O2A HEM X . -58.28 -10.10 -12.87
C1B HEM X . -55.31 -7.17 -20.98
C2B HEM X . -55.10 -7.45 -22.35
C3B HEM X . -54.00 -6.76 -22.76
C4B HEM X . -53.54 -6.02 -21.55
CMB HEM X . -55.92 -8.36 -23.23
CAB HEM X . -53.45 -6.79 -24.13
CBB HEM X . -52.44 -6.05 -24.56
C1C HEM X . -51.94 -4.54 -20.43
C2C HEM X . -50.77 -3.78 -20.37
C3C HEM X . -50.62 -3.35 -19.06
C4C HEM X . -51.72 -3.86 -18.33
CMC HEM X . -49.88 -3.52 -21.56
CAC HEM X . -49.56 -2.50 -18.46
CBC HEM X . -48.59 -1.92 -19.15
C1D HEM X . -53.02 -4.20 -16.32
C2D HEM X . -53.21 -3.96 -14.89
C3D HEM X . -54.33 -4.62 -14.54
C4D HEM X . -54.83 -5.25 -15.76
CMD HEM X . -52.33 -3.14 -13.98
CAD HEM X . -54.95 -4.68 -13.17
CBD HEM X . -54.66 -6.03 -12.52
CGD HEM X . -55.38 -6.17 -11.21
O1D HEM X . -56.15 -5.26 -10.81
O2D HEM X . -55.23 -7.20 -10.51
NA HEM X . -55.84 -6.66 -18.13
NB HEM X . -54.37 -6.32 -20.53
NC HEM X . -52.50 -4.60 -19.19
ND HEM X . -54.02 -4.98 -16.80
FE HEM X . -54.22 -5.58 -18.56
C1B LMT Y . -33.76 18.60 -7.39
C2B LMT Y . -32.93 19.60 -6.56
C3B LMT Y . -32.17 20.58 -7.47
C4B LMT Y . -31.37 19.81 -8.55
C5B LMT Y . -32.37 18.90 -9.28
C6B LMT Y . -31.64 18.13 -10.38
O1B LMT Y . -34.86 19.26 -7.92
O2B LMT Y . -33.81 20.27 -5.75
O3B LMT Y . -31.40 21.44 -6.75
O4' LMT Y . -30.82 20.69 -9.45
O5B LMT Y . -33.00 18.00 -8.40
O6B LMT Y . -31.88 16.78 -10.25
C1' LMT Y . -38.67 18.54 -9.32
C2' LMT Y . -38.28 17.67 -8.11
C3' LMT Y . -36.97 18.20 -7.46
C4' LMT Y . -35.88 18.48 -8.51
C5' LMT Y . -36.57 19.36 -9.57
C6' LMT Y . -35.64 19.95 -10.59
O1' LMT Y . -39.68 17.94 -10.02
O2' LMT Y . -39.29 17.75 -7.19
O3' LMT Y . -36.51 17.29 -6.55
O5' LMT Y . -37.58 18.64 -10.21
O6' LMT Y . -36.19 19.64 -11.82
C1 LMT Y . -40.27 18.74 -11.01
C2 LMT Y . -41.52 18.01 -11.41
C3 LMT Y . -42.58 17.92 -10.37
C4 LMT Y . -43.19 16.55 -10.46
C5 LMT Y . -43.87 16.37 -11.78
C6 LMT Y . -44.83 15.21 -11.75
C7 LMT Y . -45.82 15.41 -10.65
C8 LMT Y . -46.91 14.40 -10.82
C9 LMT Y . -46.46 12.99 -10.76
C10 LMT Y . -47.68 12.13 -10.99
C11 LMT Y . -47.47 10.74 -10.47
C12 LMT Y . -47.28 10.74 -8.99
C10 1L3 Z . -66.36 -7.60 -5.83
C15 1L3 Z . -61.57 -3.46 -7.70
C17 1L3 Z . -60.06 -1.84 -6.50
C20 1L3 Z . -57.11 -2.37 -9.68
C21 1L3 Z . -55.85 -1.49 -9.76
C22 1L3 Z . -55.11 -0.39 -9.32
C01 1L3 Z . -61.65 -5.96 -5.08
C02 1L3 Z . -63.09 -5.74 -5.61
C03 1L3 Z . -63.44 -4.52 -6.23
C04 1L3 Z . -64.75 -4.32 -6.70
C06 1L3 Z . -65.72 -5.36 -6.56
C07 1L3 Z . -67.06 -5.17 -7.05
C08 1L3 Z . -68.01 -6.19 -6.91
C09 1L3 Z . -67.67 -7.40 -6.30
C11 1L3 Z . -65.38 -6.56 -5.96
C12 1L3 Z . -64.04 -6.76 -5.48
C14 1L3 Z . -62.39 -3.39 -6.37
C16 1L3 Z . -60.12 -2.99 -7.51
C18 1L3 Z . -59.55 -2.51 -8.85
C19 1L3 Z . -58.16 -1.82 -8.67
O05 1L3 Z . -65.10 -3.11 -7.31
O13 1L3 Z . -63.69 -7.97 -4.87
C10 1L3 AA . -34.64 19.28 -31.50
C15 1L3 AA . -38.47 17.00 -26.67
C17 1L3 AA . -39.25 17.90 -24.45
C20 1L3 AA . -42.81 14.94 -25.55
C21 1L3 AA . -44.13 15.48 -24.97
C22 1L3 AA . -45.36 15.25 -24.38
C01 1L3 AA . -38.20 20.37 -28.09
C02 1L3 AA . -37.03 19.49 -28.59
C03 1L3 AA . -36.61 18.37 -27.83
C04 1L3 AA . -35.54 17.57 -28.28
C06 1L3 AA . -34.90 17.88 -29.52
C07 1L3 AA . -33.81 17.07 -29.99
C08 1L3 AA . -33.18 17.38 -31.19
C09 1L3 AA . -33.59 18.48 -31.95
C11 1L3 AA . -35.30 18.97 -30.26
C12 1L3 AA . -36.39 19.78 -29.79
C14 1L3 AA . -37.32 18.04 -26.49
C16 1L3 AA . -39.69 17.31 -25.79
C18 1L3 AA . -40.47 16.01 -25.54
C19 1L3 AA . -41.91 16.06 -26.11
O05 1L3 AA . -35.14 16.47 -27.52
O13 1L3 AA . -36.80 20.90 -30.55
PA FAD BA . 26.65 -22.28 -7.11
O1A FAD BA . 25.54 -23.23 -6.83
O2A FAD BA . 27.96 -22.60 -6.39
O5B FAD BA . 26.90 -22.19 -8.65
C5B FAD BA . 27.07 -23.37 -9.46
C4B FAD BA . 26.35 -23.20 -10.77
O4B FAD BA . 27.30 -23.30 -11.86
C3B FAD BA . 25.27 -24.23 -11.05
O3B FAD BA . 24.17 -23.65 -11.74
C2B FAD BA . 25.99 -25.25 -11.91
O2B FAD BA . 25.11 -25.98 -12.75
C1B FAD BA . 26.90 -24.35 -12.73
N9A FAD BA . 28.10 -25.00 -13.24
C8A FAD BA . 29.20 -25.42 -12.52
N7A FAD BA . 30.12 -25.98 -13.25
C5A FAD BA . 29.62 -25.93 -14.54
C6A FAD BA . 30.13 -26.35 -15.78
N6A FAD BA . 31.31 -26.95 -15.92
N1A FAD BA . 29.37 -26.15 -16.87
C2A FAD BA . 28.19 -25.56 -16.73
N3A FAD BA . 27.59 -25.11 -15.62
C4A FAD BA . 28.37 -25.32 -14.55
N1 FAD BA . 26.38 -19.03 2.01
C2 FAD BA . 25.85 -18.10 2.85
O2 FAD BA . 26.06 -16.89 2.70
N3 FAD BA . 25.05 -18.51 3.90
C4 FAD BA . 24.71 -19.80 4.21
O4 FAD BA . 23.99 -20.04 5.17
C4X FAD BA . 25.28 -20.78 3.31
N5 FAD BA . 25.01 -22.04 3.52
C5X FAD BA . 25.56 -22.98 2.67
C6 FAD BA . 25.28 -24.33 2.89
C7 FAD BA . 25.80 -25.31 2.04
C7M FAD BA . 25.49 -26.75 2.31
C8 FAD BA . 26.61 -24.93 0.96
C8M FAD BA . 27.19 -25.96 0.04
C9 FAD BA . 26.89 -23.59 0.74
C9A FAD BA . 26.37 -22.61 1.58
N10 FAD BA . 26.63 -21.25 1.39
C10 FAD BA . 26.10 -20.30 2.23
C1' FAD BA . 27.48 -20.79 0.28
C2' FAD BA . 26.69 -20.43 -0.98
O2' FAD BA . 25.61 -21.35 -1.17
C3' FAD BA . 27.61 -20.48 -2.20
O3' FAD BA . 28.71 -19.61 -1.97
C4' FAD BA . 26.92 -20.07 -3.50
O4' FAD BA . 26.35 -21.23 -4.12
C5' FAD BA . 27.86 -19.38 -4.46
O5' FAD BA . 27.10 -18.83 -5.56
P FAD BA . 27.08 -19.53 -6.97
O1P FAD BA . 26.32 -18.65 -7.96
O2P FAD BA . 28.44 -19.90 -7.40
O3P FAD BA . 26.21 -20.81 -6.70
FE1 SF4 CA . 6.43 -30.02 -5.78
FE2 SF4 CA . 7.34 -32.60 -5.71
FE3 SF4 CA . 4.88 -32.06 -6.74
FE4 SF4 CA . 5.31 -31.82 -4.06
S1 SF4 CA . 5.41 -33.74 -5.29
S2 SF4 CA . 4.21 -30.34 -5.39
S3 SF4 CA . 7.46 -31.06 -4.04
S4 SF4 CA . 6.88 -31.37 -7.57
FE1 FES DA . 17.15 -35.87 -3.50
FE2 FES DA . 18.41 -33.52 -3.92
S1 FES DA . 19.17 -35.54 -4.32
S2 FES DA . 16.30 -33.84 -3.35
FE1 F3S EA . -3.96 -34.83 -6.51
FE3 F3S EA . -5.35 -34.04 -8.71
FE4 F3S EA . -3.64 -36.15 -8.84
S1 F3S EA . -6.08 -34.18 -6.61
S2 F3S EA . -3.77 -37.10 -6.80
S3 F3S EA . -3.07 -33.93 -8.43
S4 F3S EA . -5.64 -35.97 -9.89
CHA HEM FA . -18.03 -36.29 -11.85
CHB HEM FA . -22.61 -36.32 -10.34
CHC HEM FA . -23.83 -38.96 -14.23
CHD HEM FA . -19.18 -39.30 -15.43
C1A HEM FA . -19.17 -36.04 -11.16
C2A HEM FA . -19.27 -35.21 -10.03
C3A HEM FA . -20.55 -35.22 -9.61
C4A HEM FA . -21.27 -36.05 -10.46
CMA HEM FA . -21.10 -34.47 -8.43
CAA HEM FA . -18.14 -34.45 -9.41
CBA HEM FA . -17.85 -33.22 -10.24
CGA HEM FA . -16.50 -32.71 -9.81
O1A HEM FA . -16.32 -31.51 -9.54
O2A HEM FA . -15.55 -33.52 -9.73
C1B HEM FA . -23.29 -37.06 -11.29
C2B HEM FA . -24.68 -37.26 -11.19
C3B HEM FA . -25.07 -37.99 -12.26
C4B HEM FA . -23.83 -38.24 -13.04
CMB HEM FA . -25.54 -36.74 -10.08
CAB HEM FA . -26.43 -38.45 -12.60
CBB HEM FA . -27.02 -39.36 -11.84
C1C HEM FA . -22.67 -39.15 -14.95
C2C HEM FA . -22.62 -39.46 -16.31
C3C HEM FA . -21.30 -39.55 -16.66
C4C HEM FA . -20.55 -39.29 -15.49
CMC HEM FA . -23.83 -39.65 -17.21
CAC HEM FA . -20.72 -39.85 -17.99
CBC HEM FA . -20.98 -40.97 -18.64
C1D HEM FA . -18.52 -38.51 -14.51
C2D HEM FA . -17.07 -38.35 -14.58
C3D HEM FA . -16.75 -37.50 -13.59
C4D HEM FA . -18.01 -37.15 -12.92
CMD HEM FA . -16.18 -39.03 -15.59
CAD HEM FA . -15.39 -37.00 -13.18
CBD HEM FA . -14.60 -36.42 -14.35
CGD HEM FA . -13.19 -36.26 -13.86
O1D HEM FA . -12.97 -36.18 -12.63
O2D HEM FA . -12.24 -36.20 -14.67
NA HEM FA . -20.43 -36.54 -11.42
NB HEM FA . -22.82 -37.64 -12.41
NC HEM FA . -21.41 -39.01 -14.48
ND HEM FA . -19.03 -37.78 -13.52
FE HEM FA . -20.81 -37.65 -13.01
CHA HEM GA . -39.00 -41.06 -14.24
CHB HEM GA . -39.17 -44.47 -10.81
CHC HEM GA . -34.33 -44.16 -10.32
CHD HEM GA . -34.25 -40.44 -13.41
C1A HEM GA . -39.42 -42.04 -13.38
C2A HEM GA . -40.73 -42.50 -13.31
C3A HEM GA . -40.81 -43.45 -12.35
C4A HEM GA . -39.51 -43.59 -11.81
CMA HEM GA . -42.04 -44.22 -11.94
CAA HEM GA . -41.87 -42.01 -14.16
CBA HEM GA . -42.41 -40.75 -13.47
CGA HEM GA . -43.52 -40.16 -14.29
O1A HEM GA . -43.92 -40.77 -15.32
O2A HEM GA . -44.05 -39.08 -13.94
C1B HEM GA . -37.85 -44.65 -10.41
C2B HEM GA . -37.51 -45.61 -9.44
C3B HEM GA . -36.17 -45.57 -9.26
C4B HEM GA . -35.67 -44.52 -10.19
CMB HEM GA . -38.48 -46.52 -8.72
CAB HEM GA . -35.40 -46.42 -8.32
CBB HEM GA . -34.09 -46.61 -8.41
C1C HEM GA . -33.89 -43.10 -11.09
C2C HEM GA . -32.59 -42.58 -11.07
C3C HEM GA . -32.55 -41.52 -11.95
C4C HEM GA . -33.86 -41.39 -12.50
CMC HEM GA . -31.45 -43.11 -10.24
CAC HEM GA . -31.39 -40.67 -12.26
CBC HEM GA . -30.21 -41.19 -12.59
C1D HEM GA . -35.57 -40.35 -13.87
C2D HEM GA . -35.95 -39.35 -14.86
C3D HEM GA . -37.26 -39.52 -15.09
C4D HEM GA . -37.68 -40.64 -14.24
CMD HEM GA . -35.06 -38.32 -15.51
CAD HEM GA . -38.13 -38.74 -16.03
CBD HEM GA . -38.95 -37.69 -15.28
CGD HEM GA . -39.93 -37.08 -16.25
O1D HEM GA . -39.91 -37.41 -17.45
O2D HEM GA . -40.77 -36.23 -15.85
NA HEM GA . -38.67 -42.72 -12.45
NB HEM GA . -36.74 -44.02 -10.84
NC HEM GA . -34.65 -42.36 -11.94
ND HEM GA . -36.63 -41.09 -13.53
FE HEM GA . -36.71 -42.50 -12.30
C1B LMT HA . -9.63 -27.79 -26.06
C2B LMT HA . -8.54 -26.99 -26.78
C3B LMT HA . -7.39 -26.65 -25.81
C4B LMT HA . -6.84 -27.95 -25.16
C5B LMT HA . -8.02 -28.76 -24.63
C6B LMT HA . -7.78 -29.13 -23.17
O1B LMT HA . -9.92 -28.94 -26.79
O2B LMT HA . -8.09 -27.77 -27.82
O3B LMT HA . -7.78 -25.73 -24.88
O4' LMT HA . -6.15 -28.70 -26.09
O5B LMT HA . -9.26 -28.09 -24.74
O6B LMT HA . -8.86 -28.79 -22.40
C1' LMT HA . -12.92 -31.71 -27.36
C2' LMT HA . -13.42 -30.27 -27.19
C3' LMT HA . -12.25 -29.25 -27.28
C4' LMT HA . -11.06 -29.68 -26.41
C5' LMT HA . -10.79 -31.16 -26.81
C6' LMT HA . -9.52 -31.73 -26.24
O1' LMT HA . -13.92 -32.59 -27.06
O2' LMT HA . -14.31 -30.00 -28.20
O3' LMT HA . -12.67 -28.01 -26.90
O5' LMT HA . -11.88 -31.94 -26.44
O6' LMT HA . -9.87 -32.98 -25.77
C1 LMT HA . -13.93 -33.76 -27.83
C2 LMT HA . -14.10 -34.87 -26.84
C3 LMT HA . -14.93 -36.03 -27.27
C4 LMT HA . -16.20 -35.48 -27.87
C5 LMT HA . -17.26 -36.54 -27.89
C6 LMT HA . -18.12 -36.49 -26.69
C7 LMT HA . -19.14 -35.40 -26.84
C8 LMT HA . -20.39 -35.99 -27.38
C9 LMT HA . -21.07 -36.93 -26.43
C10 LMT HA . -21.76 -36.10 -25.39
C11 LMT HA . -23.19 -35.85 -25.75
C12 LMT HA . -24.02 -37.08 -25.62
C10 1L3 IA . -49.24 -38.00 -22.85
C15 1L3 IA . -42.68 -37.73 -22.20
C17 1L3 IA . -40.78 -36.64 -23.43
C20 1L3 IA . -38.05 -36.48 -20.96
C21 1L3 IA . -36.75 -36.79 -20.19
C22 1L3 IA . -35.56 -36.36 -19.63
C01 1L3 IA . -45.14 -35.11 -22.38
C02 1L3 IA . -45.81 -36.45 -22.78
C03 1L3 IA . -45.02 -37.50 -23.29
C04 1L3 IA . -45.64 -38.72 -23.66
C06 1L3 IA . -47.06 -38.87 -23.51
C07 1L3 IA . -47.69 -40.11 -23.87
C08 1L3 IA . -49.08 -40.26 -23.72
C09 1L3 IA . -49.85 -39.20 -23.20
C11 1L3 IA . -47.82 -37.84 -23.00
C12 1L3 IA . -47.19 -36.61 -22.63
C14 1L3 IA . -43.49 -37.34 -23.46
C16 1L3 IA . -41.17 -37.74 -22.44
C18 1L3 IA . -40.42 -37.49 -21.12
C19 1L3 IA . -38.90 -37.74 -21.26
O05 1L3 IA . -44.87 -39.77 -24.17
O13 1L3 IA . -47.97 -35.55 -22.12
C10 1L3 JA . -3.05 -48.18 -14.57
C15 1L3 JA . -8.53 -45.90 -17.37
C17 1L3 JA . -9.14 -44.57 -19.42
C20 1L3 JA . -13.24 -46.85 -18.39
C21 1L3 JA . -14.08 -47.06 -19.65
C22 1L3 JA . -15.32 -47.14 -20.28
C01 1L3 JA . -5.59 -47.58 -18.87
C02 1L3 JA . -5.30 -47.17 -17.42
C03 1L3 JA . -6.02 -46.11 -16.82
C04 1L3 JA . -5.75 -45.74 -15.49
C06 1L3 JA . -4.75 -46.45 -14.74
C07 1L3 JA . -4.48 -46.07 -13.38
C08 1L3 JA . -3.50 -46.76 -12.65
C09 1L3 JA . -2.79 -47.81 -13.24
C11 1L3 JA . -4.06 -47.48 -15.32
C12 1L3 JA . -4.33 -47.85 -16.67
C14 1L3 JA . -7.11 -45.36 -17.64
C16 1L3 JA . -9.45 -45.82 -18.61
C18 1L3 JA . -10.91 -45.77 -18.15
C19 1L3 JA . -11.73 -47.00 -18.65
O05 1L3 JA . -6.46 -44.69 -14.90
O13 1L3 JA . -3.61 -48.91 -17.27
#